data_7TGJ
#
_entry.id   7TGJ
#
_cell.length_a   125.099
_cell.length_b   238.490
_cell.length_c   327.889
_cell.angle_alpha   90.000
_cell.angle_beta   90.000
_cell.angle_gamma   90.000
#
_symmetry.space_group_name_H-M   'C 2 2 21'
#
loop_
_entity.id
_entity.type
_entity.pdbx_description
1 polymer 'Desferrioxamine synthetase DesD'
2 non-polymer GLYCEROL
3 non-polymer 'SULFATE ION'
4 water water
#
_entity_poly.entity_id   1
_entity_poly.type   'polypeptide(L)'
_entity_poly.pdbx_seq_one_letter_code
;MGSSHHHHHHSSGLVPRGSHMSLTDAVAHLSPERWEEANRLLVRKALAEFAHERLFTPEPADGQDGRYVVRSDDGLTSYR
FTAVRRALDHWQVDAGSITRTRDGAELPLAALDFFIELRHTLGLSDEILPVYLEEISSTLSGTCYKLTKPQVTAAGLLEG
GFQALESGMTEGHPCFVANNGRLGFGVDEYLAYAPETAHPVRLVWLAAHRSRAAFTAGAGIDYASFVRQELGEETVERFD
GVLRGRGLDPADYLLIPVHPWQWWNKLSVTFAAEVARQNLVCLGESDDEYLAQQSIRTFFNATHPEKHYVKTALSVLNMG
FMRGLSAAYMEATPAINDWLDRLIDNDPVLKSTGLSIIRERAAVGYRHLEYEAATDRYSPYRKMLAALWRESPVPALRDG
ESLTTMAALVHVDHEGRSVAGELIARSGLAPTAWLRHYLRAYYTPLLHSFYAYDLAFMPHGENTILVLKDGVVQRAVYKD
IAEEIVVMDPDAVLPPEVRRVRAEVPEDMKLLSIFTDVFDCFFRFLAAGLATEEVLAEDDFWRTVAEVTREYQEAHPELD
DRFRQYDLFAPEFALSCLNRLQLRDNRQMVDLADPSAALQLVGTLRNPLAGL
;
_entity_poly.pdbx_strand_id   A,B,C,D,E
#
# COMPACT_ATOMS: atom_id res chain seq x y z
N SER A 22 -53.91 -28.96 -28.49
CA SER A 22 -53.15 -28.72 -27.27
C SER A 22 -52.19 -27.57 -27.45
N LEU A 23 -51.47 -27.55 -28.59
CA LEU A 23 -50.78 -26.32 -28.97
C LEU A 23 -51.76 -25.14 -28.95
N THR A 24 -52.88 -25.29 -29.65
CA THR A 24 -53.88 -24.23 -29.66
C THR A 24 -54.73 -24.24 -28.40
N ASP A 25 -55.12 -25.41 -27.89
CA ASP A 25 -55.88 -25.47 -26.64
C ASP A 25 -55.25 -24.62 -25.55
N ALA A 26 -53.91 -24.65 -25.42
CA ALA A 26 -53.26 -23.97 -24.31
C ALA A 26 -53.50 -22.49 -24.37
N VAL A 27 -53.51 -21.94 -25.57
CA VAL A 27 -53.55 -20.51 -25.77
C VAL A 27 -54.96 -20.03 -26.12
N ALA A 28 -55.96 -20.92 -25.98
CA ALA A 28 -57.34 -20.65 -26.37
C ALA A 28 -57.97 -19.49 -25.60
N HIS A 29 -57.58 -19.29 -24.35
CA HIS A 29 -58.15 -18.19 -23.59
C HIS A 29 -57.79 -16.84 -24.19
N LEU A 30 -56.72 -16.76 -25.00
CA LEU A 30 -56.29 -15.51 -25.64
C LEU A 30 -57.07 -15.30 -26.94
N SER A 31 -58.14 -14.52 -26.85
CA SER A 31 -59.05 -14.18 -27.93
C SER A 31 -59.20 -12.67 -28.02
N PRO A 32 -59.65 -12.16 -29.16
CA PRO A 32 -59.79 -10.68 -29.25
C PRO A 32 -60.82 -10.14 -28.30
N GLU A 33 -61.97 -10.80 -28.16
CA GLU A 33 -63.05 -10.24 -27.36
C GLU A 33 -62.69 -10.22 -25.88
N ARG A 34 -62.09 -11.32 -25.40
CA ARG A 34 -61.66 -11.34 -23.99
C ARG A 34 -60.49 -10.39 -23.76
N TRP A 35 -59.53 -10.33 -24.68
CA TRP A 35 -58.45 -9.35 -24.53
C TRP A 35 -59.00 -7.93 -24.40
N GLU A 36 -60.00 -7.58 -25.21
CA GLU A 36 -60.56 -6.24 -25.18
C GLU A 36 -61.21 -5.94 -23.83
N GLU A 37 -61.93 -6.92 -23.26
CA GLU A 37 -62.55 -6.75 -21.95
C GLU A 37 -61.49 -6.64 -20.86
N ALA A 38 -60.49 -7.51 -20.88
CA ALA A 38 -59.40 -7.42 -19.91
C ALA A 38 -58.69 -6.09 -19.97
N ASN A 39 -58.54 -5.52 -21.18
CA ASN A 39 -57.82 -4.25 -21.29
C ASN A 39 -58.65 -3.10 -20.75
N ARG A 40 -59.94 -3.08 -21.06
CA ARG A 40 -60.82 -2.06 -20.51
C ARG A 40 -60.84 -2.14 -18.98
N LEU A 41 -60.95 -3.37 -18.43
CA LEU A 41 -61.00 -3.51 -16.98
C LEU A 41 -59.73 -3.02 -16.30
N LEU A 42 -58.56 -3.24 -16.92
CA LEU A 42 -57.29 -2.81 -16.36
C LEU A 42 -57.12 -1.30 -16.46
N VAL A 43 -57.45 -0.72 -17.61
CA VAL A 43 -57.35 0.72 -17.76
C VAL A 43 -58.28 1.42 -16.78
N ARG A 44 -59.44 0.79 -16.51
CA ARG A 44 -60.33 1.29 -15.47
C ARG A 44 -59.62 1.36 -14.12
N LYS A 45 -58.83 0.34 -13.81
CA LYS A 45 -58.16 0.30 -12.51
C LYS A 45 -56.93 1.20 -12.48
N ALA A 46 -56.25 1.35 -13.60
CA ALA A 46 -55.14 2.29 -13.64
C ALA A 46 -55.65 3.71 -13.42
N LEU A 47 -56.72 4.09 -14.13
CA LEU A 47 -57.33 5.40 -13.92
C LEU A 47 -57.73 5.59 -12.47
N ALA A 48 -58.43 4.61 -11.91
CA ALA A 48 -58.93 4.76 -10.55
C ALA A 48 -57.79 4.79 -9.54
N GLU A 49 -56.78 3.94 -9.71
CA GLU A 49 -55.75 3.83 -8.69
C GLU A 49 -54.62 4.83 -8.88
N PHE A 50 -54.18 5.08 -10.11
CA PHE A 50 -53.14 6.08 -10.31
C PHE A 50 -53.64 7.46 -9.91
N ALA A 51 -54.96 7.69 -10.00
CA ALA A 51 -55.52 8.96 -9.55
C ALA A 51 -55.45 9.06 -8.04
N HIS A 52 -55.95 8.03 -7.34
CA HIS A 52 -55.89 7.98 -5.89
C HIS A 52 -54.49 8.31 -5.38
N GLU A 53 -53.46 7.79 -6.04
CA GLU A 53 -52.09 8.06 -5.67
C GLU A 53 -51.54 9.35 -6.27
N ARG A 54 -52.41 10.14 -6.92
CA ARG A 54 -52.10 11.48 -7.40
C ARG A 54 -50.90 11.49 -8.37
N LEU A 55 -50.81 10.45 -9.21
CA LEU A 55 -49.85 10.49 -10.32
C LEU A 55 -50.32 11.47 -11.36
N PHE A 56 -51.64 11.53 -11.58
CA PHE A 56 -52.26 12.56 -12.40
C PHE A 56 -53.55 13.00 -11.73
N THR A 57 -53.94 14.25 -11.95
CA THR A 57 -55.16 14.75 -11.34
C THR A 57 -56.25 14.90 -12.40
N PRO A 58 -57.26 14.02 -12.41
CA PRO A 58 -58.30 14.07 -13.45
C PRO A 58 -59.02 15.40 -13.51
N GLU A 59 -58.80 16.15 -14.59
CA GLU A 59 -59.54 17.39 -14.81
C GLU A 59 -61.04 17.11 -14.94
N PRO A 60 -61.90 17.95 -14.38
CA PRO A 60 -63.33 17.88 -14.73
C PRO A 60 -63.60 18.43 -16.11
N ALA A 61 -64.67 17.92 -16.72
CA ALA A 61 -65.21 18.44 -17.98
C ALA A 61 -66.66 18.87 -17.74
N ASP A 62 -67.01 20.06 -18.22
CA ASP A 62 -68.25 20.75 -17.87
C ASP A 62 -69.53 19.98 -18.22
N GLY A 63 -69.39 18.76 -18.75
CA GLY A 63 -70.52 17.89 -19.05
C GLY A 63 -71.40 17.53 -17.86
N GLN A 64 -71.43 16.25 -17.49
CA GLN A 64 -72.11 15.83 -16.27
C GLN A 64 -71.44 16.47 -15.05
N ASP A 65 -72.12 16.42 -13.90
CA ASP A 65 -71.38 16.88 -12.73
C ASP A 65 -70.18 15.88 -12.32
N GLY A 66 -69.86 14.85 -13.11
CA GLY A 66 -68.76 13.92 -12.83
C GLY A 66 -68.12 13.23 -14.02
N ARG A 67 -68.05 13.93 -15.16
CA ARG A 67 -67.28 13.47 -16.31
C ARG A 67 -65.90 14.12 -16.24
N TYR A 68 -64.85 13.31 -16.40
CA TYR A 68 -63.46 13.72 -16.20
C TYR A 68 -62.62 13.36 -17.43
N VAL A 69 -61.38 13.87 -17.47
CA VAL A 69 -60.44 13.58 -18.56
C VAL A 69 -59.01 13.59 -18.00
N VAL A 70 -58.23 12.60 -18.40
CA VAL A 70 -56.80 12.53 -18.12
C VAL A 70 -56.08 12.43 -19.45
N ARG A 71 -55.07 13.26 -19.65
CA ARG A 71 -54.37 13.28 -20.92
C ARG A 71 -52.97 12.67 -20.78
N SER A 72 -52.44 12.23 -21.93
CA SER A 72 -51.10 11.67 -22.06
C SER A 72 -50.01 12.72 -21.83
N ASP A 73 -48.76 12.23 -21.84
CA ASP A 73 -47.61 13.11 -21.72
C ASP A 73 -47.71 14.28 -22.70
N ASP A 74 -47.87 13.97 -23.99
CA ASP A 74 -47.93 14.97 -25.04
C ASP A 74 -49.27 15.72 -25.12
N GLY A 75 -50.27 15.34 -24.32
CA GLY A 75 -51.56 16.01 -24.32
C GLY A 75 -52.46 15.68 -25.48
N LEU A 76 -52.02 14.86 -26.44
CA LEU A 76 -52.85 14.61 -27.62
C LEU A 76 -53.88 13.50 -27.39
N THR A 77 -53.53 12.44 -26.69
CA THR A 77 -54.45 11.35 -26.38
C THR A 77 -55.23 11.68 -25.12
N SER A 78 -56.55 11.54 -25.18
CA SER A 78 -57.44 11.88 -24.07
C SER A 78 -58.21 10.63 -23.63
N TYR A 79 -58.08 10.28 -22.35
CA TYR A 79 -58.90 9.25 -21.72
C TYR A 79 -60.02 9.95 -20.98
N ARG A 80 -61.25 9.72 -21.43
CA ARG A 80 -62.46 10.36 -20.89
C ARG A 80 -63.28 9.30 -20.17
N PHE A 81 -63.76 9.63 -18.97
CA PHE A 81 -64.48 8.64 -18.17
C PHE A 81 -65.39 9.36 -17.17
N THR A 82 -66.44 8.65 -16.75
CA THR A 82 -67.26 9.08 -15.63
C THR A 82 -66.84 8.32 -14.38
N ALA A 83 -66.99 8.95 -13.23
CA ALA A 83 -66.49 8.36 -12.00
C ALA A 83 -67.22 8.97 -10.82
N VAL A 84 -67.51 8.12 -9.83
CA VAL A 84 -68.14 8.51 -8.58
C VAL A 84 -67.04 8.59 -7.51
N ARG A 85 -66.85 9.77 -6.95
CA ARG A 85 -65.77 10.02 -6.02
C ARG A 85 -66.24 9.71 -4.59
N ARG A 86 -65.56 8.77 -3.93
CA ARG A 86 -65.96 8.28 -2.62
C ARG A 86 -64.84 8.51 -1.63
N ALA A 87 -65.11 8.13 -0.38
CA ALA A 87 -64.25 8.50 0.74
C ALA A 87 -62.86 7.91 0.57
N LEU A 88 -61.90 8.50 1.29
CA LEU A 88 -60.47 8.16 1.19
C LEU A 88 -59.93 8.36 -0.21
N ASP A 89 -60.36 9.45 -0.86
CA ASP A 89 -59.93 9.79 -2.22
C ASP A 89 -60.14 8.63 -3.17
N HIS A 90 -61.25 7.93 -3.03
CA HIS A 90 -61.48 6.78 -3.88
C HIS A 90 -62.19 7.22 -5.16
N TRP A 91 -61.77 6.62 -6.29
CA TRP A 91 -62.39 6.91 -7.59
C TRP A 91 -63.09 5.65 -8.08
N GLN A 92 -64.42 5.63 -8.02
CA GLN A 92 -65.20 4.57 -8.67
C GLN A 92 -65.38 4.96 -10.15
N VAL A 93 -64.32 4.72 -10.93
CA VAL A 93 -64.38 4.92 -12.36
C VAL A 93 -65.31 3.88 -12.99
N ASP A 94 -66.12 4.31 -13.96
CA ASP A 94 -66.98 3.38 -14.67
C ASP A 94 -66.29 2.84 -15.91
N ALA A 95 -66.25 1.50 -16.03
CA ALA A 95 -65.49 0.86 -17.10
C ALA A 95 -66.11 1.11 -18.48
N GLY A 96 -67.44 1.07 -18.58
CA GLY A 96 -68.04 1.26 -19.89
C GLY A 96 -67.91 2.67 -20.45
N SER A 97 -67.58 3.64 -19.59
CA SER A 97 -67.52 5.04 -19.98
C SER A 97 -66.20 5.44 -20.60
N ILE A 98 -65.16 4.62 -20.46
CA ILE A 98 -63.82 5.05 -20.81
C ILE A 98 -63.67 5.12 -22.32
N THR A 99 -62.95 6.14 -22.78
CA THR A 99 -62.82 6.41 -24.20
C THR A 99 -61.42 6.91 -24.45
N ARG A 100 -60.76 6.41 -25.50
CA ARG A 100 -59.44 6.89 -25.87
C ARG A 100 -59.57 7.63 -27.20
N THR A 101 -59.25 8.94 -27.19
CA THR A 101 -59.50 9.80 -28.35
C THR A 101 -58.25 10.62 -28.69
N ARG A 102 -58.07 10.93 -29.98
CA ARG A 102 -56.90 11.70 -30.41
C ARG A 102 -57.12 12.25 -31.81
N ASP A 103 -56.92 13.56 -31.98
CA ASP A 103 -57.20 14.26 -33.24
C ASP A 103 -58.63 14.08 -33.71
N GLY A 104 -59.56 13.72 -32.83
CA GLY A 104 -60.97 13.60 -33.17
C GLY A 104 -61.50 12.18 -33.28
N ALA A 105 -60.64 11.20 -33.53
CA ALA A 105 -61.09 9.84 -33.72
C ALA A 105 -60.82 9.00 -32.47
N GLU A 106 -61.78 8.13 -32.15
CA GLU A 106 -61.63 7.23 -31.02
C GLU A 106 -60.64 6.10 -31.37
N LEU A 107 -59.85 5.69 -30.38
CA LEU A 107 -58.88 4.61 -30.53
C LEU A 107 -59.22 3.44 -29.61
N PRO A 108 -58.65 2.26 -29.87
CA PRO A 108 -58.92 1.12 -28.99
C PRO A 108 -58.30 1.35 -27.61
N LEU A 109 -59.05 0.94 -26.61
CA LEU A 109 -58.60 0.97 -25.22
C LEU A 109 -57.63 -0.18 -25.02
N ALA A 110 -56.33 0.12 -24.97
CA ALA A 110 -55.30 -0.89 -24.82
C ALA A 110 -54.42 -0.52 -23.64
N ALA A 111 -54.41 -1.37 -22.60
CA ALA A 111 -53.55 -1.14 -21.45
C ALA A 111 -52.09 -0.92 -21.85
N LEU A 112 -51.60 -1.60 -22.89
CA LEU A 112 -50.20 -1.43 -23.26
C LEU A 112 -49.93 0.00 -23.76
N ASP A 113 -50.79 0.53 -24.63
CA ASP A 113 -50.63 1.90 -25.11
C ASP A 113 -50.83 2.91 -23.98
N PHE A 114 -51.70 2.61 -23.02
CA PHE A 114 -51.95 3.54 -21.93
C PHE A 114 -50.67 3.81 -21.15
N PHE A 115 -49.98 2.77 -20.72
CA PHE A 115 -48.76 2.98 -19.96
C PHE A 115 -47.68 3.63 -20.81
N ILE A 116 -47.67 3.39 -22.12
CA ILE A 116 -46.67 4.02 -22.96
C ILE A 116 -46.93 5.52 -23.04
N GLU A 117 -48.17 5.92 -23.35
CA GLU A 117 -48.50 7.32 -23.51
C GLU A 117 -48.35 8.12 -22.21
N LEU A 118 -48.46 7.47 -21.06
CA LEU A 118 -48.24 8.09 -19.76
C LEU A 118 -46.93 7.66 -19.13
N ARG A 119 -46.02 7.16 -19.96
CA ARG A 119 -44.66 6.82 -19.56
C ARG A 119 -44.07 7.80 -18.52
N HIS A 120 -44.02 9.08 -18.85
CA HIS A 120 -43.36 10.03 -17.96
C HIS A 120 -44.26 10.48 -16.82
N THR A 121 -45.57 10.60 -17.09
CA THR A 121 -46.51 11.01 -16.06
C THR A 121 -46.48 10.07 -14.87
N LEU A 122 -46.32 8.77 -15.13
CA LEU A 122 -46.42 7.73 -14.12
C LEU A 122 -45.10 7.41 -13.45
N GLY A 123 -43.99 7.94 -13.95
CA GLY A 123 -42.72 7.63 -13.33
C GLY A 123 -42.13 6.33 -13.77
N LEU A 124 -42.52 5.82 -14.94
CA LEU A 124 -41.98 4.59 -15.50
C LEU A 124 -40.70 4.91 -16.25
N SER A 125 -39.56 4.45 -15.72
CA SER A 125 -38.30 4.83 -16.29
C SER A 125 -37.96 3.96 -17.49
N ASP A 126 -36.98 4.41 -18.26
CA ASP A 126 -36.54 3.65 -19.42
C ASP A 126 -36.19 2.22 -19.04
N GLU A 127 -35.60 2.02 -17.85
CA GLU A 127 -35.06 0.72 -17.48
C GLU A 127 -36.17 -0.27 -17.19
N ILE A 128 -37.30 0.22 -16.69
CA ILE A 128 -38.32 -0.64 -16.12
C ILE A 128 -39.55 -0.77 -17.02
N LEU A 129 -39.85 0.22 -17.85
CA LEU A 129 -41.04 0.15 -18.70
C LEU A 129 -41.18 -1.16 -19.46
N PRO A 130 -40.15 -1.68 -20.14
CA PRO A 130 -40.31 -2.97 -20.84
C PRO A 130 -40.72 -4.12 -19.94
N VAL A 131 -40.05 -4.29 -18.81
CA VAL A 131 -40.48 -5.37 -17.93
C VAL A 131 -41.86 -5.05 -17.34
N TYR A 132 -42.22 -3.77 -17.17
CA TYR A 132 -43.54 -3.48 -16.62
C TYR A 132 -44.61 -3.82 -17.63
N LEU A 133 -44.36 -3.62 -18.92
CA LEU A 133 -45.33 -4.03 -19.91
C LEU A 133 -45.45 -5.55 -19.97
N GLU A 134 -44.38 -6.28 -19.64
CA GLU A 134 -44.48 -7.74 -19.61
C GLU A 134 -45.31 -8.20 -18.41
N GLU A 135 -45.14 -7.56 -17.26
CA GLU A 135 -46.02 -7.90 -16.15
C GLU A 135 -47.45 -7.53 -16.48
N ILE A 136 -47.64 -6.45 -17.24
CA ILE A 136 -49.00 -6.04 -17.60
C ILE A 136 -49.60 -7.06 -18.56
N SER A 137 -48.85 -7.46 -19.59
CA SER A 137 -49.35 -8.49 -20.49
C SER A 137 -49.73 -9.76 -19.75
N SER A 138 -48.94 -10.17 -18.74
CA SER A 138 -49.28 -11.39 -18.02
C SER A 138 -50.57 -11.22 -17.24
N THR A 139 -50.72 -10.09 -16.55
CA THR A 139 -51.96 -9.81 -15.83
C THR A 139 -53.18 -9.86 -16.76
N LEU A 140 -53.06 -9.29 -17.97
CA LEU A 140 -54.17 -9.33 -18.92
C LEU A 140 -54.44 -10.75 -19.41
N SER A 141 -53.39 -11.53 -19.63
CA SER A 141 -53.55 -12.94 -19.95
C SER A 141 -54.40 -13.66 -18.91
N GLY A 142 -54.08 -13.44 -17.64
CA GLY A 142 -54.79 -14.12 -16.58
C GLY A 142 -56.24 -13.70 -16.47
N THR A 143 -56.53 -12.41 -16.64
CA THR A 143 -57.93 -12.02 -16.80
C THR A 143 -58.58 -12.80 -17.93
N CYS A 144 -57.89 -12.91 -19.06
CA CYS A 144 -58.45 -13.65 -20.18
C CYS A 144 -58.73 -15.09 -19.78
N TYR A 145 -57.80 -15.75 -19.09
CA TYR A 145 -58.13 -17.09 -18.62
C TYR A 145 -59.34 -17.06 -17.70
N LYS A 146 -59.36 -16.12 -16.76
CA LYS A 146 -60.46 -16.04 -15.81
C LYS A 146 -61.78 -15.78 -16.52
N LEU A 147 -61.73 -15.07 -17.63
CA LEU A 147 -62.96 -14.78 -18.37
C LEU A 147 -63.52 -16.00 -19.07
N THR A 148 -62.73 -17.07 -19.24
CA THR A 148 -63.27 -18.28 -19.85
C THR A 148 -63.83 -19.27 -18.84
N LYS A 149 -63.56 -19.08 -17.54
CA LYS A 149 -64.12 -20.00 -16.57
C LYS A 149 -65.64 -19.87 -16.58
N PRO A 150 -66.35 -20.92 -16.16
CA PRO A 150 -67.80 -20.79 -16.04
C PRO A 150 -68.14 -19.63 -15.12
N GLN A 151 -69.18 -18.88 -15.50
CA GLN A 151 -69.66 -17.80 -14.65
C GLN A 151 -70.31 -18.38 -13.42
N VAL A 152 -69.94 -17.84 -12.26
CA VAL A 152 -70.45 -18.30 -10.98
C VAL A 152 -70.78 -17.07 -10.17
N THR A 153 -71.93 -17.10 -9.49
CA THR A 153 -72.41 -15.97 -8.72
C THR A 153 -71.79 -15.96 -7.34
N ALA A 154 -72.00 -14.87 -6.61
CA ALA A 154 -71.51 -14.82 -5.23
C ALA A 154 -72.09 -15.98 -4.43
N ALA A 155 -73.41 -16.17 -4.52
CA ALA A 155 -74.02 -17.36 -3.94
C ALA A 155 -73.33 -18.63 -4.42
N GLY A 156 -73.06 -18.72 -5.72
CA GLY A 156 -72.41 -19.91 -6.24
C GLY A 156 -71.06 -20.21 -5.61
N LEU A 157 -70.25 -19.17 -5.39
CA LEU A 157 -68.96 -19.39 -4.76
C LEU A 157 -69.12 -19.92 -3.34
N LEU A 158 -70.10 -19.37 -2.59
CA LEU A 158 -70.27 -19.80 -1.21
C LEU A 158 -70.75 -21.25 -1.13
N GLU A 159 -71.68 -21.66 -2.01
CA GLU A 159 -72.10 -23.05 -2.01
C GLU A 159 -70.95 -23.97 -2.37
N GLY A 160 -70.01 -23.48 -3.18
CA GLY A 160 -68.86 -24.27 -3.56
C GLY A 160 -67.92 -24.53 -2.40
N GLY A 161 -67.61 -23.50 -1.64
CA GLY A 161 -66.82 -23.65 -0.41
C GLY A 161 -65.44 -23.03 -0.47
N PHE A 162 -64.63 -23.43 0.52
CA PHE A 162 -63.35 -22.78 0.81
C PHE A 162 -62.51 -22.60 -0.47
N GLN A 163 -62.25 -23.69 -1.20
CA GLN A 163 -61.40 -23.56 -2.37
C GLN A 163 -62.13 -22.98 -3.58
N ALA A 164 -63.46 -23.07 -3.63
CA ALA A 164 -64.19 -22.36 -4.66
C ALA A 164 -63.93 -20.87 -4.58
N LEU A 165 -63.96 -20.33 -3.36
CA LEU A 165 -63.64 -18.91 -3.13
C LEU A 165 -62.18 -18.62 -3.42
N GLU A 166 -61.27 -19.45 -2.92
CA GLU A 166 -59.85 -19.20 -3.13
C GLU A 166 -59.55 -19.09 -4.62
N SER A 167 -60.01 -20.07 -5.41
CA SER A 167 -59.71 -20.06 -6.83
C SER A 167 -60.68 -19.22 -7.64
N GLY A 168 -61.78 -18.76 -7.04
CA GLY A 168 -62.69 -17.85 -7.69
C GLY A 168 -62.38 -16.39 -7.53
N MET A 169 -61.39 -16.04 -6.72
CA MET A 169 -60.99 -14.65 -6.63
C MET A 169 -60.47 -14.26 -8.01
N THR A 170 -60.84 -13.06 -8.50
CA THR A 170 -60.44 -12.59 -9.83
C THR A 170 -59.65 -11.30 -9.79
N GLU A 171 -59.98 -10.40 -8.86
CA GLU A 171 -59.32 -9.10 -8.79
C GLU A 171 -57.84 -9.23 -8.42
N GLY A 172 -57.53 -10.00 -7.36
CA GLY A 172 -56.20 -9.89 -6.79
C GLY A 172 -56.10 -8.67 -5.92
N HIS A 173 -54.88 -8.34 -5.51
CA HIS A 173 -54.68 -7.19 -4.63
C HIS A 173 -55.34 -5.94 -5.23
N PRO A 174 -56.21 -5.24 -4.49
CA PRO A 174 -57.02 -4.18 -5.10
C PRO A 174 -56.29 -2.87 -5.34
N CYS A 175 -55.01 -2.75 -4.99
CA CYS A 175 -54.28 -1.52 -5.25
C CYS A 175 -53.36 -1.64 -6.46
N PHE A 176 -52.58 -2.71 -6.52
CA PHE A 176 -51.56 -2.83 -7.53
C PHE A 176 -52.18 -3.08 -8.90
N VAL A 177 -51.87 -2.21 -9.85
CA VAL A 177 -52.41 -2.39 -11.20
C VAL A 177 -51.76 -3.59 -11.86
N ALA A 178 -50.44 -3.69 -11.77
CA ALA A 178 -49.74 -4.89 -12.23
C ALA A 178 -49.65 -5.80 -11.02
N ASN A 179 -50.66 -6.65 -10.83
CA ASN A 179 -50.75 -7.41 -9.60
C ASN A 179 -50.78 -8.92 -9.79
N ASN A 180 -51.23 -9.43 -10.93
CA ASN A 180 -51.36 -10.88 -11.01
C ASN A 180 -50.44 -11.48 -12.06
N GLY A 181 -49.18 -11.05 -12.07
CA GLY A 181 -48.21 -11.61 -13.00
C GLY A 181 -47.87 -13.04 -12.62
N ARG A 182 -47.57 -13.83 -13.64
CA ARG A 182 -47.13 -15.19 -13.39
C ARG A 182 -45.86 -15.43 -14.18
N LEU A 183 -45.03 -14.39 -14.25
CA LEU A 183 -43.86 -14.38 -15.11
C LEU A 183 -42.86 -15.44 -14.68
N GLY A 184 -42.38 -16.24 -15.64
CA GLY A 184 -41.59 -17.42 -15.36
C GLY A 184 -42.33 -18.70 -15.65
N PHE A 185 -43.66 -18.66 -15.61
CA PHE A 185 -44.47 -19.76 -16.10
C PHE A 185 -44.62 -19.64 -17.62
N GLY A 186 -44.34 -20.71 -18.32
CA GLY A 186 -44.77 -20.77 -19.71
C GLY A 186 -46.26 -20.97 -19.75
N VAL A 187 -46.84 -20.90 -20.94
CA VAL A 187 -48.30 -21.00 -20.97
C VAL A 187 -48.76 -22.34 -20.39
N ASP A 188 -48.02 -23.41 -20.66
CA ASP A 188 -48.43 -24.71 -20.13
C ASP A 188 -48.26 -24.77 -18.63
N GLU A 189 -47.15 -24.20 -18.13
CA GLU A 189 -46.92 -24.08 -16.70
C GLU A 189 -47.94 -23.18 -16.01
N TYR A 190 -48.37 -22.11 -16.66
CA TYR A 190 -49.43 -21.29 -16.07
C TYR A 190 -50.70 -22.10 -15.87
N LEU A 191 -51.13 -22.80 -16.92
CA LEU A 191 -52.36 -23.58 -16.80
C LEU A 191 -52.25 -24.61 -15.70
N ALA A 192 -51.06 -25.17 -15.50
CA ALA A 192 -50.93 -26.21 -14.51
C ALA A 192 -50.82 -25.71 -13.07
N TYR A 193 -50.35 -24.48 -12.86
CA TYR A 193 -49.99 -24.03 -11.52
C TYR A 193 -50.67 -22.75 -11.05
N ALA A 194 -51.30 -21.97 -11.92
CA ALA A 194 -51.91 -20.75 -11.42
C ALA A 194 -53.07 -21.08 -10.49
N PRO A 195 -53.25 -20.32 -9.40
CA PRO A 195 -54.36 -20.63 -8.48
C PRO A 195 -55.71 -20.49 -9.15
N GLU A 196 -55.82 -19.58 -10.12
CA GLU A 196 -57.12 -19.33 -10.76
C GLU A 196 -57.57 -20.48 -11.65
N THR A 197 -56.68 -21.45 -11.95
CA THR A 197 -57.06 -22.61 -12.72
C THR A 197 -57.47 -23.81 -11.87
N ALA A 198 -57.15 -23.79 -10.57
CA ALA A 198 -57.57 -24.82 -9.63
C ALA A 198 -57.24 -26.23 -10.12
N HIS A 199 -56.08 -26.38 -10.77
CA HIS A 199 -55.72 -27.75 -11.15
C HIS A 199 -54.95 -28.41 -10.00
N PRO A 200 -55.31 -29.65 -9.65
CA PRO A 200 -54.52 -30.40 -8.66
C PRO A 200 -53.07 -30.47 -9.06
N VAL A 201 -52.20 -30.52 -8.06
CA VAL A 201 -50.76 -30.51 -8.26
C VAL A 201 -50.17 -31.50 -7.28
N ARG A 202 -49.19 -32.25 -7.73
CA ARG A 202 -48.42 -33.11 -6.85
C ARG A 202 -47.08 -32.46 -6.56
N LEU A 203 -46.69 -32.46 -5.29
CA LEU A 203 -45.40 -31.93 -4.94
C LEU A 203 -44.32 -32.98 -5.23
N VAL A 204 -43.11 -32.50 -5.47
CA VAL A 204 -41.96 -33.36 -5.61
C VAL A 204 -41.24 -33.43 -4.27
N TRP A 205 -41.02 -34.65 -3.78
CA TRP A 205 -40.35 -34.85 -2.51
C TRP A 205 -38.87 -35.12 -2.73
N LEU A 206 -38.01 -34.38 -2.02
CA LEU A 206 -36.56 -34.54 -2.09
C LEU A 206 -36.03 -34.99 -0.74
N ALA A 207 -34.95 -35.76 -0.77
CA ALA A 207 -34.17 -35.98 0.44
C ALA A 207 -33.01 -35.00 0.41
N ALA A 208 -32.88 -34.19 1.46
CA ALA A 208 -31.79 -33.24 1.59
C ALA A 208 -30.79 -33.76 2.61
N HIS A 209 -29.51 -33.73 2.28
CA HIS A 209 -28.50 -34.25 3.18
C HIS A 209 -28.31 -33.29 4.36
N ARG A 210 -28.12 -33.85 5.57
CA ARG A 210 -28.16 -33.03 6.78
C ARG A 210 -27.00 -32.05 6.89
N SER A 211 -25.88 -32.30 6.20
CA SER A 211 -24.80 -31.32 6.23
C SER A 211 -25.20 -29.97 5.64
N ARG A 212 -26.27 -29.93 4.85
CA ARG A 212 -26.75 -28.71 4.24
C ARG A 212 -28.21 -28.41 4.51
N ALA A 213 -28.95 -29.30 5.15
CA ALA A 213 -30.37 -29.03 5.37
C ALA A 213 -30.65 -29.10 6.86
N ALA A 214 -31.61 -28.30 7.32
CA ALA A 214 -31.96 -28.37 8.73
C ALA A 214 -33.46 -28.34 8.88
N PHE A 215 -33.96 -29.09 9.85
CA PHE A 215 -35.38 -29.15 10.12
C PHE A 215 -35.63 -28.46 11.46
N THR A 216 -36.50 -27.47 11.49
CA THR A 216 -36.86 -26.79 12.73
C THR A 216 -38.29 -27.15 13.09
N ALA A 217 -38.48 -27.66 14.30
CA ALA A 217 -39.82 -28.04 14.73
C ALA A 217 -40.43 -26.99 15.65
N GLY A 218 -41.76 -26.90 15.63
CA GLY A 218 -42.47 -26.09 16.59
C GLY A 218 -42.84 -26.86 17.85
N ALA A 219 -43.35 -26.10 18.83
CA ALA A 219 -43.96 -26.64 20.05
C ALA A 219 -44.65 -27.98 19.81
N GLY A 220 -44.11 -29.05 20.38
CA GLY A 220 -44.80 -30.30 20.37
C GLY A 220 -44.69 -31.08 19.08
N ILE A 221 -44.00 -30.54 18.08
CA ILE A 221 -43.69 -31.26 16.85
C ILE A 221 -42.33 -31.94 17.01
N ASP A 222 -42.19 -33.17 16.49
CA ASP A 222 -40.89 -33.79 16.30
C ASP A 222 -40.83 -34.47 14.94
N TYR A 223 -39.65 -34.42 14.32
CA TYR A 223 -39.52 -34.79 12.91
C TYR A 223 -40.03 -36.21 12.64
N ALA A 224 -39.58 -37.20 13.44
CA ALA A 224 -39.93 -38.60 13.19
C ALA A 224 -41.44 -38.78 12.95
N SER A 225 -42.27 -38.33 13.89
CA SER A 225 -43.71 -38.57 13.80
C SER A 225 -44.42 -37.58 12.89
N PHE A 226 -43.96 -36.33 12.85
CA PHE A 226 -44.50 -35.34 11.92
C PHE A 226 -44.51 -35.86 10.50
N VAL A 227 -43.36 -36.35 10.05
CA VAL A 227 -43.25 -36.87 8.69
C VAL A 227 -44.13 -38.11 8.51
N ARG A 228 -44.24 -38.94 9.55
CA ARG A 228 -45.17 -40.08 9.49
C ARG A 228 -46.61 -39.61 9.31
N GLN A 229 -47.08 -38.68 10.17
CA GLN A 229 -48.48 -38.25 10.11
C GLN A 229 -48.80 -37.53 8.80
N GLU A 230 -47.79 -37.06 8.07
CA GLU A 230 -48.00 -36.23 6.90
C GLU A 230 -47.78 -37.00 5.60
N LEU A 231 -46.98 -38.06 5.61
CA LEU A 231 -46.72 -38.85 4.41
C LEU A 231 -47.29 -40.27 4.44
N GLY A 232 -47.44 -40.86 5.62
CA GLY A 232 -47.82 -42.24 5.69
C GLY A 232 -46.61 -43.10 5.96
N GLU A 233 -46.65 -43.93 7.00
CA GLU A 233 -45.58 -44.89 7.24
C GLU A 233 -45.18 -45.63 5.97
N GLU A 234 -46.14 -45.92 5.10
CA GLU A 234 -45.84 -46.68 3.89
C GLU A 234 -44.90 -45.89 2.99
N THR A 235 -45.16 -44.59 2.82
CA THR A 235 -44.34 -43.79 1.90
C THR A 235 -42.94 -43.52 2.47
N VAL A 236 -42.86 -43.22 3.77
CA VAL A 236 -41.56 -42.97 4.39
C VAL A 236 -40.64 -44.16 4.21
N GLU A 237 -41.15 -45.36 4.51
CA GLU A 237 -40.45 -46.60 4.20
C GLU A 237 -40.03 -46.66 2.72
N ARG A 238 -40.96 -46.38 1.80
CA ARG A 238 -40.58 -46.42 0.38
C ARG A 238 -39.46 -45.42 0.10
N PHE A 239 -39.58 -44.18 0.60
CA PHE A 239 -38.53 -43.19 0.47
C PHE A 239 -37.23 -43.68 1.10
N ASP A 240 -37.29 -44.09 2.37
CA ASP A 240 -36.10 -44.64 3.02
C ASP A 240 -35.51 -45.76 2.17
N GLY A 241 -36.36 -46.55 1.51
CA GLY A 241 -35.85 -47.58 0.61
C GLY A 241 -35.12 -47.00 -0.58
N VAL A 242 -35.67 -45.96 -1.19
CA VAL A 242 -34.98 -45.33 -2.32
C VAL A 242 -33.56 -44.97 -1.91
N LEU A 243 -33.40 -44.37 -0.75
CA LEU A 243 -32.09 -43.88 -0.35
C LEU A 243 -31.14 -45.05 -0.16
N ARG A 244 -31.63 -46.14 0.41
CA ARG A 244 -30.79 -47.31 0.61
C ARG A 244 -30.40 -47.96 -0.71
N GLY A 245 -31.28 -47.88 -1.72
CA GLY A 245 -30.92 -48.40 -3.03
C GLY A 245 -29.70 -47.74 -3.62
N ARG A 246 -29.51 -46.45 -3.35
CA ARG A 246 -28.37 -45.69 -3.84
C ARG A 246 -27.22 -45.67 -2.85
N GLY A 247 -27.26 -46.51 -1.81
CA GLY A 247 -26.15 -46.59 -0.89
C GLY A 247 -26.06 -45.44 0.09
N LEU A 248 -27.18 -44.79 0.37
CA LEU A 248 -27.21 -43.64 1.27
C LEU A 248 -27.95 -44.03 2.54
N ASP A 249 -27.47 -43.57 3.68
CA ASP A 249 -28.14 -43.87 4.93
C ASP A 249 -29.32 -42.92 5.11
N PRO A 250 -30.55 -43.42 5.26
CA PRO A 250 -31.69 -42.52 5.49
C PRO A 250 -31.51 -41.60 6.67
N ALA A 251 -30.80 -42.04 7.70
CA ALA A 251 -30.62 -41.20 8.87
C ALA A 251 -29.81 -39.94 8.56
N ASP A 252 -29.09 -39.89 7.44
CA ASP A 252 -28.34 -38.69 7.09
C ASP A 252 -29.15 -37.65 6.30
N TYR A 253 -30.46 -37.86 6.07
CA TYR A 253 -31.22 -36.98 5.17
C TYR A 253 -32.50 -36.47 5.83
N LEU A 254 -33.09 -35.46 5.18
CA LEU A 254 -34.39 -34.93 5.56
C LEU A 254 -35.28 -34.86 4.32
N LEU A 255 -36.59 -34.97 4.54
CA LEU A 255 -37.54 -34.69 3.49
C LEU A 255 -37.80 -33.19 3.35
N ILE A 256 -37.75 -32.70 2.12
CA ILE A 256 -38.17 -31.37 1.70
C ILE A 256 -39.21 -31.54 0.59
N PRO A 257 -40.41 -30.96 0.71
CA PRO A 257 -41.32 -30.87 -0.43
C PRO A 257 -40.95 -29.68 -1.27
N VAL A 258 -41.01 -29.86 -2.59
CA VAL A 258 -40.69 -28.79 -3.52
C VAL A 258 -41.79 -28.67 -4.56
N HIS A 259 -42.02 -27.44 -5.00
CA HIS A 259 -42.91 -27.16 -6.13
C HIS A 259 -42.33 -27.75 -7.41
N PRO A 260 -43.13 -28.47 -8.22
CA PRO A 260 -42.58 -29.07 -9.44
C PRO A 260 -41.92 -28.07 -10.36
N TRP A 261 -42.49 -26.87 -10.53
CA TRP A 261 -41.82 -25.88 -11.35
C TRP A 261 -40.42 -25.60 -10.81
N GLN A 262 -40.29 -25.51 -9.47
CA GLN A 262 -38.99 -25.25 -8.89
C GLN A 262 -38.02 -26.38 -9.20
N TRP A 263 -38.47 -27.62 -9.08
CA TRP A 263 -37.59 -28.75 -9.37
C TRP A 263 -37.17 -28.77 -10.83
N TRP A 264 -38.12 -28.77 -11.74
CA TRP A 264 -37.76 -29.01 -13.13
C TRP A 264 -36.97 -27.85 -13.73
N ASN A 265 -37.23 -26.62 -13.29
CA ASN A 265 -36.61 -25.44 -13.91
C ASN A 265 -35.45 -24.84 -13.12
N LYS A 266 -35.47 -24.92 -11.79
CA LYS A 266 -34.38 -24.37 -10.99
C LYS A 266 -33.50 -25.46 -10.41
N LEU A 267 -34.02 -26.26 -9.47
CA LEU A 267 -33.22 -27.18 -8.67
C LEU A 267 -32.41 -28.13 -9.52
N SER A 268 -33.02 -28.74 -10.55
CA SER A 268 -32.29 -29.72 -11.34
C SER A 268 -31.21 -29.10 -12.23
N VAL A 269 -31.23 -27.79 -12.43
CA VAL A 269 -30.29 -27.09 -13.31
C VAL A 269 -29.36 -26.27 -12.44
N THR A 270 -29.94 -25.27 -11.78
CA THR A 270 -29.15 -24.35 -10.98
C THR A 270 -28.49 -25.07 -9.81
N PHE A 271 -29.17 -26.05 -9.22
CA PHE A 271 -28.59 -26.82 -8.11
C PHE A 271 -28.09 -28.20 -8.55
N ALA A 272 -27.75 -28.38 -9.83
CA ALA A 272 -27.28 -29.70 -10.27
C ALA A 272 -26.07 -30.19 -9.48
N ALA A 273 -25.21 -29.27 -9.03
CA ALA A 273 -24.11 -29.71 -8.19
C ALA A 273 -24.64 -30.43 -6.96
N GLU A 274 -25.80 -30.01 -6.46
CA GLU A 274 -26.33 -30.66 -5.27
C GLU A 274 -26.94 -32.00 -5.61
N VAL A 275 -27.65 -32.09 -6.74
CA VAL A 275 -28.19 -33.37 -7.18
C VAL A 275 -27.07 -34.33 -7.52
N ALA A 276 -26.08 -33.88 -8.27
CA ALA A 276 -25.07 -34.82 -8.74
C ALA A 276 -24.24 -35.40 -7.58
N ARG A 277 -24.09 -34.66 -6.49
CA ARG A 277 -23.29 -35.15 -5.36
C ARG A 277 -24.12 -35.86 -4.29
N GLN A 278 -25.42 -36.06 -4.56
CA GLN A 278 -26.41 -36.68 -3.66
C GLN A 278 -26.57 -35.92 -2.33
N ASN A 279 -26.19 -34.64 -2.29
CA ASN A 279 -26.74 -33.71 -1.32
C ASN A 279 -28.26 -33.61 -1.45
N LEU A 280 -28.79 -33.81 -2.65
CA LEU A 280 -30.21 -33.84 -2.90
C LEU A 280 -30.55 -35.09 -3.68
N VAL A 281 -31.63 -35.75 -3.30
CA VAL A 281 -32.07 -36.94 -4.01
C VAL A 281 -33.56 -36.87 -4.28
N CYS A 282 -33.92 -37.03 -5.54
CA CYS A 282 -35.30 -36.91 -5.95
C CYS A 282 -36.04 -38.19 -5.61
N LEU A 283 -37.03 -38.12 -4.72
CA LEU A 283 -37.76 -39.29 -4.23
C LEU A 283 -39.06 -39.55 -4.97
N GLY A 284 -39.60 -38.62 -5.74
CA GLY A 284 -40.81 -38.86 -6.49
C GLY A 284 -41.95 -37.93 -6.09
N GLU A 285 -43.10 -38.18 -6.71
CA GLU A 285 -44.23 -37.32 -6.47
C GLU A 285 -44.96 -37.73 -5.20
N SER A 286 -45.75 -36.81 -4.67
CA SER A 286 -46.60 -37.10 -3.53
C SER A 286 -47.88 -37.79 -3.98
N ASP A 287 -48.44 -38.60 -3.09
CA ASP A 287 -49.71 -39.24 -3.41
C ASP A 287 -50.90 -38.33 -3.17
N ASP A 288 -50.82 -37.43 -2.20
CA ASP A 288 -51.84 -36.42 -2.05
C ASP A 288 -51.81 -35.44 -3.23
N GLU A 289 -52.96 -34.82 -3.50
CA GLU A 289 -53.10 -33.77 -4.50
C GLU A 289 -53.31 -32.43 -3.82
N TYR A 290 -52.58 -31.42 -4.28
CA TYR A 290 -52.56 -30.11 -3.66
C TYR A 290 -53.14 -29.09 -4.63
N LEU A 291 -53.61 -27.95 -4.09
CA LEU A 291 -54.21 -26.85 -4.84
C LEU A 291 -53.52 -25.55 -4.48
N ALA A 292 -53.00 -24.84 -5.48
CA ALA A 292 -52.30 -23.59 -5.22
C ALA A 292 -53.25 -22.53 -4.68
N GLN A 293 -52.85 -21.87 -3.59
CA GLN A 293 -53.61 -20.75 -3.05
C GLN A 293 -53.25 -19.46 -3.77
N GLN A 294 -53.92 -18.37 -3.40
CA GLN A 294 -53.69 -17.08 -4.04
C GLN A 294 -52.21 -16.71 -4.03
N SER A 295 -51.50 -17.14 -2.98
CA SER A 295 -50.05 -16.97 -2.84
C SER A 295 -49.24 -17.63 -3.95
N ILE A 296 -49.82 -18.58 -4.69
CA ILE A 296 -49.12 -19.32 -5.75
C ILE A 296 -48.17 -20.35 -5.15
N ARG A 297 -47.31 -19.92 -4.22
CA ARG A 297 -46.25 -20.76 -3.71
C ARG A 297 -46.69 -21.71 -2.60
N THR A 298 -47.91 -21.56 -2.09
CA THR A 298 -48.40 -22.30 -0.94
C THR A 298 -49.55 -23.22 -1.36
N PHE A 299 -49.55 -24.47 -0.89
CA PHE A 299 -50.51 -25.45 -1.37
C PHE A 299 -51.43 -25.94 -0.26
N PHE A 300 -52.72 -26.06 -0.58
CA PHE A 300 -53.74 -26.64 0.29
C PHE A 300 -53.92 -28.11 -0.09
N ASN A 301 -54.06 -28.96 0.91
CA ASN A 301 -54.11 -30.40 0.66
C ASN A 301 -55.54 -30.78 0.30
N ALA A 302 -55.80 -30.92 -0.99
CA ALA A 302 -57.15 -31.19 -1.45
C ALA A 302 -57.61 -32.59 -1.04
N THR A 303 -56.70 -33.57 -1.15
CA THR A 303 -57.08 -34.95 -0.83
C THR A 303 -57.42 -35.12 0.64
N HIS A 304 -56.69 -34.45 1.52
CA HIS A 304 -56.91 -34.52 2.97
C HIS A 304 -56.84 -33.10 3.51
N PRO A 305 -57.98 -32.40 3.59
CA PRO A 305 -57.89 -30.99 4.01
C PRO A 305 -57.44 -30.81 5.44
N GLU A 306 -57.48 -31.87 6.25
CA GLU A 306 -56.99 -31.76 7.61
C GLU A 306 -55.46 -31.60 7.66
N LYS A 307 -54.76 -32.09 6.64
CA LYS A 307 -53.30 -32.09 6.68
C LYS A 307 -52.76 -30.67 6.47
N HIS A 308 -51.46 -30.50 6.76
CA HIS A 308 -50.86 -29.17 6.68
C HIS A 308 -50.78 -28.67 5.24
N TYR A 309 -51.00 -27.35 5.10
CA TYR A 309 -50.54 -26.61 3.92
C TYR A 309 -49.05 -26.80 3.72
N VAL A 310 -48.60 -26.63 2.48
CA VAL A 310 -47.17 -26.64 2.19
C VAL A 310 -46.80 -25.34 1.48
N LYS A 311 -45.89 -24.57 2.08
CA LYS A 311 -45.36 -23.36 1.48
C LYS A 311 -44.00 -23.70 0.88
N THR A 312 -43.87 -23.54 -0.44
CA THR A 312 -42.67 -23.96 -1.14
C THR A 312 -41.86 -22.77 -1.61
N ALA A 313 -40.66 -23.03 -2.08
CA ALA A 313 -39.84 -21.98 -2.67
C ALA A 313 -40.11 -21.96 -4.17
N LEU A 314 -40.51 -20.79 -4.69
CA LEU A 314 -40.87 -20.66 -6.11
C LEU A 314 -40.18 -19.44 -6.69
N SER A 315 -39.15 -19.67 -7.49
CA SER A 315 -38.35 -18.60 -8.07
C SER A 315 -38.97 -17.98 -9.34
N VAL A 316 -40.28 -17.72 -9.34
CA VAL A 316 -40.92 -16.99 -10.43
C VAL A 316 -40.52 -15.52 -10.33
N LEU A 317 -40.97 -14.71 -11.29
CA LEU A 317 -40.42 -13.38 -11.46
C LEU A 317 -41.41 -12.34 -10.96
N ASN A 318 -40.88 -11.27 -10.34
CA ASN A 318 -41.66 -10.09 -9.99
C ASN A 318 -40.85 -8.88 -10.41
N MET A 319 -41.31 -8.18 -11.45
CA MET A 319 -40.55 -7.10 -12.09
C MET A 319 -39.17 -7.57 -12.52
N GLY A 320 -39.07 -8.81 -13.01
CA GLY A 320 -37.77 -9.26 -13.48
C GLY A 320 -36.80 -9.67 -12.40
N PHE A 321 -37.20 -9.60 -11.13
CA PHE A 321 -36.41 -10.10 -10.01
C PHE A 321 -36.99 -11.42 -9.53
N MET A 322 -36.13 -12.33 -9.10
CA MET A 322 -36.57 -13.66 -8.68
C MET A 322 -37.10 -13.63 -7.25
N ARG A 323 -38.26 -14.25 -7.05
CA ARG A 323 -38.80 -14.44 -5.71
C ARG A 323 -38.13 -15.65 -5.06
N GLY A 324 -38.72 -16.12 -3.97
CA GLY A 324 -38.24 -17.31 -3.30
C GLY A 324 -38.58 -17.25 -1.82
N LEU A 325 -38.05 -18.23 -1.10
CA LEU A 325 -38.37 -18.47 0.30
C LEU A 325 -37.05 -18.55 1.06
N SER A 326 -36.83 -17.64 2.02
CA SER A 326 -35.52 -17.55 2.65
C SER A 326 -35.26 -18.76 3.53
N ALA A 327 -34.11 -19.42 3.31
CA ALA A 327 -33.76 -20.55 4.16
C ALA A 327 -33.27 -20.07 5.52
N ALA A 328 -32.56 -18.94 5.54
CA ALA A 328 -32.08 -18.36 6.78
C ALA A 328 -33.24 -18.01 7.72
N TYR A 329 -34.41 -17.73 7.19
CA TYR A 329 -35.52 -17.35 8.07
C TYR A 329 -36.27 -18.55 8.61
N MET A 330 -36.06 -19.74 8.04
CA MET A 330 -36.82 -20.89 8.47
C MET A 330 -36.50 -21.27 9.90
N GLU A 331 -35.26 -21.05 10.32
CA GLU A 331 -34.85 -21.50 11.65
C GLU A 331 -35.70 -20.88 12.75
N ALA A 332 -36.28 -19.69 12.51
CA ALA A 332 -37.05 -18.96 13.52
C ALA A 332 -38.54 -18.83 13.22
N THR A 333 -39.01 -19.25 12.05
CA THR A 333 -40.45 -19.15 11.81
C THR A 333 -41.27 -19.91 12.84
N PRO A 334 -41.06 -21.20 13.10
CA PRO A 334 -41.99 -21.87 14.02
C PRO A 334 -41.97 -21.26 15.41
N ALA A 335 -40.80 -20.83 15.89
CA ALA A 335 -40.74 -20.23 17.22
C ALA A 335 -41.54 -18.94 17.29
N ILE A 336 -41.44 -18.09 16.26
CA ILE A 336 -42.22 -16.85 16.25
C ILE A 336 -43.71 -17.16 16.31
N ASN A 337 -44.14 -18.16 15.56
CA ASN A 337 -45.55 -18.56 15.59
C ASN A 337 -45.96 -19.04 16.98
N ASP A 338 -45.18 -19.93 17.58
CA ASP A 338 -45.42 -20.35 18.96
C ASP A 338 -45.55 -19.14 19.90
N TRP A 339 -44.72 -18.12 19.70
CA TRP A 339 -44.78 -16.95 20.55
C TRP A 339 -46.08 -16.20 20.33
N LEU A 340 -46.48 -16.01 19.08
CA LEU A 340 -47.72 -15.30 18.83
C LEU A 340 -48.93 -16.11 19.29
N ASP A 341 -48.91 -17.43 19.06
CA ASP A 341 -50.02 -18.27 19.50
C ASP A 341 -50.20 -18.18 21.00
N ARG A 342 -49.12 -18.38 21.76
CA ARG A 342 -49.22 -18.26 23.20
C ARG A 342 -49.65 -16.85 23.60
N LEU A 343 -49.10 -15.84 22.93
CA LEU A 343 -49.55 -14.47 23.20
C LEU A 343 -51.07 -14.34 23.10
N ILE A 344 -51.65 -14.93 22.05
CA ILE A 344 -53.09 -14.83 21.85
C ILE A 344 -53.83 -15.65 22.91
N ASP A 345 -53.28 -16.79 23.32
CA ASP A 345 -54.00 -17.63 24.26
C ASP A 345 -54.03 -17.06 25.67
N ASN A 346 -53.11 -16.15 25.99
CA ASN A 346 -52.98 -15.62 27.34
C ASN A 346 -53.60 -14.23 27.49
N ASP A 347 -54.14 -13.67 26.42
CA ASP A 347 -54.71 -12.33 26.43
C ASP A 347 -56.22 -12.43 26.33
N PRO A 348 -56.97 -12.04 27.37
CA PRO A 348 -58.43 -12.22 27.31
C PRO A 348 -59.11 -11.33 26.28
N VAL A 349 -58.57 -10.15 25.98
CA VAL A 349 -59.14 -9.31 24.92
C VAL A 349 -59.06 -10.01 23.57
N LEU A 350 -57.97 -10.73 23.33
CA LEU A 350 -57.87 -11.47 22.08
C LEU A 350 -58.71 -12.73 22.12
N LYS A 351 -58.68 -13.47 23.23
CA LYS A 351 -59.47 -14.70 23.34
C LYS A 351 -60.95 -14.43 23.15
N SER A 352 -61.44 -13.33 23.71
CA SER A 352 -62.84 -12.96 23.55
C SER A 352 -63.23 -12.68 22.10
N THR A 353 -62.31 -12.26 21.25
CA THR A 353 -62.64 -12.02 19.86
C THR A 353 -62.59 -13.29 19.03
N GLY A 354 -62.11 -14.39 19.59
CA GLY A 354 -61.95 -15.63 18.84
C GLY A 354 -60.73 -15.69 17.94
N LEU A 355 -59.82 -14.72 18.04
CA LEU A 355 -58.75 -14.64 17.06
C LEU A 355 -57.82 -15.85 17.16
N SER A 356 -57.50 -16.42 16.02
CA SER A 356 -56.52 -17.49 15.96
C SER A 356 -55.58 -17.27 14.79
N ILE A 357 -54.37 -17.80 14.91
CA ILE A 357 -53.49 -17.94 13.76
C ILE A 357 -53.44 -19.41 13.40
N ILE A 358 -53.23 -19.70 12.11
CA ILE A 358 -52.81 -21.03 11.72
C ILE A 358 -51.28 -21.02 11.69
N ARG A 359 -50.66 -21.76 12.62
CA ARG A 359 -49.21 -21.68 12.83
C ARG A 359 -48.43 -22.38 11.73
N GLU A 360 -47.27 -21.83 11.42
CA GLU A 360 -46.24 -22.60 10.75
C GLU A 360 -45.62 -23.52 11.79
N ARG A 361 -45.85 -24.83 11.63
CA ARG A 361 -45.53 -25.81 12.67
C ARG A 361 -44.19 -26.47 12.46
N ALA A 362 -43.67 -26.45 11.24
CA ALA A 362 -42.41 -27.07 10.95
C ALA A 362 -41.82 -26.40 9.73
N ALA A 363 -40.50 -26.36 9.67
CA ALA A 363 -39.90 -25.75 8.50
C ALA A 363 -38.56 -26.41 8.27
N VAL A 364 -38.12 -26.30 7.03
CA VAL A 364 -36.87 -26.90 6.60
C VAL A 364 -36.25 -25.98 5.57
N GLY A 365 -34.95 -25.73 5.73
CA GLY A 365 -34.22 -24.79 4.90
C GLY A 365 -32.93 -25.45 4.48
N TYR A 366 -32.44 -25.02 3.34
CA TYR A 366 -31.31 -25.65 2.68
C TYR A 366 -30.28 -24.59 2.34
N ARG A 367 -29.01 -24.83 2.65
CA ARG A 367 -27.92 -23.92 2.35
C ARG A 367 -27.07 -24.50 1.23
N HIS A 368 -27.14 -23.92 0.04
CA HIS A 368 -26.19 -24.20 -1.03
C HIS A 368 -24.89 -23.43 -0.74
N LEU A 369 -23.88 -24.14 -0.18
CA LEU A 369 -22.71 -23.50 0.41
C LEU A 369 -21.86 -22.76 -0.62
N GLU A 370 -21.71 -23.32 -1.81
CA GLU A 370 -20.98 -22.62 -2.86
C GLU A 370 -21.71 -21.35 -3.27
N TYR A 371 -23.01 -21.44 -3.60
CA TYR A 371 -23.70 -20.18 -3.91
C TYR A 371 -23.63 -19.22 -2.72
N GLU A 372 -23.66 -19.75 -1.50
CA GLU A 372 -23.66 -18.88 -0.32
C GLU A 372 -22.39 -18.05 -0.23
N ALA A 373 -21.25 -18.66 -0.48
CA ALA A 373 -20.01 -17.91 -0.41
C ALA A 373 -19.95 -16.86 -1.51
N ALA A 374 -20.66 -17.06 -2.60
CA ALA A 374 -20.54 -16.15 -3.72
C ALA A 374 -21.57 -15.05 -3.69
N THR A 375 -22.43 -14.99 -2.68
CA THR A 375 -23.53 -14.05 -2.64
C THR A 375 -23.56 -13.33 -1.31
N ASP A 376 -24.40 -12.29 -1.23
CA ASP A 376 -24.71 -11.65 0.03
C ASP A 376 -26.04 -12.16 0.57
N ARG A 377 -26.42 -11.69 1.75
CA ARG A 377 -27.61 -12.21 2.43
C ARG A 377 -28.91 -11.79 1.77
N TYR A 378 -28.86 -11.33 0.52
CA TYR A 378 -30.06 -10.91 -0.19
C TYR A 378 -30.24 -11.65 -1.52
N SER A 379 -29.34 -12.56 -1.86
CA SER A 379 -29.38 -13.14 -3.18
C SER A 379 -30.57 -14.08 -3.29
N PRO A 380 -31.27 -14.06 -4.41
CA PRO A 380 -32.27 -15.10 -4.66
C PRO A 380 -31.65 -16.47 -4.73
N TYR A 381 -30.33 -16.58 -4.87
CA TYR A 381 -29.75 -17.93 -4.83
C TYR A 381 -29.77 -18.51 -3.42
N ARG A 382 -29.79 -17.67 -2.40
CA ARG A 382 -29.98 -18.19 -1.07
C ARG A 382 -31.41 -18.59 -0.81
N LYS A 383 -32.37 -18.20 -1.67
CA LYS A 383 -33.80 -18.39 -1.41
C LYS A 383 -34.42 -19.47 -2.27
N MET A 384 -33.63 -20.38 -2.84
CA MET A 384 -34.18 -21.28 -3.85
C MET A 384 -34.68 -22.61 -3.33
N LEU A 385 -34.37 -23.00 -2.09
CA LEU A 385 -34.86 -24.28 -1.57
C LEU A 385 -35.19 -24.14 -0.09
N ALA A 386 -36.47 -24.02 0.22
CA ALA A 386 -36.95 -24.13 1.59
C ALA A 386 -38.38 -24.62 1.56
N ALA A 387 -38.91 -24.91 2.74
CA ALA A 387 -40.31 -25.27 2.78
C ALA A 387 -40.74 -25.07 4.21
N LEU A 388 -42.04 -24.84 4.39
CA LEU A 388 -42.61 -24.93 5.72
C LEU A 388 -44.02 -25.45 5.61
N TRP A 389 -44.49 -25.98 6.73
CA TRP A 389 -45.81 -26.57 6.85
C TRP A 389 -46.65 -25.68 7.77
N ARG A 390 -47.90 -25.46 7.40
CA ARG A 390 -48.78 -24.61 8.19
C ARG A 390 -50.08 -25.34 8.50
N GLU A 391 -50.49 -25.30 9.77
CA GLU A 391 -51.76 -25.86 10.24
C GLU A 391 -52.90 -25.57 9.28
N SER A 392 -53.74 -26.57 9.07
CA SER A 392 -54.92 -26.31 8.27
C SER A 392 -56.01 -25.69 9.16
N PRO A 393 -56.81 -24.77 8.62
CA PRO A 393 -57.89 -24.20 9.43
C PRO A 393 -59.11 -25.09 9.55
N VAL A 394 -59.17 -26.18 8.79
CA VAL A 394 -60.39 -26.98 8.70
C VAL A 394 -60.73 -27.72 10.00
N PRO A 395 -59.79 -28.42 10.66
CA PRO A 395 -60.19 -29.20 11.85
C PRO A 395 -60.75 -28.37 13.00
N ALA A 396 -60.52 -27.06 13.02
CA ALA A 396 -61.11 -26.26 14.10
C ALA A 396 -62.61 -26.06 13.88
N LEU A 397 -63.05 -26.11 12.63
CA LEU A 397 -64.42 -25.80 12.26
C LEU A 397 -65.39 -26.58 13.12
N ARG A 398 -66.32 -25.87 13.72
CA ARG A 398 -67.43 -26.45 14.44
C ARG A 398 -68.65 -26.58 13.51
N ASP A 399 -69.71 -27.21 14.01
CA ASP A 399 -70.84 -27.58 13.17
C ASP A 399 -71.48 -26.38 12.47
N GLY A 400 -71.58 -26.46 11.14
CA GLY A 400 -72.21 -25.41 10.38
C GLY A 400 -71.35 -24.19 10.15
N GLU A 401 -70.03 -24.32 10.25
CA GLU A 401 -69.11 -23.21 10.10
C GLU A 401 -68.34 -23.35 8.79
N SER A 402 -68.07 -22.24 8.14
CA SER A 402 -67.56 -22.21 6.78
C SER A 402 -66.33 -21.30 6.72
N LEU A 403 -65.46 -21.52 5.74
CA LEU A 403 -64.22 -20.74 5.62
C LEU A 403 -64.25 -19.87 4.37
N THR A 404 -63.67 -18.66 4.44
CA THR A 404 -63.45 -17.93 3.20
C THR A 404 -62.22 -17.02 3.28
N THR A 405 -61.46 -16.93 2.19
CA THR A 405 -60.46 -15.88 2.14
C THR A 405 -61.12 -14.51 2.33
N MET A 406 -60.56 -13.67 3.23
CA MET A 406 -61.17 -12.36 3.46
C MET A 406 -61.24 -11.56 2.16
N ALA A 407 -60.36 -11.87 1.20
CA ALA A 407 -60.39 -11.23 -0.11
C ALA A 407 -61.76 -11.29 -0.78
N ALA A 408 -62.60 -12.28 -0.44
CA ALA A 408 -63.89 -12.45 -1.10
C ALA A 408 -64.83 -11.28 -0.83
N LEU A 409 -64.76 -10.68 0.36
CA LEU A 409 -65.62 -9.55 0.69
C LEU A 409 -65.59 -8.47 -0.38
N VAL A 410 -64.46 -8.28 -1.07
CA VAL A 410 -64.38 -7.30 -2.14
C VAL A 410 -64.57 -7.92 -3.51
N HIS A 411 -64.87 -9.22 -3.59
CA HIS A 411 -65.09 -9.85 -4.89
C HIS A 411 -66.50 -9.58 -5.39
N VAL A 412 -66.64 -9.26 -6.67
CA VAL A 412 -67.94 -8.92 -7.23
C VAL A 412 -68.36 -9.93 -8.30
N ASP A 413 -69.66 -10.21 -8.31
CA ASP A 413 -70.35 -11.06 -9.28
C ASP A 413 -70.24 -10.53 -10.69
N HIS A 414 -70.51 -11.41 -11.65
CA HIS A 414 -70.94 -10.91 -12.95
C HIS A 414 -72.28 -10.17 -12.86
N GLU A 415 -73.11 -10.47 -11.84
CA GLU A 415 -74.38 -9.78 -11.61
C GLU A 415 -74.24 -8.55 -10.73
N GLY A 416 -73.01 -8.15 -10.36
CA GLY A 416 -72.81 -6.98 -9.52
C GLY A 416 -72.94 -7.20 -8.02
N ARG A 417 -73.10 -8.44 -7.55
CA ARG A 417 -73.25 -8.70 -6.13
C ARG A 417 -71.94 -9.19 -5.52
N SER A 418 -71.42 -8.45 -4.54
CA SER A 418 -70.24 -8.89 -3.82
C SER A 418 -70.57 -10.03 -2.87
N VAL A 419 -69.56 -10.85 -2.57
CA VAL A 419 -69.77 -11.92 -1.61
C VAL A 419 -70.15 -11.35 -0.26
N ALA A 420 -69.59 -10.19 0.08
CA ALA A 420 -70.04 -9.44 1.25
C ALA A 420 -71.53 -9.18 1.17
N GLY A 421 -71.99 -8.60 0.05
CA GLY A 421 -73.41 -8.36 -0.13
C GLY A 421 -74.25 -9.61 0.00
N GLU A 422 -73.84 -10.71 -0.65
CA GLU A 422 -74.63 -11.93 -0.54
C GLU A 422 -74.67 -12.41 0.89
N LEU A 423 -73.53 -12.34 1.59
CA LEU A 423 -73.50 -12.77 2.98
C LEU A 423 -74.46 -11.96 3.85
N ILE A 424 -74.39 -10.64 3.77
CA ILE A 424 -75.33 -9.77 4.48
C ILE A 424 -76.77 -10.18 4.17
N ALA A 425 -77.08 -10.44 2.90
CA ALA A 425 -78.41 -10.88 2.52
C ALA A 425 -78.77 -12.20 3.20
N ARG A 426 -77.97 -13.24 3.01
CA ARG A 426 -78.29 -14.55 3.55
C ARG A 426 -78.35 -14.57 5.07
N SER A 427 -77.74 -13.58 5.72
CA SER A 427 -77.71 -13.55 7.18
C SER A 427 -78.97 -12.98 7.79
N GLY A 428 -79.69 -12.15 7.05
CA GLY A 428 -80.87 -11.50 7.57
C GLY A 428 -80.60 -10.30 8.44
N LEU A 429 -79.34 -10.04 8.79
CA LEU A 429 -79.03 -8.93 9.67
C LEU A 429 -79.10 -7.63 8.89
N ALA A 430 -79.46 -6.56 9.60
CA ALA A 430 -79.21 -5.22 9.09
C ALA A 430 -77.72 -5.04 8.77
N PRO A 431 -77.39 -4.35 7.68
CA PRO A 431 -75.98 -4.36 7.23
C PRO A 431 -75.03 -3.92 8.34
N THR A 432 -75.39 -2.87 9.07
CA THR A 432 -74.56 -2.39 10.17
C THR A 432 -74.28 -3.47 11.22
N ALA A 433 -75.29 -4.25 11.61
CA ALA A 433 -75.05 -5.35 12.54
C ALA A 433 -74.11 -6.38 11.93
N TRP A 434 -74.23 -6.62 10.63
CA TRP A 434 -73.33 -7.58 9.99
C TRP A 434 -71.91 -7.05 10.02
N LEU A 435 -71.72 -5.83 9.52
CA LEU A 435 -70.40 -5.23 9.51
C LEU A 435 -69.77 -5.30 10.89
N ARG A 436 -70.58 -5.11 11.93
CA ARG A 436 -70.05 -5.01 13.29
C ARG A 436 -69.51 -6.35 13.79
N HIS A 437 -70.11 -7.46 13.39
CA HIS A 437 -69.52 -8.76 13.73
C HIS A 437 -68.18 -8.93 13.02
N TYR A 438 -68.09 -8.50 11.77
CA TYR A 438 -66.86 -8.65 11.01
C TYR A 438 -65.74 -7.79 11.60
N LEU A 439 -66.03 -6.49 11.80
CA LEU A 439 -65.08 -5.60 12.46
C LEU A 439 -64.66 -6.12 13.83
N ARG A 440 -65.57 -6.76 14.56
CA ARG A 440 -65.20 -7.26 15.87
C ARG A 440 -64.29 -8.48 15.78
N ALA A 441 -64.37 -9.24 14.71
CA ALA A 441 -63.56 -10.44 14.63
C ALA A 441 -62.22 -10.19 13.97
N TYR A 442 -62.19 -9.27 12.99
CA TYR A 442 -61.00 -8.96 12.23
C TYR A 442 -60.31 -7.68 12.67
N TYR A 443 -61.06 -6.60 12.93
CA TYR A 443 -60.44 -5.30 13.17
C TYR A 443 -60.10 -5.02 14.64
N THR A 444 -60.91 -5.49 15.60
CA THR A 444 -60.56 -5.35 17.02
C THR A 444 -59.17 -5.91 17.36
N PRO A 445 -58.82 -7.16 17.01
CA PRO A 445 -57.47 -7.65 17.36
C PRO A 445 -56.35 -6.76 16.86
N LEU A 446 -56.50 -6.20 15.64
CA LEU A 446 -55.49 -5.26 15.16
C LEU A 446 -55.35 -4.08 16.12
N LEU A 447 -56.48 -3.55 16.59
CA LEU A 447 -56.39 -2.46 17.55
C LEU A 447 -55.65 -2.91 18.81
N HIS A 448 -56.07 -4.03 19.39
CA HIS A 448 -55.44 -4.48 20.62
C HIS A 448 -53.97 -4.81 20.42
N SER A 449 -53.62 -5.45 19.29
CA SER A 449 -52.21 -5.70 19.01
C SER A 449 -51.41 -4.42 19.01
N PHE A 450 -51.97 -3.35 18.42
CA PHE A 450 -51.22 -2.12 18.26
C PHE A 450 -51.01 -1.41 19.60
N TYR A 451 -52.08 -1.24 20.37
CA TYR A 451 -51.98 -0.40 21.55
C TYR A 451 -51.40 -1.15 22.73
N ALA A 452 -51.67 -2.45 22.84
CA ALA A 452 -51.26 -3.20 24.01
C ALA A 452 -49.93 -3.90 23.84
N TYR A 453 -49.50 -4.18 22.61
CA TYR A 453 -48.24 -4.89 22.40
C TYR A 453 -47.28 -4.25 21.42
N ASP A 454 -47.62 -3.12 20.81
CA ASP A 454 -46.84 -2.51 19.74
C ASP A 454 -46.73 -3.43 18.51
N LEU A 455 -47.53 -4.50 18.48
CA LEU A 455 -47.54 -5.45 17.39
C LEU A 455 -48.25 -4.88 16.17
N ALA A 456 -47.74 -5.13 14.97
CA ALA A 456 -48.50 -4.84 13.76
C ALA A 456 -48.34 -6.00 12.77
N PHE A 457 -49.32 -6.12 11.87
CA PHE A 457 -49.30 -7.18 10.89
C PHE A 457 -49.31 -6.58 9.49
N MET A 458 -49.45 -7.47 8.51
CA MET A 458 -49.76 -7.13 7.12
C MET A 458 -51.07 -7.84 6.82
N PRO A 459 -52.19 -7.32 7.31
CA PRO A 459 -53.44 -8.08 7.30
C PRO A 459 -54.38 -7.74 6.15
N HIS A 460 -53.99 -8.03 4.90
CA HIS A 460 -54.85 -7.82 3.74
C HIS A 460 -55.73 -9.05 3.46
N GLY A 461 -56.50 -8.98 2.36
CA GLY A 461 -57.45 -10.03 2.07
C GLY A 461 -56.85 -11.41 1.86
N GLU A 462 -55.64 -11.48 1.33
CA GLU A 462 -55.02 -12.77 1.11
C GLU A 462 -54.36 -13.36 2.38
N ASN A 463 -54.14 -12.59 3.44
CA ASN A 463 -53.49 -13.07 4.65
C ASN A 463 -54.48 -13.35 5.78
N THR A 464 -55.78 -13.29 5.48
CA THR A 464 -56.82 -13.40 6.50
C THR A 464 -57.85 -14.40 6.02
N ILE A 465 -58.33 -15.24 6.94
CA ILE A 465 -59.47 -16.12 6.68
C ILE A 465 -60.54 -15.85 7.73
N LEU A 466 -61.79 -15.82 7.27
CA LEU A 466 -62.94 -15.60 8.13
C LEU A 466 -63.74 -16.89 8.23
N VAL A 467 -64.08 -17.27 9.46
CA VAL A 467 -64.97 -18.38 9.73
C VAL A 467 -66.42 -17.87 9.74
N LEU A 468 -67.29 -18.54 8.99
CA LEU A 468 -68.66 -18.09 8.80
C LEU A 468 -69.64 -19.10 9.38
N LYS A 469 -70.67 -18.61 10.07
CA LYS A 469 -71.85 -19.39 10.40
C LYS A 469 -73.09 -18.59 10.02
N ASP A 470 -74.08 -19.24 9.41
CA ASP A 470 -75.29 -18.55 8.99
C ASP A 470 -75.04 -17.22 8.28
N GLY A 471 -73.95 -17.08 7.55
CA GLY A 471 -73.72 -15.85 6.85
C GLY A 471 -73.08 -14.76 7.65
N VAL A 472 -72.77 -14.99 8.92
CA VAL A 472 -72.17 -13.95 9.75
C VAL A 472 -70.77 -14.39 10.21
N VAL A 473 -69.85 -13.43 10.21
CA VAL A 473 -68.43 -13.65 10.49
C VAL A 473 -68.23 -13.94 11.97
N GLN A 474 -67.88 -15.19 12.31
CA GLN A 474 -67.69 -15.59 13.69
C GLN A 474 -66.36 -15.12 14.25
N ARG A 475 -65.31 -15.25 13.47
CA ARG A 475 -63.96 -14.97 13.97
C ARG A 475 -63.02 -14.99 12.78
N ALA A 476 -61.82 -14.49 13.02
CA ALA A 476 -60.84 -14.37 11.97
C ALA A 476 -59.61 -15.22 12.28
N VAL A 477 -59.04 -15.77 11.22
CA VAL A 477 -57.76 -16.49 11.26
C VAL A 477 -56.75 -15.67 10.50
N TYR A 478 -55.55 -15.52 11.04
CA TYR A 478 -54.44 -14.83 10.38
C TYR A 478 -53.41 -15.86 9.94
N LYS A 479 -52.90 -15.70 8.73
CA LYS A 479 -51.88 -16.63 8.27
C LYS A 479 -50.66 -15.83 7.82
N ASP A 480 -49.54 -16.54 7.78
CA ASP A 480 -48.29 -15.99 7.30
C ASP A 480 -47.87 -14.78 8.14
N ILE A 481 -47.71 -15.05 9.42
CA ILE A 481 -47.37 -13.99 10.35
C ILE A 481 -45.86 -13.83 10.47
N ALA A 482 -45.08 -14.92 10.46
CA ALA A 482 -43.65 -14.79 10.69
C ALA A 482 -43.01 -13.84 9.69
N GLU A 483 -43.46 -13.86 8.44
CA GLU A 483 -42.82 -13.07 7.39
C GLU A 483 -43.08 -11.59 7.58
N GLU A 484 -44.28 -11.24 8.00
CA GLU A 484 -44.71 -9.86 7.96
C GLU A 484 -44.75 -9.14 9.31
N ILE A 485 -44.65 -9.87 10.43
CA ILE A 485 -45.00 -9.32 11.74
C ILE A 485 -43.91 -8.37 12.24
N VAL A 486 -44.33 -7.29 12.92
CA VAL A 486 -43.41 -6.24 13.37
C VAL A 486 -43.81 -5.77 14.77
N VAL A 487 -42.89 -5.86 15.73
CA VAL A 487 -43.06 -5.29 17.06
C VAL A 487 -42.38 -3.92 17.07
N MET A 488 -43.18 -2.85 17.13
CA MET A 488 -42.66 -1.49 17.05
C MET A 488 -42.14 -0.98 18.39
N ASP A 489 -41.15 -1.69 18.94
CA ASP A 489 -40.52 -1.32 20.21
C ASP A 489 -39.13 -1.93 20.24
N PRO A 490 -38.12 -1.17 19.84
CA PRO A 490 -36.76 -1.73 19.70
C PRO A 490 -36.22 -2.37 20.95
N ASP A 491 -36.67 -1.94 22.13
CA ASP A 491 -36.17 -2.48 23.40
C ASP A 491 -37.05 -3.62 23.92
N ALA A 492 -38.08 -4.03 23.19
CA ALA A 492 -39.09 -4.96 23.70
C ALA A 492 -38.46 -6.24 24.25
N VAL A 493 -39.13 -6.83 25.23
CA VAL A 493 -38.53 -7.95 25.93
C VAL A 493 -39.18 -9.27 25.47
N LEU A 494 -38.62 -9.86 24.42
CA LEU A 494 -39.17 -11.04 23.79
C LEU A 494 -38.22 -12.22 23.93
N PRO A 495 -38.69 -13.45 23.71
CA PRO A 495 -37.77 -14.60 23.76
C PRO A 495 -36.72 -14.49 22.67
N PRO A 496 -35.57 -15.17 22.84
CA PRO A 496 -34.41 -14.87 21.99
C PRO A 496 -34.64 -15.06 20.49
N GLU A 497 -35.24 -16.18 20.07
CA GLU A 497 -35.40 -16.53 18.66
C GLU A 497 -36.38 -15.58 17.98
N VAL A 498 -37.00 -14.71 18.75
CA VAL A 498 -38.05 -13.82 18.30
C VAL A 498 -37.60 -12.38 18.22
N ARG A 499 -36.44 -12.05 18.79
CA ARG A 499 -36.06 -10.65 18.83
C ARG A 499 -35.78 -10.04 17.46
N ARG A 500 -35.67 -10.85 16.40
CA ARG A 500 -35.42 -10.35 15.05
C ARG A 500 -36.62 -9.61 14.45
N VAL A 501 -37.77 -9.57 15.13
CA VAL A 501 -38.94 -8.89 14.57
C VAL A 501 -39.13 -7.50 15.15
N ARG A 502 -38.31 -7.09 16.11
CA ARG A 502 -38.40 -5.71 16.56
C ARG A 502 -37.87 -4.76 15.49
N ALA A 503 -38.35 -3.52 15.53
CA ALA A 503 -37.94 -2.51 14.55
C ALA A 503 -38.16 -1.11 15.11
N GLU A 504 -37.35 -0.17 14.63
CA GLU A 504 -37.40 1.22 15.07
C GLU A 504 -38.26 1.95 14.06
N VAL A 505 -39.53 2.15 14.38
CA VAL A 505 -40.47 2.81 13.46
C VAL A 505 -40.69 4.23 13.94
N PRO A 506 -40.51 5.25 13.07
CA PRO A 506 -40.73 6.65 13.49
C PRO A 506 -42.07 6.82 14.16
N GLU A 507 -42.22 7.84 14.99
CA GLU A 507 -43.46 7.97 15.74
C GLU A 507 -44.63 8.27 14.81
N ASP A 508 -44.48 9.28 13.96
CA ASP A 508 -45.54 9.71 13.06
C ASP A 508 -45.87 8.67 12.01
N MET A 509 -45.25 7.50 12.04
CA MET A 509 -45.51 6.46 11.05
C MET A 509 -46.05 5.16 11.62
N LYS A 510 -45.95 4.95 12.95
CA LYS A 510 -46.37 3.70 13.58
C LYS A 510 -47.82 3.36 13.23
N LEU A 511 -48.68 4.36 13.21
CA LEU A 511 -50.11 4.11 13.06
C LEU A 511 -50.51 3.89 11.61
N LEU A 512 -49.59 3.90 10.67
CA LEU A 512 -49.98 3.61 9.30
C LEU A 512 -50.23 2.13 9.08
N SER A 513 -49.83 1.28 10.02
CA SER A 513 -50.23 -0.12 9.94
C SER A 513 -51.76 -0.24 9.93
N ILE A 514 -52.45 0.66 10.64
CA ILE A 514 -53.90 0.68 10.55
C ILE A 514 -54.35 1.57 9.40
N PHE A 515 -53.81 2.79 9.33
CA PHE A 515 -54.33 3.78 8.39
C PHE A 515 -54.10 3.36 6.96
N THR A 516 -52.92 2.82 6.66
CA THR A 516 -52.65 2.39 5.30
C THR A 516 -53.14 0.99 5.03
N ASP A 517 -52.74 0.00 5.84
CA ASP A 517 -52.96 -1.39 5.46
C ASP A 517 -54.39 -1.83 5.65
N VAL A 518 -55.10 -1.25 6.61
CA VAL A 518 -56.48 -1.65 6.82
C VAL A 518 -57.42 -0.68 6.13
N PHE A 519 -57.32 0.60 6.44
CA PHE A 519 -58.28 1.59 5.93
C PHE A 519 -58.08 1.84 4.45
N ASP A 520 -56.91 2.36 4.08
CA ASP A 520 -56.71 2.85 2.72
C ASP A 520 -56.56 1.73 1.70
N CYS A 521 -56.27 0.50 2.15
CA CYS A 521 -56.03 -0.61 1.23
C CYS A 521 -57.06 -1.71 1.30
N PHE A 522 -57.98 -1.69 2.27
CA PHE A 522 -59.05 -2.68 2.24
C PHE A 522 -60.41 -2.05 2.46
N PHE A 523 -60.60 -1.42 3.61
CA PHE A 523 -61.89 -0.80 3.89
C PHE A 523 -62.31 0.16 2.78
N ARG A 524 -61.38 0.98 2.27
CA ARG A 524 -61.74 1.92 1.21
C ARG A 524 -62.46 1.22 0.06
N PHE A 525 -62.06 -0.01 -0.28
CA PHE A 525 -62.76 -0.76 -1.34
C PHE A 525 -64.04 -1.41 -0.81
N LEU A 526 -63.97 -2.04 0.37
CA LEU A 526 -65.16 -2.66 0.96
C LEU A 526 -66.26 -1.63 1.14
N ALA A 527 -65.92 -0.45 1.65
CA ALA A 527 -66.92 0.60 1.81
C ALA A 527 -67.41 1.10 0.45
N ALA A 528 -66.52 1.27 -0.50
CA ALA A 528 -66.94 1.83 -1.77
C ALA A 528 -67.78 0.84 -2.55
N GLY A 529 -67.43 -0.44 -2.47
CA GLY A 529 -68.21 -1.46 -3.16
C GLY A 529 -69.59 -1.69 -2.58
N LEU A 530 -69.72 -1.55 -1.25
CA LEU A 530 -71.01 -1.78 -0.60
C LEU A 530 -71.95 -0.62 -0.82
N ALA A 531 -71.41 0.57 -1.10
CA ALA A 531 -72.28 1.70 -1.41
C ALA A 531 -72.81 1.60 -2.84
N THR A 532 -71.91 1.51 -3.82
CA THR A 532 -72.40 1.32 -5.19
C THR A 532 -73.28 0.09 -5.33
N GLU A 533 -73.14 -0.91 -4.46
CA GLU A 533 -74.08 -2.04 -4.47
C GLU A 533 -75.43 -1.71 -3.85
N GLU A 534 -75.62 -0.48 -3.40
CA GLU A 534 -76.86 -0.06 -2.73
C GLU A 534 -77.23 -1.02 -1.60
N VAL A 535 -76.25 -1.32 -0.73
CA VAL A 535 -76.43 -2.16 0.45
C VAL A 535 -76.16 -1.39 1.73
N LEU A 536 -75.03 -0.68 1.79
CA LEU A 536 -74.66 0.09 2.98
C LEU A 536 -74.06 1.41 2.53
N ALA A 537 -74.57 2.53 3.04
CA ALA A 537 -74.01 3.81 2.65
C ALA A 537 -72.65 4.02 3.30
N GLU A 538 -71.78 4.79 2.62
CA GLU A 538 -70.42 5.02 3.12
C GLU A 538 -70.42 5.52 4.55
N ASP A 539 -71.22 6.56 4.84
CA ASP A 539 -71.15 7.18 6.15
C ASP A 539 -71.53 6.20 7.25
N ASP A 540 -72.46 5.28 6.99
CA ASP A 540 -72.76 4.25 7.97
C ASP A 540 -71.57 3.32 8.18
N PHE A 541 -70.99 2.82 7.08
CA PHE A 541 -69.83 1.95 7.18
C PHE A 541 -68.78 2.57 8.09
N TRP A 542 -68.34 3.79 7.77
CA TRP A 542 -67.28 4.38 8.57
C TRP A 542 -67.75 4.68 9.97
N ARG A 543 -69.03 5.03 10.15
CA ARG A 543 -69.54 5.22 11.49
C ARG A 543 -69.45 3.94 12.30
N THR A 544 -69.72 2.80 11.66
CA THR A 544 -69.52 1.52 12.33
C THR A 544 -68.05 1.34 12.71
N VAL A 545 -67.13 1.71 11.81
CA VAL A 545 -65.72 1.52 12.12
C VAL A 545 -65.27 2.42 13.26
N ALA A 546 -65.81 3.64 13.36
CA ALA A 546 -65.55 4.43 14.55
C ALA A 546 -66.19 3.80 15.78
N GLU A 547 -67.43 3.29 15.67
CA GLU A 547 -68.11 2.74 16.84
C GLU A 547 -67.33 1.58 17.44
N VAL A 548 -66.88 0.65 16.59
CA VAL A 548 -66.06 -0.45 17.08
C VAL A 548 -64.77 0.07 17.69
N THR A 549 -64.16 1.10 17.10
CA THR A 549 -62.95 1.65 17.68
C THR A 549 -63.24 2.23 19.07
N ARG A 550 -64.31 3.03 19.20
CA ARG A 550 -64.65 3.56 20.52
C ARG A 550 -65.01 2.43 21.45
N GLU A 551 -65.65 1.38 20.93
CA GLU A 551 -66.01 0.23 21.77
C GLU A 551 -64.78 -0.37 22.41
N TYR A 552 -63.70 -0.53 21.64
CA TYR A 552 -62.47 -1.11 22.16
C TYR A 552 -61.81 -0.16 23.17
N GLN A 553 -61.58 1.09 22.77
CA GLN A 553 -60.86 2.02 23.64
C GLN A 553 -61.62 2.26 24.95
N GLU A 554 -62.96 2.30 24.88
CA GLU A 554 -63.82 2.33 26.05
C GLU A 554 -63.38 1.38 27.14
N ALA A 555 -63.07 0.17 26.73
CA ALA A 555 -62.81 -0.92 27.63
C ALA A 555 -61.43 -0.87 28.27
N HIS A 556 -60.58 0.07 27.87
CA HIS A 556 -59.17 0.05 28.25
C HIS A 556 -58.65 1.45 28.52
N PRO A 557 -59.16 2.11 29.55
CA PRO A 557 -58.60 3.41 29.95
C PRO A 557 -57.15 3.33 30.39
N GLU A 558 -56.67 2.14 30.76
CA GLU A 558 -55.26 1.97 31.09
C GLU A 558 -54.36 2.33 29.91
N LEU A 559 -54.91 2.47 28.71
CA LEU A 559 -54.14 2.83 27.53
C LEU A 559 -54.54 4.18 26.95
N ASP A 560 -55.26 5.01 27.71
CA ASP A 560 -55.75 6.28 27.17
C ASP A 560 -54.61 7.18 26.70
N ASP A 561 -53.43 7.05 27.32
CA ASP A 561 -52.26 7.83 26.89
C ASP A 561 -51.81 7.42 25.49
N ARG A 562 -51.76 6.11 25.22
CA ARG A 562 -51.43 5.65 23.87
C ARG A 562 -52.57 5.94 22.89
N PHE A 563 -53.83 5.88 23.33
CA PHE A 563 -54.94 6.24 22.45
C PHE A 563 -54.83 7.69 22.01
N ARG A 564 -54.30 8.56 22.88
CA ARG A 564 -54.04 9.95 22.52
C ARG A 564 -52.76 10.10 21.70
N GLN A 565 -51.68 9.38 22.07
CA GLN A 565 -50.42 9.51 21.35
C GLN A 565 -50.51 8.98 19.91
N TYR A 566 -51.40 8.04 19.63
CA TYR A 566 -51.64 7.57 18.26
C TYR A 566 -53.13 7.73 17.93
N ASP A 567 -53.50 8.91 17.48
CA ASP A 567 -54.90 9.31 17.40
C ASP A 567 -55.56 8.66 16.18
N LEU A 568 -56.42 7.66 16.42
CA LEU A 568 -57.17 7.07 15.32
C LEU A 568 -58.24 8.01 14.79
N PHE A 569 -58.46 9.12 15.46
CA PHE A 569 -59.45 10.10 15.04
C PHE A 569 -58.81 11.42 14.61
N ALA A 570 -57.53 11.40 14.26
CA ALA A 570 -56.90 12.61 13.75
C ALA A 570 -57.57 13.00 12.43
N PRO A 571 -57.55 14.29 12.08
CA PRO A 571 -58.28 14.72 10.88
C PRO A 571 -57.67 14.22 9.59
N GLU A 572 -56.35 14.08 9.53
CA GLU A 572 -55.69 13.57 8.34
C GLU A 572 -54.66 12.51 8.72
N PHE A 573 -54.32 11.65 7.77
CA PHE A 573 -53.10 10.87 7.87
C PHE A 573 -52.43 10.86 6.50
N ALA A 574 -51.20 10.34 6.45
CA ALA A 574 -50.41 10.37 5.22
C ALA A 574 -50.99 9.45 4.16
N LEU A 575 -50.89 9.88 2.90
CA LEU A 575 -51.25 9.04 1.76
C LEU A 575 -50.04 8.22 1.38
N SER A 576 -50.13 6.89 1.55
CA SER A 576 -49.04 5.97 1.23
C SER A 576 -49.38 5.25 -0.06
N CYS A 577 -48.59 5.47 -1.10
CA CYS A 577 -48.95 5.06 -2.47
C CYS A 577 -48.27 3.74 -2.81
N LEU A 578 -49.08 2.69 -2.99
CA LEU A 578 -48.53 1.36 -3.23
C LEU A 578 -48.00 1.22 -4.66
N ASN A 579 -48.74 1.69 -5.67
CA ASN A 579 -48.21 1.60 -7.03
C ASN A 579 -46.93 2.42 -7.20
N ARG A 580 -46.77 3.51 -6.46
CA ARG A 580 -45.52 4.25 -6.57
C ARG A 580 -44.36 3.43 -6.03
N LEU A 581 -44.59 2.60 -5.01
CA LEU A 581 -43.53 1.72 -4.52
C LEU A 581 -43.09 0.76 -5.62
N GLN A 582 -44.03 0.29 -6.43
CA GLN A 582 -43.74 -0.73 -7.43
C GLN A 582 -43.05 -0.16 -8.65
N LEU A 583 -43.32 1.09 -9.00
CA LEU A 583 -42.69 1.70 -10.17
C LEU A 583 -41.29 2.26 -9.87
N ARG A 584 -40.95 2.53 -8.60
CA ARG A 584 -39.58 2.96 -8.30
C ARG A 584 -38.61 1.80 -8.47
N ASP A 585 -38.94 0.63 -7.87
CA ASP A 585 -38.28 -0.68 -7.98
C ASP A 585 -37.05 -0.80 -7.08
N ASN A 586 -35.95 -1.34 -7.60
CA ASN A 586 -34.74 -1.60 -6.82
C ASN A 586 -33.47 -1.24 -7.60
N ALA A 597 -38.80 1.22 5.82
CA ALA A 597 -39.63 2.42 5.64
C ALA A 597 -39.15 3.30 4.44
N ALA A 598 -39.18 2.73 3.23
CA ALA A 598 -38.89 3.43 1.97
C ALA A 598 -40.17 3.86 1.25
N LEU A 599 -41.22 4.19 2.00
CA LEU A 599 -42.55 4.46 1.45
C LEU A 599 -42.58 5.76 0.66
N GLN A 600 -43.51 5.80 -0.31
CA GLN A 600 -43.74 7.01 -1.11
C GLN A 600 -45.01 7.68 -0.56
N LEU A 601 -44.83 8.58 0.41
CA LEU A 601 -45.91 9.42 0.91
C LEU A 601 -46.06 10.64 0.03
N VAL A 602 -47.31 11.00 -0.28
CA VAL A 602 -47.60 12.18 -1.09
C VAL A 602 -48.77 12.95 -0.47
N GLY A 603 -48.48 13.84 0.47
CA GLY A 603 -49.60 14.58 1.05
C GLY A 603 -50.47 13.69 1.90
N THR A 604 -51.71 14.16 2.14
CA THR A 604 -52.54 13.58 3.18
C THR A 604 -53.94 13.27 2.66
N LEU A 605 -54.63 12.39 3.40
CA LEU A 605 -56.02 12.00 3.17
C LEU A 605 -56.90 12.53 4.29
N ARG A 606 -58.13 12.94 3.96
CA ARG A 606 -59.09 13.31 4.99
C ARG A 606 -59.54 12.02 5.69
N ASN A 607 -59.27 11.93 6.99
CA ASN A 607 -59.61 10.73 7.74
C ASN A 607 -61.13 10.59 7.81
N PRO A 608 -61.70 9.50 7.31
CA PRO A 608 -63.15 9.32 7.41
C PRO A 608 -63.65 9.24 8.83
N LEU A 609 -62.79 9.04 9.82
CA LEU A 609 -63.23 8.88 11.19
C LEU A 609 -63.23 10.19 11.97
N ALA A 610 -63.05 11.33 11.30
CA ALA A 610 -62.72 12.57 12.01
C ALA A 610 -63.77 12.95 13.06
N GLY A 611 -65.05 12.87 12.70
CA GLY A 611 -66.12 12.86 13.71
C GLY A 611 -66.69 11.45 13.86
N MET B 21 -41.36 -39.00 -19.58
CA MET B 21 -40.32 -38.31 -18.79
C MET B 21 -40.38 -38.49 -17.24
N SER B 22 -39.73 -39.54 -16.75
CA SER B 22 -39.68 -39.79 -15.32
C SER B 22 -38.90 -38.70 -14.59
N LEU B 23 -39.32 -38.40 -13.36
CA LEU B 23 -38.57 -37.47 -12.53
C LEU B 23 -37.13 -37.94 -12.35
N THR B 24 -36.95 -39.23 -12.07
CA THR B 24 -35.62 -39.71 -11.75
C THR B 24 -34.82 -39.94 -13.02
N ASP B 25 -35.47 -40.37 -14.09
CA ASP B 25 -34.76 -40.57 -15.35
C ASP B 25 -34.07 -39.29 -15.79
N ALA B 26 -34.79 -38.17 -15.69
CA ALA B 26 -34.32 -36.91 -16.25
C ALA B 26 -33.06 -36.39 -15.56
N VAL B 27 -32.79 -36.77 -14.32
CA VAL B 27 -31.56 -36.31 -13.68
C VAL B 27 -30.53 -37.43 -13.54
N ALA B 28 -30.76 -38.56 -14.22
CA ALA B 28 -29.89 -39.73 -14.04
C ALA B 28 -28.46 -39.45 -14.50
N HIS B 29 -28.27 -38.55 -15.46
CA HIS B 29 -26.90 -38.25 -15.84
C HIS B 29 -26.13 -37.56 -14.72
N LEU B 30 -26.82 -37.11 -13.67
CA LEU B 30 -26.16 -36.37 -12.61
C LEU B 30 -25.79 -37.34 -11.49
N SER B 31 -24.67 -38.03 -11.69
CA SER B 31 -24.14 -39.00 -10.75
C SER B 31 -22.85 -38.49 -10.11
N PRO B 32 -22.51 -39.02 -8.92
CA PRO B 32 -21.32 -38.51 -8.22
C PRO B 32 -20.05 -38.71 -9.00
N GLU B 33 -19.95 -39.88 -9.64
CA GLU B 33 -18.81 -40.23 -10.50
C GLU B 33 -18.73 -39.32 -11.71
N ARG B 34 -19.79 -39.30 -12.54
CA ARG B 34 -19.74 -38.42 -13.71
C ARG B 34 -19.48 -36.97 -13.32
N TRP B 35 -20.14 -36.46 -12.28
CA TRP B 35 -19.86 -35.11 -11.79
C TRP B 35 -18.37 -34.93 -11.49
N GLU B 36 -17.74 -35.91 -10.85
CA GLU B 36 -16.31 -35.80 -10.56
C GLU B 36 -15.50 -35.67 -11.84
N GLU B 37 -15.68 -36.61 -12.78
CA GLU B 37 -14.95 -36.52 -14.04
C GLU B 37 -15.22 -35.18 -14.71
N ALA B 38 -16.48 -34.72 -14.65
CA ALA B 38 -16.84 -33.48 -15.29
C ALA B 38 -16.08 -32.31 -14.69
N ASN B 39 -15.80 -32.36 -13.41
CA ASN B 39 -15.14 -31.24 -12.79
C ASN B 39 -13.66 -31.25 -13.08
N ARG B 40 -13.05 -32.43 -13.11
CA ARG B 40 -11.62 -32.52 -13.39
C ARG B 40 -11.31 -31.99 -14.79
N LEU B 41 -12.19 -32.29 -15.76
CA LEU B 41 -11.99 -31.82 -17.12
C LEU B 41 -12.08 -30.31 -17.24
N LEU B 42 -13.02 -29.69 -16.48
CA LEU B 42 -13.23 -28.25 -16.55
C LEU B 42 -12.11 -27.48 -15.83
N VAL B 43 -11.72 -27.91 -14.63
CA VAL B 43 -10.57 -27.30 -13.98
C VAL B 43 -9.33 -27.42 -14.87
N ARG B 44 -9.19 -28.57 -15.54
CA ARG B 44 -8.08 -28.71 -16.49
C ARG B 44 -8.12 -27.62 -17.55
N LYS B 45 -9.26 -27.48 -18.24
CA LYS B 45 -9.42 -26.41 -19.21
C LYS B 45 -9.20 -25.04 -18.57
N ALA B 46 -9.79 -24.79 -17.41
CA ALA B 46 -9.62 -23.48 -16.80
C ALA B 46 -8.16 -23.20 -16.48
N LEU B 47 -7.43 -24.20 -15.97
CA LEU B 47 -6.01 -23.97 -15.71
C LEU B 47 -5.26 -23.70 -17.01
N ALA B 48 -5.57 -24.47 -18.06
CA ALA B 48 -4.87 -24.29 -19.33
C ALA B 48 -5.20 -22.95 -19.98
N GLU B 49 -6.47 -22.56 -19.98
CA GLU B 49 -6.88 -21.37 -20.71
C GLU B 49 -6.63 -20.08 -19.94
N PHE B 50 -6.84 -20.09 -18.61
CA PHE B 50 -6.49 -18.90 -17.86
C PHE B 50 -4.99 -18.70 -17.76
N ALA B 51 -4.19 -19.76 -17.84
CA ALA B 51 -2.76 -19.54 -17.98
C ALA B 51 -2.45 -18.87 -19.31
N HIS B 52 -3.07 -19.32 -20.39
CA HIS B 52 -2.85 -18.70 -21.69
C HIS B 52 -3.13 -17.20 -21.66
N GLU B 53 -4.29 -16.80 -21.13
CA GLU B 53 -4.68 -15.39 -21.05
C GLU B 53 -4.04 -14.67 -19.88
N ARG B 54 -3.09 -15.33 -19.22
CA ARG B 54 -2.27 -14.71 -18.17
C ARG B 54 -3.13 -14.15 -17.04
N LEU B 55 -4.28 -14.77 -16.80
CA LEU B 55 -5.03 -14.46 -15.58
C LEU B 55 -4.30 -14.94 -14.34
N PHE B 56 -3.52 -16.01 -14.47
CA PHE B 56 -2.49 -16.30 -13.49
C PHE B 56 -1.28 -16.87 -14.21
N THR B 57 -0.14 -16.79 -13.55
CA THR B 57 1.11 -17.27 -14.14
C THR B 57 1.59 -18.43 -13.31
N PRO B 58 1.43 -19.66 -13.78
CA PRO B 58 1.71 -20.81 -12.92
C PRO B 58 3.18 -20.83 -12.51
N GLU B 59 3.42 -20.94 -11.14
CA GLU B 59 4.81 -21.01 -10.76
C GLU B 59 5.28 -22.46 -10.82
N PRO B 60 6.55 -22.67 -11.13
CA PRO B 60 7.10 -24.05 -11.10
C PRO B 60 7.23 -24.49 -9.66
N ALA B 61 6.47 -25.51 -9.28
CA ALA B 61 6.51 -26.06 -7.94
C ALA B 61 7.51 -27.20 -7.86
N ASP B 62 7.93 -27.51 -6.63
CA ASP B 62 8.83 -28.63 -6.36
C ASP B 62 10.06 -28.62 -7.27
N GLY B 63 10.29 -27.51 -8.00
CA GLY B 63 11.31 -27.41 -9.03
C GLY B 63 11.50 -28.68 -9.85
N GLN B 64 10.41 -29.26 -10.34
CA GLN B 64 10.41 -30.63 -10.84
C GLN B 64 9.82 -30.69 -12.25
N ASP B 65 10.70 -30.92 -13.24
CA ASP B 65 10.29 -31.13 -14.63
C ASP B 65 9.34 -30.03 -15.07
N GLY B 66 8.13 -30.42 -15.43
CA GLY B 66 7.08 -29.48 -15.77
C GLY B 66 5.89 -29.61 -14.85
N ARG B 67 6.12 -29.67 -13.54
CA ARG B 67 5.06 -29.57 -12.54
C ARG B 67 4.95 -28.10 -12.12
N TYR B 68 3.73 -27.56 -12.13
CA TYR B 68 3.45 -26.16 -11.81
C TYR B 68 2.45 -26.10 -10.66
N VAL B 69 2.31 -24.92 -10.05
CA VAL B 69 1.27 -24.73 -9.06
C VAL B 69 0.58 -23.39 -9.28
N VAL B 70 -0.73 -23.35 -9.01
CA VAL B 70 -1.52 -22.13 -8.97
C VAL B 70 -2.27 -22.11 -7.65
N ARG B 71 -2.13 -21.03 -6.90
CA ARG B 71 -2.67 -20.94 -5.55
C ARG B 71 -3.92 -20.06 -5.53
N SER B 72 -4.72 -20.24 -4.48
CA SER B 72 -5.94 -19.48 -4.33
C SER B 72 -5.61 -18.03 -3.95
N ASP B 73 -6.65 -17.17 -3.88
CA ASP B 73 -6.44 -15.75 -3.58
C ASP B 73 -5.67 -15.55 -2.28
N ASP B 74 -6.14 -16.14 -1.18
CA ASP B 74 -5.23 -16.34 -0.06
C ASP B 74 -4.30 -17.49 -0.38
N GLY B 75 -3.07 -17.43 0.10
CA GLY B 75 -2.16 -18.45 -0.38
C GLY B 75 -2.33 -19.86 0.18
N LEU B 76 -3.49 -20.15 0.80
CA LEU B 76 -3.59 -21.32 1.68
C LEU B 76 -3.89 -22.64 0.97
N THR B 77 -4.36 -22.60 -0.27
CA THR B 77 -4.78 -23.76 -1.05
C THR B 77 -3.97 -23.77 -2.34
N SER B 78 -3.56 -24.96 -2.76
CA SER B 78 -2.72 -25.08 -3.94
C SER B 78 -3.39 -25.99 -4.94
N TYR B 79 -3.44 -25.54 -6.20
CA TYR B 79 -3.75 -26.40 -7.34
C TYR B 79 -2.44 -26.77 -8.01
N ARG B 80 -2.08 -28.04 -7.95
CA ARG B 80 -0.84 -28.54 -8.52
C ARG B 80 -1.15 -29.40 -9.74
N PHE B 81 -0.33 -29.27 -10.79
CA PHE B 81 -0.57 -29.99 -12.03
C PHE B 81 0.73 -30.05 -12.82
N THR B 82 0.76 -30.93 -13.83
CA THR B 82 1.87 -30.97 -14.76
C THR B 82 1.35 -30.65 -16.16
N ALA B 83 2.18 -29.96 -16.95
CA ALA B 83 1.73 -29.50 -18.26
C ALA B 83 2.86 -29.47 -19.28
N VAL B 84 2.56 -29.91 -20.49
CA VAL B 84 3.44 -29.70 -21.62
C VAL B 84 3.14 -28.33 -22.20
N ARG B 85 4.17 -27.52 -22.43
CA ARG B 85 3.97 -26.18 -22.97
C ARG B 85 4.31 -26.13 -24.45
N ARG B 86 3.43 -25.55 -25.23
CA ARG B 86 3.56 -25.57 -26.69
C ARG B 86 3.37 -24.17 -27.26
N ALA B 87 3.47 -24.11 -28.59
CA ALA B 87 3.52 -22.87 -29.34
C ALA B 87 2.33 -21.99 -29.01
N LEU B 88 2.45 -20.69 -29.31
CA LEU B 88 1.39 -19.71 -29.04
C LEU B 88 1.01 -19.68 -27.57
N ASP B 89 1.99 -19.89 -26.69
CA ASP B 89 1.79 -19.88 -25.24
C ASP B 89 0.61 -20.78 -24.83
N HIS B 90 0.71 -22.05 -25.24
CA HIS B 90 -0.33 -23.05 -25.01
C HIS B 90 0.08 -23.99 -23.87
N TRP B 91 -0.85 -24.25 -22.95
CA TRP B 91 -0.60 -25.16 -21.84
C TRP B 91 -1.46 -26.41 -22.02
N GLN B 92 -0.83 -27.55 -22.34
CA GLN B 92 -1.54 -28.82 -22.23
C GLN B 92 -1.42 -29.30 -20.80
N VAL B 93 -2.40 -28.91 -19.99
CA VAL B 93 -2.48 -29.35 -18.60
C VAL B 93 -2.97 -30.79 -18.57
N ASP B 94 -2.39 -31.60 -17.70
CA ASP B 94 -2.78 -33.00 -17.61
C ASP B 94 -3.92 -33.17 -16.62
N ALA B 95 -5.10 -33.53 -17.13
CA ALA B 95 -6.25 -33.65 -16.25
C ALA B 95 -6.01 -34.65 -15.13
N GLY B 96 -5.37 -35.77 -15.44
CA GLY B 96 -5.18 -36.79 -14.41
C GLY B 96 -4.32 -36.31 -13.26
N SER B 97 -3.40 -35.36 -13.52
CA SER B 97 -2.45 -34.91 -12.50
C SER B 97 -3.00 -33.83 -11.56
N ILE B 98 -4.17 -33.26 -11.82
CA ILE B 98 -4.52 -32.06 -11.05
C ILE B 98 -4.80 -32.44 -9.61
N THR B 99 -4.51 -31.52 -8.70
CA THR B 99 -4.57 -31.81 -7.28
C THR B 99 -4.89 -30.53 -6.52
N ARG B 100 -5.72 -30.64 -5.49
CA ARG B 100 -6.08 -29.47 -4.70
C ARG B 100 -5.74 -29.79 -3.26
N THR B 101 -4.83 -29.03 -2.65
CA THR B 101 -4.33 -29.39 -1.33
C THR B 101 -4.29 -28.18 -0.40
N ARG B 102 -4.54 -28.44 0.88
CA ARG B 102 -4.42 -27.49 2.00
C ARG B 102 -4.02 -28.28 3.24
N ASP B 103 -3.20 -27.68 4.11
CA ASP B 103 -2.59 -28.28 5.28
C ASP B 103 -2.25 -29.75 5.10
N GLY B 104 -1.68 -30.13 3.96
CA GLY B 104 -1.16 -31.46 3.79
C GLY B 104 -2.12 -32.48 3.20
N ALA B 105 -3.43 -32.24 3.30
CA ALA B 105 -4.44 -33.19 2.83
C ALA B 105 -5.04 -32.78 1.50
N GLU B 106 -5.33 -33.77 0.67
CA GLU B 106 -6.02 -33.52 -0.59
C GLU B 106 -7.47 -33.08 -0.33
N LEU B 107 -8.00 -32.25 -1.22
CA LEU B 107 -9.38 -31.78 -1.20
C LEU B 107 -10.07 -32.19 -2.48
N PRO B 108 -11.41 -32.30 -2.48
CA PRO B 108 -12.09 -32.62 -3.74
C PRO B 108 -11.84 -31.54 -4.79
N LEU B 109 -11.61 -32.00 -6.01
CA LEU B 109 -11.43 -31.13 -7.18
C LEU B 109 -12.80 -30.65 -7.63
N ALA B 110 -13.21 -29.47 -7.16
CA ALA B 110 -14.52 -28.90 -7.42
C ALA B 110 -14.39 -27.62 -8.23
N ALA B 111 -14.98 -27.61 -9.42
CA ALA B 111 -14.90 -26.44 -10.28
C ALA B 111 -15.46 -25.20 -9.59
N LEU B 112 -16.58 -25.34 -8.88
CA LEU B 112 -17.20 -24.17 -8.24
C LEU B 112 -16.30 -23.62 -7.14
N ASP B 113 -15.81 -24.50 -6.25
CA ASP B 113 -14.90 -24.01 -5.22
C ASP B 113 -13.64 -23.42 -5.84
N PHE B 114 -13.28 -23.86 -7.05
CA PHE B 114 -12.12 -23.31 -7.73
C PHE B 114 -12.36 -21.85 -8.10
N PHE B 115 -13.47 -21.56 -8.79
CA PHE B 115 -13.77 -20.19 -9.18
C PHE B 115 -14.00 -19.29 -7.98
N ILE B 116 -14.50 -19.85 -6.87
CA ILE B 116 -14.65 -19.04 -5.66
C ILE B 116 -13.29 -18.81 -4.98
N GLU B 117 -12.45 -19.85 -4.92
CA GLU B 117 -11.14 -19.65 -4.30
C GLU B 117 -10.28 -18.66 -5.08
N LEU B 118 -10.58 -18.43 -6.36
CA LEU B 118 -9.78 -17.58 -7.23
C LEU B 118 -10.53 -16.32 -7.65
N ARG B 119 -11.70 -16.09 -7.06
CA ARG B 119 -12.51 -14.89 -7.26
C ARG B 119 -11.72 -13.60 -7.55
N HIS B 120 -10.83 -13.23 -6.63
CA HIS B 120 -10.01 -12.02 -6.77
CA HIS B 120 -10.06 -12.01 -6.82
C HIS B 120 -9.06 -12.16 -7.96
N THR B 121 -8.41 -13.32 -8.10
CA THR B 121 -7.41 -13.53 -9.16
C THR B 121 -8.01 -13.49 -10.57
N LEU B 122 -9.16 -14.10 -10.80
CA LEU B 122 -9.70 -14.06 -12.14
C LEU B 122 -10.56 -12.84 -12.43
N GLY B 123 -10.75 -11.93 -11.47
CA GLY B 123 -11.58 -10.77 -11.76
C GLY B 123 -13.07 -11.02 -11.72
N LEU B 124 -13.50 -12.01 -10.96
CA LEU B 124 -14.92 -12.32 -10.88
C LEU B 124 -15.52 -11.39 -9.84
N SER B 125 -16.19 -10.35 -10.32
CA SER B 125 -16.81 -9.37 -9.45
C SER B 125 -17.93 -9.99 -8.62
N ASP B 126 -18.28 -9.32 -7.53
CA ASP B 126 -19.40 -9.82 -6.75
C ASP B 126 -20.70 -9.81 -7.53
N GLU B 127 -20.80 -8.99 -8.58
CA GLU B 127 -22.03 -8.94 -9.37
C GLU B 127 -22.12 -10.13 -10.32
N ILE B 128 -21.01 -10.53 -10.93
CA ILE B 128 -21.10 -11.56 -11.96
C ILE B 128 -20.89 -12.99 -11.43
N LEU B 129 -20.21 -13.16 -10.29
CA LEU B 129 -19.84 -14.49 -9.82
C LEU B 129 -21.01 -15.42 -9.60
N PRO B 130 -22.11 -15.03 -8.98
CA PRO B 130 -23.20 -16.01 -8.80
C PRO B 130 -23.68 -16.53 -10.13
N VAL B 131 -23.90 -15.68 -11.12
CA VAL B 131 -24.39 -16.21 -12.37
C VAL B 131 -23.28 -16.94 -13.12
N TYR B 132 -22.03 -16.50 -13.00
CA TYR B 132 -20.96 -17.30 -13.61
C TYR B 132 -20.98 -18.72 -13.08
N LEU B 133 -21.17 -18.88 -11.77
CA LEU B 133 -21.29 -20.20 -11.15
C LEU B 133 -22.43 -21.00 -11.77
N GLU B 134 -23.60 -20.36 -11.95
CA GLU B 134 -24.73 -21.03 -12.59
C GLU B 134 -24.37 -21.52 -13.99
N GLU B 135 -23.68 -20.68 -14.75
CA GLU B 135 -23.26 -21.11 -16.07
C GLU B 135 -22.30 -22.28 -15.98
N ILE B 136 -21.41 -22.28 -14.98
CA ILE B 136 -20.48 -23.41 -14.81
C ILE B 136 -21.24 -24.69 -14.50
N SER B 137 -22.17 -24.63 -13.54
CA SER B 137 -23.03 -25.76 -13.27
C SER B 137 -23.69 -26.31 -14.53
N SER B 138 -24.16 -25.43 -15.42
CA SER B 138 -24.79 -25.87 -16.66
C SER B 138 -23.81 -26.63 -17.54
N THR B 139 -22.63 -26.05 -17.74
CA THR B 139 -21.62 -26.71 -18.54
C THR B 139 -21.25 -28.05 -17.92
N LEU B 140 -21.13 -28.10 -16.59
CA LEU B 140 -20.86 -29.37 -15.93
C LEU B 140 -22.00 -30.35 -16.14
N SER B 141 -23.27 -29.90 -16.03
CA SER B 141 -24.39 -30.82 -16.29
C SER B 141 -24.32 -31.40 -17.70
N GLY B 142 -23.95 -30.55 -18.67
CA GLY B 142 -23.88 -31.01 -20.04
C GLY B 142 -22.80 -32.05 -20.22
N THR B 143 -21.63 -31.83 -19.61
CA THR B 143 -20.58 -32.85 -19.67
C THR B 143 -21.06 -34.16 -19.05
N CYS B 144 -21.76 -34.07 -17.91
CA CYS B 144 -22.32 -35.28 -17.32
C CYS B 144 -23.22 -36.02 -18.32
N TYR B 145 -24.05 -35.30 -19.08
CA TYR B 145 -24.86 -35.98 -20.08
C TYR B 145 -23.97 -36.65 -21.16
N LYS B 146 -23.00 -35.92 -21.66
CA LYS B 146 -22.10 -36.49 -22.68
C LYS B 146 -21.37 -37.72 -22.14
N LEU B 147 -20.94 -37.70 -20.87
CA LEU B 147 -20.31 -38.89 -20.30
C LEU B 147 -21.27 -40.08 -20.24
N THR B 148 -22.55 -39.84 -20.40
CA THR B 148 -23.57 -40.87 -20.35
C THR B 148 -23.70 -41.58 -21.68
N LYS B 149 -23.23 -40.95 -22.77
CA LYS B 149 -23.50 -41.38 -24.14
C LYS B 149 -22.59 -42.54 -24.51
N PRO B 150 -23.06 -43.45 -25.34
CA PRO B 150 -22.17 -44.50 -25.86
C PRO B 150 -20.91 -43.90 -26.45
N GLN B 151 -19.78 -44.47 -26.04
CA GLN B 151 -18.49 -44.03 -26.54
C GLN B 151 -18.39 -44.34 -28.02
N VAL B 152 -17.98 -43.34 -28.80
CA VAL B 152 -17.82 -43.48 -30.24
C VAL B 152 -16.39 -43.11 -30.59
N THR B 153 -15.78 -43.85 -31.50
CA THR B 153 -14.42 -43.46 -31.88
C THR B 153 -14.44 -42.42 -32.99
N ALA B 154 -13.25 -41.87 -33.28
CA ALA B 154 -13.13 -40.94 -34.39
C ALA B 154 -13.56 -41.59 -35.69
N ALA B 155 -13.06 -42.80 -35.98
CA ALA B 155 -13.58 -43.53 -37.13
C ALA B 155 -15.09 -43.75 -37.01
N GLY B 156 -15.57 -44.03 -35.79
CA GLY B 156 -16.99 -44.28 -35.62
C GLY B 156 -17.83 -43.08 -35.99
N LEU B 157 -17.38 -41.87 -35.64
CA LEU B 157 -18.12 -40.66 -35.98
C LEU B 157 -18.16 -40.44 -37.49
N LEU B 158 -17.03 -40.60 -38.19
CA LEU B 158 -17.03 -40.40 -39.63
C LEU B 158 -17.98 -41.37 -40.31
N GLU B 159 -18.00 -42.63 -39.84
CA GLU B 159 -18.95 -43.62 -40.35
C GLU B 159 -20.39 -43.24 -40.04
N GLY B 160 -20.62 -42.58 -38.91
CA GLY B 160 -21.96 -42.10 -38.62
C GLY B 160 -22.44 -41.05 -39.60
N GLY B 161 -21.59 -40.07 -39.92
CA GLY B 161 -21.98 -39.06 -40.87
C GLY B 161 -22.06 -37.62 -40.37
N PHE B 162 -22.57 -36.75 -41.24
CA PHE B 162 -22.66 -35.33 -40.92
C PHE B 162 -23.29 -35.08 -39.55
N GLN B 163 -24.52 -35.56 -39.33
CA GLN B 163 -25.18 -35.26 -38.07
C GLN B 163 -24.59 -36.05 -36.91
N ALA B 164 -23.98 -37.21 -37.19
CA ALA B 164 -23.30 -37.93 -36.12
C ALA B 164 -22.19 -37.09 -35.54
N LEU B 165 -21.46 -36.37 -36.41
CA LEU B 165 -20.35 -35.53 -35.98
C LEU B 165 -20.85 -34.27 -35.27
N GLU B 166 -21.92 -33.66 -35.78
CA GLU B 166 -22.50 -32.50 -35.12
C GLU B 166 -22.82 -32.80 -33.68
N SER B 167 -23.60 -33.84 -33.43
CA SER B 167 -24.00 -34.12 -32.06
C SER B 167 -22.95 -34.88 -31.28
N GLY B 168 -21.92 -35.38 -31.94
CA GLY B 168 -20.84 -36.01 -31.22
C GLY B 168 -19.77 -35.07 -30.74
N MET B 169 -19.82 -33.81 -31.10
CA MET B 169 -18.86 -32.87 -30.56
C MET B 169 -19.06 -32.73 -29.05
N THR B 170 -17.97 -32.67 -28.30
CA THR B 170 -18.14 -32.57 -26.86
C THR B 170 -17.53 -31.32 -26.27
N GLU B 171 -16.42 -30.83 -26.83
CA GLU B 171 -15.67 -29.76 -26.20
C GLU B 171 -16.44 -28.46 -26.18
N GLY B 172 -17.02 -28.06 -27.32
CA GLY B 172 -17.48 -26.70 -27.47
C GLY B 172 -16.30 -25.80 -27.81
N HIS B 173 -16.52 -24.52 -27.71
CA HIS B 173 -15.50 -23.57 -28.12
C HIS B 173 -14.21 -23.85 -27.34
N PRO B 174 -13.08 -24.05 -28.01
CA PRO B 174 -11.87 -24.50 -27.28
C PRO B 174 -11.36 -23.51 -26.26
N CYS B 175 -11.75 -22.24 -26.35
CA CYS B 175 -11.16 -21.19 -25.52
C CYS B 175 -11.99 -20.89 -24.30
N PHE B 176 -13.29 -20.72 -24.48
CA PHE B 176 -14.15 -20.30 -23.38
C PHE B 176 -14.35 -21.43 -22.38
N VAL B 177 -14.07 -21.17 -21.11
CA VAL B 177 -14.24 -22.20 -20.11
C VAL B 177 -15.71 -22.47 -19.87
N ALA B 178 -16.48 -21.42 -19.61
CA ALA B 178 -17.91 -21.55 -19.39
C ALA B 178 -18.61 -21.44 -20.74
N ASN B 179 -18.60 -22.54 -21.50
CA ASN B 179 -18.91 -22.45 -22.91
C ASN B 179 -20.18 -23.14 -23.36
N ASN B 180 -20.68 -24.12 -22.64
CA ASN B 180 -21.89 -24.78 -23.13
C ASN B 180 -23.04 -24.61 -22.14
N GLY B 181 -23.23 -23.38 -21.67
CA GLY B 181 -24.38 -23.10 -20.83
C GLY B 181 -25.67 -23.28 -21.63
N ARG B 182 -26.67 -23.85 -20.99
CA ARG B 182 -27.97 -23.98 -21.62
C ARG B 182 -29.03 -23.33 -20.74
N LEU B 183 -28.68 -22.21 -20.12
CA LEU B 183 -29.48 -21.63 -19.04
C LEU B 183 -30.77 -21.06 -19.59
N GLY B 184 -31.89 -21.38 -18.95
CA GLY B 184 -33.18 -21.15 -19.55
C GLY B 184 -33.90 -22.46 -19.79
N PHE B 185 -33.18 -23.50 -20.19
CA PHE B 185 -33.76 -24.82 -20.26
C PHE B 185 -33.94 -25.41 -18.86
N GLY B 186 -35.14 -25.92 -18.57
CA GLY B 186 -35.29 -26.85 -17.46
C GLY B 186 -34.70 -28.19 -17.84
N VAL B 187 -34.54 -29.09 -16.86
CA VAL B 187 -33.84 -30.33 -17.19
C VAL B 187 -34.59 -31.12 -18.26
N ASP B 188 -35.92 -31.07 -18.24
CA ASP B 188 -36.66 -31.72 -19.32
C ASP B 188 -36.39 -31.05 -20.66
N GLU B 189 -36.40 -29.72 -20.71
CA GLU B 189 -36.13 -29.03 -21.96
C GLU B 189 -34.69 -29.21 -22.46
N TYR B 190 -33.71 -29.28 -21.55
CA TYR B 190 -32.35 -29.61 -21.97
C TYR B 190 -32.32 -30.95 -22.73
N LEU B 191 -32.92 -32.00 -22.14
CA LEU B 191 -32.94 -33.30 -22.82
C LEU B 191 -33.63 -33.21 -24.17
N ALA B 192 -34.71 -32.43 -24.27
CA ALA B 192 -35.43 -32.31 -25.53
C ALA B 192 -34.62 -31.59 -26.61
N TYR B 193 -33.87 -30.56 -26.23
CA TYR B 193 -33.40 -29.55 -27.17
C TYR B 193 -31.89 -29.43 -27.29
N ALA B 194 -31.16 -30.08 -26.51
CA ALA B 194 -29.77 -29.70 -26.69
C ALA B 194 -29.13 -30.51 -27.79
N PRO B 195 -28.27 -29.89 -28.59
CA PRO B 195 -27.69 -30.60 -29.73
C PRO B 195 -26.97 -31.88 -29.35
N GLU B 196 -26.32 -31.92 -28.19
CA GLU B 196 -25.60 -33.11 -27.79
C GLU B 196 -26.52 -34.28 -27.44
N THR B 197 -27.84 -34.08 -27.37
CA THR B 197 -28.76 -35.19 -27.12
C THR B 197 -29.42 -35.68 -28.39
N ALA B 198 -29.24 -34.94 -29.47
CA ALA B 198 -29.67 -35.34 -30.81
C ALA B 198 -31.12 -35.81 -30.84
N HIS B 199 -32.01 -35.17 -30.01
CA HIS B 199 -33.41 -35.62 -30.04
C HIS B 199 -34.20 -34.85 -31.10
N PRO B 200 -34.90 -35.55 -31.99
CA PRO B 200 -35.75 -34.88 -32.98
C PRO B 200 -36.71 -33.88 -32.36
N VAL B 201 -36.94 -32.79 -33.10
CA VAL B 201 -37.75 -31.66 -32.67
C VAL B 201 -38.68 -31.25 -33.80
N ARG B 202 -39.91 -30.92 -33.48
CA ARG B 202 -40.81 -30.34 -34.47
C ARG B 202 -40.88 -28.83 -34.23
N LEU B 203 -40.78 -28.06 -35.31
CA LEU B 203 -40.95 -26.63 -35.16
C LEU B 203 -42.43 -26.32 -34.99
N VAL B 204 -42.71 -25.19 -34.33
CA VAL B 204 -44.05 -24.62 -34.27
C VAL B 204 -44.15 -23.54 -35.32
N TRP B 205 -45.22 -23.58 -36.12
CA TRP B 205 -45.47 -22.60 -37.16
C TRP B 205 -46.51 -21.58 -36.72
N LEU B 206 -46.23 -20.30 -36.98
CA LEU B 206 -47.14 -19.20 -36.68
C LEU B 206 -47.51 -18.42 -37.93
N ALA B 207 -48.78 -18.03 -38.03
CA ALA B 207 -49.17 -16.98 -38.96
C ALA B 207 -48.98 -15.64 -38.29
N ALA B 208 -48.35 -14.70 -39.01
CA ALA B 208 -48.05 -13.38 -38.52
C ALA B 208 -48.62 -12.34 -39.48
N HIS B 209 -49.26 -11.30 -38.94
CA HIS B 209 -49.90 -10.27 -39.73
C HIS B 209 -48.88 -9.36 -40.42
N ARG B 210 -49.12 -9.06 -41.72
CA ARG B 210 -48.15 -8.30 -42.49
C ARG B 210 -48.08 -6.84 -42.09
N SER B 211 -48.98 -6.39 -41.22
CA SER B 211 -48.78 -5.11 -40.56
C SER B 211 -47.57 -5.12 -39.65
N ARG B 212 -47.11 -6.29 -39.21
CA ARG B 212 -46.02 -6.37 -38.26
C ARG B 212 -44.88 -7.29 -38.65
N ALA B 213 -45.01 -8.08 -39.68
CA ALA B 213 -43.97 -9.01 -40.07
C ALA B 213 -43.58 -8.75 -41.50
N ALA B 214 -42.28 -8.84 -41.78
CA ALA B 214 -41.74 -8.74 -43.12
C ALA B 214 -41.04 -10.06 -43.47
N PHE B 215 -41.39 -10.61 -44.63
CA PHE B 215 -40.62 -11.64 -45.28
C PHE B 215 -39.73 -10.98 -46.31
N THR B 216 -38.43 -11.27 -46.26
CA THR B 216 -37.50 -10.65 -47.17
C THR B 216 -36.74 -11.78 -47.86
N ALA B 217 -36.66 -11.71 -49.19
CA ALA B 217 -36.24 -12.82 -50.01
C ALA B 217 -34.87 -12.56 -50.63
N GLY B 218 -34.02 -13.59 -50.66
CA GLY B 218 -32.81 -13.54 -51.44
C GLY B 218 -33.07 -13.71 -52.93
N ALA B 219 -32.00 -13.65 -53.71
CA ALA B 219 -32.10 -13.71 -55.17
C ALA B 219 -32.81 -14.98 -55.65
N GLY B 220 -33.85 -14.81 -56.47
CA GLY B 220 -34.61 -15.91 -57.04
C GLY B 220 -35.65 -16.54 -56.13
N ILE B 221 -35.95 -15.95 -54.97
CA ILE B 221 -36.89 -16.51 -54.01
C ILE B 221 -38.21 -15.78 -54.09
N ASP B 222 -39.30 -16.56 -54.12
CA ASP B 222 -40.67 -16.07 -54.14
C ASP B 222 -41.39 -16.66 -52.94
N TYR B 223 -42.11 -15.83 -52.18
CA TYR B 223 -42.73 -16.30 -50.93
C TYR B 223 -43.64 -17.50 -51.15
N ALA B 224 -44.67 -17.34 -51.99
CA ALA B 224 -45.70 -18.37 -52.16
C ALA B 224 -45.10 -19.73 -52.51
N SER B 225 -44.17 -19.75 -53.48
CA SER B 225 -43.55 -21.00 -53.91
C SER B 225 -42.50 -21.46 -52.93
N PHE B 226 -41.83 -20.54 -52.24
CA PHE B 226 -40.82 -20.93 -51.26
C PHE B 226 -41.46 -21.68 -50.12
N VAL B 227 -42.51 -21.09 -49.54
CA VAL B 227 -43.36 -21.71 -48.53
C VAL B 227 -43.87 -23.07 -48.99
N ARG B 228 -44.31 -23.16 -50.26
CA ARG B 228 -44.80 -24.44 -50.79
C ARG B 228 -43.69 -25.48 -50.84
N GLN B 229 -42.53 -25.09 -51.37
CA GLN B 229 -41.42 -26.05 -51.43
C GLN B 229 -41.07 -26.55 -50.04
N GLU B 230 -41.17 -25.69 -49.04
CA GLU B 230 -40.67 -26.06 -47.73
C GLU B 230 -41.72 -26.85 -46.94
N LEU B 231 -43.00 -26.47 -47.04
CA LEU B 231 -44.08 -27.09 -46.26
C LEU B 231 -44.95 -28.07 -47.05
N GLY B 232 -45.02 -27.95 -48.37
CA GLY B 232 -45.96 -28.76 -49.12
C GLY B 232 -47.29 -28.07 -49.32
N GLU B 233 -47.88 -28.22 -50.51
CA GLU B 233 -49.16 -27.56 -50.78
C GLU B 233 -50.19 -27.94 -49.73
N GLU B 234 -50.25 -29.23 -49.37
CA GLU B 234 -51.33 -29.73 -48.51
C GLU B 234 -51.34 -28.98 -47.18
N THR B 235 -50.16 -28.78 -46.60
CA THR B 235 -50.05 -28.11 -45.31
C THR B 235 -50.31 -26.60 -45.41
N VAL B 236 -49.79 -25.93 -46.45
CA VAL B 236 -50.07 -24.51 -46.61
C VAL B 236 -51.57 -24.27 -46.67
N GLU B 237 -52.27 -25.14 -47.41
CA GLU B 237 -53.72 -25.00 -47.51
C GLU B 237 -54.42 -25.41 -46.20
N ARG B 238 -53.80 -26.26 -45.38
CA ARG B 238 -54.35 -26.51 -44.04
C ARG B 238 -54.16 -25.28 -43.15
N PHE B 239 -52.94 -24.73 -43.14
CA PHE B 239 -52.70 -23.51 -42.38
C PHE B 239 -53.64 -22.39 -42.82
N ASP B 240 -53.78 -22.19 -44.14
CA ASP B 240 -54.70 -21.17 -44.62
C ASP B 240 -56.10 -21.45 -44.11
N GLY B 241 -56.43 -22.74 -43.92
CA GLY B 241 -57.73 -23.10 -43.37
C GLY B 241 -57.90 -22.69 -41.92
N VAL B 242 -56.84 -22.86 -41.12
CA VAL B 242 -56.90 -22.42 -39.72
C VAL B 242 -57.22 -20.94 -39.66
N LEU B 243 -56.52 -20.13 -40.47
CA LEU B 243 -56.77 -18.70 -40.50
C LEU B 243 -58.23 -18.43 -40.86
N ARG B 244 -58.72 -19.10 -41.90
CA ARG B 244 -60.07 -18.86 -42.38
C ARG B 244 -61.11 -19.17 -41.30
N GLY B 245 -60.91 -20.25 -40.55
CA GLY B 245 -61.81 -20.61 -39.46
C GLY B 245 -61.96 -19.54 -38.39
N ARG B 246 -60.97 -18.67 -38.25
CA ARG B 246 -60.99 -17.60 -37.26
C ARG B 246 -61.51 -16.29 -37.86
N GLY B 247 -62.09 -16.34 -39.06
CA GLY B 247 -62.60 -15.15 -39.70
C GLY B 247 -61.54 -14.24 -40.26
N LEU B 248 -60.36 -14.78 -40.58
CA LEU B 248 -59.21 -14.00 -41.03
C LEU B 248 -58.92 -14.30 -42.50
N ASP B 249 -58.15 -13.41 -43.14
CA ASP B 249 -57.79 -13.54 -44.56
C ASP B 249 -56.35 -13.98 -44.68
N PRO B 250 -56.04 -15.14 -45.26
CA PRO B 250 -54.64 -15.57 -45.34
C PRO B 250 -53.74 -14.55 -46.01
N ALA B 251 -54.32 -13.75 -46.91
CA ALA B 251 -53.56 -12.76 -47.66
C ALA B 251 -52.82 -11.77 -46.78
N ASP B 252 -53.28 -11.59 -45.54
CA ASP B 252 -52.66 -10.66 -44.59
C ASP B 252 -51.58 -11.30 -43.72
N TYR B 253 -51.06 -12.47 -44.09
CA TYR B 253 -50.27 -13.24 -43.13
C TYR B 253 -49.05 -13.86 -43.79
N LEU B 254 -47.95 -13.92 -43.04
CA LEU B 254 -46.75 -14.71 -43.26
C LEU B 254 -46.74 -15.90 -42.34
N LEU B 255 -45.94 -16.91 -42.72
CA LEU B 255 -45.57 -18.01 -41.85
C LEU B 255 -44.24 -17.71 -41.17
N ILE B 256 -44.15 -17.94 -39.86
CA ILE B 256 -42.88 -17.88 -39.14
C ILE B 256 -42.69 -19.20 -38.40
N PRO B 257 -41.55 -19.88 -38.57
CA PRO B 257 -41.24 -21.02 -37.70
C PRO B 257 -40.55 -20.52 -36.44
N VAL B 258 -40.96 -21.07 -35.29
CA VAL B 258 -40.42 -20.67 -34.00
C VAL B 258 -40.00 -21.91 -33.24
N HIS B 259 -38.92 -21.77 -32.46
CA HIS B 259 -38.49 -22.82 -31.55
C HIS B 259 -39.61 -23.15 -30.56
N PRO B 260 -39.91 -24.43 -30.32
CA PRO B 260 -40.97 -24.76 -29.36
C PRO B 260 -40.72 -24.15 -28.00
N TRP B 261 -39.46 -24.09 -27.57
CA TRP B 261 -39.18 -23.46 -26.28
C TRP B 261 -39.57 -22.00 -26.31
N GLN B 262 -39.37 -21.35 -27.47
CA GLN B 262 -39.67 -19.94 -27.56
C GLN B 262 -41.17 -19.73 -27.52
N TRP B 263 -41.92 -20.60 -28.20
CA TRP B 263 -43.38 -20.48 -28.20
C TRP B 263 -43.97 -20.72 -26.81
N TRP B 264 -43.65 -21.86 -26.18
CA TRP B 264 -44.28 -22.17 -24.90
C TRP B 264 -43.87 -21.22 -23.78
N ASN B 265 -42.63 -20.71 -23.79
CA ASN B 265 -42.14 -19.94 -22.66
C ASN B 265 -42.12 -18.44 -22.90
N LYS B 266 -41.93 -17.98 -24.14
CA LYS B 266 -41.83 -16.55 -24.41
C LYS B 266 -43.02 -16.03 -25.21
N LEU B 267 -43.23 -16.57 -26.42
CA LEU B 267 -44.17 -15.96 -27.33
C LEU B 267 -45.59 -16.01 -26.79
N SER B 268 -46.00 -17.13 -26.17
CA SER B 268 -47.35 -17.27 -25.67
C SER B 268 -47.59 -16.51 -24.38
N VAL B 269 -46.57 -15.93 -23.76
CA VAL B 269 -46.77 -15.16 -22.54
C VAL B 269 -46.36 -13.71 -22.76
N THR B 270 -45.09 -13.48 -23.12
CA THR B 270 -44.61 -12.11 -23.39
C THR B 270 -45.34 -11.48 -24.57
N PHE B 271 -45.55 -12.20 -25.66
CA PHE B 271 -46.29 -11.68 -26.81
C PHE B 271 -47.77 -12.01 -26.71
N ALA B 272 -48.33 -12.03 -25.51
CA ALA B 272 -49.74 -12.40 -25.36
C ALA B 272 -50.64 -11.41 -26.08
N ALA B 273 -50.33 -10.12 -25.99
CA ALA B 273 -51.09 -9.13 -26.74
C ALA B 273 -51.12 -9.49 -28.21
N GLU B 274 -50.03 -10.05 -28.73
CA GLU B 274 -50.06 -10.38 -30.14
C GLU B 274 -50.88 -11.63 -30.44
N VAL B 275 -50.87 -12.64 -29.56
CA VAL B 275 -51.69 -13.81 -29.84
C VAL B 275 -53.17 -13.47 -29.68
N ALA B 276 -53.51 -12.65 -28.68
CA ALA B 276 -54.90 -12.34 -28.40
C ALA B 276 -55.53 -11.47 -29.49
N ARG B 277 -54.77 -10.53 -30.01
CA ARG B 277 -55.32 -9.72 -31.09
C ARG B 277 -55.22 -10.41 -32.43
N GLN B 278 -54.70 -11.64 -32.47
CA GLN B 278 -54.52 -12.42 -33.70
C GLN B 278 -53.57 -11.74 -34.68
N ASN B 279 -52.60 -10.97 -34.17
CA ASN B 279 -51.44 -10.62 -34.98
C ASN B 279 -50.52 -11.79 -35.17
N LEU B 280 -50.59 -12.73 -34.22
CA LEU B 280 -49.91 -14.02 -34.27
C LEU B 280 -50.94 -15.07 -33.96
N VAL B 281 -51.11 -16.04 -34.85
CA VAL B 281 -51.97 -17.17 -34.52
C VAL B 281 -51.16 -18.44 -34.70
N CYS B 282 -51.37 -19.38 -33.79
CA CYS B 282 -50.62 -20.62 -33.75
C CYS B 282 -51.21 -21.60 -34.75
N LEU B 283 -50.37 -22.19 -35.59
CA LEU B 283 -50.87 -23.04 -36.65
C LEU B 283 -50.74 -24.52 -36.36
N GLY B 284 -49.60 -24.95 -35.86
CA GLY B 284 -49.43 -26.36 -35.54
C GLY B 284 -47.96 -26.70 -35.44
N GLU B 285 -47.70 -28.00 -35.52
CA GLU B 285 -46.34 -28.48 -35.62
C GLU B 285 -45.99 -28.76 -37.07
N SER B 286 -44.70 -28.72 -37.33
CA SER B 286 -44.15 -29.14 -38.61
C SER B 286 -44.24 -30.66 -38.71
N ASP B 287 -44.56 -31.16 -39.91
CA ASP B 287 -44.52 -32.62 -40.11
C ASP B 287 -43.09 -33.10 -40.22
N ASP B 288 -42.16 -32.26 -40.69
CA ASP B 288 -40.75 -32.61 -40.71
C ASP B 288 -40.15 -32.58 -39.31
N GLU B 289 -39.16 -33.46 -39.09
CA GLU B 289 -38.42 -33.56 -37.84
C GLU B 289 -37.05 -32.89 -37.97
N TYR B 290 -36.69 -32.09 -36.98
CA TYR B 290 -35.48 -31.26 -37.01
C TYR B 290 -34.50 -31.67 -35.90
N LEU B 291 -33.22 -31.40 -36.13
CA LEU B 291 -32.12 -31.70 -35.22
C LEU B 291 -31.34 -30.42 -34.92
N ALA B 292 -31.22 -30.05 -33.65
CA ALA B 292 -30.47 -28.85 -33.29
C ALA B 292 -28.98 -29.02 -33.58
N GLN B 293 -28.38 -28.01 -34.21
CA GLN B 293 -26.94 -28.00 -34.48
C GLN B 293 -26.20 -27.38 -33.30
N GLN B 294 -24.90 -27.23 -33.45
CA GLN B 294 -24.09 -26.79 -32.32
C GLN B 294 -24.57 -25.45 -31.75
N SER B 295 -25.26 -24.63 -32.54
CA SER B 295 -25.64 -23.30 -32.05
C SER B 295 -26.94 -23.30 -31.26
N ILE B 296 -27.66 -24.42 -31.26
CA ILE B 296 -28.88 -24.69 -30.50
C ILE B 296 -30.09 -24.06 -31.17
N ARG B 297 -29.96 -22.80 -31.58
CA ARG B 297 -31.07 -22.13 -32.24
C ARG B 297 -31.26 -22.55 -33.70
N THR B 298 -30.36 -23.30 -34.31
CA THR B 298 -30.44 -23.59 -35.74
C THR B 298 -30.69 -25.07 -35.98
N PHE B 299 -31.65 -25.38 -36.84
CA PHE B 299 -32.08 -26.76 -37.00
C PHE B 299 -31.75 -27.30 -38.38
N PHE B 300 -31.09 -28.44 -38.38
CA PHE B 300 -30.93 -29.26 -39.57
C PHE B 300 -32.20 -30.07 -39.77
N ASN B 301 -32.56 -30.31 -41.02
CA ASN B 301 -33.81 -31.02 -41.28
C ASN B 301 -33.50 -32.51 -41.40
N ALA B 302 -33.76 -33.27 -40.32
CA ALA B 302 -33.46 -34.70 -40.34
C ALA B 302 -34.33 -35.46 -41.33
N THR B 303 -35.62 -35.11 -41.42
CA THR B 303 -36.52 -35.84 -42.30
C THR B 303 -36.11 -35.69 -43.76
N HIS B 304 -35.64 -34.50 -44.13
CA HIS B 304 -35.25 -34.19 -45.51
C HIS B 304 -33.98 -33.34 -45.44
N PRO B 305 -32.79 -33.98 -45.36
CA PRO B 305 -31.53 -33.22 -45.24
C PRO B 305 -31.29 -32.22 -46.35
N GLU B 306 -31.86 -32.43 -47.53
CA GLU B 306 -31.71 -31.57 -48.67
C GLU B 306 -32.51 -30.26 -48.56
N LYS B 307 -33.40 -30.14 -47.57
CA LYS B 307 -34.24 -28.96 -47.39
C LYS B 307 -33.47 -27.92 -46.57
N HIS B 308 -34.11 -26.77 -46.31
CA HIS B 308 -33.39 -25.67 -45.65
C HIS B 308 -33.22 -25.95 -44.16
N TYR B 309 -32.08 -25.50 -43.62
CA TYR B 309 -31.96 -25.29 -42.17
C TYR B 309 -32.91 -24.17 -41.77
N VAL B 310 -33.36 -24.21 -40.52
CA VAL B 310 -34.13 -23.12 -39.94
C VAL B 310 -33.38 -22.59 -38.72
N LYS B 311 -33.19 -21.27 -38.68
CA LYS B 311 -32.58 -20.58 -37.57
C LYS B 311 -33.64 -19.74 -36.88
N THR B 312 -33.74 -19.88 -35.56
CA THR B 312 -34.88 -19.37 -34.81
C THR B 312 -34.44 -18.41 -33.73
N ALA B 313 -35.33 -17.48 -33.40
CA ALA B 313 -35.21 -16.70 -32.17
C ALA B 313 -35.44 -17.59 -30.98
N LEU B 314 -34.49 -17.59 -30.06
CA LEU B 314 -34.54 -18.43 -28.87
C LEU B 314 -33.88 -17.68 -27.71
N SER B 315 -34.70 -17.26 -26.75
CA SER B 315 -34.30 -16.27 -25.76
C SER B 315 -33.82 -16.93 -24.47
N VAL B 316 -32.83 -17.80 -24.63
CA VAL B 316 -32.17 -18.43 -23.48
C VAL B 316 -31.22 -17.42 -22.89
N LEU B 317 -30.42 -17.85 -21.93
CA LEU B 317 -29.64 -16.96 -21.11
C LEU B 317 -28.16 -17.24 -21.32
N ASN B 318 -27.39 -16.18 -21.58
CA ASN B 318 -25.94 -16.20 -21.49
C ASN B 318 -25.59 -15.13 -20.47
N MET B 319 -25.12 -15.56 -19.29
CA MET B 319 -24.55 -14.66 -18.30
C MET B 319 -25.61 -13.72 -17.69
N GLY B 320 -26.87 -14.14 -17.63
CA GLY B 320 -27.93 -13.31 -17.10
C GLY B 320 -28.72 -12.56 -18.16
N PHE B 321 -28.23 -12.56 -19.40
CA PHE B 321 -28.82 -11.84 -20.52
C PHE B 321 -29.48 -12.81 -21.51
N MET B 322 -30.55 -12.33 -22.14
CA MET B 322 -31.38 -13.14 -23.03
C MET B 322 -30.82 -13.08 -24.44
N ARG B 323 -30.37 -14.22 -24.96
CA ARG B 323 -30.01 -14.32 -26.38
C ARG B 323 -31.25 -14.04 -27.27
N GLY B 324 -31.03 -13.91 -28.58
CA GLY B 324 -32.17 -13.80 -29.46
C GLY B 324 -31.76 -13.62 -30.91
N LEU B 325 -32.75 -13.26 -31.73
CA LEU B 325 -32.53 -13.00 -33.15
C LEU B 325 -33.17 -11.67 -33.54
N SER B 326 -32.32 -10.69 -33.88
CA SER B 326 -32.83 -9.39 -34.31
C SER B 326 -33.73 -9.51 -35.53
N ALA B 327 -34.98 -9.01 -35.42
CA ALA B 327 -35.80 -8.86 -36.60
C ALA B 327 -35.28 -7.74 -37.51
N ALA B 328 -34.68 -6.70 -36.93
CA ALA B 328 -34.19 -5.57 -37.71
C ALA B 328 -33.20 -6.04 -38.78
N TYR B 329 -32.25 -6.91 -38.39
CA TYR B 329 -31.18 -7.39 -39.27
C TYR B 329 -31.67 -8.42 -40.29
N MET B 330 -32.90 -8.90 -40.16
CA MET B 330 -33.44 -9.88 -41.09
C MET B 330 -33.59 -9.30 -42.49
N GLU B 331 -34.05 -8.05 -42.61
CA GLU B 331 -34.27 -7.56 -43.97
C GLU B 331 -32.98 -7.32 -44.73
N ALA B 332 -31.83 -7.29 -44.04
CA ALA B 332 -30.54 -7.15 -44.71
C ALA B 332 -29.85 -8.47 -45.02
N THR B 333 -30.21 -9.56 -44.32
CA THR B 333 -29.36 -10.76 -44.34
C THR B 333 -29.35 -11.44 -45.70
N PRO B 334 -30.48 -11.81 -46.33
CA PRO B 334 -30.40 -12.35 -47.69
C PRO B 334 -29.59 -11.50 -48.67
N ALA B 335 -29.58 -10.18 -48.50
CA ALA B 335 -28.82 -9.31 -49.39
C ALA B 335 -27.32 -9.48 -49.18
N ILE B 336 -26.88 -9.38 -47.92
CA ILE B 336 -25.47 -9.54 -47.59
C ILE B 336 -24.97 -10.88 -48.11
N ASN B 337 -25.79 -11.90 -48.04
CA ASN B 337 -25.37 -13.21 -48.51
C ASN B 337 -25.18 -13.20 -50.01
N ASP B 338 -26.22 -12.82 -50.76
CA ASP B 338 -26.11 -12.70 -52.21
C ASP B 338 -24.84 -11.95 -52.61
N TRP B 339 -24.58 -10.81 -51.96
CA TRP B 339 -23.40 -10.01 -52.24
C TRP B 339 -22.12 -10.85 -52.13
N LEU B 340 -21.91 -11.47 -50.96
CA LEU B 340 -20.70 -12.27 -50.74
C LEU B 340 -20.64 -13.45 -51.70
N ASP B 341 -21.81 -14.00 -52.04
CA ASP B 341 -21.84 -15.15 -52.95
C ASP B 341 -21.34 -14.76 -54.33
N ARG B 342 -21.90 -13.70 -54.91
CA ARG B 342 -21.41 -13.20 -56.20
C ARG B 342 -19.95 -12.84 -56.12
N LEU B 343 -19.52 -12.22 -55.03
CA LEU B 343 -18.11 -11.89 -54.89
C LEU B 343 -17.27 -13.14 -55.04
N ILE B 344 -17.65 -14.20 -54.33
CA ILE B 344 -16.90 -15.44 -54.36
C ILE B 344 -16.97 -16.03 -55.77
N ASP B 345 -18.10 -15.85 -56.44
CA ASP B 345 -18.20 -16.36 -57.80
C ASP B 345 -17.32 -15.56 -58.76
N ASN B 346 -17.32 -14.24 -58.63
CA ASN B 346 -16.58 -13.35 -59.51
C ASN B 346 -15.11 -13.23 -59.15
N ASP B 347 -14.46 -14.27 -58.67
CA ASP B 347 -13.07 -14.09 -58.26
C ASP B 347 -12.28 -15.38 -58.44
N PRO B 348 -11.23 -15.37 -59.29
CA PRO B 348 -10.66 -16.63 -59.67
C PRO B 348 -9.82 -17.30 -58.58
N VAL B 349 -9.25 -16.55 -57.62
CA VAL B 349 -8.54 -17.18 -56.50
C VAL B 349 -9.51 -17.99 -55.66
N LEU B 350 -10.64 -17.37 -55.28
CA LEU B 350 -11.63 -18.06 -54.48
C LEU B 350 -12.17 -19.29 -55.20
N LYS B 351 -12.57 -19.12 -56.47
CA LYS B 351 -13.07 -20.26 -57.25
C LYS B 351 -12.03 -21.39 -57.36
N SER B 352 -10.75 -21.03 -57.42
CA SER B 352 -9.71 -22.06 -57.41
C SER B 352 -9.80 -22.95 -56.16
N THR B 353 -10.28 -22.41 -55.05
CA THR B 353 -10.26 -23.09 -53.76
C THR B 353 -11.56 -23.83 -53.44
N GLY B 354 -12.53 -23.86 -54.36
CA GLY B 354 -13.79 -24.51 -54.06
C GLY B 354 -14.66 -23.81 -53.04
N LEU B 355 -14.29 -22.61 -52.60
CA LEU B 355 -14.99 -22.00 -51.48
C LEU B 355 -16.42 -21.64 -51.86
N SER B 356 -17.35 -21.94 -50.96
CA SER B 356 -18.72 -21.51 -51.10
C SER B 356 -19.24 -21.15 -49.72
N ILE B 357 -20.39 -20.47 -49.69
CA ILE B 357 -21.17 -20.32 -48.47
C ILE B 357 -22.49 -21.03 -48.70
N ILE B 358 -23.16 -21.38 -47.60
CA ILE B 358 -24.55 -21.81 -47.67
C ILE B 358 -25.38 -20.59 -47.35
N ARG B 359 -25.94 -19.96 -48.39
CA ARG B 359 -26.58 -18.67 -48.24
C ARG B 359 -27.80 -18.77 -47.34
N GLU B 360 -28.05 -17.67 -46.62
CA GLU B 360 -29.35 -17.51 -45.97
C GLU B 360 -30.29 -16.95 -47.03
N ARG B 361 -31.28 -17.74 -47.42
CA ARG B 361 -32.01 -17.45 -48.65
C ARG B 361 -33.29 -16.66 -48.39
N ALA B 362 -33.85 -16.79 -47.20
CA ALA B 362 -34.99 -15.99 -46.80
C ALA B 362 -34.88 -15.71 -45.32
N ALA B 363 -35.46 -14.60 -44.91
CA ALA B 363 -35.56 -14.27 -43.49
C ALA B 363 -36.95 -13.73 -43.21
N VAL B 364 -37.30 -13.68 -41.94
CA VAL B 364 -38.57 -13.07 -41.55
C VAL B 364 -38.43 -12.48 -40.17
N GLY B 365 -38.94 -11.27 -39.98
CA GLY B 365 -38.85 -10.58 -38.72
C GLY B 365 -40.22 -10.09 -38.28
N TYR B 366 -40.36 -9.93 -36.98
CA TYR B 366 -41.61 -9.46 -36.39
C TYR B 366 -41.28 -8.25 -35.54
N ARG B 367 -42.02 -7.17 -35.74
CA ARG B 367 -41.88 -5.96 -34.93
C ARG B 367 -43.06 -5.89 -33.97
N HIS B 368 -42.84 -6.20 -32.70
CA HIS B 368 -43.85 -6.00 -31.67
C HIS B 368 -43.89 -4.51 -31.31
N LEU B 369 -44.93 -3.80 -31.73
CA LEU B 369 -44.84 -2.34 -31.82
C LEU B 369 -44.85 -1.68 -30.46
N GLU B 370 -45.62 -2.21 -29.51
CA GLU B 370 -45.62 -1.63 -28.16
C GLU B 370 -44.25 -1.82 -27.49
N TYR B 371 -43.69 -3.03 -27.54
CA TYR B 371 -42.36 -3.21 -26.97
C TYR B 371 -41.35 -2.32 -27.67
N GLU B 372 -41.40 -2.27 -29.00
CA GLU B 372 -40.52 -1.40 -29.78
C GLU B 372 -40.57 0.03 -29.27
N ALA B 373 -41.78 0.59 -29.15
CA ALA B 373 -41.96 1.90 -28.55
C ALA B 373 -41.24 2.01 -27.20
N ALA B 374 -41.33 0.98 -26.38
CA ALA B 374 -40.88 1.13 -25.00
C ALA B 374 -39.40 0.88 -24.82
N THR B 375 -38.69 0.51 -25.88
CA THR B 375 -37.32 0.03 -25.75
C THR B 375 -36.40 0.75 -26.73
N ASP B 376 -35.10 0.55 -26.55
CA ASP B 376 -34.09 0.94 -27.53
C ASP B 376 -33.84 -0.26 -28.46
N ARG B 377 -32.90 -0.12 -29.40
CA ARG B 377 -32.68 -1.23 -30.32
C ARG B 377 -31.91 -2.40 -29.70
N TYR B 378 -31.35 -2.24 -28.49
CA TYR B 378 -30.59 -3.35 -27.92
C TYR B 378 -31.43 -4.25 -27.02
N SER B 379 -32.66 -3.85 -26.68
CA SER B 379 -33.47 -4.61 -25.74
C SER B 379 -33.80 -5.99 -26.31
N PRO B 380 -33.70 -7.05 -25.50
CA PRO B 380 -34.05 -8.38 -25.99
C PRO B 380 -35.48 -8.53 -26.45
N TYR B 381 -36.39 -7.63 -26.08
CA TYR B 381 -37.77 -7.79 -26.53
C TYR B 381 -37.91 -7.54 -28.03
N ARG B 382 -36.90 -6.96 -28.66
CA ARG B 382 -36.90 -6.88 -30.12
C ARG B 382 -36.39 -8.16 -30.77
N LYS B 383 -35.61 -8.96 -30.05
CA LYS B 383 -34.98 -10.12 -30.64
C LYS B 383 -35.67 -11.42 -30.25
N MET B 384 -36.98 -11.35 -30.02
CA MET B 384 -37.77 -12.50 -29.56
C MET B 384 -38.53 -13.23 -30.65
N LEU B 385 -38.71 -12.66 -31.84
CA LEU B 385 -39.44 -13.36 -32.89
C LEU B 385 -38.87 -12.99 -34.24
N ALA B 386 -38.27 -13.97 -34.92
CA ALA B 386 -37.55 -13.81 -36.17
C ALA B 386 -37.08 -15.20 -36.61
N ALA B 387 -36.84 -15.36 -37.91
CA ALA B 387 -36.30 -16.63 -38.37
C ALA B 387 -35.66 -16.44 -39.72
N LEU B 388 -34.70 -17.30 -40.06
CA LEU B 388 -34.21 -17.31 -41.42
C LEU B 388 -33.98 -18.75 -41.87
N TRP B 389 -34.12 -18.97 -43.17
CA TRP B 389 -33.90 -20.27 -43.77
C TRP B 389 -32.54 -20.30 -44.46
N ARG B 390 -31.78 -21.38 -44.25
CA ARG B 390 -30.44 -21.49 -44.80
C ARG B 390 -30.34 -22.73 -45.70
N GLU B 391 -29.74 -22.53 -46.89
CA GLU B 391 -29.40 -23.62 -47.83
C GLU B 391 -28.75 -24.80 -47.12
N SER B 392 -29.14 -26.02 -47.52
CA SER B 392 -28.46 -27.20 -47.02
C SER B 392 -27.18 -27.47 -47.81
N PRO B 393 -26.08 -27.84 -47.13
CA PRO B 393 -24.88 -28.25 -47.85
C PRO B 393 -24.99 -29.59 -48.54
N VAL B 394 -26.09 -30.32 -48.39
CA VAL B 394 -26.09 -31.73 -48.79
C VAL B 394 -26.21 -31.93 -50.31
N PRO B 395 -27.15 -31.27 -51.00
CA PRO B 395 -27.35 -31.59 -52.41
C PRO B 395 -26.18 -31.26 -53.31
N ALA B 396 -25.34 -30.29 -52.94
CA ALA B 396 -24.10 -30.04 -53.68
C ALA B 396 -23.06 -31.15 -53.55
N LEU B 397 -23.32 -32.18 -52.74
CA LEU B 397 -22.33 -33.21 -52.52
C LEU B 397 -22.19 -34.05 -53.77
N ARG B 398 -20.96 -34.20 -54.26
CA ARG B 398 -20.66 -35.09 -55.35
C ARG B 398 -20.44 -36.51 -54.81
N ASP B 399 -20.16 -37.44 -55.70
CA ASP B 399 -20.05 -38.85 -55.32
C ASP B 399 -18.87 -39.08 -54.37
N GLY B 400 -19.10 -39.88 -53.33
CA GLY B 400 -18.02 -40.20 -52.42
C GLY B 400 -17.60 -39.08 -51.49
N GLU B 401 -18.32 -37.95 -51.48
CA GLU B 401 -18.00 -36.78 -50.67
C GLU B 401 -18.89 -36.76 -49.44
N SER B 402 -18.35 -36.22 -48.35
CA SER B 402 -19.06 -36.18 -47.07
C SER B 402 -18.83 -34.83 -46.40
N LEU B 403 -19.56 -34.62 -45.31
CA LEU B 403 -19.63 -33.37 -44.58
C LEU B 403 -19.16 -33.57 -43.15
N THR B 404 -18.48 -32.56 -42.63
CA THR B 404 -18.15 -32.50 -41.20
C THR B 404 -17.98 -31.04 -40.77
N THR B 405 -18.42 -30.76 -39.57
CA THR B 405 -18.11 -29.48 -38.96
C THR B 405 -16.63 -29.38 -38.65
N MET B 406 -16.01 -28.26 -39.04
CA MET B 406 -14.59 -28.10 -38.80
C MET B 406 -14.22 -28.29 -37.32
N ALA B 407 -15.17 -28.06 -36.42
CA ALA B 407 -14.89 -28.31 -35.00
C ALA B 407 -14.42 -29.75 -34.75
N ALA B 408 -14.74 -30.67 -35.66
CA ALA B 408 -14.37 -32.07 -35.44
C ALA B 408 -12.87 -32.31 -35.59
N LEU B 409 -12.12 -31.43 -36.23
CA LEU B 409 -10.69 -31.66 -36.32
C LEU B 409 -10.06 -31.68 -34.92
N VAL B 410 -10.53 -30.83 -34.02
CA VAL B 410 -9.95 -30.80 -32.68
C VAL B 410 -10.70 -31.67 -31.69
N HIS B 411 -11.63 -32.50 -32.15
CA HIS B 411 -12.33 -33.40 -31.26
C HIS B 411 -11.48 -34.64 -31.03
N VAL B 412 -11.43 -35.12 -29.79
CA VAL B 412 -10.51 -36.21 -29.45
C VAL B 412 -11.29 -37.38 -28.88
N ASP B 413 -11.08 -38.56 -29.46
CA ASP B 413 -11.50 -39.86 -28.95
C ASP B 413 -11.42 -40.00 -27.44
N HIS B 414 -12.12 -41.00 -26.92
CA HIS B 414 -11.75 -41.61 -25.63
C HIS B 414 -10.50 -42.48 -25.73
N GLU B 415 -9.95 -42.67 -26.93
CA GLU B 415 -8.71 -43.40 -27.14
C GLU B 415 -7.55 -42.50 -27.52
N GLY B 416 -7.76 -41.19 -27.55
CA GLY B 416 -6.68 -40.29 -27.88
C GLY B 416 -6.58 -39.96 -29.35
N ARG B 417 -7.40 -40.57 -30.20
CA ARG B 417 -7.32 -40.32 -31.62
C ARG B 417 -8.25 -39.17 -31.97
N SER B 418 -7.69 -38.09 -32.49
CA SER B 418 -8.54 -37.02 -32.99
C SER B 418 -9.06 -37.37 -34.39
N VAL B 419 -10.21 -36.76 -34.75
CA VAL B 419 -10.78 -36.95 -36.08
C VAL B 419 -9.79 -36.46 -37.14
N ALA B 420 -9.18 -35.30 -36.93
CA ALA B 420 -8.05 -34.90 -37.76
C ALA B 420 -7.05 -36.03 -37.90
N GLY B 421 -6.69 -36.68 -36.78
CA GLY B 421 -5.75 -37.80 -36.84
C GLY B 421 -6.27 -38.98 -37.65
N GLU B 422 -7.56 -39.31 -37.53
CA GLU B 422 -8.10 -40.46 -38.24
C GLU B 422 -8.21 -40.18 -39.74
N LEU B 423 -8.61 -38.96 -40.09
CA LEU B 423 -8.64 -38.56 -41.49
C LEU B 423 -7.24 -38.64 -42.14
N ILE B 424 -6.20 -38.25 -41.41
CA ILE B 424 -4.84 -38.30 -41.93
C ILE B 424 -4.40 -39.76 -42.16
N ALA B 425 -4.73 -40.66 -41.23
CA ALA B 425 -4.55 -42.08 -41.49
C ALA B 425 -5.34 -42.53 -42.71
N ARG B 426 -6.66 -42.31 -42.71
CA ARG B 426 -7.48 -42.81 -43.82
C ARG B 426 -7.04 -42.27 -45.16
N SER B 427 -6.39 -41.10 -45.18
CA SER B 427 -6.03 -40.53 -46.46
C SER B 427 -4.85 -41.23 -47.08
N GLY B 428 -3.99 -41.83 -46.25
CA GLY B 428 -2.75 -42.38 -46.77
C GLY B 428 -1.78 -41.35 -47.29
N LEU B 429 -2.01 -40.07 -47.03
CA LEU B 429 -1.11 -38.99 -47.38
C LEU B 429 -0.15 -38.70 -46.23
N ALA B 430 0.95 -38.02 -46.55
CA ALA B 430 1.82 -37.50 -45.51
C ALA B 430 1.12 -36.40 -44.73
N PRO B 431 1.20 -36.41 -43.41
CA PRO B 431 0.58 -35.34 -42.60
C PRO B 431 0.71 -33.95 -43.19
N THR B 432 1.89 -33.59 -43.70
CA THR B 432 2.07 -32.27 -44.31
C THR B 432 1.19 -32.11 -45.54
N ALA B 433 1.12 -33.13 -46.40
CA ALA B 433 0.29 -33.04 -47.59
C ALA B 433 -1.18 -32.92 -47.22
N TRP B 434 -1.62 -33.68 -46.23
CA TRP B 434 -3.00 -33.57 -45.80
C TRP B 434 -3.29 -32.15 -45.32
N LEU B 435 -2.42 -31.63 -44.46
CA LEU B 435 -2.64 -30.31 -43.90
C LEU B 435 -2.72 -29.26 -45.00
N ARG B 436 -1.78 -29.34 -45.94
CA ARG B 436 -1.74 -28.42 -47.06
C ARG B 436 -3.07 -28.38 -47.80
N HIS B 437 -3.70 -29.54 -48.00
CA HIS B 437 -4.97 -29.59 -48.70
C HIS B 437 -6.07 -28.90 -47.90
N TYR B 438 -6.12 -29.15 -46.59
CA TYR B 438 -7.02 -28.43 -45.70
C TYR B 438 -6.73 -26.93 -45.74
N LEU B 439 -5.45 -26.56 -45.62
CA LEU B 439 -5.10 -25.14 -45.62
C LEU B 439 -5.54 -24.44 -46.90
N ARG B 440 -5.40 -25.11 -48.05
CA ARG B 440 -5.82 -24.47 -49.29
C ARG B 440 -7.32 -24.31 -49.32
N ALA B 441 -8.04 -25.29 -48.77
CA ALA B 441 -9.49 -25.27 -48.79
C ALA B 441 -10.07 -24.16 -47.92
N TYR B 442 -9.43 -23.94 -46.76
CA TYR B 442 -10.01 -23.18 -45.66
C TYR B 442 -9.25 -21.90 -45.36
N TYR B 443 -7.93 -21.97 -45.27
CA TYR B 443 -7.14 -20.83 -44.81
C TYR B 443 -6.77 -19.89 -45.97
N THR B 444 -6.45 -20.44 -47.13
CA THR B 444 -6.12 -19.61 -48.29
C THR B 444 -7.24 -18.64 -48.65
N PRO B 445 -8.53 -19.02 -48.63
CA PRO B 445 -9.58 -18.03 -48.91
C PRO B 445 -9.59 -16.88 -47.92
N LEU B 446 -9.34 -17.14 -46.64
CA LEU B 446 -9.30 -16.05 -45.67
C LEU B 446 -8.21 -15.06 -46.02
N LEU B 447 -7.01 -15.58 -46.35
CA LEU B 447 -5.93 -14.70 -46.80
C LEU B 447 -6.41 -13.79 -47.93
N HIS B 448 -6.91 -14.39 -49.01
CA HIS B 448 -7.34 -13.58 -50.15
C HIS B 448 -8.44 -12.59 -49.76
N SER B 449 -9.37 -13.01 -48.88
CA SER B 449 -10.42 -12.09 -48.46
C SER B 449 -9.84 -10.89 -47.74
N PHE B 450 -8.85 -11.15 -46.88
CA PHE B 450 -8.28 -10.06 -46.09
C PHE B 450 -7.50 -9.09 -46.98
N TYR B 451 -6.74 -9.61 -47.93
CA TYR B 451 -5.76 -8.80 -48.65
C TYR B 451 -6.31 -8.22 -49.95
N ALA B 452 -7.20 -8.95 -50.61
CA ALA B 452 -7.78 -8.48 -51.86
C ALA B 452 -9.09 -7.75 -51.67
N TYR B 453 -9.83 -8.07 -50.61
CA TYR B 453 -11.11 -7.42 -50.40
C TYR B 453 -11.26 -6.70 -49.05
N ASP B 454 -10.20 -6.67 -48.24
CA ASP B 454 -10.23 -6.16 -46.86
C ASP B 454 -11.53 -6.62 -46.17
N LEU B 455 -11.66 -7.94 -46.08
CA LEU B 455 -12.88 -8.63 -45.72
C LEU B 455 -12.54 -9.69 -44.67
N ALA B 456 -13.04 -9.52 -43.46
CA ALA B 456 -12.72 -10.40 -42.33
C ALA B 456 -13.95 -11.17 -41.89
N PHE B 457 -13.78 -12.46 -41.66
CA PHE B 457 -14.88 -13.30 -41.21
C PHE B 457 -14.83 -13.52 -39.69
N MET B 458 -15.57 -14.52 -39.23
CA MET B 458 -15.44 -15.10 -37.90
C MET B 458 -15.39 -16.61 -38.07
N PRO B 459 -14.28 -17.14 -38.64
CA PRO B 459 -14.25 -18.52 -39.16
C PRO B 459 -13.80 -19.57 -38.15
N HIS B 460 -14.39 -19.55 -36.95
CA HIS B 460 -14.09 -20.55 -35.93
C HIS B 460 -14.63 -21.93 -36.35
N GLY B 461 -14.33 -22.95 -35.54
CA GLY B 461 -14.66 -24.31 -35.92
C GLY B 461 -16.16 -24.54 -36.11
N GLU B 462 -16.98 -23.86 -35.32
CA GLU B 462 -18.43 -24.03 -35.38
C GLU B 462 -19.09 -23.35 -36.58
N ASN B 463 -18.41 -22.45 -37.30
CA ASN B 463 -18.99 -21.73 -38.43
C ASN B 463 -18.52 -22.24 -39.79
N THR B 464 -17.70 -23.29 -39.81
CA THR B 464 -17.14 -23.81 -41.05
C THR B 464 -17.51 -25.27 -41.19
N ILE B 465 -17.94 -25.65 -42.38
CA ILE B 465 -18.13 -27.04 -42.74
C ILE B 465 -17.06 -27.41 -43.76
N LEU B 466 -16.40 -28.56 -43.58
CA LEU B 466 -15.47 -29.08 -44.57
C LEU B 466 -16.14 -30.17 -45.40
N VAL B 467 -15.73 -30.30 -46.66
CA VAL B 467 -16.18 -31.36 -47.56
C VAL B 467 -15.05 -32.37 -47.75
N LEU B 468 -15.34 -33.65 -47.47
CA LEU B 468 -14.31 -34.69 -47.44
C LEU B 468 -14.49 -35.70 -48.58
N LYS B 469 -13.37 -36.09 -49.19
CA LYS B 469 -13.34 -37.25 -50.08
C LYS B 469 -12.05 -38.00 -49.80
N ASP B 470 -12.16 -39.30 -49.51
CA ASP B 470 -11.00 -40.13 -49.27
C ASP B 470 -10.17 -39.59 -48.11
N GLY B 471 -10.84 -38.98 -47.13
CA GLY B 471 -10.15 -38.47 -45.97
C GLY B 471 -9.33 -37.22 -46.20
N VAL B 472 -9.39 -36.64 -47.39
CA VAL B 472 -8.73 -35.38 -47.70
C VAL B 472 -9.78 -34.29 -47.82
N VAL B 473 -9.50 -33.13 -47.25
CA VAL B 473 -10.44 -32.02 -47.29
C VAL B 473 -10.45 -31.46 -48.70
N GLN B 474 -11.63 -31.39 -49.32
CA GLN B 474 -11.77 -30.93 -50.70
C GLN B 474 -11.97 -29.44 -50.82
N ARG B 475 -12.72 -28.85 -49.88
CA ARG B 475 -13.17 -27.47 -49.96
C ARG B 475 -13.89 -27.16 -48.65
N ALA B 476 -13.95 -25.88 -48.28
CA ALA B 476 -14.66 -25.46 -47.09
C ALA B 476 -15.95 -24.76 -47.49
N VAL B 477 -16.89 -24.75 -46.55
CA VAL B 477 -18.17 -24.09 -46.72
C VAL B 477 -18.33 -23.16 -45.51
N TYR B 478 -18.47 -21.87 -45.75
CA TYR B 478 -18.69 -20.90 -44.68
C TYR B 478 -20.18 -20.67 -44.45
N LYS B 479 -20.57 -20.53 -43.18
CA LYS B 479 -21.95 -20.21 -42.87
C LYS B 479 -21.98 -19.15 -41.78
N ASP B 480 -23.17 -18.55 -41.60
CA ASP B 480 -23.39 -17.48 -40.62
C ASP B 480 -22.69 -16.20 -41.05
N ILE B 481 -22.85 -15.87 -42.32
CA ILE B 481 -22.11 -14.78 -42.94
C ILE B 481 -22.49 -13.44 -42.32
N ALA B 482 -23.76 -13.04 -42.45
CA ALA B 482 -24.14 -11.66 -42.15
C ALA B 482 -23.92 -11.31 -40.68
N GLU B 483 -24.00 -12.30 -39.79
CA GLU B 483 -23.86 -12.06 -38.37
C GLU B 483 -22.44 -11.63 -37.99
N GLU B 484 -21.45 -11.97 -38.81
CA GLU B 484 -20.06 -11.80 -38.42
C GLU B 484 -19.17 -11.17 -39.51
N ILE B 485 -19.62 -11.10 -40.77
CA ILE B 485 -18.78 -10.56 -41.85
C ILE B 485 -18.52 -9.08 -41.58
N VAL B 486 -17.26 -8.65 -41.75
CA VAL B 486 -16.91 -7.26 -41.54
C VAL B 486 -16.02 -6.76 -42.68
N VAL B 487 -16.36 -5.61 -43.24
CA VAL B 487 -15.59 -5.00 -44.32
C VAL B 487 -14.75 -3.87 -43.75
N MET B 488 -13.43 -4.05 -43.77
CA MET B 488 -12.51 -3.09 -43.17
C MET B 488 -12.18 -1.97 -44.17
N ASP B 489 -13.22 -1.16 -44.46
CA ASP B 489 -13.12 0.04 -45.28
C ASP B 489 -14.43 0.82 -45.14
N PRO B 490 -14.44 1.95 -44.42
CA PRO B 490 -15.69 2.71 -44.26
C PRO B 490 -16.16 3.38 -45.53
N ASP B 491 -15.30 3.51 -46.54
CA ASP B 491 -15.64 4.20 -47.78
C ASP B 491 -15.94 3.24 -48.92
N ALA B 492 -15.99 1.93 -48.65
CA ALA B 492 -16.21 0.97 -49.72
C ALA B 492 -17.59 1.16 -50.34
N VAL B 493 -17.67 1.02 -51.66
CA VAL B 493 -18.95 1.15 -52.36
C VAL B 493 -19.60 -0.23 -52.41
N LEU B 494 -20.83 -0.32 -51.92
CA LEU B 494 -21.49 -1.60 -51.77
C LEU B 494 -22.99 -1.39 -51.92
N PRO B 495 -23.73 -2.42 -52.31
CA PRO B 495 -25.18 -2.27 -52.45
C PRO B 495 -25.81 -1.88 -51.15
N PRO B 496 -26.98 -1.20 -51.18
CA PRO B 496 -27.42 -0.44 -49.99
C PRO B 496 -27.59 -1.31 -48.77
N GLU B 497 -28.16 -2.50 -48.93
CA GLU B 497 -28.39 -3.32 -47.75
C GLU B 497 -27.09 -3.84 -47.13
N VAL B 498 -26.00 -3.88 -47.91
CA VAL B 498 -24.72 -4.43 -47.46
C VAL B 498 -23.84 -3.40 -46.75
N ARG B 499 -24.19 -2.11 -46.84
CA ARG B 499 -23.31 -1.06 -46.32
C ARG B 499 -23.17 -1.13 -44.81
N ARG B 500 -24.20 -1.63 -44.11
CA ARG B 500 -24.13 -1.73 -42.66
C ARG B 500 -22.98 -2.63 -42.20
N VAL B 501 -22.42 -3.44 -43.10
CA VAL B 501 -21.32 -4.33 -42.75
C VAL B 501 -20.00 -3.58 -42.55
N ARG B 502 -19.84 -2.42 -43.17
CA ARG B 502 -18.59 -1.67 -43.08
C ARG B 502 -18.30 -1.26 -41.65
N ALA B 503 -17.01 -1.24 -41.30
CA ALA B 503 -16.57 -0.78 -39.99
C ALA B 503 -15.20 -0.14 -40.11
N GLU B 504 -14.85 0.65 -39.09
CA GLU B 504 -13.51 1.21 -38.95
C GLU B 504 -12.72 0.37 -37.94
N VAL B 505 -11.67 -0.29 -38.40
CA VAL B 505 -10.81 -1.09 -37.56
C VAL B 505 -9.43 -0.45 -37.54
N PRO B 506 -8.87 -0.15 -36.38
CA PRO B 506 -7.48 0.32 -36.32
C PRO B 506 -6.54 -0.56 -37.12
N GLU B 507 -5.50 0.04 -37.69
CA GLU B 507 -4.61 -0.72 -38.56
C GLU B 507 -3.91 -1.86 -37.82
N ASP B 508 -3.42 -1.60 -36.60
CA ASP B 508 -2.74 -2.62 -35.82
C ASP B 508 -3.67 -3.77 -35.42
N MET B 509 -4.98 -3.59 -35.54
CA MET B 509 -5.93 -4.61 -35.14
C MET B 509 -6.60 -5.33 -36.30
N LYS B 510 -6.49 -4.78 -37.52
CA LYS B 510 -7.04 -5.42 -38.71
C LYS B 510 -6.56 -6.85 -38.87
N LEU B 511 -5.26 -7.09 -38.60
CA LEU B 511 -4.69 -8.39 -38.90
C LEU B 511 -4.98 -9.42 -37.82
N LEU B 512 -5.40 -9.00 -36.63
CA LEU B 512 -5.85 -9.95 -35.60
C LEU B 512 -7.04 -10.75 -36.08
N SER B 513 -7.67 -10.33 -37.15
CA SER B 513 -8.69 -11.16 -37.77
C SER B 513 -8.13 -12.55 -38.12
N ILE B 514 -6.87 -12.61 -38.50
CA ILE B 514 -6.21 -13.88 -38.78
C ILE B 514 -5.42 -14.37 -37.58
N PHE B 515 -4.60 -13.50 -37.01
CA PHE B 515 -3.77 -13.88 -35.87
C PHE B 515 -4.62 -14.44 -34.73
N THR B 516 -5.69 -13.73 -34.37
CA THR B 516 -6.50 -14.07 -33.21
C THR B 516 -7.54 -15.13 -33.55
N ASP B 517 -8.39 -14.85 -34.55
CA ASP B 517 -9.50 -15.77 -34.84
C ASP B 517 -9.00 -17.08 -35.44
N VAL B 518 -7.96 -17.06 -36.28
CA VAL B 518 -7.49 -18.31 -36.88
C VAL B 518 -6.35 -18.91 -36.07
N PHE B 519 -5.25 -18.17 -35.88
CA PHE B 519 -4.04 -18.77 -35.29
C PHE B 519 -4.25 -19.11 -33.82
N ASP B 520 -4.54 -18.11 -33.01
CA ASP B 520 -4.60 -18.32 -31.57
C ASP B 520 -5.88 -19.02 -31.11
N CYS B 521 -6.93 -19.04 -31.91
CA CYS B 521 -8.19 -19.62 -31.43
C CYS B 521 -8.59 -20.89 -32.14
N PHE B 522 -7.73 -21.44 -33.00
CA PHE B 522 -7.98 -22.75 -33.59
C PHE B 522 -6.69 -23.51 -33.86
N PHE B 523 -5.84 -23.00 -34.76
CA PHE B 523 -4.58 -23.66 -35.08
C PHE B 523 -3.78 -24.01 -33.82
N ARG B 524 -3.75 -23.10 -32.84
CA ARG B 524 -3.12 -23.41 -31.56
C ARG B 524 -3.57 -24.78 -31.03
N PHE B 525 -4.88 -25.06 -31.10
CA PHE B 525 -5.38 -26.36 -30.63
C PHE B 525 -5.09 -27.48 -31.62
N LEU B 526 -5.22 -27.22 -32.93
CA LEU B 526 -4.99 -28.27 -33.92
C LEU B 526 -3.53 -28.71 -33.95
N ALA B 527 -2.61 -27.74 -34.05
CA ALA B 527 -1.18 -28.08 -34.06
C ALA B 527 -0.79 -28.83 -32.78
N ALA B 528 -1.27 -28.34 -31.64
CA ALA B 528 -0.89 -28.97 -30.38
C ALA B 528 -1.46 -30.39 -30.28
N GLY B 529 -2.75 -30.55 -30.57
CA GLY B 529 -3.30 -31.90 -30.56
C GLY B 529 -2.54 -32.85 -31.47
N LEU B 530 -2.32 -32.44 -32.71
CA LEU B 530 -1.65 -33.33 -33.66
C LEU B 530 -0.24 -33.71 -33.17
N ALA B 531 0.43 -32.79 -32.48
CA ALA B 531 1.77 -33.10 -31.98
C ALA B 531 1.71 -34.11 -30.84
N THR B 532 0.78 -33.93 -29.91
CA THR B 532 0.59 -34.88 -28.82
C THR B 532 0.16 -36.23 -29.35
N GLU B 533 -0.66 -36.25 -30.39
CA GLU B 533 -1.08 -37.49 -31.00
C GLU B 533 0.09 -38.24 -31.67
N GLU B 534 1.25 -37.61 -31.74
CA GLU B 534 2.39 -38.07 -32.53
C GLU B 534 2.02 -38.31 -33.99
N VAL B 535 1.38 -37.30 -34.60
CA VAL B 535 0.98 -37.33 -36.00
C VAL B 535 1.75 -36.25 -36.77
N LEU B 536 2.06 -35.14 -36.11
CA LEU B 536 2.71 -34.05 -36.83
C LEU B 536 3.34 -33.09 -35.84
N ALA B 537 4.66 -32.90 -35.94
CA ALA B 537 5.36 -31.95 -35.10
C ALA B 537 4.86 -30.54 -35.34
N GLU B 538 4.86 -29.75 -34.27
CA GLU B 538 4.44 -28.35 -34.38
C GLU B 538 5.24 -27.64 -35.45
N ASP B 539 6.58 -27.78 -35.42
CA ASP B 539 7.41 -27.08 -36.40
C ASP B 539 6.96 -27.41 -37.82
N ASP B 540 6.56 -28.65 -38.05
CA ASP B 540 6.07 -29.02 -39.37
C ASP B 540 4.72 -28.41 -39.66
N PHE B 541 3.83 -28.38 -38.65
CA PHE B 541 2.55 -27.72 -38.80
C PHE B 541 2.74 -26.26 -39.20
N TRP B 542 3.50 -25.51 -38.43
CA TRP B 542 3.65 -24.08 -38.68
C TRP B 542 4.46 -23.81 -39.95
N ARG B 543 5.49 -24.62 -40.21
CA ARG B 543 6.22 -24.53 -41.47
C ARG B 543 5.27 -24.71 -42.64
N THR B 544 4.28 -25.58 -42.49
CA THR B 544 3.33 -25.80 -43.57
C THR B 544 2.46 -24.57 -43.77
N VAL B 545 2.02 -23.97 -42.67
CA VAL B 545 1.23 -22.74 -42.77
C VAL B 545 2.05 -21.63 -43.41
N ALA B 546 3.31 -21.49 -42.99
CA ALA B 546 4.17 -20.48 -43.61
C ALA B 546 4.32 -20.74 -45.11
N GLU B 547 4.60 -21.99 -45.49
CA GLU B 547 4.71 -22.35 -46.91
C GLU B 547 3.48 -21.94 -47.70
N VAL B 548 2.29 -22.32 -47.21
CA VAL B 548 1.04 -22.00 -47.88
C VAL B 548 0.85 -20.49 -48.01
N THR B 549 1.27 -19.75 -46.98
CA THR B 549 1.11 -18.30 -46.99
C THR B 549 1.98 -17.64 -48.06
N ARG B 550 3.25 -18.07 -48.22
CA ARG B 550 4.05 -17.53 -49.31
C ARG B 550 3.57 -18.04 -50.67
N GLU B 551 3.15 -19.31 -50.74
CA GLU B 551 2.57 -19.82 -51.99
C GLU B 551 1.46 -18.90 -52.48
N TYR B 552 0.58 -18.49 -51.57
CA TYR B 552 -0.47 -17.54 -51.93
C TYR B 552 0.12 -16.17 -52.23
N GLN B 553 0.97 -15.66 -51.34
CA GLN B 553 1.47 -14.29 -51.50
C GLN B 553 2.33 -14.14 -52.74
N GLU B 554 3.12 -15.16 -53.06
CA GLU B 554 4.02 -15.03 -54.22
C GLU B 554 3.26 -15.03 -55.53
N ALA B 555 2.11 -15.70 -55.59
CA ALA B 555 1.34 -15.73 -56.83
C ALA B 555 0.49 -14.49 -57.02
N HIS B 556 0.65 -13.46 -56.20
CA HIS B 556 -0.13 -12.23 -56.31
C HIS B 556 0.74 -11.00 -56.00
N PRO B 557 1.71 -10.67 -56.88
CA PRO B 557 2.50 -9.45 -56.64
C PRO B 557 1.69 -8.16 -56.67
N GLU B 558 0.56 -8.11 -57.39
CA GLU B 558 -0.28 -6.93 -57.39
C GLU B 558 -0.64 -6.45 -55.98
N LEU B 559 -0.51 -7.33 -54.97
CA LEU B 559 -0.84 -6.97 -53.59
C LEU B 559 0.39 -6.96 -52.69
N ASP B 560 1.59 -6.78 -53.25
CA ASP B 560 2.81 -6.79 -52.45
C ASP B 560 2.80 -5.70 -51.38
N ASP B 561 2.28 -4.51 -51.73
CA ASP B 561 2.26 -3.39 -50.80
C ASP B 561 1.55 -3.75 -49.51
N ARG B 562 0.36 -4.36 -49.64
CA ARG B 562 -0.43 -4.74 -48.48
C ARG B 562 0.22 -5.86 -47.69
N PHE B 563 0.84 -6.83 -48.37
CA PHE B 563 1.57 -7.90 -47.68
C PHE B 563 2.61 -7.33 -46.74
N ARG B 564 3.33 -6.29 -47.16
CA ARG B 564 4.28 -5.63 -46.27
C ARG B 564 3.58 -4.81 -45.19
N GLN B 565 2.45 -4.17 -45.55
CA GLN B 565 1.74 -3.32 -44.61
C GLN B 565 1.16 -4.12 -43.44
N TYR B 566 0.55 -5.26 -43.73
CA TYR B 566 -0.03 -6.16 -42.74
C TYR B 566 0.82 -7.43 -42.74
N ASP B 567 1.95 -7.35 -42.04
CA ASP B 567 2.96 -8.40 -42.09
C ASP B 567 2.45 -9.60 -41.34
N LEU B 568 2.14 -10.67 -42.09
CA LEU B 568 1.77 -11.92 -41.44
C LEU B 568 2.96 -12.61 -40.79
N PHE B 569 4.19 -12.14 -41.06
CA PHE B 569 5.38 -12.79 -40.55
C PHE B 569 6.09 -11.95 -39.50
N ALA B 570 5.37 -11.01 -38.89
CA ALA B 570 5.94 -10.20 -37.81
C ALA B 570 6.47 -11.09 -36.69
N PRO B 571 7.37 -10.57 -35.87
CA PRO B 571 7.88 -11.37 -34.75
C PRO B 571 6.81 -11.69 -33.72
N GLU B 572 5.84 -10.81 -33.53
CA GLU B 572 4.87 -10.94 -32.45
C GLU B 572 3.55 -10.30 -32.83
N PHE B 573 2.50 -10.66 -32.10
CA PHE B 573 1.20 -10.03 -32.28
C PHE B 573 0.45 -10.00 -30.95
N ALA B 574 -0.59 -9.17 -30.89
CA ALA B 574 -1.23 -8.90 -29.62
C ALA B 574 -1.96 -10.13 -29.10
N LEU B 575 -1.87 -10.34 -27.78
CA LEU B 575 -2.63 -11.41 -27.14
C LEU B 575 -4.03 -10.88 -26.86
N SER B 576 -5.02 -11.44 -27.54
CA SER B 576 -6.41 -11.08 -27.34
C SER B 576 -7.03 -12.21 -26.53
N CYS B 577 -7.62 -11.89 -25.38
CA CYS B 577 -8.06 -12.90 -24.39
C CYS B 577 -9.57 -13.08 -24.41
N LEU B 578 -10.01 -14.29 -24.74
CA LEU B 578 -11.45 -14.45 -24.91
C LEU B 578 -12.16 -14.61 -23.57
N ASN B 579 -11.63 -15.45 -22.68
CA ASN B 579 -12.24 -15.59 -21.37
C ASN B 579 -12.29 -14.28 -20.62
N ARG B 580 -11.27 -13.44 -20.75
CA ARG B 580 -11.26 -12.14 -20.07
C ARG B 580 -12.45 -11.28 -20.47
N LEU B 581 -12.93 -11.43 -21.71
CA LEU B 581 -14.12 -10.74 -22.19
C LEU B 581 -15.38 -11.20 -21.45
N GLN B 582 -15.64 -12.51 -21.43
CA GLN B 582 -16.80 -13.08 -20.77
C GLN B 582 -16.86 -12.77 -19.26
N LEU B 583 -15.85 -12.14 -18.66
CA LEU B 583 -15.95 -11.73 -17.27
C LEU B 583 -16.10 -10.21 -17.11
N ARG B 584 -16.28 -9.47 -18.21
CA ARG B 584 -16.34 -8.02 -18.16
C ARG B 584 -17.80 -7.58 -18.03
N SER B 596 -13.10 -5.76 -32.66
CA SER B 596 -12.04 -4.77 -32.52
C SER B 596 -12.57 -3.56 -31.72
N ALA B 597 -13.67 -3.78 -31.00
CA ALA B 597 -14.22 -2.77 -30.12
C ALA B 597 -13.38 -2.68 -28.83
N ALA B 598 -13.93 -3.16 -27.71
CA ALA B 598 -13.16 -3.27 -26.47
C ALA B 598 -12.81 -4.75 -26.28
N LEU B 599 -11.79 -5.17 -27.01
CA LEU B 599 -11.12 -6.43 -26.75
C LEU B 599 -10.08 -6.23 -25.66
N GLN B 600 -9.70 -7.32 -25.01
CA GLN B 600 -8.76 -7.28 -23.89
C GLN B 600 -7.39 -7.73 -24.38
N LEU B 601 -6.60 -6.76 -24.83
CA LEU B 601 -5.23 -7.03 -25.25
C LEU B 601 -4.35 -7.03 -24.00
N VAL B 602 -3.56 -8.10 -23.83
CA VAL B 602 -2.68 -8.26 -22.68
C VAL B 602 -1.34 -8.83 -23.15
N GLY B 603 -0.37 -7.96 -23.47
CA GLY B 603 0.92 -8.45 -23.94
C GLY B 603 0.90 -8.94 -25.38
N THR B 604 1.88 -9.79 -25.73
CA THR B 604 2.03 -10.27 -27.09
C THR B 604 2.34 -11.78 -27.10
N LEU B 605 2.42 -12.33 -28.30
CA LEU B 605 2.61 -13.76 -28.53
C LEU B 605 3.66 -13.95 -29.59
N ARG B 606 4.55 -14.92 -29.42
CA ARG B 606 5.55 -15.18 -30.45
C ARG B 606 4.87 -15.84 -31.65
N ASN B 607 4.87 -15.14 -32.76
CA ASN B 607 4.27 -15.62 -33.98
C ASN B 607 5.05 -16.84 -34.46
N PRO B 608 4.42 -17.99 -34.63
CA PRO B 608 5.18 -19.16 -35.12
C PRO B 608 5.70 -19.02 -36.54
N LEU B 609 5.20 -18.06 -37.33
CA LEU B 609 5.71 -17.82 -38.68
C LEU B 609 7.00 -16.99 -38.71
N ALA B 610 7.69 -16.82 -37.57
CA ALA B 610 8.82 -15.92 -37.51
C ALA B 610 9.98 -16.34 -38.43
N GLY B 611 10.02 -17.61 -38.85
CA GLY B 611 10.88 -17.99 -39.94
C GLY B 611 10.34 -17.41 -41.24
N MET C 21 30.26 -10.53 28.38
CA MET C 21 31.60 -11.05 28.12
C MET C 21 32.64 -9.93 28.21
N SER C 22 32.19 -8.80 28.81
CA SER C 22 32.88 -7.54 29.09
C SER C 22 32.61 -6.49 28.02
N LEU C 23 32.15 -5.31 28.47
CA LEU C 23 31.85 -4.23 27.54
C LEU C 23 33.08 -3.81 26.77
N THR C 24 34.18 -3.55 27.48
CA THR C 24 35.35 -2.98 26.83
C THR C 24 36.14 -4.03 26.04
N ASP C 25 35.98 -5.30 26.39
CA ASP C 25 36.72 -6.36 25.72
C ASP C 25 36.14 -6.65 24.35
N ALA C 26 34.83 -6.87 24.28
CA ALA C 26 34.13 -7.08 23.02
C ALA C 26 34.63 -6.12 21.94
N VAL C 27 34.92 -4.90 22.33
CA VAL C 27 35.14 -3.79 21.42
C VAL C 27 36.63 -3.39 21.35
N ALA C 28 37.50 -4.21 21.96
CA ALA C 28 38.93 -3.92 22.02
C ALA C 28 39.60 -4.00 20.65
N HIS C 29 39.09 -4.82 19.75
CA HIS C 29 39.76 -4.87 18.47
C HIS C 29 39.61 -3.57 17.69
N LEU C 30 38.69 -2.69 18.11
CA LEU C 30 38.45 -1.40 17.43
C LEU C 30 39.29 -0.32 18.09
N SER C 31 40.60 -0.30 17.74
CA SER C 31 41.53 0.75 18.10
C SER C 31 41.81 1.64 16.91
N PRO C 32 42.35 2.85 17.13
CA PRO C 32 42.64 3.72 15.96
C PRO C 32 43.66 3.14 15.00
N GLU C 33 44.81 2.68 15.51
CA GLU C 33 45.87 2.16 14.64
C GLU C 33 45.36 1.03 13.76
N ARG C 34 44.58 0.11 14.32
CA ARG C 34 44.01 -0.96 13.50
C ARG C 34 43.01 -0.42 12.50
N TRP C 35 42.11 0.47 12.94
CA TRP C 35 41.15 1.07 12.03
C TRP C 35 41.88 1.70 10.84
N GLU C 36 42.98 2.40 11.10
CA GLU C 36 43.74 3.01 10.01
C GLU C 36 44.26 1.94 9.05
N GLU C 37 44.98 0.93 9.57
CA GLU C 37 45.48 -0.12 8.70
C GLU C 37 44.36 -0.75 7.89
N ALA C 38 43.26 -1.10 8.57
CA ALA C 38 42.13 -1.68 7.87
C ALA C 38 41.70 -0.77 6.73
N ASN C 39 41.60 0.54 7.02
CA ASN C 39 41.11 1.47 6.01
C ASN C 39 42.06 1.57 4.83
N ARG C 40 43.37 1.63 5.08
CA ARG C 40 44.31 1.60 3.97
C ARG C 40 44.08 0.36 3.12
N LEU C 41 43.96 -0.81 3.75
CA LEU C 41 43.91 -2.04 2.98
C LEU C 41 42.66 -2.12 2.11
N LEU C 42 41.54 -1.56 2.59
CA LEU C 42 40.29 -1.65 1.84
C LEU C 42 40.32 -0.74 0.61
N VAL C 43 40.76 0.52 0.80
CA VAL C 43 40.84 1.46 -0.32
C VAL C 43 41.82 0.97 -1.36
N ARG C 44 42.92 0.35 -0.93
CA ARG C 44 43.81 -0.34 -1.87
C ARG C 44 43.01 -1.30 -2.72
N LYS C 45 42.19 -2.13 -2.08
CA LYS C 45 41.39 -3.11 -2.80
C LYS C 45 40.32 -2.43 -3.66
N ALA C 46 39.58 -1.47 -3.09
CA ALA C 46 38.61 -0.73 -3.89
C ALA C 46 39.26 -0.13 -5.14
N LEU C 47 40.38 0.58 -4.97
CA LEU C 47 41.06 1.13 -6.13
C LEU C 47 41.38 0.04 -7.14
N ALA C 48 41.99 -1.05 -6.66
CA ALA C 48 42.33 -2.18 -7.52
C ALA C 48 41.11 -2.68 -8.28
N GLU C 49 40.08 -3.14 -7.56
CA GLU C 49 38.98 -3.84 -8.22
C GLU C 49 38.03 -2.90 -8.95
N PHE C 50 37.89 -1.65 -8.53
CA PHE C 50 37.01 -0.78 -9.32
C PHE C 50 37.70 -0.36 -10.62
N ALA C 51 39.02 -0.16 -10.59
CA ALA C 51 39.74 0.04 -11.84
C ALA C 51 39.53 -1.14 -12.77
N HIS C 52 39.60 -2.36 -12.23
CA HIS C 52 39.45 -3.54 -13.07
C HIS C 52 38.06 -3.66 -13.65
N GLU C 53 37.04 -3.15 -12.97
CA GLU C 53 35.68 -3.18 -13.50
C GLU C 53 35.35 -1.92 -14.27
N ARG C 54 36.37 -1.12 -14.59
CA ARG C 54 36.24 0.06 -15.43
C ARG C 54 35.17 1.00 -14.88
N LEU C 55 35.00 0.99 -13.56
CA LEU C 55 34.11 1.96 -12.93
C LEU C 55 34.74 3.33 -12.95
N PHE C 56 36.06 3.36 -12.82
CA PHE C 56 36.85 4.52 -13.23
C PHE C 56 38.12 4.02 -13.93
N THR C 57 38.85 4.96 -14.47
CA THR C 57 40.03 4.61 -15.25
C THR C 57 41.19 5.48 -14.78
N PRO C 58 42.15 4.92 -14.05
CA PRO C 58 43.24 5.73 -13.49
C PRO C 58 44.08 6.38 -14.58
N GLU C 59 44.03 7.71 -14.71
CA GLU C 59 44.93 8.36 -15.64
C GLU C 59 46.33 8.39 -15.03
N PRO C 60 47.38 8.23 -15.84
CA PRO C 60 48.74 8.24 -15.28
C PRO C 60 49.13 9.66 -14.89
N ALA C 61 50.27 9.75 -14.21
CA ALA C 61 50.83 11.03 -13.82
C ALA C 61 51.96 11.39 -14.77
N ASP C 62 52.05 12.68 -15.11
CA ASP C 62 53.18 13.15 -15.92
C ASP C 62 54.52 12.79 -15.26
N GLY C 63 54.54 12.57 -13.95
CA GLY C 63 55.75 12.19 -13.22
C GLY C 63 56.35 10.85 -13.61
N GLN C 64 56.60 9.98 -12.63
CA GLN C 64 57.29 8.71 -12.88
C GLN C 64 56.32 7.66 -13.42
N ASP C 65 56.79 6.91 -14.43
CA ASP C 65 56.01 5.83 -15.00
C ASP C 65 55.62 4.84 -13.89
N GLY C 66 54.33 4.52 -13.82
CA GLY C 66 53.80 3.67 -12.78
C GLY C 66 53.03 4.36 -11.68
N ARG C 67 52.83 5.68 -11.76
CA ARG C 67 52.04 6.42 -10.76
C ARG C 67 50.76 6.91 -11.43
N TYR C 68 49.62 6.53 -10.86
CA TYR C 68 48.30 6.84 -11.42
C TYR C 68 47.49 7.68 -10.45
N VAL C 69 46.34 8.17 -10.93
CA VAL C 69 45.45 8.98 -10.10
C VAL C 69 44.00 8.66 -10.43
N VAL C 70 43.15 8.65 -9.39
CA VAL C 70 41.70 8.51 -9.53
C VAL C 70 41.05 9.61 -8.70
N ARG C 71 40.12 10.35 -9.31
CA ARG C 71 39.49 11.52 -8.71
C ARG C 71 38.04 11.23 -8.31
N SER C 72 37.55 12.00 -7.33
CA SER C 72 36.19 11.88 -6.84
C SER C 72 35.20 12.42 -7.87
N ASP C 73 33.91 12.33 -7.54
CA ASP C 73 32.91 12.96 -8.39
C ASP C 73 33.18 14.47 -8.51
N ASP C 74 33.50 15.11 -7.38
CA ASP C 74 33.74 16.56 -7.35
C ASP C 74 34.94 16.94 -8.20
N GLY C 75 35.90 16.04 -8.37
CA GLY C 75 37.14 16.37 -9.01
C GLY C 75 38.13 17.12 -8.14
N LEU C 76 37.70 17.60 -6.97
CA LEU C 76 38.57 18.36 -6.07
C LEU C 76 39.42 17.45 -5.20
N THR C 77 38.98 16.22 -4.94
CA THR C 77 39.74 15.22 -4.17
C THR C 77 40.43 14.23 -5.10
N SER C 78 41.74 14.02 -4.90
CA SER C 78 42.57 13.18 -5.77
C SER C 78 43.16 12.03 -4.97
N TYR C 79 42.87 10.79 -5.40
CA TYR C 79 43.50 9.59 -4.83
C TYR C 79 44.69 9.21 -5.69
N ARG C 80 45.90 9.25 -5.12
CA ARG C 80 47.14 9.01 -5.85
C ARG C 80 47.80 7.74 -5.33
N PHE C 81 48.41 6.96 -6.22
CA PHE C 81 48.96 5.66 -5.85
C PHE C 81 49.81 5.11 -6.98
N THR C 82 50.80 4.30 -6.62
CA THR C 82 51.54 3.55 -7.61
C THR C 82 50.92 2.15 -7.74
N ALA C 83 51.08 1.54 -8.91
CA ALA C 83 50.45 0.26 -9.16
C ALA C 83 51.14 -0.44 -10.32
N VAL C 84 51.24 -1.77 -10.23
CA VAL C 84 51.77 -2.60 -11.31
C VAL C 84 50.61 -3.19 -12.10
N ARG C 85 50.60 -2.97 -13.41
CA ARG C 85 49.58 -3.56 -14.27
C ARG C 85 49.94 -4.99 -14.61
N ARG C 86 49.00 -5.91 -14.46
CA ARG C 86 49.24 -7.32 -14.76
C ARG C 86 48.06 -7.86 -15.57
N ALA C 87 48.15 -9.14 -15.93
CA ALA C 87 47.26 -9.70 -16.95
C ALA C 87 45.81 -9.68 -16.48
N LEU C 88 44.91 -9.83 -17.46
CA LEU C 88 43.47 -9.73 -17.24
C LEU C 88 43.10 -8.40 -16.61
N ASP C 89 43.77 -7.32 -17.02
CA ASP C 89 43.46 -5.98 -16.53
C ASP C 89 43.53 -5.90 -15.02
N HIS C 90 44.54 -6.54 -14.45
CA HIS C 90 44.71 -6.50 -13.02
C HIS C 90 45.49 -5.25 -12.62
N TRP C 91 45.21 -4.75 -11.41
CA TRP C 91 45.91 -3.58 -10.88
C TRP C 91 46.53 -3.94 -9.53
N GLN C 92 47.84 -4.22 -9.52
CA GLN C 92 48.57 -4.46 -8.27
C GLN C 92 48.89 -3.10 -7.65
N VAL C 93 47.87 -2.55 -6.99
CA VAL C 93 47.99 -1.25 -6.33
C VAL C 93 48.74 -1.40 -5.01
N ASP C 94 49.74 -0.53 -4.80
CA ASP C 94 50.65 -0.57 -3.66
C ASP C 94 49.97 0.11 -2.48
N ALA C 95 49.66 -0.66 -1.43
CA ALA C 95 48.84 -0.14 -0.34
C ALA C 95 49.48 1.07 0.32
N GLY C 96 50.78 1.02 0.55
CA GLY C 96 51.39 2.13 1.24
C GLY C 96 51.60 3.37 0.44
N SER C 97 51.41 3.33 -0.89
CA SER C 97 51.63 4.52 -1.71
C SER C 97 50.41 5.42 -1.84
N ILE C 98 49.25 5.00 -1.34
CA ILE C 98 48.01 5.75 -1.53
C ILE C 98 48.02 7.03 -0.71
N THR C 99 47.50 8.11 -1.30
CA THR C 99 47.35 9.38 -0.62
C THR C 99 46.07 10.05 -1.11
N ARG C 100 45.31 10.62 -0.18
CA ARG C 100 44.11 11.39 -0.48
C ARG C 100 44.49 12.85 -0.33
N THR C 101 44.40 13.64 -1.42
CA THR C 101 44.77 15.05 -1.40
C THR C 101 43.60 15.93 -1.81
N ARG C 102 43.51 17.08 -1.15
CA ARG C 102 42.51 18.08 -1.49
C ARG C 102 43.06 19.44 -1.06
N ASP C 103 42.98 20.42 -1.96
CA ASP C 103 43.54 21.76 -1.74
C ASP C 103 45.04 21.69 -1.45
N GLY C 104 45.74 20.79 -2.17
CA GLY C 104 47.17 20.60 -2.04
C GLY C 104 47.61 19.92 -0.75
N ALA C 105 46.70 19.89 0.22
CA ALA C 105 46.99 19.30 1.51
C ALA C 105 46.55 17.84 1.54
N GLU C 106 47.31 17.06 2.29
CA GLU C 106 46.98 15.65 2.50
C GLU C 106 45.80 15.52 3.44
N LEU C 107 45.01 14.49 3.24
CA LEU C 107 43.85 14.16 4.06
C LEU C 107 43.93 12.71 4.53
N PRO C 108 43.23 12.37 5.62
CA PRO C 108 43.21 10.98 6.06
C PRO C 108 42.61 10.06 5.01
N LEU C 109 43.07 8.81 5.00
CA LEU C 109 42.61 7.77 4.08
C LEU C 109 41.43 6.99 4.67
N ALA C 110 40.22 7.55 4.54
CA ALA C 110 39.03 6.99 5.17
C ALA C 110 38.18 6.28 4.12
N ALA C 111 37.89 5.00 4.36
CA ALA C 111 37.13 4.23 3.39
C ALA C 111 35.68 4.67 3.32
N LEU C 112 35.08 5.05 4.45
CA LEU C 112 33.72 5.57 4.38
C LEU C 112 33.68 6.83 3.53
N ASP C 113 34.67 7.70 3.71
CA ASP C 113 34.77 8.92 2.90
C ASP C 113 34.98 8.60 1.43
N PHE C 114 35.79 7.58 1.12
CA PHE C 114 36.05 7.21 -0.25
C PHE C 114 34.76 6.85 -0.98
N PHE C 115 33.92 6.03 -0.36
CA PHE C 115 32.68 5.63 -1.04
C PHE C 115 31.69 6.77 -1.14
N ILE C 116 31.77 7.74 -0.24
CA ILE C 116 30.88 8.90 -0.32
C ILE C 116 31.36 9.84 -1.40
N GLU C 117 32.67 10.02 -1.52
CA GLU C 117 33.21 10.93 -2.52
C GLU C 117 33.03 10.38 -3.94
N LEU C 118 32.73 9.08 -4.08
CA LEU C 118 32.62 8.46 -5.40
C LEU C 118 31.26 7.78 -5.60
N ARG C 119 30.26 8.23 -4.84
CA ARG C 119 28.93 7.65 -4.93
C ARG C 119 28.44 7.60 -6.37
N HIS C 120 28.62 8.68 -7.10
CA HIS C 120 28.07 8.70 -8.44
C HIS C 120 28.96 7.92 -9.41
N THR C 121 30.28 8.07 -9.27
CA THR C 121 31.21 7.31 -10.12
C THR C 121 30.94 5.82 -10.06
N LEU C 122 30.58 5.30 -8.88
CA LEU C 122 30.49 3.86 -8.64
C LEU C 122 29.10 3.26 -8.76
N GLY C 123 28.07 4.04 -9.10
CA GLY C 123 26.77 3.43 -9.23
C GLY C 123 26.02 3.30 -7.93
N LEU C 124 26.46 3.98 -6.88
CA LEU C 124 25.92 3.82 -5.52
C LEU C 124 24.66 4.65 -5.36
N SER C 125 23.52 4.00 -5.61
CA SER C 125 22.21 4.62 -5.46
C SER C 125 21.99 5.15 -4.06
N ASP C 126 21.17 6.21 -3.96
CA ASP C 126 20.85 6.79 -2.66
C ASP C 126 20.16 5.79 -1.73
N GLU C 127 19.54 4.75 -2.27
CA GLU C 127 18.90 3.71 -1.46
C GLU C 127 19.90 2.70 -0.89
N ILE C 128 21.01 2.46 -1.58
CA ILE C 128 21.97 1.47 -1.10
C ILE C 128 23.19 2.08 -0.43
N LEU C 129 23.47 3.36 -0.63
CA LEU C 129 24.65 3.94 -0.02
C LEU C 129 24.71 3.74 1.50
N PRO C 130 23.63 3.97 2.25
CA PRO C 130 23.73 3.79 3.70
C PRO C 130 24.00 2.33 4.06
N VAL C 131 23.23 1.41 3.47
CA VAL C 131 23.42 -0.02 3.73
C VAL C 131 24.84 -0.44 3.35
N TYR C 132 25.33 0.08 2.23
CA TYR C 132 26.67 -0.27 1.78
C TYR C 132 27.73 0.25 2.75
N LEU C 133 27.52 1.44 3.31
CA LEU C 133 28.47 1.94 4.31
C LEU C 133 28.46 1.06 5.55
N GLU C 134 27.28 0.67 6.05
CA GLU C 134 27.21 -0.27 7.15
C GLU C 134 27.93 -1.57 6.82
N GLU C 135 27.83 -2.04 5.57
CA GLU C 135 28.49 -3.28 5.21
C GLU C 135 30.00 -3.10 5.16
N ILE C 136 30.46 -1.91 4.77
CA ILE C 136 31.90 -1.61 4.76
C ILE C 136 32.41 -1.52 6.19
N SER C 137 31.66 -0.86 7.08
CA SER C 137 32.07 -0.85 8.48
C SER C 137 32.18 -2.27 9.03
N SER C 138 31.22 -3.14 8.72
CA SER C 138 31.33 -4.50 9.22
C SER C 138 32.62 -5.14 8.73
N THR C 139 32.92 -4.98 7.44
CA THR C 139 34.16 -5.50 6.85
C THR C 139 35.39 -4.94 7.55
N LEU C 140 35.42 -3.62 7.77
CA LEU C 140 36.58 -3.03 8.42
C LEU C 140 36.78 -3.56 9.82
N SER C 141 35.68 -3.70 10.59
CA SER C 141 35.77 -4.29 11.93
C SER C 141 36.36 -5.67 11.89
N GLY C 142 35.90 -6.50 10.96
CA GLY C 142 36.49 -7.82 10.83
C GLY C 142 38.00 -7.77 10.65
N THR C 143 38.46 -6.94 9.70
CA THR C 143 39.89 -6.72 9.52
C THR C 143 40.52 -6.31 10.84
N CYS C 144 39.88 -5.40 11.56
CA CYS C 144 40.41 -4.99 12.86
C CYS C 144 40.56 -6.19 13.79
N TYR C 145 39.54 -7.02 13.88
CA TYR C 145 39.69 -8.20 14.72
C TYR C 145 40.81 -9.09 14.22
N LYS C 146 40.87 -9.35 12.92
CA LYS C 146 41.88 -10.28 12.41
C LYS C 146 43.28 -9.77 12.68
N LEU C 147 43.44 -8.45 12.80
CA LEU C 147 44.72 -7.82 13.08
C LEU C 147 45.17 -8.02 14.52
N THR C 148 44.26 -8.31 15.44
CA THR C 148 44.70 -8.59 16.80
C THR C 148 45.07 -10.05 16.98
N LYS C 149 44.85 -10.89 15.99
CA LYS C 149 45.17 -12.31 16.16
C LYS C 149 46.69 -12.49 16.12
N PRO C 150 47.22 -13.48 16.82
CA PRO C 150 48.68 -13.70 16.78
C PRO C 150 49.13 -13.90 15.34
N GLN C 151 50.20 -13.19 14.98
CA GLN C 151 50.75 -13.27 13.62
C GLN C 151 51.20 -14.68 13.30
N VAL C 152 50.68 -15.23 12.20
CA VAL C 152 51.02 -16.58 11.76
C VAL C 152 51.51 -16.53 10.32
N THR C 153 52.68 -17.13 10.08
CA THR C 153 53.23 -17.25 8.73
C THR C 153 52.53 -18.35 7.95
N ALA C 154 52.72 -18.32 6.64
CA ALA C 154 52.22 -19.41 5.80
C ALA C 154 52.67 -20.76 6.34
N ALA C 155 53.95 -20.87 6.72
CA ALA C 155 54.43 -22.13 7.27
C ALA C 155 53.72 -22.49 8.56
N GLY C 156 53.41 -21.51 9.41
CA GLY C 156 52.70 -21.82 10.63
C GLY C 156 51.28 -22.27 10.39
N LEU C 157 50.64 -21.71 9.36
CA LEU C 157 49.29 -22.15 9.02
C LEU C 157 49.31 -23.59 8.55
N LEU C 158 50.24 -23.96 7.67
CA LEU C 158 50.27 -25.34 7.24
C LEU C 158 50.51 -26.27 8.41
N GLU C 159 51.34 -25.84 9.37
CA GLU C 159 51.59 -26.68 10.53
C GLU C 159 50.37 -26.72 11.44
N GLY C 160 49.65 -25.61 11.53
CA GLY C 160 48.41 -25.59 12.29
C GLY C 160 47.42 -26.64 11.83
N GLY C 161 47.26 -26.79 10.52
CA GLY C 161 46.37 -27.80 9.98
C GLY C 161 45.12 -27.22 9.34
N PHE C 162 44.21 -28.13 8.98
CA PHE C 162 43.04 -27.81 8.16
C PHE C 162 42.27 -26.63 8.72
N GLN C 163 41.90 -26.69 10.00
CA GLN C 163 41.09 -25.64 10.57
C GLN C 163 41.91 -24.36 10.83
N ALA C 164 43.20 -24.49 11.13
CA ALA C 164 44.02 -23.29 11.30
C ALA C 164 44.03 -22.45 10.03
N LEU C 165 44.01 -23.14 8.88
CA LEU C 165 43.95 -22.47 7.59
C LEU C 165 42.56 -21.92 7.31
N GLU C 166 41.53 -22.70 7.65
CA GLU C 166 40.16 -22.25 7.46
C GLU C 166 39.93 -20.91 8.15
N SER C 167 40.28 -20.81 9.42
CA SER C 167 40.04 -19.59 10.17
C SER C 167 41.18 -18.60 10.05
N GLY C 168 42.24 -18.98 9.35
CA GLY C 168 43.37 -18.09 9.20
C GLY C 168 43.27 -17.21 8.01
N MET C 169 42.28 -17.49 7.16
CA MET C 169 42.08 -16.69 5.96
C MET C 169 41.64 -15.31 6.36
N THR C 170 42.08 -14.32 5.59
CA THR C 170 41.85 -12.94 5.99
C THR C 170 41.22 -12.15 4.86
N GLU C 171 41.57 -12.47 3.62
CA GLU C 171 41.07 -11.69 2.49
C GLU C 171 39.57 -11.89 2.29
N GLY C 172 39.11 -13.13 2.34
CA GLY C 172 37.77 -13.28 1.85
C GLY C 172 37.79 -13.34 0.34
N HIS C 173 36.62 -13.24 -0.25
CA HIS C 173 36.51 -13.30 -1.70
C HIS C 173 37.38 -12.20 -2.33
N PRO C 174 38.26 -12.54 -3.28
CA PRO C 174 39.19 -11.51 -3.79
C PRO C 174 38.56 -10.41 -4.62
N CYS C 175 37.41 -10.65 -5.25
CA CYS C 175 36.86 -9.60 -6.10
C CYS C 175 36.07 -8.58 -5.27
N PHE C 176 35.16 -9.05 -4.44
CA PHE C 176 34.22 -8.16 -3.77
C PHE C 176 34.92 -7.30 -2.74
N VAL C 177 34.63 -6.01 -2.75
CA VAL C 177 35.24 -5.12 -1.77
C VAL C 177 34.52 -5.22 -0.43
N ALA C 178 33.20 -5.14 -0.45
CA ALA C 178 32.43 -5.37 0.76
C ALA C 178 32.10 -6.86 0.84
N ASN C 179 33.11 -7.64 1.20
CA ASN C 179 33.03 -9.08 1.08
C ASN C 179 32.87 -9.82 2.41
N ASN C 180 33.23 -9.22 3.53
CA ASN C 180 33.15 -9.99 4.76
C ASN C 180 32.21 -9.39 5.77
N GLY C 181 31.01 -9.01 5.32
CA GLY C 181 30.03 -8.48 6.24
C GLY C 181 29.56 -9.56 7.20
N ARG C 182 29.32 -9.14 8.43
CA ARG C 182 28.67 -10.03 9.39
C ARG C 182 27.45 -9.30 9.98
N LEU C 183 26.68 -8.68 9.09
CA LEU C 183 25.58 -7.83 9.53
C LEU C 183 24.46 -8.74 10.05
N GLY C 184 23.94 -8.40 11.22
CA GLY C 184 23.04 -9.25 11.95
C GLY C 184 23.63 -9.76 13.24
N PHE C 185 24.95 -9.80 13.35
CA PHE C 185 25.62 -10.19 14.58
C PHE C 185 25.87 -8.94 15.42
N GLY C 186 25.39 -8.93 16.66
CA GLY C 186 25.95 -7.99 17.62
C GLY C 186 27.41 -8.29 17.88
N VAL C 187 28.17 -7.30 18.36
CA VAL C 187 29.61 -7.51 18.53
C VAL C 187 29.86 -8.76 19.34
N ASP C 188 28.96 -9.08 20.28
CA ASP C 188 29.13 -10.26 21.10
C ASP C 188 28.84 -11.52 20.29
N GLU C 189 27.80 -11.49 19.45
CA GLU C 189 27.55 -12.62 18.57
C GLU C 189 28.65 -12.77 17.52
N TYR C 190 29.21 -11.65 17.05
CA TYR C 190 30.32 -11.72 16.11
C TYR C 190 31.46 -12.53 16.70
N LEU C 191 31.82 -12.25 17.96
CA LEU C 191 32.93 -12.96 18.56
C LEU C 191 32.63 -14.43 18.74
N ALA C 192 31.36 -14.78 18.92
CA ALA C 192 31.05 -16.19 19.13
C ALA C 192 31.00 -16.96 17.83
N TYR C 193 30.43 -16.37 16.78
CA TYR C 193 30.06 -17.14 15.60
C TYR C 193 30.87 -16.86 14.34
N ALA C 194 31.71 -15.84 14.31
CA ALA C 194 32.38 -15.59 13.05
C ALA C 194 33.54 -16.57 12.86
N PRO C 195 33.72 -17.10 11.64
CA PRO C 195 34.79 -18.09 11.42
C PRO C 195 36.18 -17.62 11.82
N GLU C 196 36.52 -16.34 11.57
CA GLU C 196 37.89 -15.89 11.83
C GLU C 196 38.24 -15.91 13.32
N THR C 197 37.25 -15.91 14.21
CA THR C 197 37.55 -15.99 15.64
C THR C 197 37.75 -17.41 16.11
N ALA C 198 37.32 -18.39 15.31
CA ALA C 198 37.50 -19.80 15.60
C ALA C 198 36.99 -20.18 16.99
N HIS C 199 35.84 -19.62 17.39
CA HIS C 199 35.38 -20.02 18.72
C HIS C 199 34.44 -21.22 18.63
N PRO C 200 34.64 -22.26 19.48
CA PRO C 200 33.77 -23.44 19.40
C PRO C 200 32.32 -23.12 19.68
N VAL C 201 31.44 -23.89 19.04
CA VAL C 201 30.02 -23.58 18.96
C VAL C 201 29.22 -24.85 19.15
N ARG C 202 28.29 -24.87 20.10
CA ARG C 202 27.36 -25.96 20.22
C ARG C 202 26.08 -25.63 19.46
N LEU C 203 25.67 -26.55 18.58
CA LEU C 203 24.41 -26.45 17.87
C LEU C 203 23.24 -26.66 18.82
N VAL C 204 22.11 -26.07 18.46
CA VAL C 204 20.85 -26.32 19.14
C VAL C 204 20.07 -27.33 18.33
N TRP C 205 19.53 -28.35 19.01
CA TRP C 205 18.76 -29.41 18.37
C TRP C 205 17.28 -29.22 18.66
N LEU C 206 16.48 -29.13 17.61
CA LEU C 206 15.03 -29.07 17.71
C LEU C 206 14.43 -30.38 17.20
N ALA C 207 13.26 -30.72 17.75
CA ALA C 207 12.41 -31.76 17.20
C ALA C 207 11.28 -31.09 16.42
N ALA C 208 11.11 -31.50 15.16
CA ALA C 208 10.20 -30.86 14.22
C ALA C 208 9.10 -31.82 13.82
N HIS C 209 7.85 -31.38 13.97
CA HIS C 209 6.72 -32.26 13.69
C HIS C 209 6.72 -32.66 12.22
N ARG C 210 6.45 -33.94 11.95
CA ARG C 210 6.51 -34.47 10.58
C ARG C 210 5.41 -33.88 9.69
N SER C 211 4.34 -33.33 10.29
CA SER C 211 3.37 -32.51 9.61
C SER C 211 3.99 -31.42 8.73
N ARG C 212 5.18 -30.95 9.09
CA ARG C 212 5.76 -29.82 8.40
C ARG C 212 7.23 -29.99 8.10
N ALA C 213 7.87 -31.07 8.54
CA ALA C 213 9.28 -31.29 8.32
C ALA C 213 9.47 -32.60 7.58
N ALA C 214 10.42 -32.61 6.66
CA ALA C 214 10.69 -33.80 5.87
C ALA C 214 12.20 -34.05 5.90
N PHE C 215 12.58 -35.32 6.05
CA PHE C 215 13.99 -35.73 6.04
C PHE C 215 14.27 -36.45 4.72
N THR C 216 15.25 -35.98 3.97
CA THR C 216 15.67 -36.64 2.73
C THR C 216 16.99 -37.35 2.95
N ALA C 217 17.05 -38.60 2.49
CA ALA C 217 18.24 -39.43 2.63
C ALA C 217 18.94 -39.59 1.29
N GLY C 218 20.27 -39.56 1.33
CA GLY C 218 21.05 -39.96 0.18
C GLY C 218 21.15 -41.47 0.08
N ALA C 219 21.65 -41.92 -1.06
CA ALA C 219 21.85 -43.34 -1.32
C ALA C 219 22.58 -44.03 -0.16
N GLY C 220 21.95 -45.07 0.39
CA GLY C 220 22.57 -45.84 1.45
C GLY C 220 22.35 -45.29 2.84
N ILE C 221 21.70 -44.15 2.97
CA ILE C 221 21.44 -43.50 4.25
C ILE C 221 20.02 -43.83 4.68
N ASP C 222 19.82 -44.07 5.97
CA ASP C 222 18.48 -44.12 6.53
C ASP C 222 18.45 -43.36 7.85
N TYR C 223 17.27 -42.83 8.19
CA TYR C 223 17.16 -41.88 9.29
C TYR C 223 17.60 -42.49 10.63
N ALA C 224 17.05 -43.65 10.99
CA ALA C 224 17.27 -44.18 12.35
C ALA C 224 18.75 -44.40 12.64
N SER C 225 19.51 -44.85 11.64
CA SER C 225 20.92 -45.12 11.88
C SER C 225 21.75 -43.84 11.75
N PHE C 226 21.46 -43.03 10.74
CA PHE C 226 22.12 -41.74 10.56
C PHE C 226 22.11 -40.94 11.84
N VAL C 227 20.94 -40.84 12.46
CA VAL C 227 20.79 -40.03 13.66
C VAL C 227 21.56 -40.63 14.82
N ARG C 228 21.61 -41.97 14.90
CA ARG C 228 22.42 -42.64 15.92
C ARG C 228 23.91 -42.37 15.72
N GLN C 229 24.41 -42.65 14.52
CA GLN C 229 25.80 -42.33 14.17
C GLN C 229 26.17 -40.90 14.56
N GLU C 230 25.28 -39.93 14.31
CA GLU C 230 25.67 -38.54 14.49
C GLU C 230 25.56 -38.11 15.94
N LEU C 231 24.54 -38.60 16.65
CA LEU C 231 24.23 -38.14 17.99
C LEU C 231 24.56 -39.14 19.08
N GLY C 232 24.84 -40.40 18.73
CA GLY C 232 24.97 -41.42 19.75
C GLY C 232 23.64 -41.77 20.39
N GLU C 233 23.39 -43.07 20.59
CA GLU C 233 22.09 -43.52 21.09
C GLU C 233 21.78 -42.94 22.46
N GLU C 234 22.82 -42.61 23.26
CA GLU C 234 22.58 -42.05 24.58
C GLU C 234 21.84 -40.71 24.49
N THR C 235 22.22 -39.88 23.52
CA THR C 235 21.51 -38.61 23.31
C THR C 235 20.18 -38.80 22.60
N VAL C 236 20.06 -39.78 21.70
CA VAL C 236 18.80 -39.95 20.97
C VAL C 236 17.68 -40.36 21.93
N GLU C 237 18.00 -41.18 22.92
CA GLU C 237 16.99 -41.50 23.93
C GLU C 237 16.74 -40.32 24.85
N ARG C 238 17.79 -39.59 25.22
CA ARG C 238 17.61 -38.38 26.02
C ARG C 238 16.59 -37.45 25.37
N PHE C 239 16.72 -37.23 24.06
CA PHE C 239 15.80 -36.35 23.31
C PHE C 239 14.39 -36.93 23.23
N ASP C 240 14.28 -38.22 22.93
CA ASP C 240 12.99 -38.90 22.96
C ASP C 240 12.29 -38.68 24.30
N GLY C 241 13.04 -38.76 25.39
CA GLY C 241 12.46 -38.55 26.71
C GLY C 241 11.93 -37.14 26.89
N VAL C 242 12.63 -36.15 26.32
CA VAL C 242 12.11 -34.79 26.32
C VAL C 242 10.75 -34.74 25.63
N LEU C 243 10.62 -35.42 24.49
CA LEU C 243 9.34 -35.40 23.78
C LEU C 243 8.24 -36.09 24.57
N ARG C 244 8.55 -37.19 25.26
CA ARG C 244 7.52 -37.88 26.02
C ARG C 244 7.12 -37.06 27.24
N GLY C 245 8.08 -36.40 27.89
CA GLY C 245 7.80 -35.53 29.02
C GLY C 245 6.77 -34.46 28.76
N ARG C 246 6.62 -34.06 27.50
CA ARG C 246 5.56 -33.15 27.10
C ARG C 246 4.36 -33.88 26.50
N GLY C 247 4.38 -35.21 26.47
CA GLY C 247 3.22 -35.94 26.00
C GLY C 247 3.14 -36.11 24.50
N LEU C 248 4.27 -36.18 23.82
CA LEU C 248 4.29 -36.32 22.39
C LEU C 248 4.93 -37.64 22.02
N ASP C 249 4.54 -38.18 20.88
CA ASP C 249 5.16 -39.39 20.38
C ASP C 249 6.45 -39.03 19.63
N PRO C 250 7.62 -39.51 20.06
CA PRO C 250 8.84 -39.27 19.27
C PRO C 250 8.74 -39.69 17.81
N ALA C 251 7.81 -40.58 17.48
CA ALA C 251 7.67 -41.08 16.11
C ALA C 251 7.09 -40.04 15.16
N ASP C 252 6.45 -39.01 15.70
CA ASP C 252 5.91 -37.93 14.89
C ASP C 252 6.90 -36.79 14.70
N TYR C 253 8.19 -36.98 15.01
CA TYR C 253 9.15 -35.87 15.03
C TYR C 253 10.44 -36.21 14.29
N LEU C 254 11.06 -35.22 13.66
CA LEU C 254 12.41 -35.33 13.14
C LEU C 254 13.32 -34.39 13.91
N LEU C 255 14.62 -34.68 13.85
CA LEU C 255 15.62 -33.86 14.50
C LEU C 255 16.16 -32.84 13.51
N ILE C 256 16.23 -31.58 13.93
CA ILE C 256 16.84 -30.55 13.09
C ILE C 256 17.86 -29.81 13.93
N PRO C 257 19.11 -29.67 13.47
CA PRO C 257 20.07 -28.82 14.18
C PRO C 257 20.03 -27.40 13.62
N VAL C 258 19.97 -26.42 14.52
CA VAL C 258 19.93 -25.03 14.11
C VAL C 258 21.09 -24.25 14.71
N HIS C 259 21.52 -23.22 13.97
CA HIS C 259 22.56 -22.31 14.46
C HIS C 259 22.02 -21.57 15.68
N PRO C 260 22.78 -21.46 16.77
CA PRO C 260 22.26 -20.77 17.96
C PRO C 260 21.66 -19.43 17.64
N TRP C 261 22.35 -18.63 16.83
CA TRP C 261 21.81 -17.34 16.46
C TRP C 261 20.45 -17.48 15.81
N GLN C 262 20.28 -18.49 14.94
CA GLN C 262 18.98 -18.67 14.31
C GLN C 262 17.92 -19.01 15.35
N TRP C 263 18.28 -19.79 16.38
CA TRP C 263 17.31 -20.08 17.42
C TRP C 263 17.00 -18.84 18.24
N TRP C 264 18.01 -18.25 18.87
CA TRP C 264 17.73 -17.18 19.82
C TRP C 264 17.09 -15.98 19.16
N ASN C 265 17.40 -15.73 17.89
CA ASN C 265 16.97 -14.50 17.24
C ASN C 265 15.85 -14.64 16.21
N LYS C 266 15.74 -15.77 15.51
CA LYS C 266 14.65 -15.93 14.55
C LYS C 266 13.63 -16.95 15.03
N LEU C 267 13.97 -18.24 14.99
CA LEU C 267 13.02 -19.33 15.23
C LEU C 267 12.18 -19.11 16.49
N SER C 268 12.84 -18.75 17.59
CA SER C 268 12.11 -18.58 18.85
C SER C 268 11.14 -17.40 18.82
N VAL C 269 11.33 -16.46 17.89
CA VAL C 269 10.52 -15.23 17.83
C VAL C 269 9.60 -15.25 16.62
N THR C 270 10.17 -15.25 15.42
CA THR C 270 9.41 -15.28 14.18
C THR C 270 8.56 -16.53 14.08
N PHE C 271 9.15 -17.68 14.40
CA PHE C 271 8.42 -18.95 14.40
C PHE C 271 7.80 -19.25 15.76
N ALA C 272 7.51 -18.20 16.54
CA ALA C 272 6.91 -18.39 17.85
C ALA C 272 5.74 -19.36 17.76
N ALA C 273 4.85 -19.15 16.79
CA ALA C 273 3.67 -20.00 16.67
C ALA C 273 4.07 -21.48 16.59
N GLU C 274 5.18 -21.79 15.91
CA GLU C 274 5.55 -23.19 15.76
C GLU C 274 6.04 -23.74 17.09
N VAL C 275 6.82 -22.95 17.84
CA VAL C 275 7.31 -23.43 19.12
C VAL C 275 6.14 -23.65 20.08
N ALA C 276 5.23 -22.67 20.16
CA ALA C 276 4.12 -22.77 21.12
C ALA C 276 3.17 -23.92 20.79
N ARG C 277 2.89 -24.15 19.52
CA ARG C 277 1.99 -25.25 19.17
C ARG C 277 2.72 -26.58 19.11
N GLN C 278 4.00 -26.60 19.44
CA GLN C 278 4.81 -27.82 19.48
C GLN C 278 4.98 -28.44 18.10
N ASN C 279 4.97 -27.62 17.06
CA ASN C 279 5.49 -28.08 15.78
C ASN C 279 7.00 -28.13 15.81
N LEU C 280 7.62 -27.23 16.56
CA LEU C 280 9.03 -27.33 16.90
C LEU C 280 9.15 -27.43 18.40
N VAL C 281 10.04 -28.29 18.85
CA VAL C 281 10.26 -28.45 20.28
C VAL C 281 11.75 -28.39 20.50
N CYS C 282 12.15 -27.66 21.52
CA CYS C 282 13.56 -27.42 21.78
C CYS C 282 14.13 -28.56 22.62
N LEU C 283 15.12 -29.27 22.09
CA LEU C 283 15.67 -30.37 22.87
C LEU C 283 16.88 -29.97 23.72
N GLY C 284 17.76 -29.11 23.22
CA GLY C 284 18.96 -28.74 23.95
C GLY C 284 20.14 -28.55 23.03
N GLU C 285 21.36 -28.74 23.54
CA GLU C 285 22.56 -28.56 22.74
C GLU C 285 23.25 -29.89 22.46
N SER C 286 23.89 -29.95 21.29
CA SER C 286 24.80 -31.03 20.94
C SER C 286 25.92 -31.17 21.97
N ASP C 287 26.49 -32.35 22.04
CA ASP C 287 27.67 -32.47 22.89
C ASP C 287 28.94 -32.10 22.15
N ASP C 288 29.10 -32.54 20.90
CA ASP C 288 30.25 -32.14 20.10
C ASP C 288 30.34 -30.62 19.99
N GLU C 289 31.56 -30.12 19.83
CA GLU C 289 31.74 -28.71 19.53
C GLU C 289 31.96 -28.53 18.03
N TYR C 290 31.44 -27.44 17.48
CA TYR C 290 31.54 -27.19 16.05
C TYR C 290 32.31 -25.89 15.80
N LEU C 291 32.95 -25.82 14.63
CA LEU C 291 33.70 -24.66 14.19
C LEU C 291 33.08 -24.11 12.91
N ALA C 292 32.65 -22.85 12.95
CA ALA C 292 32.12 -22.23 11.75
C ALA C 292 33.17 -22.17 10.65
N GLN C 293 32.78 -22.55 9.44
CA GLN C 293 33.67 -22.50 8.29
C GLN C 293 33.61 -21.12 7.63
N GLN C 294 34.27 -20.95 6.48
CA GLN C 294 34.30 -19.62 5.86
C GLN C 294 32.91 -19.12 5.48
N SER C 295 31.95 -20.04 5.26
CA SER C 295 30.60 -19.71 4.85
C SER C 295 29.69 -19.27 5.99
N ILE C 296 30.13 -19.45 7.24
CA ILE C 296 29.48 -18.96 8.46
C ILE C 296 28.38 -19.91 8.88
N ARG C 297 27.60 -20.38 7.91
CA ARG C 297 26.46 -21.22 8.21
C ARG C 297 26.80 -22.71 8.24
N THR C 298 27.98 -23.09 7.78
CA THR C 298 28.41 -24.48 7.79
C THR C 298 29.44 -24.72 8.89
N PHE C 299 29.28 -25.82 9.62
CA PHE C 299 30.09 -26.10 10.80
C PHE C 299 30.88 -27.38 10.60
N PHE C 300 32.19 -27.29 10.81
CA PHE C 300 33.03 -28.46 10.91
C PHE C 300 32.95 -28.97 12.34
N ASN C 301 33.06 -30.28 12.51
CA ASN C 301 32.90 -30.89 13.83
C ASN C 301 34.27 -30.98 14.50
N ALA C 302 34.54 -30.04 15.42
CA ALA C 302 35.84 -29.97 16.07
C ALA C 302 36.11 -31.17 16.98
N THR C 303 35.09 -31.64 17.72
CA THR C 303 35.28 -32.75 18.64
C THR C 303 35.52 -34.05 17.90
N HIS C 304 34.77 -34.31 16.82
CA HIS C 304 34.93 -35.52 16.00
C HIS C 304 35.06 -35.14 14.54
N PRO C 305 36.29 -34.82 14.08
CA PRO C 305 36.47 -34.36 12.69
C PRO C 305 35.94 -35.31 11.63
N GLU C 306 35.71 -36.55 12.02
CA GLU C 306 35.27 -37.56 11.08
C GLU C 306 33.77 -37.45 10.81
N LYS C 307 32.98 -36.92 11.75
CA LYS C 307 31.54 -36.86 11.59
C LYS C 307 31.18 -35.87 10.49
N HIS C 308 29.89 -35.62 10.30
CA HIS C 308 29.45 -34.81 9.17
C HIS C 308 29.51 -33.33 9.52
N TYR C 309 29.88 -32.52 8.52
CA TYR C 309 29.56 -31.11 8.51
C TYR C 309 28.06 -30.92 8.70
N VAL C 310 27.68 -29.80 9.29
CA VAL C 310 26.27 -29.43 9.43
C VAL C 310 26.11 -28.05 8.82
N LYS C 311 25.25 -27.94 7.82
CA LYS C 311 24.96 -26.65 7.20
C LYS C 311 23.60 -26.20 7.74
N THR C 312 23.55 -24.97 8.25
CA THR C 312 22.37 -24.48 8.96
C THR C 312 21.83 -23.24 8.26
N ALA C 313 20.52 -23.04 8.38
CA ALA C 313 19.92 -21.78 7.95
C ALA C 313 20.30 -20.67 8.90
N LEU C 314 20.84 -19.58 8.35
CA LEU C 314 21.28 -18.45 9.16
C LEU C 314 20.79 -17.17 8.51
N SER C 315 19.71 -16.60 9.05
CA SER C 315 19.08 -15.43 8.46
C SER C 315 19.83 -14.15 8.73
N VAL C 316 21.13 -14.10 8.46
CA VAL C 316 21.89 -12.86 8.62
C VAL C 316 21.71 -11.98 7.39
N LEU C 317 22.34 -10.82 7.39
CA LEU C 317 22.04 -9.78 6.41
C LEU C 317 23.16 -9.64 5.39
N ASN C 318 22.76 -9.30 4.17
CA ASN C 318 23.66 -9.13 3.04
C ASN C 318 23.07 -8.02 2.16
N MET C 319 23.64 -6.81 2.25
CA MET C 319 23.12 -5.61 1.56
C MET C 319 21.69 -5.26 1.95
N GLY C 320 21.27 -5.59 3.17
CA GLY C 320 19.93 -5.31 3.65
C GLY C 320 18.98 -6.49 3.59
N PHE C 321 19.32 -7.54 2.85
CA PHE C 321 18.44 -8.68 2.62
C PHE C 321 18.86 -9.86 3.48
N MET C 322 17.87 -10.53 4.08
CA MET C 322 18.14 -11.71 4.87
C MET C 322 18.62 -12.85 3.97
N ARG C 323 19.55 -13.67 4.50
CA ARG C 323 19.94 -14.93 3.83
C ARG C 323 19.08 -16.10 4.32
N GLY C 324 19.63 -17.34 4.24
CA GLY C 324 18.97 -18.53 4.73
C GLY C 324 19.27 -19.74 3.84
N LEU C 325 18.58 -20.84 4.13
CA LEU C 325 18.68 -22.07 3.36
C LEU C 325 17.30 -22.51 2.89
N SER C 326 17.15 -22.79 1.60
CA SER C 326 15.84 -23.17 1.08
C SER C 326 15.44 -24.55 1.60
N ALA C 327 14.29 -24.64 2.26
CA ALA C 327 13.78 -25.96 2.63
C ALA C 327 13.30 -26.71 1.41
N ALA C 328 12.80 -25.99 0.40
CA ALA C 328 12.28 -26.60 -0.82
C ALA C 328 13.38 -27.36 -1.55
N TYR C 329 14.54 -26.74 -1.73
CA TYR C 329 15.66 -27.37 -2.41
C TYR C 329 16.24 -28.57 -1.65
N MET C 330 15.89 -28.78 -0.38
CA MET C 330 16.53 -29.85 0.36
C MET C 330 16.06 -31.22 -0.08
N GLU C 331 14.88 -31.31 -0.67
CA GLU C 331 14.35 -32.62 -1.03
C GLU C 331 15.16 -33.27 -2.16
N ALA C 332 15.83 -32.48 -2.99
CA ALA C 332 16.60 -33.03 -4.10
C ALA C 332 18.10 -32.86 -3.94
N THR C 333 18.57 -32.38 -2.79
CA THR C 333 20.01 -32.17 -2.66
C THR C 333 20.76 -33.50 -2.57
N PRO C 334 20.42 -34.44 -1.69
CA PRO C 334 21.15 -35.71 -1.69
C PRO C 334 21.04 -36.47 -3.00
N ALA C 335 19.92 -36.36 -3.71
CA ALA C 335 19.82 -37.01 -5.00
C ALA C 335 20.85 -36.45 -5.97
N ILE C 336 20.92 -35.12 -6.10
CA ILE C 336 21.90 -34.49 -6.99
C ILE C 336 23.33 -34.87 -6.58
N ASN C 337 23.61 -34.89 -5.29
CA ASN C 337 24.93 -35.34 -4.83
C ASN C 337 25.20 -36.78 -5.25
N ASP C 338 24.21 -37.66 -5.09
CA ASP C 338 24.36 -39.03 -5.57
C ASP C 338 24.53 -39.08 -7.09
N TRP C 339 23.81 -38.24 -7.81
CA TRP C 339 23.94 -38.23 -9.26
C TRP C 339 25.38 -37.86 -9.66
N LEU C 340 25.87 -36.71 -9.19
CA LEU C 340 27.20 -36.27 -9.61
C LEU C 340 28.27 -37.25 -9.17
N ASP C 341 28.12 -37.79 -7.95
CA ASP C 341 29.05 -38.77 -7.43
C ASP C 341 29.17 -39.98 -8.35
N ARG C 342 28.03 -40.56 -8.75
CA ARG C 342 28.06 -41.68 -9.70
C ARG C 342 28.73 -41.26 -11.00
N LEU C 343 28.43 -40.05 -11.49
CA LEU C 343 28.91 -39.65 -12.80
C LEU C 343 30.42 -39.58 -12.83
N ILE C 344 31.01 -39.05 -11.75
CA ILE C 344 32.46 -39.01 -11.63
C ILE C 344 33.03 -40.41 -11.57
N ASP C 345 32.43 -41.28 -10.77
CA ASP C 345 32.92 -42.65 -10.66
C ASP C 345 32.94 -43.35 -12.01
N ASN C 346 31.91 -43.14 -12.83
CA ASN C 346 31.79 -43.92 -14.05
C ASN C 346 32.58 -43.33 -15.21
N ASP C 347 33.25 -42.20 -14.97
CA ASP C 347 34.00 -41.53 -16.02
C ASP C 347 35.48 -41.67 -15.75
N PRO C 348 36.27 -42.19 -16.69
CA PRO C 348 37.68 -42.45 -16.41
C PRO C 348 38.50 -41.16 -16.38
N VAL C 349 38.13 -40.18 -17.21
CA VAL C 349 38.84 -38.90 -17.18
C VAL C 349 38.72 -38.27 -15.80
N LEU C 350 37.49 -38.22 -15.27
CA LEU C 350 37.31 -37.62 -13.95
C LEU C 350 37.98 -38.47 -12.88
N LYS C 351 37.91 -39.80 -13.01
CA LYS C 351 38.51 -40.65 -11.99
C LYS C 351 40.02 -40.44 -11.92
N SER C 352 40.68 -40.42 -13.07
CA SER C 352 42.14 -40.34 -13.12
C SER C 352 42.67 -39.08 -12.46
N THR C 353 41.85 -38.05 -12.32
CA THR C 353 42.29 -36.82 -11.68
C THR C 353 42.19 -36.88 -10.16
N GLY C 354 41.57 -37.93 -9.61
CA GLY C 354 41.33 -37.98 -8.20
C GLY C 354 40.18 -37.11 -7.72
N LEU C 355 39.39 -36.57 -8.64
CA LEU C 355 38.29 -35.70 -8.24
C LEU C 355 37.28 -36.47 -7.40
N SER C 356 36.85 -35.84 -6.31
CA SER C 356 35.72 -36.36 -5.57
C SER C 356 34.95 -35.16 -5.03
N ILE C 357 33.70 -35.40 -4.67
CA ILE C 357 32.95 -34.39 -3.94
C ILE C 357 32.78 -34.91 -2.52
N ILE C 358 32.60 -33.99 -1.58
CA ILE C 358 32.06 -34.37 -0.29
C ILE C 358 30.54 -34.27 -0.40
N ARG C 359 29.87 -35.41 -0.27
CA ARG C 359 28.46 -35.49 -0.57
C ARG C 359 27.63 -34.87 0.56
N GLU C 360 26.62 -34.12 0.17
CA GLU C 360 25.53 -33.81 1.08
C GLU C 360 24.67 -35.07 1.21
N ARG C 361 24.76 -35.74 2.36
CA ARG C 361 24.22 -37.08 2.54
C ARG C 361 22.80 -37.10 3.07
N ALA C 362 22.31 -35.99 3.62
CA ALA C 362 21.01 -36.00 4.25
C ALA C 362 20.58 -34.56 4.48
N ALA C 363 19.32 -34.26 4.24
CA ALA C 363 18.83 -32.91 4.43
C ALA C 363 17.52 -32.98 5.22
N VAL C 364 17.14 -31.84 5.78
CA VAL C 364 15.82 -31.72 6.37
C VAL C 364 15.33 -30.31 6.15
N GLY C 365 14.09 -30.16 5.70
CA GLY C 365 13.48 -28.88 5.52
C GLY C 365 12.20 -28.81 6.34
N TYR C 366 11.74 -27.58 6.56
CA TYR C 366 10.56 -27.31 7.37
C TYR C 366 9.75 -26.25 6.63
N ARG C 367 8.51 -26.57 6.28
CA ARG C 367 7.61 -25.63 5.59
C ARG C 367 6.72 -24.94 6.61
N HIS C 368 6.90 -23.63 6.77
CA HIS C 368 6.02 -22.83 7.62
C HIS C 368 4.80 -22.47 6.79
N LEU C 369 3.69 -23.18 7.02
CA LEU C 369 2.54 -23.12 6.13
C LEU C 369 1.92 -21.72 6.06
N GLU C 370 1.90 -21.00 7.18
CA GLU C 370 1.33 -19.66 7.17
C GLU C 370 2.25 -18.66 6.48
N TYR C 371 3.56 -18.69 6.76
CA TYR C 371 4.46 -17.78 6.06
C TYR C 371 4.49 -18.10 4.57
N GLU C 372 4.47 -19.38 4.21
CA GLU C 372 4.39 -19.78 2.81
C GLU C 372 3.18 -19.18 2.12
N ALA C 373 2.01 -19.26 2.76
CA ALA C 373 0.81 -18.71 2.15
C ALA C 373 0.96 -17.21 1.89
N ALA C 374 1.62 -16.50 2.81
CA ALA C 374 1.77 -15.06 2.71
C ALA C 374 2.97 -14.63 1.87
N THR C 375 3.67 -15.53 1.19
CA THR C 375 4.85 -15.11 0.46
C THR C 375 4.88 -15.75 -0.93
N ASP C 376 5.91 -15.40 -1.69
CA ASP C 376 6.18 -16.02 -2.97
C ASP C 376 7.45 -16.85 -2.82
N ARG C 377 7.87 -17.53 -3.91
CA ARG C 377 8.90 -18.56 -3.74
C ARG C 377 10.27 -18.01 -3.34
N TYR C 378 10.46 -16.70 -3.27
CA TYR C 378 11.75 -16.09 -2.96
C TYR C 378 11.88 -15.56 -1.53
N SER C 379 10.78 -15.36 -0.82
CA SER C 379 10.81 -14.73 0.50
C SER C 379 11.85 -15.38 1.41
N PRO C 380 12.60 -14.59 2.15
CA PRO C 380 13.49 -15.17 3.17
C PRO C 380 12.74 -16.00 4.20
N TYR C 381 11.46 -15.71 4.43
CA TYR C 381 10.72 -16.46 5.45
C TYR C 381 10.54 -17.92 5.08
N ARG C 382 10.66 -18.25 3.80
CA ARG C 382 10.66 -19.65 3.38
C ARG C 382 12.02 -20.30 3.55
N LYS C 383 13.04 -19.56 4.00
CA LYS C 383 14.40 -20.06 4.02
C LYS C 383 14.99 -20.03 5.41
N MET C 384 14.16 -20.04 6.45
CA MET C 384 14.60 -19.84 7.82
C MET C 384 14.85 -21.12 8.58
N LEU C 385 14.41 -22.28 8.10
CA LEU C 385 14.60 -23.48 8.90
C LEU C 385 14.91 -24.64 7.96
N ALA C 386 16.18 -24.95 7.83
CA ALA C 386 16.58 -26.15 7.12
C ALA C 386 17.96 -26.55 7.62
N ALA C 387 18.39 -27.72 7.17
CA ALA C 387 19.70 -28.24 7.57
C ALA C 387 20.11 -29.30 6.57
N LEU C 388 21.41 -29.39 6.33
CA LEU C 388 21.91 -30.51 5.57
C LEU C 388 23.23 -30.94 6.20
N TRP C 389 23.57 -32.20 5.95
CA TRP C 389 24.74 -32.85 6.48
C TRP C 389 25.67 -33.16 5.31
N ARG C 390 26.95 -32.86 5.47
CA ARG C 390 27.94 -33.10 4.42
C ARG C 390 29.06 -33.99 4.94
N GLU C 391 29.44 -34.99 4.12
CA GLU C 391 30.52 -35.92 4.43
C GLU C 391 31.78 -35.18 4.88
N SER C 392 32.55 -35.83 5.73
CA SER C 392 33.79 -35.11 6.04
C SER C 392 34.94 -35.58 5.16
N PRO C 393 35.77 -34.66 4.66
CA PRO C 393 36.90 -35.06 3.80
C PRO C 393 38.02 -35.75 4.54
N VAL C 394 37.93 -35.88 5.87
CA VAL C 394 39.06 -36.24 6.71
C VAL C 394 39.31 -37.75 6.72
N PRO C 395 38.30 -38.62 6.87
CA PRO C 395 38.58 -40.05 6.82
C PRO C 395 39.32 -40.49 5.57
N ALA C 396 39.01 -39.93 4.38
CA ALA C 396 39.63 -40.40 3.15
C ALA C 396 41.12 -40.09 3.01
N LEU C 397 41.72 -39.36 3.95
CA LEU C 397 43.13 -38.99 3.81
C LEU C 397 44.00 -40.22 3.99
N ARG C 398 44.88 -40.46 3.02
CA ARG C 398 45.91 -41.47 3.15
C ARG C 398 47.04 -40.90 4.01
N ASP C 399 48.11 -41.68 4.18
CA ASP C 399 49.17 -41.29 5.11
C ASP C 399 50.10 -40.25 4.46
N GLY C 400 50.41 -39.20 5.23
CA GLY C 400 51.19 -38.07 4.74
C GLY C 400 50.38 -36.95 4.12
N GLU C 401 49.06 -37.12 3.94
CA GLU C 401 48.22 -36.22 3.16
C GLU C 401 47.54 -35.20 4.06
N SER C 402 47.23 -34.04 3.48
CA SER C 402 46.80 -32.88 4.26
C SER C 402 45.67 -32.15 3.52
N LEU C 403 44.90 -31.35 4.25
CA LEU C 403 43.75 -30.66 3.70
C LEU C 403 43.94 -29.15 3.77
N THR C 404 43.40 -28.43 2.79
CA THR C 404 43.39 -26.97 2.83
C THR C 404 42.29 -26.40 1.95
N THR C 405 41.67 -25.34 2.42
CA THR C 405 40.84 -24.57 1.52
C THR C 405 41.68 -24.02 0.37
N MET C 406 41.13 -24.05 -0.85
CA MET C 406 41.85 -23.49 -1.98
C MET C 406 42.03 -21.99 -1.86
N ALA C 407 41.18 -21.33 -1.07
CA ALA C 407 41.39 -19.92 -0.85
C ALA C 407 42.74 -19.63 -0.19
N ALA C 408 43.43 -20.66 0.29
CA ALA C 408 44.73 -20.45 0.91
C ALA C 408 45.82 -20.21 -0.12
N LEU C 409 45.64 -20.69 -1.35
CA LEU C 409 46.62 -20.42 -2.38
C LEU C 409 46.87 -18.92 -2.55
N VAL C 410 45.85 -18.09 -2.37
CA VAL C 410 46.01 -16.66 -2.58
C VAL C 410 46.06 -15.91 -1.25
N HIS C 411 46.30 -16.63 -0.14
CA HIS C 411 46.51 -16.00 1.15
C HIS C 411 47.96 -15.58 1.29
N VAL C 412 48.19 -14.36 1.78
CA VAL C 412 49.54 -13.83 1.93
C VAL C 412 49.75 -13.43 3.38
N ASP C 413 50.84 -13.92 3.99
CA ASP C 413 51.09 -13.70 5.40
C ASP C 413 51.80 -12.36 5.62
N HIS C 414 52.11 -12.05 6.88
CA HIS C 414 52.66 -10.74 7.19
C HIS C 414 54.07 -10.57 6.69
N GLU C 415 54.70 -11.64 6.22
CA GLU C 415 56.06 -11.60 5.68
C GLU C 415 56.08 -11.55 4.16
N GLY C 416 54.91 -11.57 3.53
CA GLY C 416 54.81 -11.51 2.09
C GLY C 416 54.75 -12.84 1.39
N ARG C 417 54.88 -13.96 2.14
CA ARG C 417 54.83 -15.29 1.55
C ARG C 417 53.37 -15.76 1.43
N SER C 418 52.98 -16.16 0.23
CA SER C 418 51.69 -16.81 0.05
C SER C 418 51.80 -18.29 0.39
N VAL C 419 50.67 -18.86 0.83
CA VAL C 419 50.69 -20.30 1.11
C VAL C 419 51.03 -21.08 -0.16
N ALA C 420 50.63 -20.56 -1.32
CA ALA C 420 51.14 -21.09 -2.58
C ALA C 420 52.67 -21.08 -2.60
N GLY C 421 53.26 -19.92 -2.29
CA GLY C 421 54.73 -19.83 -2.26
C GLY C 421 55.36 -20.83 -1.32
N GLU C 422 54.87 -20.90 -0.08
CA GLU C 422 55.45 -21.85 0.87
C GLU C 422 55.35 -23.26 0.35
N LEU C 423 54.16 -23.67 -0.09
CA LEU C 423 53.96 -25.01 -0.65
C LEU C 423 54.95 -25.29 -1.78
N ILE C 424 55.14 -24.33 -2.68
CA ILE C 424 56.07 -24.49 -3.79
C ILE C 424 57.50 -24.70 -3.26
N ALA C 425 57.93 -23.89 -2.28
CA ALA C 425 59.28 -24.01 -1.72
C ALA C 425 59.45 -25.32 -0.97
N ARG C 426 58.48 -25.65 -0.13
CA ARG C 426 58.53 -26.87 0.67
C ARG C 426 58.45 -28.15 -0.18
N SER C 427 58.08 -28.06 -1.44
CA SER C 427 57.90 -29.27 -2.24
C SER C 427 59.14 -29.68 -3.01
N GLY C 428 60.08 -28.77 -3.22
CA GLY C 428 61.22 -29.01 -4.08
C GLY C 428 60.96 -28.83 -5.57
N LEU C 429 59.71 -28.86 -6.00
CA LEU C 429 59.42 -28.80 -7.42
C LEU C 429 59.71 -27.42 -7.99
N ALA C 430 60.02 -27.37 -9.30
CA ALA C 430 60.03 -26.09 -10.00
C ALA C 430 58.64 -25.48 -9.96
N PRO C 431 58.52 -24.16 -9.87
CA PRO C 431 57.17 -23.57 -9.67
C PRO C 431 56.17 -24.00 -10.72
N THR C 432 56.56 -23.90 -11.99
CA THR C 432 55.80 -24.44 -13.11
C THR C 432 55.34 -25.89 -12.88
N ALA C 433 56.26 -26.76 -12.45
CA ALA C 433 55.89 -28.14 -12.18
C ALA C 433 54.85 -28.25 -11.08
N TRP C 434 55.04 -27.49 -9.99
CA TRP C 434 54.07 -27.52 -8.90
C TRP C 434 52.70 -27.08 -9.37
N LEU C 435 52.65 -26.00 -10.17
CA LEU C 435 51.40 -25.49 -10.71
C LEU C 435 50.71 -26.53 -11.57
N ARG C 436 51.47 -27.31 -12.34
CA ARG C 436 50.85 -28.26 -13.25
C ARG C 436 50.09 -29.34 -12.50
N HIS C 437 50.68 -29.86 -11.41
CA HIS C 437 49.95 -30.84 -10.60
C HIS C 437 48.67 -30.25 -10.05
N TYR C 438 48.69 -28.98 -9.64
CA TYR C 438 47.47 -28.37 -9.13
C TYR C 438 46.45 -28.20 -10.26
N LEU C 439 46.89 -27.77 -11.44
CA LEU C 439 45.95 -27.59 -12.53
C LEU C 439 45.34 -28.92 -12.96
N ARG C 440 46.12 -30.01 -12.93
CA ARG C 440 45.55 -31.30 -13.29
C ARG C 440 44.49 -31.74 -12.27
N ALA C 441 44.63 -31.32 -11.01
CA ALA C 441 43.73 -31.82 -9.97
C ALA C 441 42.42 -31.05 -9.91
N TYR C 442 42.46 -29.74 -10.19
CA TYR C 442 41.35 -28.84 -9.99
C TYR C 442 40.83 -28.24 -11.29
N TYR C 443 41.72 -27.90 -12.24
CA TYR C 443 41.28 -27.22 -13.46
C TYR C 443 40.82 -28.22 -14.53
N THR C 444 41.60 -29.27 -14.79
CA THR C 444 41.20 -30.27 -15.78
C THR C 444 39.77 -30.78 -15.57
N PRO C 445 39.34 -31.17 -14.36
CA PRO C 445 37.95 -31.62 -14.19
C PRO C 445 36.90 -30.62 -14.64
N LEU C 446 37.09 -29.33 -14.43
CA LEU C 446 36.13 -28.37 -14.97
C LEU C 446 36.04 -28.48 -16.48
N LEU C 447 37.20 -28.58 -17.15
CA LEU C 447 37.23 -28.68 -18.61
C LEU C 447 36.42 -29.88 -19.11
N HIS C 448 36.68 -31.07 -18.55
CA HIS C 448 35.88 -32.22 -18.96
C HIS C 448 34.41 -32.02 -18.61
N SER C 449 34.13 -31.50 -17.41
CA SER C 449 32.74 -31.28 -17.03
C SER C 449 32.07 -30.36 -18.02
N PHE C 450 32.72 -29.23 -18.33
CA PHE C 450 32.16 -28.33 -19.31
C PHE C 450 31.91 -29.05 -20.63
N TYR C 451 32.98 -29.59 -21.23
CA TYR C 451 32.93 -29.99 -22.63
C TYR C 451 32.25 -31.33 -22.84
N ALA C 452 32.33 -32.22 -21.87
CA ALA C 452 31.76 -33.55 -22.05
C ALA C 452 30.40 -33.72 -21.38
N TYR C 453 29.99 -32.77 -20.56
CA TYR C 453 28.74 -32.90 -19.82
C TYR C 453 27.91 -31.63 -19.81
N ASP C 454 28.34 -30.55 -20.47
CA ASP C 454 27.63 -29.29 -20.44
C ASP C 454 27.40 -28.83 -19.01
N LEU C 455 28.40 -29.06 -18.17
CA LEU C 455 28.21 -29.03 -16.73
C LEU C 455 29.14 -28.00 -16.13
N ALA C 456 28.59 -27.12 -15.30
CA ALA C 456 29.30 -25.96 -14.78
C ALA C 456 29.06 -25.82 -13.29
N PHE C 457 30.12 -25.51 -12.55
CA PHE C 457 30.09 -25.32 -11.11
C PHE C 457 30.21 -23.85 -10.75
N MET C 458 30.40 -23.61 -9.45
CA MET C 458 30.91 -22.35 -8.88
C MET C 458 32.23 -22.66 -8.17
N PRO C 459 33.33 -22.86 -8.91
CA PRO C 459 34.52 -23.48 -8.31
C PRO C 459 35.49 -22.53 -7.61
N HIS C 460 35.00 -21.47 -6.95
CA HIS C 460 35.90 -20.49 -6.35
C HIS C 460 36.66 -21.10 -5.16
N GLY C 461 37.42 -20.24 -4.46
CA GLY C 461 38.30 -20.72 -3.40
C GLY C 461 37.58 -21.29 -2.18
N GLU C 462 36.46 -20.69 -1.78
CA GLU C 462 35.72 -21.23 -0.64
C GLU C 462 35.18 -22.62 -0.93
N ASN C 463 34.65 -22.84 -2.12
CA ASN C 463 33.95 -24.06 -2.46
C ASN C 463 34.85 -25.24 -2.77
N THR C 464 36.16 -25.12 -2.60
CA THR C 464 37.07 -26.19 -3.02
C THR C 464 38.08 -26.50 -1.92
N ILE C 465 38.44 -27.77 -1.81
CA ILE C 465 39.43 -28.25 -0.85
C ILE C 465 40.51 -28.99 -1.62
N LEU C 466 41.77 -28.72 -1.28
CA LEU C 466 42.90 -29.39 -1.90
C LEU C 466 43.50 -30.38 -0.92
N VAL C 467 43.83 -31.57 -1.40
CA VAL C 467 44.59 -32.56 -0.65
C VAL C 467 46.08 -32.36 -0.98
N LEU C 468 46.89 -32.23 0.06
CA LEU C 468 48.32 -31.98 -0.11
C LEU C 468 49.15 -33.12 0.47
N LYS C 469 50.15 -33.56 -0.29
CA LYS C 469 51.20 -34.43 0.23
C LYS C 469 52.54 -33.87 -0.21
N ASP C 470 53.52 -33.90 0.69
CA ASP C 470 54.83 -33.34 0.37
C ASP C 470 54.70 -31.95 -0.21
N GLY C 471 53.68 -31.20 0.21
CA GLY C 471 53.52 -29.86 -0.32
C GLY C 471 53.05 -29.78 -1.76
N VAL C 472 52.64 -30.90 -2.34
CA VAL C 472 52.15 -30.92 -3.71
C VAL C 472 50.68 -31.34 -3.72
N VAL C 473 49.86 -30.60 -4.47
CA VAL C 473 48.45 -30.91 -4.56
C VAL C 473 48.26 -32.28 -5.20
N GLN C 474 47.67 -33.20 -4.44
CA GLN C 474 47.37 -34.54 -4.89
C GLN C 474 46.06 -34.63 -5.66
N ARG C 475 45.03 -33.96 -5.17
CA ARG C 475 43.73 -34.04 -5.80
C ARG C 475 42.88 -32.91 -5.23
N ALA C 476 41.69 -32.73 -5.81
CA ALA C 476 40.75 -31.70 -5.40
C ALA C 476 39.46 -32.33 -4.88
N VAL C 477 38.80 -31.62 -3.98
CA VAL C 477 37.49 -32.00 -3.46
C VAL C 477 36.57 -30.82 -3.69
N TYR C 478 35.39 -31.08 -4.24
CA TYR C 478 34.39 -30.06 -4.49
C TYR C 478 33.27 -30.17 -3.45
N LYS C 479 32.75 -29.05 -2.99
CA LYS C 479 31.65 -29.07 -2.02
C LYS C 479 30.59 -28.07 -2.43
N ASP C 480 29.44 -28.14 -1.74
CA ASP C 480 28.31 -27.26 -2.00
C ASP C 480 27.85 -27.43 -3.46
N ILE C 481 27.71 -28.70 -3.83
CA ILE C 481 27.33 -29.06 -5.19
C ILE C 481 25.96 -28.49 -5.53
N ALA C 482 24.93 -28.94 -4.82
CA ALA C 482 23.56 -28.65 -5.24
C ALA C 482 23.31 -27.17 -5.48
N GLU C 483 23.96 -26.30 -4.70
CA GLU C 483 23.58 -24.88 -4.69
C GLU C 483 23.83 -24.23 -6.04
N GLU C 484 25.01 -24.43 -6.62
CA GLU C 484 25.36 -23.66 -7.81
C GLU C 484 25.65 -24.53 -9.04
N ILE C 485 25.44 -25.85 -8.96
CA ILE C 485 25.64 -26.69 -10.15
C ILE C 485 24.63 -26.32 -11.24
N VAL C 486 25.08 -26.35 -12.50
CA VAL C 486 24.21 -26.09 -13.64
C VAL C 486 24.57 -27.03 -14.78
N VAL C 487 23.55 -27.61 -15.42
CA VAL C 487 23.71 -28.34 -16.68
C VAL C 487 23.22 -27.44 -17.80
N MET C 488 24.15 -27.02 -18.68
CA MET C 488 23.84 -26.07 -19.76
C MET C 488 23.33 -26.83 -20.98
N ASP C 489 22.10 -27.30 -20.85
CA ASP C 489 21.38 -28.01 -21.88
C ASP C 489 19.98 -28.36 -21.37
N PRO C 490 18.95 -27.67 -21.85
CA PRO C 490 17.62 -27.83 -21.26
C PRO C 490 17.05 -29.22 -21.48
N ASP C 491 17.52 -29.96 -22.49
CA ASP C 491 16.97 -31.26 -22.84
C ASP C 491 17.79 -32.42 -22.28
N ALA C 492 18.80 -32.17 -21.46
CA ALA C 492 19.61 -33.27 -20.95
C ALA C 492 18.72 -34.31 -20.27
N VAL C 493 19.04 -35.58 -20.48
CA VAL C 493 18.34 -36.67 -19.82
C VAL C 493 19.04 -36.94 -18.50
N LEU C 494 18.33 -36.71 -17.41
CA LEU C 494 18.85 -36.81 -16.05
C LEU C 494 17.77 -37.42 -15.18
N PRO C 495 18.15 -38.09 -14.08
CA PRO C 495 17.16 -38.63 -13.16
C PRO C 495 16.24 -37.54 -12.63
N PRO C 496 14.99 -37.89 -12.33
CA PRO C 496 13.96 -36.87 -12.08
C PRO C 496 14.33 -35.74 -11.11
N GLU C 497 14.92 -36.04 -9.95
CA GLU C 497 15.19 -34.98 -8.98
C GLU C 497 16.34 -34.07 -9.40
N VAL C 498 17.14 -34.48 -10.38
CA VAL C 498 18.21 -33.63 -10.89
C VAL C 498 17.75 -32.77 -12.06
N ARG C 499 16.56 -33.05 -12.61
CA ARG C 499 16.13 -32.38 -13.83
C ARG C 499 16.05 -30.87 -13.67
N ARG C 500 16.01 -30.38 -12.43
CA ARG C 500 15.91 -28.95 -12.17
C ARG C 500 17.22 -28.21 -12.45
N VAL C 501 18.36 -28.86 -12.25
CA VAL C 501 19.63 -28.13 -12.36
C VAL C 501 19.89 -27.63 -13.77
N ARG C 502 19.10 -28.08 -14.76
CA ARG C 502 19.23 -27.64 -16.14
C ARG C 502 18.86 -26.17 -16.28
N ALA C 503 19.29 -25.57 -17.40
CA ALA C 503 19.10 -24.15 -17.64
C ALA C 503 19.51 -23.79 -19.06
N GLU C 504 18.78 -22.88 -19.71
CA GLU C 504 19.15 -22.41 -21.05
C GLU C 504 20.09 -21.23 -20.88
N VAL C 505 21.36 -21.41 -21.24
CA VAL C 505 22.38 -20.37 -21.15
C VAL C 505 22.78 -19.97 -22.56
N PRO C 506 22.83 -18.67 -22.86
CA PRO C 506 23.18 -18.23 -24.22
C PRO C 506 24.55 -18.74 -24.65
N GLU C 507 24.65 -19.14 -25.92
CA GLU C 507 25.87 -19.80 -26.37
C GLU C 507 27.09 -18.90 -26.18
N ASP C 508 26.92 -17.61 -26.38
CA ASP C 508 28.02 -16.69 -26.20
C ASP C 508 28.38 -16.47 -24.74
N MET C 509 27.65 -17.07 -23.80
CA MET C 509 27.91 -16.86 -22.39
C MET C 509 28.26 -18.14 -21.66
N LYS C 510 28.12 -19.30 -22.31
CA LYS C 510 28.40 -20.57 -21.66
C LYS C 510 29.85 -20.66 -21.17
N LEU C 511 30.81 -20.11 -21.93
CA LEU C 511 32.20 -20.31 -21.58
C LEU C 511 32.66 -19.37 -20.47
N LEU C 512 31.90 -18.34 -20.15
CA LEU C 512 32.24 -17.54 -18.97
C LEU C 512 32.28 -18.37 -17.70
N SER C 513 31.82 -19.61 -17.74
CA SER C 513 31.89 -20.47 -16.58
C SER C 513 33.34 -20.74 -16.19
N ILE C 514 34.21 -20.83 -17.20
CA ILE C 514 35.65 -20.90 -17.01
C ILE C 514 36.27 -19.51 -17.03
N PHE C 515 36.01 -18.76 -18.10
CA PHE C 515 36.64 -17.46 -18.31
C PHE C 515 36.43 -16.55 -17.10
N THR C 516 35.23 -16.54 -16.54
CA THR C 516 34.96 -15.57 -15.49
C THR C 516 35.22 -16.15 -14.11
N ASP C 517 34.63 -17.32 -13.83
CA ASP C 517 34.69 -17.88 -12.49
C ASP C 517 36.08 -18.39 -12.13
N VAL C 518 36.81 -18.95 -13.10
CA VAL C 518 38.15 -19.48 -12.83
C VAL C 518 39.23 -18.46 -13.18
N PHE C 519 39.30 -18.06 -14.45
CA PHE C 519 40.38 -17.19 -14.90
C PHE C 519 40.30 -15.81 -14.24
N ASP C 520 39.23 -15.05 -14.49
CA ASP C 520 39.24 -13.68 -14.00
C ASP C 520 39.07 -13.61 -12.48
N CYS C 521 38.36 -14.56 -11.88
CA CYS C 521 38.02 -14.45 -10.47
C CYS C 521 38.94 -15.22 -9.54
N PHE C 522 39.82 -16.09 -10.07
CA PHE C 522 40.82 -16.75 -9.22
C PHE C 522 42.22 -16.70 -9.81
N PHE C 523 42.42 -17.21 -11.02
CA PHE C 523 43.77 -17.27 -11.58
C PHE C 523 44.39 -15.88 -11.66
N ARG C 524 43.60 -14.89 -12.06
CA ARG C 524 44.07 -13.51 -12.05
C ARG C 524 44.78 -13.17 -10.73
N PHE C 525 44.24 -13.64 -9.60
CA PHE C 525 44.85 -13.34 -8.30
C PHE C 525 46.03 -14.26 -8.00
N LEU C 526 45.91 -15.55 -8.31
CA LEU C 526 47.04 -16.45 -8.15
C LEU C 526 48.21 -16.03 -9.06
N ALA C 527 47.92 -15.79 -10.35
CA ALA C 527 48.96 -15.33 -11.27
C ALA C 527 49.68 -14.10 -10.73
N ALA C 528 48.93 -13.07 -10.37
CA ALA C 528 49.58 -11.82 -9.96
C ALA C 528 50.26 -11.93 -8.60
N GLY C 529 49.81 -12.87 -7.76
CA GLY C 529 50.43 -13.07 -6.47
C GLY C 529 51.77 -13.75 -6.58
N LEU C 530 51.82 -14.82 -7.38
CA LEU C 530 53.05 -15.58 -7.49
C LEU C 530 54.14 -14.80 -8.23
N ALA C 531 53.75 -13.78 -9.00
CA ALA C 531 54.74 -12.94 -9.67
C ALA C 531 55.30 -11.88 -8.72
N THR C 532 54.43 -11.05 -8.12
CA THR C 532 54.95 -10.09 -7.15
C THR C 532 55.73 -10.80 -6.04
N GLU C 533 55.39 -12.04 -5.72
CA GLU C 533 56.23 -12.83 -4.83
C GLU C 533 57.57 -13.24 -5.45
N GLU C 534 57.75 -13.02 -6.75
CA GLU C 534 58.94 -13.44 -7.48
C GLU C 534 59.16 -14.95 -7.34
N VAL C 535 58.08 -15.69 -7.53
CA VAL C 535 58.10 -17.14 -7.49
C VAL C 535 57.84 -17.73 -8.87
N LEU C 536 57.02 -17.07 -9.68
CA LEU C 536 56.65 -17.55 -10.99
C LEU C 536 56.18 -16.37 -11.83
N ALA C 537 56.78 -16.21 -13.01
CA ALA C 537 56.42 -15.06 -13.84
C ALA C 537 55.01 -15.23 -14.40
N GLU C 538 54.35 -14.10 -14.69
CA GLU C 538 53.02 -14.15 -15.29
C GLU C 538 53.01 -15.03 -16.52
N ASP C 539 53.97 -14.83 -17.42
CA ASP C 539 53.95 -15.56 -18.67
C ASP C 539 54.05 -17.05 -18.43
N ASP C 540 54.95 -17.45 -17.51
CA ASP C 540 55.09 -18.86 -17.18
C ASP C 540 53.81 -19.44 -16.57
N PHE C 541 53.09 -18.65 -15.77
CA PHE C 541 51.82 -19.14 -15.23
C PHE C 541 50.82 -19.42 -16.36
N TRP C 542 50.47 -18.39 -17.12
CA TRP C 542 49.45 -18.59 -18.14
C TRP C 542 49.89 -19.65 -19.16
N ARG C 543 51.18 -19.68 -19.49
CA ARG C 543 51.67 -20.71 -20.39
C ARG C 543 51.30 -22.09 -19.85
N THR C 544 51.53 -22.32 -18.56
CA THR C 544 51.18 -23.61 -17.96
C THR C 544 49.69 -23.89 -18.10
N VAL C 545 48.84 -22.93 -17.72
CA VAL C 545 47.40 -23.13 -17.91
C VAL C 545 47.11 -23.51 -19.36
N ALA C 546 47.70 -22.78 -20.31
CA ALA C 546 47.55 -23.12 -21.71
C ALA C 546 47.94 -24.57 -21.97
N GLU C 547 49.14 -24.99 -21.54
CA GLU C 547 49.58 -26.37 -21.82
C GLU C 547 48.66 -27.38 -21.15
N VAL C 548 48.17 -27.08 -19.95
CA VAL C 548 47.27 -28.04 -19.31
C VAL C 548 45.96 -28.13 -20.06
N THR C 549 45.51 -27.04 -20.67
CA THR C 549 44.30 -27.12 -21.48
C THR C 549 44.54 -27.96 -22.73
N ARG C 550 45.69 -27.79 -23.39
CA ARG C 550 45.99 -28.62 -24.56
C ARG C 550 46.12 -30.07 -24.17
N GLU C 551 46.65 -30.33 -22.96
CA GLU C 551 46.81 -31.70 -22.52
C GLU C 551 45.46 -32.41 -22.50
N TYR C 552 44.41 -31.71 -22.07
CA TYR C 552 43.07 -32.30 -22.09
C TYR C 552 42.53 -32.40 -23.49
N GLN C 553 42.59 -31.29 -24.25
CA GLN C 553 42.01 -31.27 -25.59
C GLN C 553 42.70 -32.26 -26.54
N GLU C 554 44.02 -32.45 -26.40
CA GLU C 554 44.75 -33.47 -27.15
C GLU C 554 44.13 -34.85 -27.00
N ALA C 555 43.71 -35.18 -25.78
CA ALA C 555 43.29 -36.53 -25.42
C ALA C 555 41.88 -36.85 -25.89
N HIS C 556 41.15 -35.89 -26.42
CA HIS C 556 39.76 -36.09 -26.81
C HIS C 556 39.47 -35.36 -28.12
N PRO C 557 40.01 -35.87 -29.23
CA PRO C 557 39.60 -35.36 -30.55
C PRO C 557 38.14 -35.64 -30.87
N GLU C 558 37.48 -36.56 -30.14
CA GLU C 558 36.05 -36.76 -30.32
C GLU C 558 35.24 -35.52 -29.98
N LEU C 559 35.77 -34.62 -29.14
CA LEU C 559 35.11 -33.37 -28.77
C LEU C 559 35.66 -32.16 -29.54
N ASP C 560 36.40 -32.39 -30.64
CA ASP C 560 37.01 -31.28 -31.37
C ASP C 560 35.98 -30.25 -31.80
N ASP C 561 34.75 -30.70 -32.04
CA ASP C 561 33.67 -29.79 -32.40
C ASP C 561 33.38 -28.81 -31.28
N ARG C 562 33.03 -29.33 -30.09
CA ARG C 562 32.76 -28.46 -28.96
C ARG C 562 33.97 -27.61 -28.60
N PHE C 563 35.19 -28.09 -28.92
CA PHE C 563 36.39 -27.31 -28.62
C PHE C 563 36.44 -26.05 -29.48
N ARG C 564 36.08 -26.16 -30.75
CA ARG C 564 36.15 -25.00 -31.64
C ARG C 564 35.04 -24.03 -31.35
N GLN C 565 33.87 -24.53 -30.93
CA GLN C 565 32.70 -23.68 -30.68
C GLN C 565 32.90 -22.81 -29.45
N TYR C 566 33.24 -23.42 -28.33
CA TYR C 566 33.57 -22.70 -27.11
C TYR C 566 35.09 -22.69 -27.04
N ASP C 567 35.70 -21.65 -27.62
CA ASP C 567 37.15 -21.57 -27.80
C ASP C 567 37.83 -20.95 -26.58
N LEU C 568 38.56 -21.77 -25.82
CA LEU C 568 39.32 -21.29 -24.67
C LEU C 568 40.54 -20.47 -25.06
N PHE C 569 40.92 -20.46 -26.33
CA PHE C 569 42.10 -19.72 -26.77
C PHE C 569 41.70 -18.54 -27.64
N ALA C 570 40.44 -18.12 -27.57
CA ALA C 570 39.98 -16.95 -28.28
C ALA C 570 40.74 -15.71 -27.82
N PRO C 571 40.86 -14.70 -28.67
CA PRO C 571 41.64 -13.52 -28.28
C PRO C 571 41.03 -12.74 -27.13
N GLU C 572 39.70 -12.70 -27.00
CA GLU C 572 39.04 -11.94 -25.94
C GLU C 572 37.82 -12.69 -25.41
N PHE C 573 37.34 -12.23 -24.25
CA PHE C 573 36.05 -12.64 -23.71
C PHE C 573 35.50 -11.52 -22.85
N ALA C 574 34.22 -11.64 -22.49
CA ALA C 574 33.54 -10.56 -21.78
C ALA C 574 34.17 -10.32 -20.43
N LEU C 575 34.28 -9.05 -20.06
CA LEU C 575 34.65 -8.66 -18.71
C LEU C 575 33.36 -8.61 -17.89
N SER C 576 33.16 -9.63 -17.05
CA SER C 576 31.98 -9.74 -16.20
C SER C 576 32.33 -9.15 -14.84
N CYS C 577 31.72 -8.01 -14.49
CA CYS C 577 32.07 -7.26 -13.28
C CYS C 577 31.29 -7.75 -12.06
N LEU C 578 32.00 -8.10 -10.98
CA LEU C 578 31.31 -8.60 -9.80
C LEU C 578 30.85 -7.47 -8.85
N ASN C 579 31.73 -6.53 -8.51
CA ASN C 579 31.30 -5.45 -7.63
C ASN C 579 30.15 -4.65 -8.25
N ARG C 580 30.12 -4.51 -9.58
CA ARG C 580 28.99 -3.85 -10.24
C ARG C 580 27.69 -4.60 -10.01
N LEU C 581 27.76 -5.94 -9.79
CA LEU C 581 26.56 -6.75 -9.54
C LEU C 581 25.98 -6.48 -8.15
N GLN C 582 26.87 -6.29 -7.16
CA GLN C 582 26.49 -6.04 -5.77
C GLN C 582 25.97 -4.64 -5.54
N LEU C 583 25.72 -3.84 -6.59
CA LEU C 583 25.16 -2.51 -6.42
C LEU C 583 23.90 -2.26 -7.29
N ARG C 584 23.67 -3.03 -8.36
CA ARG C 584 22.39 -2.97 -9.07
C ARG C 584 21.48 -4.13 -8.69
N ALA C 597 19.75 -15.48 -15.15
CA ALA C 597 20.76 -14.60 -14.57
C ALA C 597 21.38 -13.58 -15.59
N ALA C 598 21.00 -12.29 -15.39
CA ALA C 598 21.51 -11.14 -16.12
C ALA C 598 22.73 -10.55 -15.41
N LEU C 599 23.88 -10.58 -16.11
CA LEU C 599 25.19 -10.19 -15.59
C LEU C 599 25.42 -8.70 -15.77
N GLN C 600 26.69 -8.27 -15.63
CA GLN C 600 27.10 -6.89 -15.85
C GLN C 600 28.38 -6.96 -16.68
N LEU C 601 28.22 -7.27 -17.97
CA LEU C 601 29.34 -7.28 -18.90
C LEU C 601 29.65 -5.85 -19.34
N VAL C 602 30.94 -5.49 -19.31
CA VAL C 602 31.42 -4.16 -19.64
C VAL C 602 32.68 -4.31 -20.47
N GLY C 603 32.53 -4.41 -21.79
CA GLY C 603 33.69 -4.58 -22.64
C GLY C 603 34.24 -6.00 -22.61
N THR C 604 35.48 -6.13 -23.06
CA THR C 604 36.16 -7.41 -23.14
C THR C 604 37.57 -7.31 -22.56
N LEU C 605 38.14 -8.47 -22.25
CA LEU C 605 39.48 -8.60 -21.72
C LEU C 605 40.35 -9.34 -22.73
N ARG C 606 41.65 -9.05 -22.74
CA ARG C 606 42.57 -9.85 -23.55
C ARG C 606 42.79 -11.18 -22.85
N ASN C 607 42.61 -12.28 -23.59
CA ASN C 607 42.77 -13.63 -23.05
C ASN C 607 44.24 -13.97 -22.90
N PRO C 608 44.72 -14.29 -21.70
CA PRO C 608 46.14 -14.66 -21.58
C PRO C 608 46.51 -15.87 -22.39
N LEU C 609 45.59 -16.83 -22.51
CA LEU C 609 45.85 -18.02 -23.32
C LEU C 609 45.87 -17.73 -24.81
N ALA C 610 45.53 -16.52 -25.24
CA ALA C 610 45.35 -16.23 -26.66
C ALA C 610 46.59 -16.54 -27.48
N GLY C 611 47.69 -15.83 -27.21
CA GLY C 611 48.93 -16.08 -27.94
C GLY C 611 49.49 -17.47 -27.65
N LEU C 612 49.42 -17.89 -26.38
CA LEU C 612 49.96 -19.15 -25.91
C LEU C 612 49.05 -20.35 -26.26
N MET D 21 20.40 -17.60 30.06
CA MET D 21 19.21 -18.38 30.38
C MET D 21 19.30 -19.84 29.88
N SER D 22 18.49 -20.74 30.46
CA SER D 22 18.30 -22.06 29.87
C SER D 22 17.67 -21.93 28.49
N LEU D 23 18.03 -22.86 27.59
CA LEU D 23 17.35 -22.90 26.29
C LEU D 23 15.86 -23.05 26.48
N THR D 24 15.44 -24.02 27.31
CA THR D 24 14.03 -24.36 27.43
C THR D 24 13.28 -23.33 28.26
N ASP D 25 13.91 -22.82 29.32
CA ASP D 25 13.28 -21.79 30.17
C ASP D 25 12.82 -20.58 29.36
N ALA D 26 13.66 -20.11 28.42
CA ALA D 26 13.37 -18.85 27.74
C ALA D 26 12.11 -18.91 26.90
N VAL D 27 11.76 -20.08 26.37
CA VAL D 27 10.57 -20.21 25.53
C VAL D 27 9.41 -20.82 26.32
N ALA D 28 9.53 -20.90 27.65
CA ALA D 28 8.56 -21.63 28.45
C ALA D 28 7.15 -21.04 28.33
N HIS D 29 7.04 -19.71 28.29
CA HIS D 29 5.75 -19.06 28.13
C HIS D 29 5.02 -19.44 26.84
N LEU D 30 5.69 -20.11 25.90
CA LEU D 30 5.04 -20.51 24.65
C LEU D 30 4.51 -21.95 24.77
N SER D 31 3.39 -22.07 25.47
CA SER D 31 2.68 -23.34 25.58
C SER D 31 1.44 -23.36 24.69
N PRO D 32 0.96 -24.55 24.33
CA PRO D 32 -0.22 -24.60 23.43
C PRO D 32 -1.43 -23.89 24.01
N GLU D 33 -1.71 -24.09 25.30
CA GLU D 33 -2.86 -23.47 25.96
C GLU D 33 -2.76 -21.95 25.94
N ARG D 34 -1.65 -21.42 26.47
CA ARG D 34 -1.43 -19.98 26.43
C ARG D 34 -1.54 -19.43 25.02
N TRP D 35 -0.90 -20.09 24.04
CA TRP D 35 -1.04 -19.66 22.66
C TRP D 35 -2.51 -19.63 22.22
N GLU D 36 -3.29 -20.64 22.63
CA GLU D 36 -4.68 -20.70 22.17
C GLU D 36 -5.48 -19.55 22.74
N GLU D 37 -5.26 -19.22 24.00
CA GLU D 37 -5.90 -18.04 24.56
C GLU D 37 -5.42 -16.77 23.84
N ALA D 38 -4.12 -16.67 23.59
CA ALA D 38 -3.60 -15.42 23.05
C ALA D 38 -4.17 -15.13 21.68
N ASN D 39 -4.40 -16.19 20.90
CA ASN D 39 -5.00 -16.03 19.58
C ASN D 39 -6.48 -15.65 19.72
N ARG D 40 -7.18 -16.27 20.66
CA ARG D 40 -8.58 -15.91 20.87
C ARG D 40 -8.68 -14.44 21.26
N LEU D 41 -7.85 -14.00 22.21
CA LEU D 41 -7.93 -12.62 22.64
C LEU D 41 -7.64 -11.66 21.50
N LEU D 42 -6.66 -12.01 20.65
CA LEU D 42 -6.27 -11.14 19.54
C LEU D 42 -7.36 -11.08 18.49
N VAL D 43 -7.87 -12.23 18.07
CA VAL D 43 -8.91 -12.21 17.04
C VAL D 43 -10.14 -11.45 17.53
N ARG D 44 -10.47 -11.59 18.82
CA ARG D 44 -11.50 -10.74 19.44
C ARG D 44 -11.22 -9.26 19.17
N LYS D 45 -9.99 -8.82 19.45
CA LYS D 45 -9.64 -7.42 19.27
C LYS D 45 -9.68 -7.02 17.80
N ALA D 46 -9.04 -7.81 16.93
CA ALA D 46 -9.12 -7.50 15.50
C ALA D 46 -10.56 -7.37 15.04
N LEU D 47 -11.44 -8.29 15.48
CA LEU D 47 -12.83 -8.23 15.06
C LEU D 47 -13.47 -6.93 15.51
N ALA D 48 -13.34 -6.61 16.80
CA ALA D 48 -13.86 -5.37 17.35
C ALA D 48 -13.29 -4.16 16.61
N GLU D 49 -11.96 -4.08 16.50
CA GLU D 49 -11.40 -2.83 16.02
C GLU D 49 -11.50 -2.68 14.52
N PHE D 50 -11.39 -3.77 13.76
CA PHE D 50 -11.59 -3.61 12.31
C PHE D 50 -13.05 -3.30 11.98
N ALA D 51 -13.99 -3.79 12.78
CA ALA D 51 -15.38 -3.40 12.58
C ALA D 51 -15.55 -1.90 12.79
N HIS D 52 -15.00 -1.38 13.88
CA HIS D 52 -15.10 0.05 14.17
C HIS D 52 -14.59 0.90 13.00
N GLU D 53 -13.47 0.50 12.40
CA GLU D 53 -12.90 1.23 11.28
C GLU D 53 -13.56 0.92 9.96
N ARG D 54 -14.60 0.05 9.96
CA ARG D 54 -15.36 -0.28 8.77
C ARG D 54 -14.47 -0.90 7.70
N LEU D 55 -13.48 -1.69 8.11
CA LEU D 55 -12.76 -2.52 7.15
C LEU D 55 -13.58 -3.73 6.74
N PHE D 56 -14.38 -4.26 7.66
CA PHE D 56 -15.48 -5.12 7.28
C PHE D 56 -16.72 -4.71 8.05
N THR D 57 -17.86 -5.14 7.54
CA THR D 57 -19.14 -4.78 8.14
C THR D 57 -19.79 -6.09 8.54
N PRO D 58 -19.80 -6.44 9.82
CA PRO D 58 -20.39 -7.72 10.23
C PRO D 58 -21.86 -7.78 9.84
N GLU D 59 -22.28 -8.91 9.27
CA GLU D 59 -23.66 -9.13 8.92
C GLU D 59 -24.38 -9.90 10.03
N PRO D 60 -25.69 -9.73 10.16
CA PRO D 60 -26.42 -10.56 11.14
C PRO D 60 -26.45 -11.98 10.65
N ALA D 61 -26.33 -12.89 11.60
CA ALA D 61 -26.14 -14.32 11.32
C ALA D 61 -27.48 -15.04 11.45
N ASP D 62 -27.56 -16.21 12.13
CA ASP D 62 -28.79 -16.97 12.29
C ASP D 62 -29.79 -16.33 13.25
N GLY D 63 -29.95 -16.91 14.45
CA GLY D 63 -30.68 -16.28 15.55
C GLY D 63 -30.07 -14.93 15.90
N GLN D 64 -30.47 -13.91 15.13
CA GLN D 64 -29.92 -12.55 15.14
C GLN D 64 -30.21 -11.77 16.42
N ASP D 65 -30.19 -12.46 17.57
CA ASP D 65 -30.36 -11.75 18.84
C ASP D 65 -29.21 -10.78 19.05
N GLY D 66 -28.01 -11.13 18.57
CA GLY D 66 -26.84 -10.28 18.64
C GLY D 66 -25.59 -10.96 18.12
N ARG D 67 -25.76 -12.08 17.41
CA ARG D 67 -24.65 -12.81 16.79
C ARG D 67 -24.40 -12.26 15.38
N TYR D 68 -23.14 -11.94 15.10
CA TYR D 68 -22.74 -11.43 13.79
C TYR D 68 -21.84 -12.43 13.09
N VAL D 69 -21.58 -12.20 11.82
CA VAL D 69 -20.62 -13.01 11.08
C VAL D 69 -19.81 -12.11 10.16
N VAL D 70 -18.51 -12.38 10.13
CA VAL D 70 -17.55 -11.76 9.21
C VAL D 70 -16.90 -12.90 8.44
N ARG D 71 -16.83 -12.78 7.12
CA ARG D 71 -16.34 -13.86 6.29
C ARG D 71 -14.97 -13.58 5.70
N SER D 72 -14.30 -14.64 5.32
CA SER D 72 -13.00 -14.58 4.66
C SER D 72 -13.15 -13.94 3.28
N ASP D 73 -12.01 -13.56 2.69
CA ASP D 73 -12.04 -12.97 1.36
C ASP D 73 -12.89 -13.78 0.40
N ASP D 74 -12.72 -15.09 0.41
CA ASP D 74 -13.41 -15.93 -0.56
C ASP D 74 -14.82 -16.29 -0.11
N GLY D 75 -15.19 -16.02 1.13
CA GLY D 75 -16.53 -16.27 1.59
C GLY D 75 -16.82 -17.70 2.00
N LEU D 76 -15.87 -18.62 1.84
CA LEU D 76 -16.05 -20.00 2.23
C LEU D 76 -15.80 -20.26 3.71
N THR D 77 -15.32 -19.28 4.46
CA THR D 77 -14.99 -19.40 5.87
C THR D 77 -15.72 -18.31 6.61
N SER D 78 -16.26 -18.64 7.79
CA SER D 78 -17.10 -17.74 8.56
C SER D 78 -16.52 -17.58 9.95
N TYR D 79 -16.26 -16.34 10.35
CA TYR D 79 -15.95 -16.00 11.73
C TYR D 79 -17.22 -15.49 12.39
N ARG D 80 -17.89 -16.34 13.17
CA ARG D 80 -19.11 -15.94 13.86
C ARG D 80 -18.78 -15.48 15.28
N PHE D 81 -19.52 -14.48 15.76
CA PHE D 81 -19.34 -13.98 17.12
C PHE D 81 -20.59 -13.21 17.56
N THR D 82 -20.72 -13.01 18.87
CA THR D 82 -21.69 -12.11 19.46
C THR D 82 -21.02 -10.85 20.02
N ALA D 83 -21.78 -9.75 20.06
CA ALA D 83 -21.20 -8.47 20.45
C ALA D 83 -22.26 -7.48 20.89
N VAL D 84 -21.95 -6.73 21.94
CA VAL D 84 -22.72 -5.55 22.34
C VAL D 84 -22.22 -4.35 21.57
N ARG D 85 -23.12 -3.60 20.96
CA ARG D 85 -22.73 -2.40 20.22
C ARG D 85 -22.98 -1.16 21.06
N ARG D 86 -21.93 -0.35 21.28
CA ARG D 86 -22.11 0.86 22.07
C ARG D 86 -21.62 2.12 21.39
N ALA D 87 -21.57 3.21 22.16
CA ALA D 87 -21.38 4.55 21.63
C ALA D 87 -20.10 4.66 20.83
N LEU D 88 -20.09 5.62 19.90
CA LEU D 88 -18.95 5.87 19.03
C LEU D 88 -18.67 4.69 18.11
N ASP D 89 -19.70 3.92 17.74
CA ASP D 89 -19.57 2.77 16.85
C ASP D 89 -18.58 1.73 17.39
N HIS D 90 -18.70 1.45 18.69
CA HIS D 90 -17.84 0.51 19.41
C HIS D 90 -18.45 -0.89 19.43
N TRP D 91 -17.60 -1.91 19.28
CA TRP D 91 -18.00 -3.31 19.31
C TRP D 91 -17.34 -3.98 20.51
N GLN D 92 -18.11 -4.33 21.53
CA GLN D 92 -17.56 -5.20 22.56
C GLN D 92 -17.83 -6.62 22.14
N VAL D 93 -16.81 -7.24 21.56
CA VAL D 93 -16.91 -8.59 21.03
C VAL D 93 -16.63 -9.56 22.17
N ASP D 94 -17.59 -10.45 22.41
CA ASP D 94 -17.38 -11.53 23.36
C ASP D 94 -16.27 -12.45 22.86
N ALA D 95 -15.20 -12.60 23.64
CA ALA D 95 -14.09 -13.41 23.12
C ALA D 95 -14.40 -14.91 23.18
N GLY D 96 -15.15 -15.38 24.18
CA GLY D 96 -15.46 -16.79 24.23
C GLY D 96 -16.41 -17.29 23.15
N SER D 97 -17.12 -16.37 22.48
CA SER D 97 -18.11 -16.74 21.46
C SER D 97 -17.53 -16.89 20.06
N ILE D 98 -16.32 -16.40 19.81
CA ILE D 98 -15.76 -16.49 18.46
C ILE D 98 -15.59 -17.94 18.07
N THR D 99 -16.05 -18.29 16.87
CA THR D 99 -15.79 -19.57 16.26
C THR D 99 -15.48 -19.35 14.78
N ARG D 100 -14.55 -20.13 14.26
CA ARG D 100 -14.17 -20.14 12.85
C ARG D 100 -14.67 -21.45 12.27
N THR D 101 -15.48 -21.39 11.20
CA THR D 101 -16.10 -22.62 10.70
C THR D 101 -16.14 -22.66 9.17
N ARG D 102 -16.05 -23.89 8.65
CA ARG D 102 -16.18 -24.21 7.24
C ARG D 102 -16.71 -25.63 7.15
N ASP D 103 -17.77 -25.82 6.36
CA ASP D 103 -18.42 -27.11 6.15
C ASP D 103 -18.92 -27.71 7.45
N GLY D 104 -19.63 -26.88 8.24
CA GLY D 104 -20.24 -27.33 9.49
C GLY D 104 -19.26 -27.85 10.51
N ALA D 105 -17.99 -27.46 10.41
CA ALA D 105 -16.90 -27.95 11.25
C ALA D 105 -16.09 -26.77 11.78
N GLU D 106 -15.63 -26.89 13.04
CA GLU D 106 -14.93 -25.81 13.72
C GLU D 106 -13.43 -25.93 13.47
N LEU D 107 -12.84 -24.89 12.87
CA LEU D 107 -11.41 -24.82 12.63
C LEU D 107 -10.73 -24.10 13.77
N PRO D 108 -9.44 -24.32 13.96
CA PRO D 108 -8.74 -23.64 15.06
C PRO D 108 -8.81 -22.12 14.89
N LEU D 109 -9.02 -21.45 16.01
CA LEU D 109 -9.01 -19.99 16.05
C LEU D 109 -7.56 -19.52 16.08
N ALA D 110 -6.97 -19.31 14.89
CA ALA D 110 -5.59 -18.86 14.71
C ALA D 110 -5.54 -17.45 14.11
N ALA D 111 -4.95 -16.51 14.84
CA ALA D 111 -4.79 -15.15 14.31
C ALA D 111 -3.97 -15.11 13.03
N LEU D 112 -2.96 -15.98 12.90
CA LEU D 112 -2.17 -15.93 11.67
C LEU D 112 -3.04 -16.30 10.48
N ASP D 113 -3.81 -17.39 10.58
CA ASP D 113 -4.71 -17.74 9.49
C ASP D 113 -5.79 -16.67 9.27
N PHE D 114 -6.18 -15.96 10.32
CA PHE D 114 -7.18 -14.90 10.21
C PHE D 114 -6.71 -13.80 9.27
N PHE D 115 -5.49 -13.30 9.45
CA PHE D 115 -5.01 -12.23 8.59
C PHE D 115 -4.74 -12.72 7.15
N ILE D 116 -4.19 -13.92 6.97
CA ILE D 116 -4.04 -14.46 5.62
C ILE D 116 -5.39 -14.60 4.93
N GLU D 117 -6.37 -15.23 5.61
CA GLU D 117 -7.67 -15.46 5.01
C GLU D 117 -8.40 -14.15 4.70
N LEU D 118 -7.92 -13.01 5.21
CA LEU D 118 -8.61 -11.75 5.04
C LEU D 118 -7.68 -10.68 4.50
N ARG D 119 -6.61 -11.10 3.81
CA ARG D 119 -5.58 -10.17 3.37
C ARG D 119 -6.15 -9.07 2.47
N HIS D 120 -7.04 -9.43 1.53
CA HIS D 120 -7.64 -8.45 0.62
CA HIS D 120 -7.59 -8.42 0.64
C HIS D 120 -8.61 -7.56 1.36
N THR D 121 -9.40 -8.13 2.27
CA THR D 121 -10.41 -7.33 2.96
C THR D 121 -9.76 -6.30 3.85
N LEU D 122 -8.61 -6.60 4.44
CA LEU D 122 -7.90 -5.71 5.34
C LEU D 122 -6.91 -4.77 4.66
N GLY D 123 -6.65 -4.93 3.36
CA GLY D 123 -5.66 -4.09 2.72
C GLY D 123 -4.23 -4.46 3.07
N LEU D 124 -3.98 -5.72 3.37
CA LEU D 124 -2.64 -6.23 3.61
C LEU D 124 -2.04 -6.60 2.25
N SER D 125 -1.22 -5.70 1.70
CA SER D 125 -0.58 -5.94 0.42
C SER D 125 0.41 -7.09 0.56
N ASP D 126 0.81 -7.63 -0.59
CA ASP D 126 1.80 -8.68 -0.59
C ASP D 126 3.13 -8.22 0.00
N GLU D 127 3.40 -6.92 -0.01
CA GLU D 127 4.65 -6.40 0.52
C GLU D 127 4.64 -6.32 2.05
N ILE D 128 3.50 -6.01 2.65
CA ILE D 128 3.50 -5.81 4.09
C ILE D 128 3.17 -7.08 4.88
N LEU D 129 2.43 -8.02 4.28
CA LEU D 129 1.79 -9.09 5.05
C LEU D 129 2.75 -9.96 5.85
N PRO D 130 3.86 -10.45 5.31
CA PRO D 130 4.79 -11.24 6.14
C PRO D 130 5.30 -10.48 7.34
N VAL D 131 5.56 -9.19 7.17
CA VAL D 131 6.02 -8.40 8.30
C VAL D 131 4.90 -8.23 9.31
N TYR D 132 3.67 -8.03 8.83
CA TYR D 132 2.52 -7.94 9.72
C TYR D 132 2.34 -9.23 10.49
N LEU D 133 2.38 -10.36 9.78
CA LEU D 133 2.36 -11.67 10.44
C LEU D 133 3.44 -11.78 11.51
N GLU D 134 4.64 -11.29 11.20
CA GLU D 134 5.72 -11.32 12.18
C GLU D 134 5.39 -10.45 13.40
N GLU D 135 4.88 -9.24 13.17
CA GLU D 135 4.50 -8.40 14.30
C GLU D 135 3.40 -9.06 15.12
N ILE D 136 2.50 -9.79 14.44
CA ILE D 136 1.42 -10.47 15.15
C ILE D 136 2.00 -11.59 16.00
N SER D 137 2.89 -12.41 15.42
CA SER D 137 3.58 -13.41 16.23
C SER D 137 4.25 -12.78 17.45
N SER D 138 4.81 -11.57 17.32
CA SER D 138 5.41 -10.88 18.47
C SER D 138 4.37 -10.47 19.50
N THR D 139 3.24 -9.92 19.09
CA THR D 139 2.20 -9.57 20.07
C THR D 139 1.68 -10.81 20.79
N LEU D 140 1.41 -11.89 20.04
CA LEU D 140 0.91 -13.12 20.64
C LEU D 140 1.92 -13.67 21.65
N SER D 141 3.21 -13.67 21.30
CA SER D 141 4.23 -14.15 22.22
C SER D 141 4.23 -13.34 23.49
N GLY D 142 4.10 -12.03 23.37
CA GLY D 142 4.04 -11.18 24.54
C GLY D 142 2.85 -11.48 25.42
N THR D 143 1.65 -11.58 24.83
CA THR D 143 0.53 -11.86 25.72
C THR D 143 0.67 -13.27 26.30
N CYS D 144 1.42 -14.17 25.62
CA CYS D 144 1.73 -15.44 26.27
C CYS D 144 2.59 -15.26 27.51
N TYR D 145 3.65 -14.45 27.41
CA TYR D 145 4.44 -14.14 28.59
C TYR D 145 3.56 -13.51 29.67
N LYS D 146 2.73 -12.55 29.28
CA LYS D 146 1.91 -11.85 30.26
C LYS D 146 0.97 -12.83 30.97
N LEU D 147 0.44 -13.82 30.23
CA LEU D 147 -0.32 -14.92 30.82
C LEU D 147 0.52 -15.77 31.78
N THR D 148 1.84 -15.69 31.69
CA THR D 148 2.70 -16.42 32.62
C THR D 148 2.79 -15.73 33.97
N LYS D 149 2.50 -14.43 34.04
CA LYS D 149 2.71 -13.67 35.25
C LYS D 149 1.62 -14.01 36.26
N PRO D 150 1.91 -13.87 37.55
CA PRO D 150 0.86 -14.11 38.55
C PRO D 150 -0.29 -13.16 38.35
N GLN D 151 -1.50 -13.65 38.64
CA GLN D 151 -2.71 -12.84 38.53
C GLN D 151 -2.66 -11.72 39.54
N VAL D 152 -3.08 -10.53 39.14
CA VAL D 152 -3.12 -9.40 40.05
C VAL D 152 -4.45 -8.69 39.89
N THR D 153 -5.10 -8.41 41.01
CA THR D 153 -6.31 -7.62 41.03
C THR D 153 -6.00 -6.15 40.78
N ALA D 154 -7.00 -5.41 40.30
CA ALA D 154 -6.87 -3.96 40.16
C ALA D 154 -6.48 -3.32 41.48
N ALA D 155 -7.12 -3.76 42.58
CA ALA D 155 -6.70 -3.29 43.88
C ALA D 155 -5.25 -3.68 44.13
N GLY D 156 -4.87 -4.90 43.77
CA GLY D 156 -3.51 -5.35 44.01
C GLY D 156 -2.49 -4.57 43.21
N LEU D 157 -2.83 -4.21 41.97
CA LEU D 157 -1.98 -3.30 41.20
C LEU D 157 -1.76 -1.99 41.94
N LEU D 158 -2.86 -1.31 42.34
CA LEU D 158 -2.75 -0.06 43.08
C LEU D 158 -1.93 -0.23 44.35
N GLU D 159 -1.96 -1.41 44.96
CA GLU D 159 -1.16 -1.64 46.16
C GLU D 159 0.32 -1.70 45.80
N GLY D 160 0.64 -2.25 44.63
CA GLY D 160 2.03 -2.36 44.22
C GLY D 160 2.68 -1.01 44.01
N GLY D 161 2.02 -0.14 43.26
CA GLY D 161 2.49 1.21 43.07
C GLY D 161 2.79 1.51 41.61
N PHE D 162 3.24 2.76 41.40
CA PHE D 162 3.50 3.34 40.09
C PHE D 162 4.11 2.37 39.11
N GLN D 163 5.16 1.66 39.53
CA GLN D 163 5.85 0.75 38.63
C GLN D 163 5.15 -0.60 38.50
N ALA D 164 4.38 -1.02 39.52
CA ALA D 164 3.57 -2.22 39.35
C ALA D 164 2.48 -2.00 38.31
N LEU D 165 1.88 -0.81 38.30
CA LEU D 165 0.87 -0.48 37.32
C LEU D 165 1.49 -0.33 35.93
N GLU D 166 2.67 0.30 35.85
CA GLU D 166 3.33 0.53 34.57
C GLU D 166 3.61 -0.79 33.87
N SER D 167 4.18 -1.75 34.59
CA SER D 167 4.48 -3.07 34.02
C SER D 167 3.30 -4.01 34.08
N GLY D 168 2.21 -3.61 34.73
CA GLY D 168 1.03 -4.45 34.85
C GLY D 168 0.03 -4.32 33.72
N MET D 169 0.20 -3.31 32.85
CA MET D 169 -0.73 -3.16 31.74
C MET D 169 -0.57 -4.32 30.78
N THR D 170 -1.68 -4.79 30.24
CA THR D 170 -1.61 -5.95 29.35
C THR D 170 -2.07 -5.64 27.93
N GLU D 171 -3.09 -4.80 27.78
CA GLU D 171 -3.66 -4.58 26.45
C GLU D 171 -2.69 -3.82 25.56
N GLY D 172 -2.05 -2.79 26.10
CA GLY D 172 -1.35 -1.87 25.24
C GLY D 172 -2.32 -0.86 24.68
N HIS D 173 -1.91 -0.22 23.61
CA HIS D 173 -2.76 0.76 22.95
C HIS D 173 -4.10 0.13 22.55
N PRO D 174 -5.24 0.75 22.89
CA PRO D 174 -6.52 0.04 22.73
C PRO D 174 -6.99 -0.13 21.29
N CYS D 175 -6.54 0.72 20.35
CA CYS D 175 -7.06 0.66 18.98
C CYS D 175 -6.24 -0.26 18.08
N PHE D 176 -4.91 -0.15 18.13
CA PHE D 176 -4.05 -0.93 17.26
C PHE D 176 -4.08 -2.40 17.63
N VAL D 177 -4.34 -3.27 16.65
CA VAL D 177 -4.34 -4.71 16.93
C VAL D 177 -2.92 -5.23 17.05
N ALA D 178 -2.06 -4.89 16.09
CA ALA D 178 -0.65 -5.27 16.12
C ALA D 178 0.10 -4.19 16.88
N ASN D 179 0.09 -4.29 18.21
CA ASN D 179 0.48 -3.15 19.03
C ASN D 179 1.60 -3.39 20.02
N ASN D 180 2.10 -4.61 20.20
CA ASN D 180 3.16 -4.82 21.18
C ASN D 180 4.26 -5.64 20.61
N GLY D 181 4.54 -5.45 19.32
CA GLY D 181 5.69 -6.09 18.73
C GLY D 181 6.96 -5.57 19.38
N ARG D 182 7.83 -6.48 19.77
CA ARG D 182 9.18 -6.14 20.18
C ARG D 182 10.18 -6.67 19.16
N LEU D 183 9.90 -6.45 17.87
CA LEU D 183 10.69 -7.10 16.83
C LEU D 183 12.09 -6.50 16.82
N GLY D 184 13.10 -7.35 16.76
CA GLY D 184 14.47 -6.94 16.95
C GLY D 184 15.08 -7.48 18.20
N PHE D 185 14.24 -7.82 19.18
CA PHE D 185 14.66 -8.56 20.36
C PHE D 185 14.67 -10.04 20.07
N GLY D 186 15.74 -10.72 20.44
CA GLY D 186 15.67 -12.16 20.54
C GLY D 186 14.88 -12.56 21.79
N VAL D 187 14.52 -13.84 21.87
CA VAL D 187 13.69 -14.22 23.01
C VAL D 187 14.41 -13.93 24.32
N ASP D 188 15.73 -14.03 24.34
CA ASP D 188 16.48 -13.66 25.54
C ASP D 188 16.47 -12.16 25.75
N GLU D 189 16.58 -11.40 24.67
CA GLU D 189 16.55 -9.95 24.81
C GLU D 189 15.16 -9.46 25.22
N TYR D 190 14.09 -10.11 24.75
CA TYR D 190 12.74 -9.76 25.18
C TYR D 190 12.59 -9.91 26.68
N LEU D 191 12.94 -11.09 27.22
CA LEU D 191 12.83 -11.34 28.65
C LEU D 191 13.62 -10.32 29.46
N ALA D 192 14.76 -9.85 28.96
CA ALA D 192 15.54 -8.89 29.74
C ALA D 192 14.97 -7.48 29.68
N TYR D 193 14.36 -7.10 28.55
CA TYR D 193 14.10 -5.70 28.26
C TYR D 193 12.63 -5.35 28.06
N ALA D 194 11.74 -6.31 27.88
CA ALA D 194 10.36 -5.92 27.64
C ALA D 194 9.76 -5.35 28.90
N PRO D 195 8.99 -4.26 28.80
CA PRO D 195 8.48 -3.61 30.02
C PRO D 195 7.55 -4.50 30.84
N GLU D 196 6.80 -5.39 30.20
CA GLU D 196 5.89 -6.28 30.90
C GLU D 196 6.62 -7.41 31.63
N THR D 197 7.95 -7.47 31.56
CA THR D 197 8.71 -8.40 32.39
C THR D 197 9.36 -7.71 33.58
N ALA D 198 9.50 -6.39 33.55
CA ALA D 198 10.03 -5.60 34.65
C ALA D 198 11.38 -6.13 35.18
N HIS D 199 12.21 -6.76 34.33
CA HIS D 199 13.54 -7.15 34.80
C HIS D 199 14.46 -5.93 34.83
N PRO D 200 15.16 -5.66 35.93
CA PRO D 200 15.97 -4.45 35.98
C PRO D 200 17.08 -4.47 34.94
N VAL D 201 17.44 -3.28 34.49
CA VAL D 201 18.36 -3.09 33.38
C VAL D 201 19.35 -2.02 33.81
N ARG D 202 20.64 -2.28 33.57
CA ARG D 202 21.70 -1.30 33.73
C ARG D 202 22.02 -0.68 32.38
N LEU D 203 21.92 0.65 32.28
CA LEU D 203 22.29 1.37 31.06
C LEU D 203 23.79 1.30 30.81
N VAL D 204 24.18 1.42 29.54
CA VAL D 204 25.58 1.54 29.13
C VAL D 204 25.92 3.02 28.94
N TRP D 205 27.05 3.45 29.50
CA TRP D 205 27.51 4.83 29.38
C TRP D 205 28.61 4.92 28.33
N LEU D 206 28.42 5.81 27.36
CA LEU D 206 29.41 6.13 26.34
C LEU D 206 30.00 7.51 26.60
N ALA D 207 31.26 7.69 26.20
CA ALA D 207 31.90 8.99 26.14
C ALA D 207 32.00 9.39 24.68
N ALA D 208 31.40 10.52 24.32
CA ALA D 208 31.34 10.97 22.93
C ALA D 208 32.11 12.27 22.76
N HIS D 209 32.97 12.32 21.74
CA HIS D 209 33.76 13.52 21.45
C HIS D 209 32.87 14.68 21.00
N ARG D 210 33.24 15.90 21.42
CA ARG D 210 32.39 17.05 21.12
C ARG D 210 32.48 17.48 19.67
N SER D 211 33.44 16.94 18.93
CA SER D 211 33.49 17.07 17.48
C SER D 211 32.15 16.67 16.86
N ARG D 212 31.48 15.69 17.44
CA ARG D 212 30.24 15.15 16.91
C ARG D 212 29.13 15.05 17.92
N ALA D 213 29.36 15.32 19.19
CA ALA D 213 28.30 15.15 20.19
C ALA D 213 27.91 16.52 20.75
N ALA D 214 26.64 16.65 21.16
CA ALA D 214 26.15 17.94 21.63
C ALA D 214 25.20 17.77 22.81
N PHE D 215 25.58 18.31 23.97
CA PHE D 215 24.69 18.37 25.12
C PHE D 215 23.90 19.68 25.10
N THR D 216 22.62 19.59 25.46
CA THR D 216 21.72 20.74 25.40
C THR D 216 20.96 20.78 26.71
N ALA D 217 21.24 21.80 27.50
CA ALA D 217 20.63 21.95 28.80
C ALA D 217 19.38 22.83 28.72
N GLY D 218 18.44 22.60 29.63
CA GLY D 218 17.28 23.44 29.77
C GLY D 218 17.52 24.53 30.78
N ALA D 219 16.47 25.28 31.08
CA ALA D 219 16.54 26.32 32.09
C ALA D 219 17.18 25.79 33.38
N GLY D 220 18.23 26.47 33.83
CA GLY D 220 18.85 26.13 35.09
C GLY D 220 19.62 24.83 35.13
N ILE D 221 19.69 24.13 34.06
CA ILE D 221 20.59 22.98 34.03
C ILE D 221 21.95 23.47 33.58
N ASP D 222 23.01 22.87 34.13
CA ASP D 222 24.35 23.02 33.57
C ASP D 222 25.05 21.67 33.63
N TYR D 223 25.94 21.43 32.65
CA TYR D 223 26.40 20.05 32.42
C TYR D 223 27.13 19.48 33.65
N ALA D 224 28.06 20.25 34.22
CA ALA D 224 28.94 19.70 35.25
C ALA D 224 28.15 19.24 36.48
N SER D 225 27.26 20.09 37.01
CA SER D 225 26.48 19.68 38.18
C SER D 225 25.41 18.64 37.82
N PHE D 226 24.77 18.76 36.64
CA PHE D 226 23.67 17.86 36.29
C PHE D 226 24.16 16.43 36.14
N VAL D 227 25.35 16.27 35.58
CA VAL D 227 25.95 14.95 35.44
C VAL D 227 26.38 14.41 36.79
N ARG D 228 26.91 15.28 37.66
CA ARG D 228 27.32 14.82 38.99
C ARG D 228 26.12 14.31 39.79
N GLN D 229 24.94 14.89 39.59
CA GLN D 229 23.78 14.45 40.37
C GLN D 229 23.24 13.13 39.85
N GLU D 230 23.36 12.88 38.55
CA GLU D 230 22.74 11.69 38.00
C GLU D 230 23.62 10.46 38.21
N LEU D 231 24.93 10.64 38.22
CA LEU D 231 25.86 9.53 38.34
C LEU D 231 26.59 9.46 39.67
N GLY D 232 26.61 10.55 40.42
CA GLY D 232 27.52 10.59 41.56
C GLY D 232 28.92 11.01 41.15
N GLU D 233 29.56 11.78 42.05
CA GLU D 233 30.90 12.28 41.78
C GLU D 233 31.93 11.16 41.65
N GLU D 234 31.82 10.11 42.48
CA GLU D 234 32.76 9.00 42.41
C GLU D 234 32.79 8.39 41.01
N THR D 235 31.61 8.19 40.40
CA THR D 235 31.55 7.55 39.09
C THR D 235 32.06 8.49 37.99
N VAL D 236 31.69 9.78 38.05
CA VAL D 236 32.14 10.72 37.04
C VAL D 236 33.66 10.77 37.00
N GLU D 237 34.29 10.83 38.18
CA GLU D 237 35.74 10.71 38.26
C GLU D 237 36.21 9.38 37.69
N ARG D 238 35.51 8.28 38.00
CA ARG D 238 35.92 6.98 37.46
C ARG D 238 35.88 6.97 35.93
N PHE D 239 34.86 7.60 35.32
CA PHE D 239 34.76 7.63 33.87
C PHE D 239 35.88 8.45 33.24
N ASP D 240 36.24 9.58 33.87
CA ASP D 240 37.39 10.33 33.37
C ASP D 240 38.66 9.49 33.46
N GLY D 241 38.78 8.67 34.50
CA GLY D 241 39.95 7.81 34.60
C GLY D 241 40.14 6.96 33.37
N VAL D 242 39.04 6.39 32.85
CA VAL D 242 39.11 5.58 31.64
C VAL D 242 39.64 6.40 30.49
N LEU D 243 38.98 7.53 30.22
CA LEU D 243 39.39 8.42 29.13
C LEU D 243 40.87 8.75 29.23
N ARG D 244 41.31 9.20 30.41
CA ARG D 244 42.71 9.54 30.59
C ARG D 244 43.59 8.30 30.43
N GLY D 245 43.16 7.17 30.98
CA GLY D 245 43.87 5.92 30.80
C GLY D 245 44.08 5.54 29.36
N ARG D 246 43.35 6.16 28.43
CA ARG D 246 43.49 5.91 26.99
C ARG D 246 44.14 7.08 26.28
N GLY D 247 44.72 8.03 27.01
CA GLY D 247 45.39 9.15 26.40
C GLY D 247 44.49 10.24 25.88
N LEU D 248 43.30 10.41 26.44
CA LEU D 248 42.29 11.34 25.95
C LEU D 248 42.06 12.45 26.96
N ASP D 249 41.30 13.47 26.54
CA ASP D 249 41.05 14.61 27.41
C ASP D 249 39.58 14.68 27.78
N PRO D 250 39.23 14.40 29.05
CA PRO D 250 37.81 14.41 29.45
C PRO D 250 37.09 15.70 29.09
N ALA D 251 37.84 16.78 28.93
CA ALA D 251 37.24 18.02 28.48
C ALA D 251 36.67 17.93 27.07
N ASP D 252 37.00 16.92 26.28
CA ASP D 252 36.48 16.83 24.92
C ASP D 252 35.29 15.90 24.76
N TYR D 253 34.81 15.26 25.83
CA TYR D 253 33.77 14.25 25.70
C TYR D 253 32.55 14.61 26.53
N LEU D 254 31.37 14.31 26.01
CA LEU D 254 30.14 14.28 26.80
C LEU D 254 29.76 12.85 27.15
N LEU D 255 28.90 12.70 28.15
CA LEU D 255 28.36 11.42 28.54
C LEU D 255 27.03 11.18 27.85
N ILE D 256 26.86 9.98 27.30
CA ILE D 256 25.63 9.58 26.62
C ILE D 256 25.24 8.23 27.20
N PRO D 257 24.07 8.09 27.80
CA PRO D 257 23.60 6.76 28.21
C PRO D 257 22.89 6.09 27.04
N VAL D 258 23.17 4.81 26.87
CA VAL D 258 22.61 4.07 25.74
C VAL D 258 22.01 2.79 26.28
N HIS D 259 20.91 2.37 25.66
CA HIS D 259 20.24 1.11 25.97
C HIS D 259 21.17 -0.05 25.70
N PRO D 260 21.31 -1.02 26.63
CA PRO D 260 22.16 -2.19 26.38
C PRO D 260 21.97 -2.82 25.02
N TRP D 261 20.75 -2.87 24.53
CA TRP D 261 20.54 -3.52 23.25
C TRP D 261 21.16 -2.71 22.12
N GLN D 262 21.08 -1.37 22.22
CA GLN D 262 21.62 -0.54 21.14
C GLN D 262 23.13 -0.67 21.09
N TRP D 263 23.77 -0.78 22.25
CA TRP D 263 25.22 -0.91 22.27
C TRP D 263 25.65 -2.24 21.66
N TRP D 264 25.19 -3.35 22.25
CA TRP D 264 25.66 -4.66 21.77
C TRP D 264 25.26 -4.93 20.32
N ASN D 265 24.12 -4.42 19.88
CA ASN D 265 23.59 -4.76 18.56
C ASN D 265 23.77 -3.68 17.50
N LYS D 266 23.70 -2.40 17.85
CA LYS D 266 23.81 -1.38 16.82
C LYS D 266 25.13 -0.61 16.90
N LEU D 267 25.45 -0.05 18.07
CA LEU D 267 26.53 0.94 18.09
C LEU D 267 27.89 0.29 17.88
N SER D 268 28.16 -0.83 18.58
CA SER D 268 29.44 -1.51 18.45
C SER D 268 29.69 -2.08 17.05
N VAL D 269 28.70 -2.06 16.18
CA VAL D 269 28.81 -2.63 14.84
C VAL D 269 28.58 -1.54 13.80
N THR D 270 27.36 -0.99 13.76
CA THR D 270 27.04 0.04 12.76
C THR D 270 27.90 1.28 12.96
N PHE D 271 28.22 1.62 14.21
CA PHE D 271 29.03 2.78 14.50
C PHE D 271 30.46 2.41 14.86
N ALA D 272 30.96 1.27 14.36
CA ALA D 272 32.30 0.82 14.71
C ALA D 272 33.36 1.87 14.34
N ALA D 273 33.17 2.57 13.22
CA ALA D 273 34.00 3.71 12.89
C ALA D 273 34.23 4.62 14.08
N GLU D 274 33.16 4.94 14.85
CA GLU D 274 33.34 5.89 15.95
C GLU D 274 34.02 5.27 17.15
N VAL D 275 33.74 4.01 17.45
CA VAL D 275 34.45 3.36 18.55
C VAL D 275 35.92 3.25 18.20
N ALA D 276 36.24 2.97 16.93
CA ALA D 276 37.63 2.77 16.55
C ALA D 276 38.41 4.08 16.59
N ARG D 277 37.83 5.14 16.06
CA ARG D 277 38.52 6.43 16.05
C ARG D 277 38.38 7.19 17.38
N GLN D 278 37.77 6.57 18.39
CA GLN D 278 37.58 7.17 19.71
C GLN D 278 36.75 8.45 19.66
N ASN D 279 35.80 8.52 18.73
CA ASN D 279 34.67 9.43 18.87
C ASN D 279 33.66 8.91 19.87
N LEU D 280 33.66 7.62 20.12
CA LEU D 280 32.84 7.01 21.15
C LEU D 280 33.74 6.13 21.98
N VAL D 281 33.55 6.18 23.28
CA VAL D 281 34.38 5.44 24.20
C VAL D 281 33.44 4.82 25.21
N CYS D 282 33.38 3.49 25.18
CA CYS D 282 32.55 2.74 26.09
C CYS D 282 33.07 2.89 27.51
N LEU D 283 32.26 3.45 28.40
CA LEU D 283 32.69 3.75 29.76
C LEU D 283 32.33 2.68 30.79
N GLY D 284 31.26 1.89 30.58
CA GLY D 284 30.84 0.94 31.58
C GLY D 284 29.36 1.06 31.87
N GLU D 285 28.91 0.34 32.89
CA GLU D 285 27.50 0.31 33.25
C GLU D 285 27.20 1.33 34.33
N SER D 286 25.94 1.77 34.34
CA SER D 286 25.44 2.55 35.47
C SER D 286 25.33 1.67 36.71
N ASP D 287 25.56 2.28 37.86
CA ASP D 287 25.35 1.52 39.08
C ASP D 287 23.89 1.47 39.47
N ASP D 288 23.10 2.47 39.07
CA ASP D 288 21.66 2.45 39.24
C ASP D 288 21.01 1.37 38.37
N GLU D 289 19.83 0.90 38.78
CA GLU D 289 19.06 -0.09 38.04
C GLU D 289 17.77 0.54 37.54
N TYR D 290 17.54 0.48 36.22
CA TYR D 290 16.39 1.11 35.60
C TYR D 290 15.34 0.10 35.17
N LEU D 291 14.11 0.57 34.91
CA LEU D 291 13.00 -0.29 34.50
C LEU D 291 12.36 0.27 33.24
N ALA D 292 12.28 -0.52 32.17
CA ALA D 292 11.60 -0.05 30.97
C ALA D 292 10.14 0.31 31.27
N GLN D 293 9.72 1.49 30.82
CA GLN D 293 8.32 1.89 30.81
C GLN D 293 7.62 1.36 29.56
N GLN D 294 6.33 1.65 29.40
CA GLN D 294 5.57 1.03 28.30
C GLN D 294 6.18 1.37 26.93
N SER D 295 6.81 2.53 26.79
CA SER D 295 7.41 2.89 25.50
C SER D 295 8.64 2.05 25.16
N ILE D 296 9.11 1.21 26.08
CA ILE D 296 10.21 0.26 25.89
C ILE D 296 11.58 0.93 25.96
N ARG D 297 11.72 2.10 25.33
CA ARG D 297 13.00 2.77 25.23
C ARG D 297 13.25 3.79 26.34
N THR D 298 12.28 4.06 27.21
CA THR D 298 12.43 5.04 28.27
C THR D 298 12.46 4.32 29.61
N PHE D 299 13.40 4.70 30.47
CA PHE D 299 13.66 3.99 31.71
C PHE D 299 13.37 4.84 32.94
N PHE D 300 12.73 4.21 33.90
CA PHE D 300 12.53 4.78 35.23
C PHE D 300 13.67 4.33 36.12
N ASN D 301 14.23 5.25 36.90
CA ASN D 301 15.34 4.91 37.79
C ASN D 301 14.76 4.23 39.01
N ALA D 302 14.85 2.90 39.03
CA ALA D 302 14.25 2.13 40.12
C ALA D 302 15.06 2.25 41.39
N THR D 303 16.38 2.36 41.27
CA THR D 303 17.22 2.48 42.45
C THR D 303 16.99 3.81 43.18
N HIS D 304 16.78 4.89 42.43
CA HIS D 304 16.50 6.20 43.01
C HIS D 304 15.35 6.82 42.22
N PRO D 305 14.11 6.53 42.62
CA PRO D 305 12.95 7.06 41.87
C PRO D 305 12.95 8.56 41.68
N GLU D 306 13.66 9.28 42.54
CA GLU D 306 13.71 10.73 42.49
C GLU D 306 14.53 11.24 41.29
N LYS D 307 15.49 10.44 40.80
CA LYS D 307 16.38 10.85 39.72
C LYS D 307 15.63 10.85 38.38
N HIS D 308 16.34 11.18 37.30
CA HIS D 308 15.69 11.41 36.01
C HIS D 308 15.41 10.10 35.26
N TYR D 309 14.30 10.12 34.51
CA TYR D 309 14.06 9.16 33.43
C TYR D 309 15.13 9.30 32.34
N VAL D 310 15.47 8.18 31.69
CA VAL D 310 16.41 8.23 30.56
C VAL D 310 15.71 7.67 29.34
N LYS D 311 15.62 8.48 28.29
CA LYS D 311 15.01 8.08 27.04
C LYS D 311 16.12 7.78 26.03
N THR D 312 16.19 6.54 25.57
CA THR D 312 17.34 6.12 24.80
C THR D 312 16.94 5.90 23.35
N ALA D 313 17.94 5.93 22.48
CA ALA D 313 17.74 5.53 21.10
C ALA D 313 17.65 4.01 21.06
N LEU D 314 16.59 3.47 20.48
CA LEU D 314 16.45 2.01 20.44
C LEU D 314 16.00 1.61 19.04
N SER D 315 16.94 1.11 18.24
CA SER D 315 16.65 0.83 16.84
C SER D 315 15.96 -0.52 16.62
N VAL D 316 14.94 -0.82 17.43
CA VAL D 316 14.11 -1.99 17.18
C VAL D 316 13.22 -1.71 15.98
N LEU D 317 12.39 -2.69 15.61
CA LEU D 317 11.67 -2.66 14.35
C LEU D 317 10.18 -2.45 14.60
N ASN D 318 9.52 -1.86 13.61
CA ASN D 318 8.07 -1.66 13.59
C ASN D 318 7.71 -1.63 12.10
N MET D 319 7.30 -2.79 11.59
CA MET D 319 6.85 -2.95 10.20
C MET D 319 8.03 -2.94 9.23
N GLY D 320 9.19 -3.42 9.67
CA GLY D 320 10.38 -3.48 8.84
C GLY D 320 11.31 -2.29 8.98
N PHE D 321 10.85 -1.19 9.56
CA PHE D 321 11.58 0.07 9.64
C PHE D 321 12.19 0.25 11.03
N MET D 322 13.42 0.73 11.07
CA MET D 322 14.11 0.92 12.33
C MET D 322 13.57 2.17 13.03
N ARG D 323 13.28 2.06 14.34
CA ARG D 323 12.90 3.20 15.15
C ARG D 323 14.17 3.98 15.53
N GLY D 324 14.04 4.87 16.50
CA GLY D 324 15.21 5.61 16.97
C GLY D 324 14.84 6.88 17.72
N LEU D 325 15.73 7.86 17.63
CA LEU D 325 15.65 9.09 18.40
C LEU D 325 16.44 10.17 17.67
N SER D 326 15.76 11.13 17.04
CA SER D 326 16.47 12.04 16.13
C SER D 326 17.44 12.89 16.92
N ALA D 327 18.75 12.70 16.69
CA ALA D 327 19.72 13.58 17.32
C ALA D 327 19.50 15.03 16.89
N ALA D 328 19.09 15.24 15.65
CA ALA D 328 18.73 16.59 15.22
C ALA D 328 17.74 17.23 16.20
N TYR D 329 16.62 16.55 16.45
CA TYR D 329 15.57 17.17 17.26
C TYR D 329 15.91 17.29 18.74
N MET D 330 17.10 16.85 19.17
CA MET D 330 17.46 16.93 20.58
C MET D 330 17.78 18.37 20.99
N GLU D 331 18.50 19.13 20.13
CA GLU D 331 18.93 20.47 20.52
C GLU D 331 17.74 21.36 20.85
N ALA D 332 16.57 21.09 20.26
CA ALA D 332 15.36 21.87 20.49
C ALA D 332 14.54 21.42 21.71
N THR D 333 14.69 20.17 22.14
CA THR D 333 13.67 19.57 23.02
C THR D 333 13.56 20.26 24.37
N PRO D 334 14.63 20.49 25.13
CA PRO D 334 14.46 21.17 26.41
C PRO D 334 13.84 22.54 26.27
N ALA D 335 14.19 23.30 25.23
CA ALA D 335 13.63 24.63 25.06
C ALA D 335 12.12 24.58 24.85
N ILE D 336 11.63 23.60 24.09
CA ILE D 336 10.20 23.46 23.86
C ILE D 336 9.48 23.10 25.15
N ASN D 337 10.11 22.27 25.99
CA ASN D 337 9.53 21.97 27.29
C ASN D 337 9.54 23.20 28.17
N ASP D 338 10.68 23.89 28.24
CA ASP D 338 10.79 25.10 29.04
C ASP D 338 9.75 26.14 28.62
N TRP D 339 9.52 26.27 27.32
CA TRP D 339 8.48 27.18 26.85
C TRP D 339 7.11 26.74 27.32
N LEU D 340 6.75 25.46 27.10
CA LEU D 340 5.44 24.98 27.52
C LEU D 340 5.24 25.15 29.02
N ASP D 341 6.30 24.94 29.81
CA ASP D 341 6.18 25.06 31.26
C ASP D 341 5.83 26.49 31.67
N ARG D 342 6.44 27.49 31.01
CA ARG D 342 6.08 28.89 31.26
C ARG D 342 4.63 29.17 30.91
N LEU D 343 4.21 28.75 29.71
CA LEU D 343 2.82 28.91 29.28
C LEU D 343 1.85 28.39 30.33
N ILE D 344 2.08 27.18 30.84
CA ILE D 344 1.21 26.63 31.87
C ILE D 344 1.27 27.48 33.14
N ASP D 345 2.42 28.08 33.42
CA ASP D 345 2.51 28.85 34.66
C ASP D 345 1.80 30.19 34.54
N ASN D 346 1.98 30.88 33.42
CA ASN D 346 1.38 32.20 33.24
C ASN D 346 -0.11 32.14 32.88
N ASP D 347 -0.75 30.97 32.93
CA ASP D 347 -2.16 30.89 32.62
C ASP D 347 -2.95 30.50 33.86
N PRO D 348 -3.97 31.28 34.24
CA PRO D 348 -4.75 30.92 35.43
C PRO D 348 -5.56 29.65 35.25
N VAL D 349 -6.24 29.50 34.10
CA VAL D 349 -7.08 28.34 33.85
C VAL D 349 -6.28 27.05 33.99
N LEU D 350 -5.14 26.98 33.29
CA LEU D 350 -4.28 25.81 33.40
C LEU D 350 -3.81 25.60 34.84
N LYS D 351 -3.33 26.67 35.49
CA LYS D 351 -2.88 26.55 36.88
C LYS D 351 -4.00 26.11 37.82
N SER D 352 -5.25 26.42 37.48
CA SER D 352 -6.36 25.97 38.33
C SER D 352 -6.53 24.46 38.24
N THR D 353 -6.33 23.90 37.05
CA THR D 353 -6.48 22.45 36.88
C THR D 353 -5.32 21.66 37.46
N GLY D 354 -4.35 22.33 38.08
CA GLY D 354 -3.21 21.62 38.64
C GLY D 354 -2.34 20.96 37.60
N LEU D 355 -2.64 21.19 36.32
CA LEU D 355 -1.92 20.53 35.24
C LEU D 355 -0.42 20.85 35.31
N SER D 356 0.39 19.90 34.86
CA SER D 356 1.83 20.06 34.85
C SER D 356 2.41 19.10 33.82
N ILE D 357 3.63 19.40 33.38
CA ILE D 357 4.39 18.43 32.60
C ILE D 357 5.63 18.05 33.40
N ILE D 358 6.11 16.84 33.16
CA ILE D 358 7.45 16.50 33.60
C ILE D 358 8.37 16.90 32.45
N ARG D 359 9.11 17.99 32.66
CA ARG D 359 9.93 18.53 31.59
C ARG D 359 11.00 17.52 31.16
N GLU D 360 11.38 17.60 29.90
CA GLU D 360 12.59 16.93 29.42
C GLU D 360 13.74 17.92 29.60
N ARG D 361 14.57 17.69 30.63
CA ARG D 361 15.42 18.73 31.19
C ARG D 361 16.80 18.87 30.54
N ALA D 362 17.27 17.84 29.83
CA ALA D 362 18.54 17.92 29.11
C ALA D 362 18.54 16.84 28.03
N ALA D 363 19.30 17.08 26.97
CA ALA D 363 19.33 16.16 25.84
C ALA D 363 20.73 16.13 25.25
N VAL D 364 21.09 15.01 24.63
CA VAL D 364 22.37 14.90 23.96
C VAL D 364 22.18 14.14 22.65
N GLY D 365 22.77 14.66 21.59
CA GLY D 365 22.69 14.05 20.28
C GLY D 365 24.08 13.75 19.77
N TYR D 366 24.17 12.77 18.87
CA TYR D 366 25.40 12.35 18.23
C TYR D 366 25.19 12.37 16.73
N ARG D 367 26.12 12.94 16.00
CA ARG D 367 25.99 13.08 14.56
C ARG D 367 27.06 12.22 13.91
N HIS D 368 26.65 11.12 13.30
CA HIS D 368 27.58 10.28 12.56
C HIS D 368 27.81 10.97 11.21
N LEU D 369 28.91 11.73 11.10
CA LEU D 369 29.08 12.64 9.96
C LEU D 369 29.10 11.89 8.63
N GLU D 370 29.73 10.72 8.59
CA GLU D 370 29.71 9.92 7.37
C GLU D 370 28.29 9.47 7.03
N TYR D 371 27.60 8.81 7.97
CA TYR D 371 26.24 8.38 7.68
C TYR D 371 25.37 9.56 7.28
N GLU D 372 25.63 10.72 7.88
CA GLU D 372 24.85 11.92 7.62
C GLU D 372 25.03 12.37 6.18
N ALA D 373 26.26 12.31 5.66
CA ALA D 373 26.47 12.65 4.25
C ALA D 373 25.68 11.72 3.35
N ALA D 374 25.47 10.48 3.77
CA ALA D 374 24.96 9.42 2.92
C ALA D 374 23.45 9.32 2.94
N THR D 375 22.80 10.14 3.76
CA THR D 375 21.40 9.93 4.07
C THR D 375 20.64 11.25 3.94
N ASP D 376 19.32 11.13 4.00
CA ASP D 376 18.43 12.25 4.19
C ASP D 376 18.07 12.37 5.67
N ARG D 377 17.21 13.33 5.99
CA ARG D 377 16.83 13.60 7.37
C ARG D 377 16.01 12.47 7.98
N TYR D 378 15.23 11.74 7.17
CA TYR D 378 14.34 10.71 7.68
C TYR D 378 15.00 9.34 7.77
N SER D 379 16.32 9.29 7.83
CA SER D 379 17.01 8.00 7.84
C SER D 379 17.14 7.47 9.26
N PRO D 380 16.89 6.17 9.45
CA PRO D 380 17.17 5.58 10.77
C PRO D 380 18.62 5.70 11.19
N TYR D 381 19.54 5.93 10.25
CA TYR D 381 20.95 6.04 10.58
C TYR D 381 21.24 7.34 11.31
N ARG D 382 20.42 8.35 11.08
CA ARG D 382 20.51 9.58 11.83
C ARG D 382 19.85 9.47 13.19
N LYS D 383 19.08 8.41 13.45
CA LYS D 383 18.28 8.28 14.66
C LYS D 383 18.84 7.22 15.62
N MET D 384 20.15 6.94 15.56
CA MET D 384 20.72 5.77 16.23
C MET D 384 21.45 6.06 17.53
N LEU D 385 21.84 7.29 17.81
CA LEU D 385 22.54 7.60 19.04
C LEU D 385 22.10 8.98 19.50
N ALA D 386 21.29 9.01 20.55
CA ALA D 386 20.87 10.24 21.20
C ALA D 386 20.20 9.83 22.49
N ALA D 387 20.04 10.80 23.40
CA ALA D 387 19.34 10.50 24.64
C ALA D 387 18.78 11.79 25.18
N LEU D 388 17.74 11.66 26.00
CA LEU D 388 17.31 12.81 26.78
C LEU D 388 16.92 12.35 28.17
N TRP D 389 16.96 13.27 29.13
CA TRP D 389 16.59 13.03 30.51
C TRP D 389 15.29 13.73 30.82
N ARG D 390 14.41 13.06 31.55
CA ARG D 390 13.09 13.58 31.87
C ARG D 390 12.89 13.57 33.38
N GLU D 391 12.41 14.71 33.89
CA GLU D 391 12.08 14.88 35.29
C GLU D 391 11.23 13.72 35.80
N SER D 392 11.47 13.32 37.04
CA SER D 392 10.61 12.36 37.72
C SER D 392 9.36 13.03 38.28
N PRO D 393 8.20 12.37 38.19
CA PRO D 393 7.00 12.89 38.85
C PRO D 393 6.86 12.53 40.32
N VAL D 394 7.88 11.92 40.94
CA VAL D 394 7.79 11.43 42.31
C VAL D 394 8.14 12.52 43.33
N PRO D 395 9.28 13.22 43.20
CA PRO D 395 9.64 14.17 44.26
C PRO D 395 8.59 15.24 44.49
N ALA D 396 7.65 15.41 43.56
CA ALA D 396 6.56 16.37 43.66
C ALA D 396 5.32 15.81 44.36
N LEU D 397 5.36 14.57 44.86
CA LEU D 397 4.18 13.95 45.46
C LEU D 397 3.97 14.48 46.88
N ARG D 398 2.80 15.07 47.13
CA ARG D 398 2.38 15.41 48.47
C ARG D 398 1.90 14.14 49.21
N ASP D 399 1.49 14.31 50.46
CA ASP D 399 1.23 13.17 51.33
C ASP D 399 -0.05 12.43 50.94
N GLY D 400 0.03 11.09 50.96
CA GLY D 400 -1.08 10.26 50.57
C GLY D 400 -1.31 10.16 49.09
N GLU D 401 -0.39 10.69 48.28
CA GLU D 401 -0.58 10.74 46.84
C GLU D 401 0.18 9.61 46.15
N SER D 402 -0.46 9.02 45.14
CA SER D 402 0.15 7.94 44.37
C SER D 402 0.08 8.31 42.90
N LEU D 403 0.92 7.65 42.11
CA LEU D 403 0.98 7.89 40.68
C LEU D 403 0.43 6.66 39.96
N THR D 404 -0.14 6.90 38.78
CA THR D 404 -0.49 5.84 37.86
C THR D 404 -0.47 6.37 36.45
N THR D 405 -0.03 5.51 35.51
CA THR D 405 -0.31 5.76 34.10
C THR D 405 -1.82 5.84 33.90
N MET D 406 -2.26 6.84 33.12
CA MET D 406 -3.68 6.88 32.75
C MET D 406 -4.14 5.63 32.02
N ALA D 407 -3.24 4.98 31.27
CA ALA D 407 -3.60 3.73 30.61
C ALA D 407 -4.24 2.73 31.57
N ALA D 408 -3.93 2.85 32.87
CA ALA D 408 -4.48 1.92 33.85
C ALA D 408 -5.99 2.00 33.89
N LEU D 409 -6.57 3.19 33.65
CA LEU D 409 -8.02 3.38 33.73
C LEU D 409 -8.79 2.38 32.89
N VAL D 410 -8.22 1.93 31.77
CA VAL D 410 -8.90 1.02 30.86
C VAL D 410 -8.37 -0.40 31.00
N HIS D 411 -7.45 -0.64 31.92
CA HIS D 411 -7.00 -2.00 32.21
C HIS D 411 -8.07 -2.74 33.03
N VAL D 412 -8.21 -4.04 32.80
CA VAL D 412 -9.28 -4.81 33.40
C VAL D 412 -8.74 -6.10 34.00
N ASP D 413 -9.16 -6.41 35.22
CA ASP D 413 -8.82 -7.61 35.98
C ASP D 413 -9.19 -8.88 35.26
N HIS D 414 -8.58 -9.97 35.74
CA HIS D 414 -9.14 -11.28 35.47
C HIS D 414 -10.51 -11.42 36.09
N GLU D 415 -10.78 -10.66 37.16
CA GLU D 415 -12.08 -10.62 37.82
C GLU D 415 -13.01 -9.56 37.20
N GLY D 416 -12.68 -9.06 36.01
CA GLY D 416 -13.51 -8.13 35.28
C GLY D 416 -13.56 -6.73 35.84
N ARG D 417 -12.87 -6.46 36.93
CA ARG D 417 -12.87 -5.12 37.52
C ARG D 417 -11.79 -4.27 36.86
N SER D 418 -12.15 -3.08 36.40
CA SER D 418 -11.12 -2.19 35.90
C SER D 418 -10.50 -1.41 37.06
N VAL D 419 -9.37 -0.76 36.80
CA VAL D 419 -8.78 0.09 37.84
C VAL D 419 -9.60 1.36 38.02
N ALA D 420 -10.16 1.88 36.93
CA ALA D 420 -11.14 2.96 37.03
C ALA D 420 -12.23 2.60 38.03
N GLY D 421 -12.81 1.41 37.87
CA GLY D 421 -13.90 1.01 38.73
C GLY D 421 -13.47 0.82 40.17
N GLU D 422 -12.33 0.16 40.38
CA GLU D 422 -11.81 0.03 41.74
C GLU D 422 -11.64 1.39 42.38
N LEU D 423 -10.88 2.27 41.71
CA LEU D 423 -10.70 3.64 42.21
C LEU D 423 -12.03 4.33 42.53
N ILE D 424 -12.99 4.24 41.61
CA ILE D 424 -14.30 4.83 41.84
C ILE D 424 -14.91 4.23 43.11
N ALA D 425 -14.94 2.90 43.21
CA ALA D 425 -15.44 2.27 44.42
C ALA D 425 -14.65 2.70 45.65
N ARG D 426 -13.33 2.56 45.61
CA ARG D 426 -12.49 2.89 46.76
C ARG D 426 -12.73 4.32 47.21
N SER D 427 -13.19 5.17 46.30
CA SER D 427 -13.27 6.59 46.60
C SER D 427 -14.56 6.98 47.29
N GLY D 428 -15.59 6.14 47.20
CA GLY D 428 -16.87 6.41 47.82
C GLY D 428 -17.66 7.55 47.22
N LEU D 429 -17.20 8.13 46.12
CA LEU D 429 -17.93 9.18 45.42
C LEU D 429 -18.97 8.59 44.47
N ALA D 430 -19.95 9.41 44.11
CA ALA D 430 -20.80 9.06 43.00
C ALA D 430 -19.94 8.87 41.75
N PRO D 431 -20.20 7.84 40.95
CA PRO D 431 -19.48 7.71 39.67
C PRO D 431 -19.50 8.99 38.85
N THR D 432 -20.65 9.65 38.78
CA THR D 432 -20.75 10.96 38.14
C THR D 432 -19.70 11.90 38.72
N ALA D 433 -19.64 11.99 40.05
CA ALA D 433 -18.72 12.93 40.67
C ALA D 433 -17.26 12.49 40.58
N TRP D 434 -16.97 11.19 40.43
CA TRP D 434 -15.57 10.77 40.27
C TRP D 434 -15.04 11.20 38.92
N LEU D 435 -15.80 10.90 37.87
CA LEU D 435 -15.37 11.27 36.53
C LEU D 435 -15.20 12.78 36.40
N ARG D 436 -15.96 13.56 37.18
CA ARG D 436 -15.87 15.01 37.11
C ARG D 436 -14.51 15.53 37.56
N HIS D 437 -13.95 14.95 38.64
CA HIS D 437 -12.62 15.35 39.09
C HIS D 437 -11.56 14.96 38.06
N TYR D 438 -11.59 13.71 37.60
CA TYR D 438 -10.72 13.29 36.52
C TYR D 438 -10.87 14.19 35.31
N LEU D 439 -12.12 14.43 34.90
CA LEU D 439 -12.37 15.25 33.71
C LEU D 439 -11.88 16.68 33.88
N ARG D 440 -12.00 17.26 35.08
CA ARG D 440 -11.45 18.58 35.31
C ARG D 440 -9.92 18.58 35.29
N ALA D 441 -9.29 17.47 35.69
CA ALA D 441 -7.83 17.46 35.81
C ALA D 441 -7.16 17.14 34.49
N TYR D 442 -7.72 16.21 33.71
CA TYR D 442 -7.09 15.73 32.50
C TYR D 442 -7.65 16.35 31.23
N TYR D 443 -8.98 16.46 31.15
CA TYR D 443 -9.68 16.82 29.91
C TYR D 443 -9.80 18.33 29.73
N THR D 444 -10.31 19.02 30.75
CA THR D 444 -10.46 20.48 30.67
C THR D 444 -9.21 21.18 30.18
N PRO D 445 -7.99 20.90 30.69
CA PRO D 445 -6.80 21.54 30.10
C PRO D 445 -6.71 21.39 28.59
N LEU D 446 -7.07 20.23 28.05
CA LEU D 446 -7.02 20.06 26.60
C LEU D 446 -7.96 21.05 25.91
N LEU D 447 -9.13 21.30 26.49
CA LEU D 447 -10.02 22.30 25.90
C LEU D 447 -9.36 23.66 25.83
N HIS D 448 -8.88 24.16 26.97
CA HIS D 448 -8.26 25.49 26.99
C HIS D 448 -7.07 25.58 26.04
N SER D 449 -6.20 24.56 26.03
CA SER D 449 -5.09 24.53 25.07
C SER D 449 -5.58 24.70 23.65
N PHE D 450 -6.66 24.01 23.29
CA PHE D 450 -7.17 24.12 21.93
C PHE D 450 -7.77 25.49 21.68
N TYR D 451 -8.71 25.91 22.53
CA TYR D 451 -9.47 27.12 22.26
C TYR D 451 -8.72 28.41 22.61
N ALA D 452 -7.69 28.36 23.46
CA ALA D 452 -7.00 29.57 23.85
C ALA D 452 -5.66 29.75 23.15
N TYR D 453 -5.02 28.64 22.77
CA TYR D 453 -3.68 28.71 22.21
C TYR D 453 -3.52 28.00 20.86
N ASP D 454 -4.57 27.39 20.30
CA ASP D 454 -4.47 26.55 19.09
C ASP D 454 -3.49 25.40 19.28
N LEU D 455 -3.49 24.80 20.47
CA LEU D 455 -2.47 23.85 20.87
C LEU D 455 -3.09 22.47 21.11
N ALA D 456 -2.43 21.44 20.61
CA ALA D 456 -2.92 20.07 20.73
C ALA D 456 -1.78 19.16 21.16
N PHE D 457 -2.12 18.12 21.91
CA PHE D 457 -1.14 17.14 22.34
C PHE D 457 -1.39 15.83 21.62
N MET D 458 -0.63 14.82 22.01
CA MET D 458 -0.96 13.42 21.78
C MET D 458 -1.24 12.82 23.17
N PRO D 459 -2.45 13.00 23.70
CA PRO D 459 -2.67 12.69 25.13
C PRO D 459 -3.23 11.30 25.44
N HIS D 460 -2.74 10.27 24.76
CA HIS D 460 -3.23 8.91 24.94
C HIS D 460 -2.83 8.38 26.33
N GLY D 461 -3.15 7.10 26.56
CA GLY D 461 -2.91 6.49 27.86
C GLY D 461 -1.44 6.52 28.27
N GLU D 462 -0.54 6.00 27.40
CA GLU D 462 0.88 5.90 27.75
C GLU D 462 1.49 7.26 28.08
N ASN D 463 0.97 8.34 27.50
CA ASN D 463 1.55 9.68 27.62
C ASN D 463 1.05 10.52 28.81
N THR D 464 0.14 10.00 29.62
CA THR D 464 -0.37 10.79 30.73
C THR D 464 -0.28 9.99 32.03
N ILE D 465 -0.01 10.72 33.11
CA ILE D 465 0.06 10.16 34.46
C ILE D 465 -0.95 10.90 35.33
N LEU D 466 -1.68 10.14 36.13
CA LEU D 466 -2.64 10.69 37.08
C LEU D 466 -2.05 10.67 38.48
N VAL D 467 -2.22 11.77 39.21
CA VAL D 467 -1.84 11.88 40.61
C VAL D 467 -3.10 11.64 41.43
N LEU D 468 -3.04 10.65 42.32
CA LEU D 468 -4.21 10.10 43.00
C LEU D 468 -4.19 10.36 44.50
N LYS D 469 -5.36 10.68 45.04
CA LYS D 469 -5.56 10.83 46.48
C LYS D 469 -6.92 10.25 46.79
N ASP D 470 -6.96 9.35 47.78
CA ASP D 470 -8.20 8.70 48.20
C ASP D 470 -8.97 8.16 47.00
N GLY D 471 -8.26 7.60 46.03
CA GLY D 471 -8.92 7.10 44.84
C GLY D 471 -9.53 8.17 43.95
N VAL D 472 -9.15 9.43 44.15
CA VAL D 472 -9.67 10.53 43.35
C VAL D 472 -8.53 11.19 42.60
N VAL D 473 -8.78 11.54 41.34
CA VAL D 473 -7.76 12.16 40.50
C VAL D 473 -7.61 13.62 40.91
N GLN D 474 -6.42 13.97 41.39
CA GLN D 474 -6.14 15.35 41.79
C GLN D 474 -5.70 16.21 40.60
N ARG D 475 -4.67 15.78 39.87
CA ARG D 475 -4.14 16.56 38.77
C ARG D 475 -3.46 15.63 37.77
N ALA D 476 -3.26 16.14 36.56
CA ALA D 476 -2.60 15.39 35.50
C ALA D 476 -1.20 15.92 35.24
N VAL D 477 -0.35 15.04 34.73
CA VAL D 477 0.97 15.43 34.25
C VAL D 477 1.12 14.82 32.86
N TYR D 478 1.69 15.60 31.95
CA TYR D 478 1.93 15.21 30.56
C TYR D 478 3.41 14.95 30.34
N LYS D 479 3.72 13.93 29.52
CA LYS D 479 5.08 13.57 29.18
C LYS D 479 5.20 13.45 27.65
N ASP D 480 6.44 13.39 27.18
CA ASP D 480 6.77 13.31 25.74
C ASP D 480 6.15 14.50 24.98
N ILE D 481 6.48 15.69 25.46
CA ILE D 481 5.88 16.90 24.90
C ILE D 481 6.41 17.17 23.50
N ALA D 482 7.72 17.35 23.37
CA ALA D 482 8.28 17.96 22.16
C ALA D 482 8.09 17.09 20.92
N GLU D 483 7.96 15.77 21.09
CA GLU D 483 7.74 14.87 19.96
C GLU D 483 6.31 14.93 19.43
N GLU D 484 5.35 15.31 20.26
CA GLU D 484 3.94 15.22 19.89
C GLU D 484 3.24 16.56 19.75
N ILE D 485 3.57 17.53 20.62
CA ILE D 485 2.95 18.85 20.67
C ILE D 485 2.85 19.50 19.28
N VAL D 486 1.76 20.23 19.05
CA VAL D 486 1.51 20.88 17.77
C VAL D 486 0.79 22.22 18.01
N VAL D 487 1.27 23.29 17.35
CA VAL D 487 0.65 24.61 17.41
C VAL D 487 0.02 24.85 16.04
N MET D 488 -1.31 24.90 15.97
CA MET D 488 -2.03 24.89 14.69
C MET D 488 -2.34 26.29 14.18
N ASP D 489 -1.33 27.16 14.25
CA ASP D 489 -1.39 28.51 13.71
C ASP D 489 -0.10 28.73 12.93
N PRO D 490 -0.10 28.43 11.62
CA PRO D 490 1.15 28.52 10.83
C PRO D 490 1.83 29.87 10.94
N ASP D 491 1.05 30.90 11.25
CA ASP D 491 1.50 32.29 11.28
C ASP D 491 1.51 32.83 12.71
N ALA D 492 1.80 31.96 13.68
CA ALA D 492 1.75 32.31 15.10
C ALA D 492 3.07 32.92 15.56
N VAL D 493 2.97 33.78 16.57
CA VAL D 493 4.14 34.40 17.17
C VAL D 493 4.72 33.44 18.21
N LEU D 494 5.92 32.93 17.95
CA LEU D 494 6.53 31.97 18.87
C LEU D 494 8.03 32.13 18.90
N PRO D 495 8.65 31.86 20.05
CA PRO D 495 10.12 31.90 20.17
C PRO D 495 10.79 31.08 19.09
N PRO D 496 12.06 31.35 18.79
CA PRO D 496 12.70 30.71 17.62
C PRO D 496 13.21 29.30 17.89
N GLU D 497 13.31 28.88 19.15
CA GLU D 497 13.66 27.48 19.40
C GLU D 497 12.44 26.57 19.25
N VAL D 498 11.25 27.06 19.62
CA VAL D 498 10.02 26.29 19.50
C VAL D 498 9.30 26.47 18.17
N ARG D 499 9.69 27.46 17.35
CA ARG D 499 8.99 27.70 16.08
C ARG D 499 8.92 26.44 15.23
N ARG D 500 9.70 25.41 15.59
CA ARG D 500 9.71 24.09 14.98
C ARG D 500 8.41 23.30 15.16
N VAL D 501 7.47 23.78 15.98
CA VAL D 501 6.25 23.02 16.23
C VAL D 501 5.02 23.60 15.53
N ARG D 502 5.11 24.79 14.93
CA ARG D 502 3.98 25.28 14.16
C ARG D 502 3.72 24.35 12.97
N ALA D 503 2.45 24.03 12.74
CA ALA D 503 2.01 23.24 11.60
C ALA D 503 0.71 23.83 11.06
N GLU D 504 0.49 23.64 9.75
CA GLU D 504 -0.74 24.06 9.09
C GLU D 504 -1.69 22.86 9.09
N VAL D 505 -2.88 23.04 9.66
CA VAL D 505 -3.85 21.96 9.79
C VAL D 505 -5.16 22.43 9.19
N PRO D 506 -5.74 21.71 8.23
CA PRO D 506 -7.03 22.13 7.67
C PRO D 506 -8.07 22.30 8.78
N GLU D 507 -8.88 23.36 8.67
CA GLU D 507 -9.78 23.73 9.77
C GLU D 507 -10.84 22.65 10.01
N ASP D 508 -11.30 21.99 8.95
CA ASP D 508 -12.24 20.87 9.07
C ASP D 508 -11.66 19.71 9.86
N MET D 509 -10.36 19.74 10.19
CA MET D 509 -9.70 18.65 10.87
C MET D 509 -9.04 19.08 12.17
N LYS D 510 -8.94 20.39 12.40
CA LYS D 510 -8.32 20.93 13.61
C LYS D 510 -8.91 20.30 14.86
N LEU D 511 -10.24 20.25 14.96
CA LEU D 511 -10.86 19.75 16.19
C LEU D 511 -10.79 18.24 16.32
N LEU D 512 -10.15 17.53 15.39
CA LEU D 512 -9.99 16.09 15.58
C LEU D 512 -9.02 15.77 16.71
N SER D 513 -8.20 16.73 17.14
CA SER D 513 -7.27 16.46 18.24
C SER D 513 -8.00 16.19 19.54
N ILE D 514 -9.29 16.50 19.60
CA ILE D 514 -10.18 16.09 20.68
C ILE D 514 -11.04 14.90 20.25
N PHE D 515 -11.72 15.03 19.11
CA PHE D 515 -12.65 14.02 18.62
C PHE D 515 -11.96 12.67 18.45
N THR D 516 -10.87 12.64 17.68
CA THR D 516 -10.21 11.37 17.46
C THR D 516 -9.38 10.95 18.66
N ASP D 517 -8.41 11.79 19.04
CA ASP D 517 -7.43 11.38 20.05
C ASP D 517 -8.06 11.16 21.42
N VAL D 518 -9.00 12.02 21.83
CA VAL D 518 -9.59 11.92 23.16
C VAL D 518 -10.86 11.07 23.18
N PHE D 519 -11.82 11.33 22.30
CA PHE D 519 -13.08 10.61 22.38
C PHE D 519 -12.97 9.21 21.81
N ASP D 520 -12.56 9.09 20.55
CA ASP D 520 -12.66 7.82 19.85
C ASP D 520 -11.56 6.84 20.24
N CYS D 521 -10.46 7.34 20.82
CA CYS D 521 -9.29 6.53 21.09
C CYS D 521 -9.05 6.30 22.57
N PHE D 522 -9.84 6.92 23.45
CA PHE D 522 -9.72 6.63 24.88
C PHE D 522 -11.08 6.58 25.57
N PHE D 523 -11.84 7.68 25.54
CA PHE D 523 -13.14 7.73 26.21
C PHE D 523 -14.07 6.62 25.70
N ARG D 524 -14.07 6.39 24.39
CA ARG D 524 -14.84 5.29 23.82
C ARG D 524 -14.61 3.99 24.59
N PHE D 525 -13.37 3.74 25.04
CA PHE D 525 -13.08 2.51 25.77
C PHE D 525 -13.44 2.58 27.24
N LEU D 526 -13.25 3.75 27.85
CA LEU D 526 -13.59 3.94 29.25
C LEU D 526 -15.09 3.85 29.46
N ALA D 527 -15.85 4.61 28.66
CA ALA D 527 -17.29 4.63 28.83
C ALA D 527 -17.89 3.26 28.57
N ALA D 528 -17.48 2.63 27.46
CA ALA D 528 -17.88 1.27 27.21
C ALA D 528 -17.57 0.36 28.40
N GLY D 529 -16.31 0.37 28.86
CA GLY D 529 -15.90 -0.57 29.90
C GLY D 529 -16.52 -0.29 31.25
N LEU D 530 -16.82 0.97 31.54
CA LEU D 530 -17.49 1.29 32.79
C LEU D 530 -18.97 0.95 32.76
N ALA D 531 -19.58 0.88 31.56
CA ALA D 531 -20.97 0.46 31.44
C ALA D 531 -21.09 -1.06 31.60
N THR D 532 -20.24 -1.83 30.93
CA THR D 532 -20.25 -3.27 31.13
C THR D 532 -19.89 -3.65 32.56
N GLU D 533 -19.15 -2.79 33.25
CA GLU D 533 -18.78 -3.05 34.64
C GLU D 533 -19.92 -2.77 35.62
N GLU D 534 -21.10 -2.41 35.13
CA GLU D 534 -22.20 -2.03 35.99
C GLU D 534 -21.71 -1.06 37.07
N VAL D 535 -21.26 0.09 36.60
CA VAL D 535 -20.53 1.08 37.39
C VAL D 535 -20.96 2.46 36.94
N LEU D 536 -21.01 2.68 35.64
CA LEU D 536 -21.54 3.94 35.10
C LEU D 536 -22.12 3.68 33.71
N ALA D 537 -23.38 4.07 33.50
CA ALA D 537 -23.99 3.90 32.19
C ALA D 537 -23.46 4.93 31.20
N GLU D 538 -23.43 4.54 29.92
CA GLU D 538 -22.90 5.41 28.87
C GLU D 538 -23.63 6.75 28.83
N ASP D 539 -24.96 6.71 28.93
CA ASP D 539 -25.69 7.96 28.91
C ASP D 539 -25.19 8.87 30.04
N ASP D 540 -24.91 8.30 31.22
CA ASP D 540 -24.41 9.12 32.32
C ASP D 540 -23.01 9.64 32.06
N PHE D 541 -22.09 8.75 31.67
CA PHE D 541 -20.73 9.13 31.32
C PHE D 541 -20.71 10.36 30.41
N TRP D 542 -21.22 10.21 29.19
CA TRP D 542 -21.10 11.28 28.21
C TRP D 542 -21.81 12.55 28.64
N ARG D 543 -22.92 12.43 29.39
CA ARG D 543 -23.58 13.62 29.93
C ARG D 543 -22.62 14.44 30.77
N THR D 544 -21.94 13.79 31.73
CA THR D 544 -20.93 14.44 32.54
C THR D 544 -19.89 15.14 31.67
N VAL D 545 -19.46 14.50 30.58
CA VAL D 545 -18.46 15.10 29.72
C VAL D 545 -19.01 16.33 29.02
N ALA D 546 -20.29 16.30 28.63
CA ALA D 546 -20.88 17.49 28.03
C ALA D 546 -21.06 18.60 29.07
N GLU D 547 -21.48 18.23 30.29
CA GLU D 547 -21.59 19.21 31.36
C GLU D 547 -20.25 19.90 31.60
N VAL D 548 -19.17 19.11 31.67
CA VAL D 548 -17.85 19.66 31.94
C VAL D 548 -17.41 20.58 30.81
N THR D 549 -17.75 20.24 29.57
CA THR D 549 -17.38 21.11 28.45
C THR D 549 -18.16 22.42 28.50
N ARG D 550 -19.49 22.33 28.67
CA ARG D 550 -20.30 23.54 28.81
C ARG D 550 -19.83 24.36 30.02
N GLU D 551 -19.52 23.68 31.13
CA GLU D 551 -19.01 24.37 32.31
C GLU D 551 -17.79 25.22 31.97
N TYR D 552 -16.84 24.63 31.25
CA TYR D 552 -15.64 25.37 30.88
C TYR D 552 -15.96 26.56 29.99
N GLN D 553 -16.72 26.33 28.91
CA GLN D 553 -16.99 27.39 27.93
C GLN D 553 -17.84 28.50 28.53
N GLU D 554 -18.74 28.17 29.45
CA GLU D 554 -19.55 29.19 30.08
C GLU D 554 -18.76 30.07 31.03
N ALA D 555 -17.50 29.72 31.30
CA ALA D 555 -16.62 30.50 32.17
C ALA D 555 -15.64 31.38 31.40
N HIS D 556 -15.57 31.24 30.07
CA HIS D 556 -14.67 32.03 29.23
C HIS D 556 -15.41 32.53 27.99
N PRO D 557 -16.35 33.46 28.16
CA PRO D 557 -17.05 34.03 26.98
C PRO D 557 -16.15 34.79 26.03
N GLU D 558 -14.93 35.16 26.44
CA GLU D 558 -13.97 35.82 25.55
C GLU D 558 -13.72 34.99 24.28
N LEU D 559 -13.96 33.68 24.33
CA LEU D 559 -13.66 32.79 23.22
C LEU D 559 -14.91 32.27 22.53
N ASP D 560 -16.07 32.89 22.77
CA ASP D 560 -17.32 32.38 22.23
C ASP D 560 -17.28 32.20 20.72
N ASP D 561 -16.50 33.05 20.03
CA ASP D 561 -16.39 32.96 18.57
C ASP D 561 -15.66 31.70 18.14
N ARG D 562 -14.71 31.25 18.97
CA ARG D 562 -13.95 30.04 18.69
C ARG D 562 -14.76 28.79 19.02
N PHE D 563 -15.46 28.80 20.16
CA PHE D 563 -16.36 27.72 20.50
C PHE D 563 -17.32 27.42 19.34
N ARG D 564 -17.77 28.48 18.63
CA ARG D 564 -18.67 28.31 17.50
C ARG D 564 -17.93 27.76 16.28
N GLN D 565 -16.81 28.36 15.90
CA GLN D 565 -16.07 27.89 14.73
C GLN D 565 -15.65 26.42 14.86
N TYR D 566 -15.38 25.95 16.07
CA TYR D 566 -14.99 24.57 16.33
C TYR D 566 -16.04 23.95 17.26
N ASP D 567 -17.09 23.39 16.67
CA ASP D 567 -18.28 22.99 17.42
C ASP D 567 -18.05 21.64 18.08
N LEU D 568 -17.86 21.66 19.40
CA LEU D 568 -17.72 20.41 20.14
C LEU D 568 -19.04 19.64 20.24
N PHE D 569 -20.14 20.16 19.69
CA PHE D 569 -21.45 19.54 19.75
C PHE D 569 -22.05 19.34 18.37
N ALA D 570 -21.24 19.25 17.34
CA ALA D 570 -21.75 18.88 16.04
C ALA D 570 -22.47 17.54 16.16
N PRO D 571 -23.41 17.24 15.27
CA PRO D 571 -24.01 15.89 15.29
C PRO D 571 -23.02 14.78 14.94
N GLU D 572 -21.97 15.09 14.18
CA GLU D 572 -21.06 14.08 13.72
C GLU D 572 -19.67 14.69 13.52
N PHE D 573 -18.66 13.80 13.49
CA PHE D 573 -17.32 14.21 13.10
C PHE D 573 -16.66 13.05 12.37
N ALA D 574 -15.59 13.38 11.66
CA ALA D 574 -14.92 12.41 10.82
C ALA D 574 -14.45 11.19 11.63
N LEU D 575 -14.62 10.00 11.05
CA LEU D 575 -14.08 8.78 11.63
C LEU D 575 -12.65 8.60 11.12
N SER D 576 -11.67 8.93 11.95
CA SER D 576 -10.26 8.72 11.62
C SER D 576 -9.89 7.33 12.13
N CYS D 577 -9.24 6.55 11.27
CA CYS D 577 -9.00 5.11 11.49
C CYS D 577 -7.53 4.84 11.74
N LEU D 578 -7.22 4.28 12.90
CA LEU D 578 -5.81 4.12 13.24
C LEU D 578 -5.19 2.85 12.68
N ASN D 579 -5.92 1.73 12.60
CA ASN D 579 -5.31 0.54 12.05
C ASN D 579 -5.09 0.68 10.55
N ARG D 580 -5.99 1.36 9.85
CA ARG D 580 -5.78 1.59 8.42
C ARG D 580 -4.47 2.32 8.19
N LEU D 581 -4.09 3.22 9.12
CA LEU D 581 -2.80 3.88 9.05
C LEU D 581 -1.65 2.89 9.15
N GLN D 582 -1.76 1.92 10.05
CA GLN D 582 -0.68 0.95 10.22
C GLN D 582 -0.59 -0.05 9.07
N LEU D 583 -1.69 -0.36 8.40
CA LEU D 583 -1.65 -1.34 7.32
C LEU D 583 -1.29 -0.74 5.95
N ARG D 584 -0.87 0.55 5.94
CA ARG D 584 -0.28 1.32 4.81
C ARG D 584 -1.34 2.10 4.01
N ALA D 597 -4.30 15.26 7.92
CA ALA D 597 -2.93 15.64 7.80
C ALA D 597 -2.24 14.40 7.26
N ALA D 598 -2.78 13.91 6.12
CA ALA D 598 -2.38 12.63 5.50
C ALA D 598 -2.81 11.43 6.33
N LEU D 599 -4.03 11.51 6.90
CA LEU D 599 -4.62 10.46 7.71
C LEU D 599 -5.43 9.49 6.86
N GLN D 600 -6.55 9.01 7.40
CA GLN D 600 -7.40 8.02 6.75
C GLN D 600 -8.80 8.15 7.30
N LEU D 601 -9.57 9.07 6.73
CA LEU D 601 -10.92 9.36 7.19
C LEU D 601 -11.89 8.50 6.39
N VAL D 602 -12.70 7.72 7.10
CA VAL D 602 -13.67 6.82 6.47
C VAL D 602 -15.07 7.04 7.03
N GLY D 603 -15.78 8.05 6.53
CA GLY D 603 -17.11 8.36 7.03
C GLY D 603 -17.09 9.22 8.29
N THR D 604 -18.19 9.12 9.06
CA THR D 604 -18.40 9.96 10.25
C THR D 604 -19.02 9.12 11.36
N LEU D 605 -19.02 9.67 12.57
CA LEU D 605 -19.55 9.04 13.78
C LEU D 605 -20.60 9.93 14.42
N ARG D 606 -21.67 9.34 14.95
CA ARG D 606 -22.62 10.14 15.73
C ARG D 606 -21.92 10.60 17.00
N ASN D 607 -21.73 11.91 17.13
CA ASN D 607 -21.10 12.50 18.31
C ASN D 607 -21.92 12.19 19.55
N PRO D 608 -21.33 11.57 20.58
CA PRO D 608 -22.08 11.31 21.81
C PRO D 608 -22.61 12.57 22.49
N LEU D 609 -22.09 13.76 22.15
CA LEU D 609 -22.51 15.01 22.79
C LEU D 609 -23.57 15.72 21.94
N ALA D 610 -24.74 15.09 21.85
CA ALA D 610 -25.81 15.68 21.05
C ALA D 610 -26.47 16.86 21.76
N GLY D 611 -27.10 16.61 22.91
CA GLY D 611 -27.53 17.68 23.80
C GLY D 611 -26.34 18.38 24.46
N MET E 21 53.24 49.29 -14.00
CA MET E 21 54.67 49.62 -13.98
C MET E 21 55.00 50.74 -14.97
N SER E 22 53.97 51.31 -15.62
CA SER E 22 54.10 52.53 -16.42
C SER E 22 53.78 53.75 -15.58
N LEU E 23 54.49 54.85 -15.86
CA LEU E 23 54.36 56.04 -15.04
C LEU E 23 52.96 56.63 -15.12
N THR E 24 52.46 56.83 -16.35
CA THR E 24 51.15 57.46 -16.45
C THR E 24 50.04 56.49 -16.11
N ASP E 25 50.17 55.22 -16.49
CA ASP E 25 49.12 54.27 -16.18
C ASP E 25 48.84 54.22 -14.68
N ALA E 26 49.87 54.45 -13.85
CA ALA E 26 49.68 54.29 -12.40
C ALA E 26 48.85 55.41 -11.80
N VAL E 27 48.93 56.63 -12.33
CA VAL E 27 48.14 57.72 -11.78
C VAL E 27 46.87 57.97 -12.58
N ALA E 28 46.58 57.12 -13.56
CA ALA E 28 45.47 57.38 -14.47
C ALA E 28 44.12 57.53 -13.77
N HIS E 29 43.94 57.00 -12.56
CA HIS E 29 42.65 57.17 -11.89
C HIS E 29 42.45 58.57 -11.35
N LEU E 30 43.50 59.38 -11.32
CA LEU E 30 43.44 60.72 -10.73
C LEU E 30 43.14 61.76 -11.81
N SER E 31 41.92 61.71 -12.34
CA SER E 31 41.40 62.65 -13.32
C SER E 31 40.59 63.73 -12.62
N PRO E 32 40.45 64.93 -13.20
CA PRO E 32 39.66 65.97 -12.51
C PRO E 32 38.21 65.60 -12.32
N GLU E 33 37.62 64.89 -13.28
CA GLU E 33 36.22 64.56 -13.16
C GLU E 33 35.99 63.53 -12.05
N ARG E 34 36.92 62.59 -11.87
CA ARG E 34 36.79 61.68 -10.75
C ARG E 34 37.10 62.37 -9.43
N TRP E 35 37.99 63.36 -9.44
CA TRP E 35 38.32 64.06 -8.22
C TRP E 35 37.14 64.89 -7.75
N GLU E 36 36.44 65.54 -8.68
CA GLU E 36 35.25 66.30 -8.30
C GLU E 36 34.26 65.38 -7.61
N GLU E 37 33.93 64.26 -8.25
CA GLU E 37 32.90 63.38 -7.72
C GLU E 37 33.31 62.79 -6.37
N ALA E 38 34.58 62.40 -6.22
CA ALA E 38 35.06 61.95 -4.92
C ALA E 38 34.90 63.05 -3.87
N ASN E 39 35.31 64.28 -4.21
CA ASN E 39 35.21 65.36 -3.25
C ASN E 39 33.76 65.65 -2.86
N ARG E 40 32.82 65.59 -3.82
CA ARG E 40 31.42 65.82 -3.46
C ARG E 40 30.92 64.76 -2.46
N LEU E 41 31.24 63.48 -2.72
CA LEU E 41 30.77 62.40 -1.84
C LEU E 41 31.32 62.56 -0.43
N LEU E 42 32.60 62.93 -0.32
CA LEU E 42 33.22 63.04 1.00
C LEU E 42 32.69 64.23 1.78
N VAL E 43 32.53 65.38 1.09
CA VAL E 43 31.88 66.53 1.72
C VAL E 43 30.46 66.18 2.14
N ARG E 44 29.78 65.36 1.33
CA ARG E 44 28.46 64.89 1.73
C ARG E 44 28.54 64.10 3.02
N LYS E 45 29.51 63.18 3.11
CA LYS E 45 29.66 62.42 4.34
C LYS E 45 30.06 63.34 5.49
N ALA E 46 31.04 64.20 5.23
CA ALA E 46 31.50 65.14 6.25
C ALA E 46 30.33 65.88 6.86
N LEU E 47 29.52 66.51 6.01
CA LEU E 47 28.38 67.27 6.52
C LEU E 47 27.48 66.38 7.37
N ALA E 48 27.14 65.20 6.87
CA ALA E 48 26.15 64.37 7.54
C ALA E 48 26.65 63.84 8.87
N GLU E 49 27.93 63.49 8.94
CA GLU E 49 28.44 62.86 10.15
C GLU E 49 28.92 63.87 11.18
N PHE E 50 29.59 64.93 10.74
CA PHE E 50 29.91 66.01 11.65
C PHE E 50 28.66 66.69 12.18
N ALA E 51 27.55 66.66 11.43
CA ALA E 51 26.30 67.11 12.02
C ALA E 51 25.80 66.13 13.06
N HIS E 52 25.90 64.83 12.76
CA HIS E 52 25.50 63.79 13.70
C HIS E 52 26.20 63.99 15.04
N GLU E 53 27.52 64.10 15.01
CA GLU E 53 28.32 64.29 16.21
C GLU E 53 28.23 65.71 16.74
N ARG E 54 27.36 66.55 16.14
CA ARG E 54 27.05 67.89 16.64
C ARG E 54 28.27 68.81 16.70
N LEU E 55 29.27 68.56 15.85
CA LEU E 55 30.37 69.51 15.76
C LEU E 55 29.89 70.84 15.19
N PHE E 56 28.88 70.79 14.33
CA PHE E 56 28.11 71.96 13.95
C PHE E 56 26.63 71.58 13.91
N THR E 57 25.78 72.56 14.18
CA THR E 57 24.34 72.35 14.11
C THR E 57 23.80 73.01 12.86
N PRO E 58 23.54 72.26 11.78
CA PRO E 58 23.09 72.86 10.52
C PRO E 58 21.88 73.79 10.68
N GLU E 59 22.10 75.11 10.64
CA GLU E 59 20.99 76.06 10.75
C GLU E 59 20.07 75.94 9.54
N PRO E 60 18.75 75.80 9.74
CA PRO E 60 17.83 75.67 8.60
C PRO E 60 17.89 76.88 7.66
N ALA E 61 17.26 76.72 6.49
CA ALA E 61 17.38 77.69 5.41
C ALA E 61 16.31 78.76 5.39
N ASP E 62 15.17 78.54 6.07
CA ASP E 62 14.00 79.41 6.00
C ASP E 62 13.37 79.37 4.60
N GLY E 63 14.19 79.53 3.55
CA GLY E 63 13.78 79.32 2.17
C GLY E 63 13.15 77.95 1.95
N GLN E 64 13.95 76.97 1.52
CA GLN E 64 13.44 75.61 1.35
C GLN E 64 13.06 74.99 2.70
N ASP E 65 11.94 74.28 2.72
CA ASP E 65 11.48 73.60 3.94
C ASP E 65 12.30 72.34 4.26
N GLY E 66 13.38 72.06 3.53
CA GLY E 66 14.26 70.95 3.82
C GLY E 66 15.73 71.23 3.51
N ARG E 67 16.07 72.50 3.28
CA ARG E 67 17.44 72.94 3.07
C ARG E 67 18.02 73.53 4.35
N TYR E 68 19.34 73.38 4.51
CA TYR E 68 20.08 73.81 5.69
C TYR E 68 21.39 74.43 5.22
N VAL E 69 22.10 75.06 6.15
CA VAL E 69 23.35 75.73 5.80
C VAL E 69 24.33 75.58 6.96
N VAL E 70 25.58 75.31 6.62
CA VAL E 70 26.66 75.23 7.59
C VAL E 70 27.72 76.23 7.18
N ARG E 71 28.28 76.95 8.14
CA ARG E 71 29.16 78.04 7.78
C ARG E 71 30.57 77.79 8.33
N SER E 72 31.56 78.42 7.70
CA SER E 72 32.96 78.30 8.12
C SER E 72 33.17 79.01 9.45
N ASP E 73 34.40 78.89 9.98
CA ASP E 73 34.72 79.56 11.24
C ASP E 73 34.52 81.07 11.12
N ASP E 74 34.82 81.66 9.95
CA ASP E 74 34.67 83.08 9.69
C ASP E 74 33.27 83.46 9.21
N GLY E 75 32.39 82.48 8.99
CA GLY E 75 31.04 82.71 8.55
C GLY E 75 30.88 83.20 7.12
N LEU E 76 31.96 83.41 6.38
CA LEU E 76 31.81 83.96 5.05
C LEU E 76 31.54 82.88 4.00
N THR E 77 32.09 81.69 4.20
CA THR E 77 31.85 80.54 3.32
C THR E 77 30.61 79.78 3.79
N SER E 78 29.70 79.51 2.86
CA SER E 78 28.43 78.85 3.16
C SER E 78 28.33 77.52 2.41
N TYR E 79 28.05 76.44 3.14
CA TYR E 79 27.77 75.13 2.57
C TYR E 79 26.27 74.86 2.65
N ARG E 80 25.61 74.82 1.49
CA ARG E 80 24.16 74.74 1.38
C ARG E 80 23.79 73.36 0.86
N PHE E 81 22.87 72.69 1.54
CA PHE E 81 22.54 71.31 1.22
C PHE E 81 21.12 71.04 1.69
N THR E 82 20.47 70.06 1.07
CA THR E 82 19.18 69.57 1.54
C THR E 82 19.40 68.19 2.16
N ALA E 83 18.65 67.90 3.23
CA ALA E 83 18.88 66.67 3.98
C ALA E 83 17.56 66.17 4.54
N VAL E 84 17.42 64.85 4.53
CA VAL E 84 16.31 64.16 5.20
C VAL E 84 16.82 63.67 6.54
N ARG E 85 16.11 63.99 7.61
CA ARG E 85 16.55 63.63 8.96
C ARG E 85 15.76 62.44 9.46
N ARG E 86 16.46 61.49 10.11
CA ARG E 86 15.91 60.20 10.49
C ARG E 86 16.38 59.79 11.87
N ALA E 87 15.80 58.69 12.35
CA ALA E 87 16.02 58.20 13.71
C ALA E 87 17.49 58.15 14.06
N LEU E 88 17.79 58.43 15.33
CA LEU E 88 19.15 58.51 15.86
C LEU E 88 19.91 59.72 15.31
N ASP E 89 19.20 60.80 14.98
CA ASP E 89 19.80 62.04 14.47
C ASP E 89 20.61 61.77 13.21
N HIS E 90 20.07 60.97 12.31
CA HIS E 90 20.74 60.72 11.05
C HIS E 90 20.47 61.88 10.11
N TRP E 91 21.45 62.17 9.25
CA TRP E 91 21.33 63.21 8.23
C TRP E 91 21.64 62.59 6.88
N GLN E 92 20.62 62.23 6.11
CA GLN E 92 20.90 61.85 4.72
C GLN E 92 21.01 63.14 3.94
N VAL E 93 22.22 63.66 3.87
CA VAL E 93 22.51 64.76 2.97
C VAL E 93 22.53 64.24 1.53
N ASP E 94 21.96 65.01 0.61
CA ASP E 94 21.95 64.67 -0.80
C ASP E 94 23.21 65.25 -1.45
N ALA E 95 24.07 64.38 -1.96
CA ALA E 95 25.34 64.85 -2.51
C ALA E 95 25.10 65.92 -3.59
N GLY E 96 24.27 65.61 -4.57
CA GLY E 96 24.11 66.48 -5.74
C GLY E 96 23.52 67.85 -5.44
N SER E 97 23.03 68.08 -4.21
CA SER E 97 22.44 69.35 -3.82
C SER E 97 23.43 70.34 -3.20
N ILE E 98 24.63 69.91 -2.85
CA ILE E 98 25.55 70.73 -2.08
C ILE E 98 26.15 71.83 -2.95
N THR E 99 26.24 73.04 -2.39
CA THR E 99 26.94 74.14 -3.02
C THR E 99 27.86 74.82 -2.02
N ARG E 100 28.97 75.35 -2.52
CA ARG E 100 29.87 76.19 -1.73
C ARG E 100 29.74 77.61 -2.25
N THR E 101 29.31 78.54 -1.39
CA THR E 101 29.14 79.94 -1.78
C THR E 101 29.93 80.87 -0.86
N ARG E 102 30.58 81.86 -1.48
CA ARG E 102 31.21 82.99 -0.81
C ARG E 102 30.90 84.23 -1.63
N ASP E 103 30.34 85.26 -0.98
CA ASP E 103 29.97 86.52 -1.61
C ASP E 103 28.77 86.37 -2.55
N GLY E 104 28.35 85.15 -2.82
CA GLY E 104 27.33 84.89 -3.82
C GLY E 104 27.85 84.08 -4.99
N ALA E 105 29.15 83.83 -5.04
CA ALA E 105 29.79 83.04 -6.07
C ALA E 105 29.93 81.59 -5.64
N GLU E 106 29.73 80.66 -6.58
CA GLU E 106 29.85 79.23 -6.30
C GLU E 106 31.32 78.83 -6.46
N LEU E 107 32.01 78.63 -5.33
CA LEU E 107 33.34 78.06 -5.27
C LEU E 107 33.30 76.54 -5.47
N PRO E 108 34.43 75.94 -5.87
CA PRO E 108 34.46 74.47 -6.05
C PRO E 108 34.27 73.74 -4.72
N LEU E 109 33.56 72.61 -4.80
CA LEU E 109 33.30 71.76 -3.64
C LEU E 109 34.51 70.88 -3.35
N ALA E 110 35.44 71.38 -2.52
CA ALA E 110 36.73 70.72 -2.32
C ALA E 110 36.87 70.27 -0.88
N ALA E 111 36.98 68.95 -0.69
CA ALA E 111 37.11 68.40 0.65
C ALA E 111 38.25 69.05 1.43
N LEU E 112 39.40 69.25 0.79
CA LEU E 112 40.53 69.83 1.55
C LEU E 112 40.18 71.23 2.05
N ASP E 113 39.67 72.08 1.16
CA ASP E 113 39.30 73.44 1.56
C ASP E 113 38.24 73.40 2.64
N PHE E 114 37.31 72.45 2.55
CA PHE E 114 36.32 72.25 3.62
C PHE E 114 36.99 72.16 4.98
N PHE E 115 37.88 71.18 5.16
CA PHE E 115 38.49 70.95 6.46
C PHE E 115 39.33 72.14 6.93
N ILE E 116 39.92 72.90 6.01
CA ILE E 116 40.67 74.08 6.40
C ILE E 116 39.73 75.20 6.84
N GLU E 117 38.66 75.46 6.08
CA GLU E 117 37.72 76.52 6.43
C GLU E 117 37.04 76.27 7.77
N LEU E 118 36.81 74.99 8.13
CA LEU E 118 36.15 74.61 9.37
C LEU E 118 37.14 74.08 10.40
N ARG E 119 38.44 74.29 10.16
CA ARG E 119 39.52 73.90 11.06
C ARG E 119 39.15 73.95 12.54
N HIS E 120 38.73 75.13 13.00
CA HIS E 120 38.51 75.31 14.44
C HIS E 120 37.18 74.70 14.88
N THR E 121 36.13 74.84 14.06
CA THR E 121 34.84 74.24 14.40
C THR E 121 34.96 72.75 14.67
N LEU E 122 35.86 72.07 13.95
CA LEU E 122 36.00 70.62 14.03
C LEU E 122 37.03 70.16 15.06
N GLY E 123 37.74 71.10 15.68
CA GLY E 123 38.78 70.75 16.63
C GLY E 123 39.99 70.09 16.01
N LEU E 124 40.28 70.40 14.74
CA LEU E 124 41.48 69.92 14.06
C LEU E 124 42.65 70.77 14.52
N SER E 125 43.34 70.28 15.54
CA SER E 125 44.47 70.95 16.17
C SER E 125 45.55 71.32 15.17
N ASP E 126 46.41 72.27 15.54
CA ASP E 126 47.55 72.66 14.71
C ASP E 126 48.38 71.45 14.28
N GLU E 127 48.72 70.57 15.22
CA GLU E 127 49.60 69.45 14.91
C GLU E 127 48.92 68.45 13.97
N ILE E 128 47.62 68.22 14.16
CA ILE E 128 46.99 67.13 13.44
C ILE E 128 46.51 67.51 12.04
N LEU E 129 46.25 68.79 11.78
CA LEU E 129 45.64 69.19 10.50
C LEU E 129 46.43 68.79 9.26
N PRO E 130 47.75 68.99 9.18
CA PRO E 130 48.44 68.57 7.96
C PRO E 130 48.38 67.08 7.73
N VAL E 131 48.62 66.27 8.76
CA VAL E 131 48.45 64.83 8.58
C VAL E 131 47.01 64.51 8.20
N TYR E 132 46.04 65.13 8.89
CA TYR E 132 44.64 64.86 8.62
C TYR E 132 44.30 65.18 7.16
N LEU E 133 44.83 66.29 6.65
CA LEU E 133 44.63 66.60 5.23
C LEU E 133 45.21 65.51 4.34
N GLU E 134 46.41 65.03 4.66
CA GLU E 134 47.05 64.03 3.82
C GLU E 134 46.25 62.73 3.82
N GLU E 135 45.70 62.35 4.97
CA GLU E 135 44.85 61.17 5.01
C GLU E 135 43.58 61.38 4.19
N ILE E 136 43.00 62.59 4.25
CA ILE E 136 41.85 62.87 3.39
C ILE E 136 42.24 62.70 1.94
N SER E 137 43.40 63.25 1.56
CA SER E 137 43.90 63.05 0.20
C SER E 137 43.95 61.57 -0.15
N SER E 138 44.34 60.72 0.81
CA SER E 138 44.43 59.31 0.44
C SER E 138 43.04 58.71 0.23
N THR E 139 42.10 58.99 1.14
CA THR E 139 40.74 58.51 0.93
C THR E 139 40.19 58.94 -0.43
N LEU E 140 40.33 60.23 -0.76
CA LEU E 140 39.85 60.71 -2.05
C LEU E 140 40.49 59.95 -3.21
N SER E 141 41.80 59.74 -3.15
CA SER E 141 42.50 58.94 -4.15
C SER E 141 41.85 57.59 -4.37
N GLY E 142 41.43 56.92 -3.28
CA GLY E 142 40.90 55.58 -3.42
C GLY E 142 39.51 55.63 -4.02
N THR E 143 38.70 56.59 -3.57
CA THR E 143 37.44 56.83 -4.24
C THR E 143 37.66 56.98 -5.73
N CYS E 144 38.72 57.73 -6.10
CA CYS E 144 39.02 57.93 -7.50
C CYS E 144 39.31 56.61 -8.19
N TYR E 145 40.19 55.79 -7.61
CA TYR E 145 40.43 54.46 -8.19
C TYR E 145 39.14 53.69 -8.34
N LYS E 146 38.37 53.59 -7.24
CA LYS E 146 37.12 52.85 -7.27
C LYS E 146 36.19 53.34 -8.36
N LEU E 147 36.20 54.66 -8.65
CA LEU E 147 35.34 55.21 -9.69
C LEU E 147 35.75 54.79 -11.11
N THR E 148 36.92 54.18 -11.29
CA THR E 148 37.30 53.57 -12.56
C THR E 148 36.94 52.09 -12.61
N LYS E 149 36.64 51.47 -11.48
CA LYS E 149 36.28 50.07 -11.51
C LYS E 149 34.97 49.90 -12.28
N PRO E 150 34.84 48.83 -13.06
CA PRO E 150 33.58 48.55 -13.76
C PRO E 150 32.40 48.61 -12.80
N GLN E 151 31.36 49.34 -13.23
CA GLN E 151 30.13 49.40 -12.46
C GLN E 151 29.54 48.01 -12.29
N VAL E 152 28.92 47.76 -11.15
CA VAL E 152 28.42 46.42 -10.85
C VAL E 152 27.22 46.53 -9.91
N THR E 153 26.11 45.90 -10.34
CA THR E 153 24.86 45.77 -9.59
C THR E 153 25.05 45.25 -8.17
N ALA E 154 24.12 45.54 -7.27
CA ALA E 154 24.02 44.71 -6.07
C ALA E 154 23.96 43.24 -6.46
N ALA E 155 23.01 42.88 -7.32
CA ALA E 155 22.93 41.51 -7.82
C ALA E 155 24.22 41.09 -8.51
N GLY E 156 24.88 42.04 -9.17
CA GLY E 156 26.16 41.72 -9.79
C GLY E 156 27.20 41.27 -8.79
N LEU E 157 27.34 42.00 -7.68
CA LEU E 157 28.22 41.58 -6.59
C LEU E 157 27.86 40.18 -6.10
N LEU E 158 26.57 39.95 -5.84
CA LEU E 158 26.15 38.66 -5.27
C LEU E 158 26.49 37.50 -6.21
N GLU E 159 26.28 37.68 -7.52
CA GLU E 159 26.71 36.65 -8.47
C GLU E 159 28.21 36.40 -8.39
N GLY E 160 29.00 37.41 -8.06
CA GLY E 160 30.44 37.20 -8.00
C GLY E 160 30.93 36.58 -6.71
N GLY E 161 30.07 36.53 -5.69
CA GLY E 161 30.39 35.86 -4.45
C GLY E 161 31.26 36.60 -3.44
N PHE E 162 31.92 35.81 -2.59
CA PHE E 162 32.49 36.31 -1.34
C PHE E 162 33.50 37.43 -1.58
N GLN E 163 34.54 37.17 -2.38
CA GLN E 163 35.54 38.19 -2.66
C GLN E 163 35.01 39.29 -3.59
N ALA E 164 34.07 38.97 -4.48
CA ALA E 164 33.43 40.04 -5.25
C ALA E 164 32.86 41.11 -4.33
N LEU E 165 32.21 40.69 -3.24
CA LEU E 165 31.70 41.63 -2.26
C LEU E 165 32.82 42.30 -1.48
N GLU E 166 33.76 41.51 -0.95
CA GLU E 166 34.84 42.07 -0.15
C GLU E 166 35.53 43.19 -0.90
N SER E 167 35.99 42.90 -2.12
CA SER E 167 36.74 43.90 -2.86
C SER E 167 35.84 45.03 -3.34
N GLY E 168 34.52 44.76 -3.46
CA GLY E 168 33.54 45.64 -4.08
C GLY E 168 32.98 46.71 -3.17
N MET E 169 33.26 46.64 -1.87
CA MET E 169 32.80 47.67 -0.95
C MET E 169 33.45 49.01 -1.27
N THR E 170 32.66 50.06 -1.19
CA THR E 170 33.18 51.39 -1.51
C THR E 170 33.18 52.32 -0.31
N GLU E 171 32.18 52.20 0.57
CA GLU E 171 32.00 53.21 1.61
C GLU E 171 33.06 53.11 2.69
N GLY E 172 33.44 51.89 3.07
CA GLY E 172 34.24 51.72 4.26
C GLY E 172 33.36 51.92 5.49
N HIS E 173 34.00 52.24 6.61
CA HIS E 173 33.26 52.44 7.84
C HIS E 173 32.29 53.62 7.69
N PRO E 174 31.02 53.47 8.08
CA PRO E 174 30.02 54.48 7.71
C PRO E 174 30.13 55.77 8.50
N CYS E 175 30.88 55.77 9.61
CA CYS E 175 30.99 56.93 10.49
C CYS E 175 32.23 57.77 10.19
N PHE E 176 33.38 57.12 10.08
CA PHE E 176 34.64 57.82 9.97
C PHE E 176 34.75 58.51 8.61
N VAL E 177 35.00 59.81 8.64
CA VAL E 177 35.16 60.57 7.41
C VAL E 177 36.46 60.19 6.72
N ALA E 178 37.57 60.18 7.47
CA ALA E 178 38.89 59.81 6.97
C ALA E 178 39.13 58.34 7.29
N ASN E 179 38.58 57.45 6.46
CA ASN E 179 38.51 56.03 6.78
C ASN E 179 39.35 55.13 5.88
N ASN E 180 39.27 55.28 4.57
CA ASN E 180 40.00 54.36 3.70
C ASN E 180 41.39 54.89 3.37
N GLY E 181 42.16 55.24 4.41
CA GLY E 181 43.51 55.76 4.20
C GLY E 181 44.50 54.63 3.98
N ARG E 182 45.42 54.83 3.03
CA ARG E 182 46.42 53.82 2.70
C ARG E 182 47.81 54.44 2.66
N LEU E 183 48.13 55.31 3.62
CA LEU E 183 49.40 56.04 3.62
C LEU E 183 50.54 55.11 4.03
N GLY E 184 51.72 55.31 3.41
CA GLY E 184 52.85 54.40 3.48
C GLY E 184 53.02 53.61 2.19
N PHE E 185 51.91 53.41 1.47
CA PHE E 185 51.92 52.88 0.13
C PHE E 185 52.18 54.00 -0.88
N GLY E 186 53.12 53.76 -1.81
CA GLY E 186 53.18 54.57 -3.01
C GLY E 186 52.14 54.11 -4.01
N VAL E 187 51.99 54.83 -5.13
CA VAL E 187 50.91 54.46 -6.04
C VAL E 187 51.10 53.02 -6.49
N ASP E 188 52.33 52.62 -6.74
CA ASP E 188 52.55 51.27 -7.22
C ASP E 188 52.21 50.27 -6.12
N GLU E 189 52.63 50.56 -4.89
CA GLU E 189 52.29 49.69 -3.78
C GLU E 189 50.77 49.66 -3.55
N TYR E 190 50.15 50.85 -3.52
CA TYR E 190 48.69 50.92 -3.46
C TYR E 190 48.02 50.03 -4.50
N LEU E 191 48.36 50.24 -5.78
CA LEU E 191 47.71 49.46 -6.83
C LEU E 191 47.89 47.94 -6.60
N ALA E 192 48.99 47.52 -5.98
CA ALA E 192 49.24 46.09 -5.81
C ALA E 192 48.57 45.52 -4.56
N TYR E 193 48.50 46.30 -3.47
CA TYR E 193 48.18 45.77 -2.16
C TYR E 193 46.84 46.22 -1.56
N ALA E 194 46.20 47.24 -2.11
CA ALA E 194 44.93 47.70 -1.56
C ALA E 194 43.82 46.69 -1.85
N PRO E 195 42.88 46.52 -0.92
CA PRO E 195 41.85 45.51 -1.15
C PRO E 195 40.87 45.91 -2.23
N GLU E 196 40.69 47.21 -2.45
CA GLU E 196 39.73 47.62 -3.46
C GLU E 196 40.25 47.40 -4.88
N THR E 197 41.52 47.00 -5.07
CA THR E 197 42.02 46.69 -6.40
C THR E 197 42.06 45.20 -6.69
N ALA E 198 41.89 44.36 -5.67
CA ALA E 198 41.71 42.95 -5.88
C ALA E 198 42.90 42.33 -6.61
N HIS E 199 44.14 42.90 -6.44
CA HIS E 199 45.22 42.21 -7.17
C HIS E 199 45.75 41.06 -6.33
N PRO E 200 45.96 39.89 -6.92
CA PRO E 200 46.54 38.78 -6.16
C PRO E 200 47.94 39.15 -5.73
N VAL E 201 48.30 38.68 -4.55
CA VAL E 201 49.56 38.97 -3.90
C VAL E 201 50.17 37.67 -3.44
N ARG E 202 51.49 37.62 -3.39
CA ARG E 202 52.20 36.46 -2.87
C ARG E 202 52.95 36.87 -1.62
N LEU E 203 52.68 36.15 -0.52
CA LEU E 203 53.40 36.44 0.70
C LEU E 203 54.85 36.04 0.56
N VAL E 204 55.68 36.68 1.37
CA VAL E 204 57.09 36.33 1.50
C VAL E 204 57.21 35.48 2.76
N TRP E 205 57.89 34.35 2.66
CA TRP E 205 58.09 33.48 3.81
C TRP E 205 59.48 33.71 4.38
N LEU E 206 59.53 34.00 5.67
CA LEU E 206 60.80 34.05 6.39
C LEU E 206 60.99 32.76 7.21
N ALA E 207 62.25 32.46 7.50
CA ALA E 207 62.58 31.51 8.57
C ALA E 207 63.17 32.31 9.73
N ALA E 208 62.56 32.19 10.91
CA ALA E 208 63.02 32.92 12.07
C ALA E 208 63.65 31.95 13.07
N HIS E 209 64.82 32.33 13.63
CA HIS E 209 65.53 31.51 14.63
C HIS E 209 64.74 31.37 15.91
N ARG E 210 64.61 30.13 16.42
CA ARG E 210 63.77 29.89 17.60
C ARG E 210 64.33 30.51 18.85
N SER E 211 65.56 31.02 18.82
CA SER E 211 66.00 31.86 19.94
C SER E 211 65.22 33.17 20.02
N ARG E 212 64.52 33.58 18.96
CA ARG E 212 63.77 34.82 19.02
C ARG E 212 62.34 34.72 18.48
N ALA E 213 61.93 33.57 17.98
CA ALA E 213 60.60 33.38 17.43
C ALA E 213 59.84 32.34 18.25
N ALA E 214 58.53 32.50 18.32
CA ALA E 214 57.68 31.63 19.11
C ALA E 214 56.42 31.33 18.30
N PHE E 215 56.21 30.05 17.99
CA PHE E 215 55.00 29.55 17.36
C PHE E 215 53.98 29.20 18.46
N THR E 216 52.87 29.90 18.49
CA THR E 216 51.81 29.61 19.45
C THR E 216 50.72 28.85 18.71
N ALA E 217 50.23 27.77 19.31
CA ALA E 217 49.28 26.88 18.64
C ALA E 217 48.01 26.72 19.46
N GLY E 218 46.85 26.86 18.80
CA GLY E 218 45.60 26.59 19.46
C GLY E 218 45.30 25.11 19.63
N ALA E 219 44.12 24.85 20.18
CA ALA E 219 43.70 23.50 20.50
C ALA E 219 43.78 22.58 19.30
N GLY E 220 44.65 21.58 19.35
CA GLY E 220 44.69 20.55 18.32
C GLY E 220 45.64 20.82 17.17
N ILE E 221 46.42 21.91 17.22
CA ILE E 221 47.40 22.25 16.18
C ILE E 221 48.79 21.79 16.61
N ASP E 222 49.53 21.24 15.65
CA ASP E 222 50.92 20.81 15.83
C ASP E 222 51.78 21.48 14.76
N TYR E 223 52.92 22.06 15.14
CA TYR E 223 53.64 22.89 14.16
C TYR E 223 54.06 22.09 12.93
N ALA E 224 54.62 20.90 13.12
CA ALA E 224 55.05 20.10 11.98
C ALA E 224 53.93 19.89 10.97
N SER E 225 52.78 19.40 11.45
CA SER E 225 51.66 19.15 10.56
C SER E 225 51.02 20.44 10.04
N PHE E 226 50.97 21.49 10.87
CA PHE E 226 50.29 22.71 10.46
C PHE E 226 51.00 23.38 9.29
N VAL E 227 52.32 23.33 9.30
CA VAL E 227 53.09 23.93 8.23
C VAL E 227 52.99 23.07 6.97
N ARG E 228 53.08 21.74 7.12
CA ARG E 228 52.85 20.85 5.98
C ARG E 228 51.52 21.14 5.29
N GLN E 229 50.45 21.31 6.09
CA GLN E 229 49.12 21.42 5.50
C GLN E 229 48.92 22.75 4.81
N GLU E 230 49.62 23.78 5.25
CA GLU E 230 49.41 25.11 4.76
C GLU E 230 50.37 25.45 3.61
N LEU E 231 51.55 24.83 3.57
CA LEU E 231 52.54 25.07 2.52
C LEU E 231 52.74 23.91 1.56
N GLY E 232 52.22 22.73 1.88
CA GLY E 232 52.55 21.55 1.10
C GLY E 232 53.92 20.97 1.44
N GLU E 233 53.97 19.65 1.70
CA GLU E 233 55.22 19.02 2.10
C GLU E 233 56.31 19.21 1.05
N GLU E 234 55.92 19.33 -0.22
CA GLU E 234 56.91 19.61 -1.27
C GLU E 234 57.63 20.93 -1.00
N THR E 235 56.88 22.00 -0.70
CA THR E 235 57.50 23.30 -0.45
C THR E 235 58.36 23.29 0.81
N VAL E 236 57.87 22.69 1.90
CA VAL E 236 58.58 22.74 3.18
C VAL E 236 59.98 22.17 3.02
N GLU E 237 60.10 21.05 2.31
CA GLU E 237 61.42 20.47 2.06
C GLU E 237 62.31 21.44 1.29
N ARG E 238 61.73 22.24 0.38
CA ARG E 238 62.58 23.14 -0.41
C ARG E 238 63.08 24.31 0.44
N PHE E 239 62.24 24.80 1.36
CA PHE E 239 62.67 25.78 2.36
C PHE E 239 63.73 25.19 3.28
N ASP E 240 63.49 23.96 3.77
CA ASP E 240 64.55 23.26 4.49
C ASP E 240 65.84 23.26 3.68
N GLY E 241 65.74 23.01 2.38
CA GLY E 241 66.92 23.02 1.53
C GLY E 241 67.62 24.36 1.50
N VAL E 242 66.85 25.44 1.31
CA VAL E 242 67.46 26.76 1.26
C VAL E 242 68.25 27.03 2.52
N LEU E 243 67.74 26.56 3.66
CA LEU E 243 68.44 26.77 4.93
C LEU E 243 69.71 25.95 4.99
N ARG E 244 69.59 24.65 4.69
CA ARG E 244 70.75 23.78 4.65
C ARG E 244 71.81 24.31 3.69
N GLY E 245 71.39 24.78 2.52
CA GLY E 245 72.34 25.32 1.57
C GLY E 245 73.17 26.45 2.15
N ARG E 246 72.56 27.25 3.01
CA ARG E 246 73.31 28.30 3.69
C ARG E 246 73.99 27.82 4.95
N GLY E 247 73.95 26.52 5.23
CA GLY E 247 74.66 25.93 6.37
C GLY E 247 73.91 25.92 7.69
N LEU E 248 72.60 26.16 7.68
CA LEU E 248 71.82 26.31 8.90
C LEU E 248 70.98 25.07 9.18
N ASP E 249 70.51 24.94 10.42
CA ASP E 249 69.73 23.77 10.77
C ASP E 249 68.24 24.08 10.73
N PRO E 250 67.47 23.42 9.87
CA PRO E 250 66.03 23.71 9.85
C PRO E 250 65.37 23.52 11.19
N ALA E 251 65.92 22.64 12.04
CA ALA E 251 65.39 22.41 13.37
C ALA E 251 65.40 23.65 14.25
N ASP E 252 66.34 24.59 13.99
CA ASP E 252 66.48 25.81 14.77
C ASP E 252 65.51 26.93 14.33
N TYR E 253 64.65 26.69 13.35
CA TYR E 253 63.89 27.76 12.72
C TYR E 253 62.41 27.39 12.67
N LEU E 254 61.56 28.42 12.68
CA LEU E 254 60.15 28.29 12.32
C LEU E 254 59.84 29.29 11.20
N LEU E 255 58.69 29.11 10.56
CA LEU E 255 58.29 29.90 9.40
C LEU E 255 57.37 31.05 9.81
N ILE E 256 57.61 32.24 9.26
CA ILE E 256 56.65 33.33 9.39
C ILE E 256 56.31 33.88 8.02
N PRO E 257 55.03 34.02 7.67
CA PRO E 257 54.66 34.75 6.46
C PRO E 257 54.57 36.25 6.74
N VAL E 258 55.10 37.04 5.81
CA VAL E 258 55.07 38.49 5.97
C VAL E 258 54.45 39.12 4.74
N HIS E 259 53.95 40.33 4.91
CA HIS E 259 53.45 41.13 3.79
C HIS E 259 54.62 41.59 2.93
N PRO E 260 54.54 41.50 1.59
CA PRO E 260 55.69 41.91 0.78
C PRO E 260 56.10 43.33 1.03
N TRP E 261 55.16 44.25 1.18
CA TRP E 261 55.54 45.62 1.52
C TRP E 261 56.37 45.64 2.79
N GLN E 262 56.01 44.80 3.77
CA GLN E 262 56.68 44.85 5.06
C GLN E 262 58.11 44.35 4.93
N TRP E 263 58.31 43.35 4.07
CA TRP E 263 59.65 42.81 3.89
C TRP E 263 60.53 43.85 3.24
N TRP E 264 60.08 44.38 2.10
CA TRP E 264 60.92 45.23 1.28
C TRP E 264 61.16 46.60 1.90
N ASN E 265 60.21 47.11 2.67
CA ASN E 265 60.38 48.45 3.20
C ASN E 265 60.76 48.50 4.68
N LYS E 266 60.43 47.48 5.47
CA LYS E 266 60.77 47.53 6.89
C LYS E 266 61.74 46.43 7.30
N LEU E 267 61.40 45.16 7.08
CA LEU E 267 62.19 44.08 7.66
C LEU E 267 63.62 44.11 7.14
N SER E 268 63.78 44.16 5.83
CA SER E 268 65.09 44.09 5.18
C SER E 268 65.95 45.32 5.44
N VAL E 269 65.40 46.37 6.03
CA VAL E 269 66.17 47.55 6.40
C VAL E 269 66.20 47.68 7.90
N THR E 270 65.07 48.06 8.49
CA THR E 270 65.12 48.36 9.91
C THR E 270 65.30 47.09 10.75
N PHE E 271 65.21 45.90 10.17
CA PHE E 271 65.64 44.68 10.85
C PHE E 271 66.89 44.08 10.22
N ALA E 272 67.70 44.87 9.51
CA ALA E 272 68.79 44.26 8.75
C ALA E 272 69.76 43.51 9.65
N ALA E 273 69.89 43.90 10.92
CA ALA E 273 70.79 43.18 11.79
C ALA E 273 70.41 41.71 11.86
N GLU E 274 69.12 41.42 11.89
CA GLU E 274 68.64 40.04 11.97
C GLU E 274 68.82 39.30 10.66
N VAL E 275 68.63 39.98 9.52
CA VAL E 275 68.88 39.33 8.25
C VAL E 275 70.34 38.98 8.12
N ALA E 276 71.22 39.87 8.58
CA ALA E 276 72.65 39.69 8.38
C ALA E 276 73.18 38.58 9.27
N ARG E 277 72.76 38.54 10.54
CA ARG E 277 73.19 37.50 11.48
C ARG E 277 72.41 36.21 11.31
N GLN E 278 71.59 36.10 10.26
CA GLN E 278 70.80 34.90 9.95
C GLN E 278 69.82 34.53 11.06
N ASN E 279 69.41 35.52 11.87
CA ASN E 279 68.22 35.40 12.70
C ASN E 279 66.94 35.41 11.87
N LEU E 280 66.89 36.15 10.76
CA LEU E 280 65.89 35.95 9.70
C LEU E 280 66.55 35.49 8.40
N VAL E 281 65.90 34.58 7.69
CA VAL E 281 66.39 34.18 6.38
C VAL E 281 65.23 34.26 5.39
N CYS E 282 65.49 34.80 4.20
CA CYS E 282 64.44 34.99 3.22
C CYS E 282 64.29 33.71 2.40
N LEU E 283 63.16 33.03 2.54
CA LEU E 283 62.98 31.77 1.82
C LEU E 283 62.34 31.93 0.45
N GLY E 284 61.60 32.99 0.22
CA GLY E 284 61.02 33.25 -1.09
C GLY E 284 59.52 33.44 -1.00
N GLU E 285 58.90 33.56 -2.17
CA GLU E 285 57.46 33.74 -2.29
C GLU E 285 56.70 32.43 -2.15
N SER E 286 55.51 32.51 -1.56
CA SER E 286 54.61 31.38 -1.47
C SER E 286 54.08 31.02 -2.85
N ASP E 287 53.49 29.83 -2.94
CA ASP E 287 52.92 29.40 -4.21
C ASP E 287 51.48 29.89 -4.38
N ASP E 288 50.70 29.84 -3.31
CA ASP E 288 49.32 30.29 -3.36
C ASP E 288 49.25 31.80 -3.56
N GLU E 289 48.17 32.24 -4.19
CA GLU E 289 47.89 33.67 -4.37
C GLU E 289 46.82 34.12 -3.39
N TYR E 290 47.07 35.25 -2.73
CA TYR E 290 46.23 35.77 -1.66
C TYR E 290 45.58 37.10 -2.08
N LEU E 291 44.40 37.40 -1.51
CA LEU E 291 43.66 38.64 -1.76
C LEU E 291 43.50 39.41 -0.46
N ALA E 292 44.07 40.62 -0.41
CA ALA E 292 43.87 41.49 0.72
C ALA E 292 42.39 41.70 1.03
N GLN E 293 42.02 41.62 2.30
CA GLN E 293 40.66 41.88 2.74
C GLN E 293 40.53 43.34 3.18
N GLN E 294 39.36 43.71 3.72
CA GLN E 294 39.08 45.11 3.95
C GLN E 294 40.08 45.76 4.90
N SER E 295 40.77 44.96 5.73
CA SER E 295 41.73 45.49 6.70
C SER E 295 43.15 45.64 6.15
N ILE E 296 43.38 45.31 4.87
CA ILE E 296 44.65 45.52 4.17
C ILE E 296 45.72 44.53 4.65
N ARG E 297 45.73 44.20 5.94
CA ARG E 297 46.78 43.35 6.48
C ARG E 297 46.42 41.87 6.58
N THR E 298 45.18 41.47 6.28
CA THR E 298 44.76 40.07 6.36
C THR E 298 44.41 39.57 4.96
N PHE E 299 44.84 38.34 4.66
CA PHE E 299 44.74 37.80 3.32
C PHE E 299 43.85 36.57 3.27
N PHE E 300 42.93 36.54 2.31
CA PHE E 300 42.15 35.36 2.00
C PHE E 300 42.90 34.59 0.92
N ASN E 301 43.09 33.30 1.15
CA ASN E 301 43.80 32.49 0.17
C ASN E 301 42.90 32.33 -1.04
N ALA E 302 43.32 32.86 -2.20
CA ALA E 302 42.47 32.79 -3.38
C ALA E 302 42.63 31.47 -4.10
N THR E 303 43.84 30.92 -4.09
CA THR E 303 44.10 29.66 -4.79
C THR E 303 43.35 28.50 -4.14
N HIS E 304 43.33 28.45 -2.82
CA HIS E 304 42.63 27.40 -2.07
C HIS E 304 41.82 28.11 -0.99
N PRO E 305 40.62 28.58 -1.32
CA PRO E 305 39.81 29.36 -0.38
C PRO E 305 39.59 28.71 0.97
N GLU E 306 39.75 27.39 1.04
CA GLU E 306 39.54 26.68 2.30
C GLU E 306 40.77 26.73 3.20
N LYS E 307 41.93 27.13 2.70
CA LYS E 307 43.09 27.25 3.56
C LYS E 307 42.91 28.45 4.49
N HIS E 308 43.83 28.61 5.43
CA HIS E 308 43.71 29.70 6.39
C HIS E 308 43.98 31.05 5.75
N TYR E 309 43.28 32.07 6.27
CA TYR E 309 43.70 33.47 6.16
C TYR E 309 45.07 33.65 6.80
N VAL E 310 45.83 34.62 6.32
CA VAL E 310 47.08 35.02 6.95
C VAL E 310 46.97 36.50 7.29
N LYS E 311 47.02 36.80 8.57
CA LYS E 311 47.03 38.19 9.04
C LYS E 311 48.49 38.53 9.32
N THR E 312 48.97 39.59 8.67
CA THR E 312 50.39 39.95 8.68
C THR E 312 50.63 41.22 9.47
N ALA E 313 51.91 41.50 9.70
CA ALA E 313 52.33 42.76 10.31
C ALA E 313 52.65 43.74 9.19
N LEU E 314 52.00 44.91 9.22
CA LEU E 314 52.05 45.87 8.11
C LEU E 314 52.18 47.28 8.70
N SER E 315 53.41 47.80 8.69
CA SER E 315 53.70 49.07 9.35
C SER E 315 53.35 50.27 8.50
N VAL E 316 52.14 50.31 7.93
CA VAL E 316 51.68 51.48 7.21
C VAL E 316 51.33 52.57 8.23
N LEU E 317 50.73 53.65 7.78
CA LEU E 317 50.53 54.80 8.63
C LEU E 317 49.03 55.04 8.85
N ASN E 318 48.73 55.61 10.01
CA ASN E 318 47.36 56.00 10.35
C ASN E 318 47.49 57.23 11.24
N MET E 319 47.16 58.39 10.68
CA MET E 319 47.27 59.68 11.39
C MET E 319 48.69 59.95 11.86
N GLY E 320 49.68 59.44 11.14
CA GLY E 320 51.08 59.63 11.49
C GLY E 320 51.69 58.57 12.37
N PHE E 321 50.99 57.49 12.65
CA PHE E 321 51.49 56.42 13.51
C PHE E 321 51.57 55.10 12.74
N MET E 322 52.56 54.28 13.07
CA MET E 322 52.77 53.01 12.40
C MET E 322 51.89 51.94 13.04
N ARG E 323 51.07 51.29 12.22
CA ARG E 323 50.35 50.10 12.63
C ARG E 323 51.31 48.92 12.76
N GLY E 324 50.86 47.88 13.44
CA GLY E 324 51.60 46.65 13.47
C GLY E 324 50.81 45.56 14.15
N LEU E 325 51.49 44.44 14.40
CA LEU E 325 50.94 43.28 15.07
C LEU E 325 51.70 43.06 16.37
N SER E 326 51.01 43.05 17.50
CA SER E 326 51.67 42.75 18.76
C SER E 326 52.20 41.32 18.76
N ALA E 327 53.53 41.18 18.79
CA ALA E 327 54.13 39.86 18.94
C ALA E 327 53.85 39.30 20.32
N ALA E 328 53.95 40.15 21.35
CA ALA E 328 53.57 39.75 22.71
C ALA E 328 52.16 39.20 22.77
N TYR E 329 51.21 39.83 22.06
CA TYR E 329 49.83 39.39 22.13
C TYR E 329 49.55 38.15 21.26
N MET E 330 50.53 37.68 20.49
CA MET E 330 50.30 36.48 19.69
C MET E 330 50.22 35.25 20.60
N GLU E 331 51.02 35.23 21.65
CA GLU E 331 51.05 34.05 22.51
C GLU E 331 49.74 33.87 23.30
N ALA E 332 48.84 34.85 23.26
CA ALA E 332 47.53 34.73 23.90
C ALA E 332 46.39 34.51 22.92
N THR E 333 46.56 34.89 21.66
CA THR E 333 45.42 34.95 20.75
C THR E 333 44.77 33.59 20.52
N PRO E 334 45.50 32.52 20.17
CA PRO E 334 44.80 31.24 19.94
C PRO E 334 44.00 30.77 21.15
N ALA E 335 44.55 30.88 22.37
CA ALA E 335 43.81 30.43 23.55
C ALA E 335 42.51 31.21 23.75
N ILE E 336 42.57 32.54 23.69
CA ILE E 336 41.35 33.34 23.77
C ILE E 336 40.31 32.83 22.77
N ASN E 337 40.73 32.60 21.53
CA ASN E 337 39.82 32.10 20.51
C ASN E 337 39.26 30.74 20.90
N ASP E 338 40.11 29.83 21.40
CA ASP E 338 39.64 28.51 21.81
C ASP E 338 38.62 28.61 22.94
N TRP E 339 38.83 29.57 23.85
CA TRP E 339 37.92 29.76 24.96
C TRP E 339 36.55 30.21 24.47
N LEU E 340 36.52 31.23 23.61
CA LEU E 340 35.25 31.75 23.13
C LEU E 340 34.51 30.73 22.29
N ASP E 341 35.24 29.93 21.50
CA ASP E 341 34.58 28.85 20.77
C ASP E 341 33.83 27.91 21.72
N ARG E 342 34.54 27.34 22.72
CA ARG E 342 33.86 26.45 23.67
C ARG E 342 32.69 27.14 24.36
N LEU E 343 32.89 28.38 24.80
CA LEU E 343 31.81 29.14 25.45
C LEU E 343 30.56 29.18 24.59
N ILE E 344 30.72 29.38 23.29
CA ILE E 344 29.59 29.42 22.37
C ILE E 344 28.97 28.03 22.23
N ASP E 345 29.80 26.98 22.12
CA ASP E 345 29.25 25.63 21.98
C ASP E 345 28.42 25.22 23.19
N ASN E 346 28.83 25.64 24.38
CA ASN E 346 28.22 25.18 25.62
C ASN E 346 26.99 25.99 26.01
N ASP E 347 26.56 26.96 25.21
CA ASP E 347 25.39 27.78 25.53
C ASP E 347 24.29 27.49 24.52
N PRO E 348 23.14 26.98 24.96
CA PRO E 348 22.12 26.59 23.98
C PRO E 348 21.51 27.78 23.24
N VAL E 349 21.42 28.95 23.90
CA VAL E 349 20.89 30.12 23.23
C VAL E 349 21.79 30.52 22.06
N LEU E 350 23.09 30.59 22.31
CA LEU E 350 24.02 30.87 21.23
C LEU E 350 23.94 29.81 20.15
N LYS E 351 24.00 28.52 20.53
CA LYS E 351 23.98 27.45 19.54
C LYS E 351 22.76 27.53 18.61
N SER E 352 21.61 27.94 19.14
CA SER E 352 20.43 28.06 18.30
C SER E 352 20.54 29.22 17.30
N THR E 353 21.33 30.24 17.61
CA THR E 353 21.49 31.31 16.64
C THR E 353 22.43 30.95 15.49
N GLY E 354 23.07 29.79 15.55
CA GLY E 354 24.03 29.44 14.54
C GLY E 354 25.31 30.23 14.60
N LEU E 355 25.55 30.97 15.68
CA LEU E 355 26.70 31.84 15.76
C LEU E 355 27.98 31.03 15.82
N SER E 356 28.97 31.43 15.03
CA SER E 356 30.30 30.85 15.13
C SER E 356 31.33 31.95 14.97
N ILE E 357 32.55 31.67 15.42
CA ILE E 357 33.70 32.50 15.09
C ILE E 357 34.64 31.69 14.22
N ILE E 358 35.36 32.36 13.34
CA ILE E 358 36.46 31.72 12.63
C ILE E 358 37.72 31.92 13.47
N ARG E 359 38.21 30.82 14.04
CA ARG E 359 39.23 30.90 15.08
C ARG E 359 40.57 31.31 14.50
N GLU E 360 41.33 32.06 15.29
CA GLU E 360 42.75 32.25 15.03
C GLU E 360 43.44 31.01 15.59
N ARG E 361 43.92 30.14 14.69
CA ARG E 361 44.35 28.81 15.10
C ARG E 361 45.80 28.75 15.51
N ALA E 362 46.61 29.71 15.07
CA ALA E 362 48.03 29.64 15.34
C ALA E 362 48.64 31.01 15.09
N ALA E 363 49.61 31.37 15.91
CA ALA E 363 50.29 32.63 15.78
C ALA E 363 51.79 32.39 15.83
N VAL E 364 52.51 33.41 15.38
CA VAL E 364 53.96 33.42 15.45
C VAL E 364 54.39 34.84 15.80
N GLY E 365 55.34 34.95 16.72
CA GLY E 365 55.85 36.24 17.15
C GLY E 365 57.36 36.28 17.06
N TYR E 366 57.90 37.48 16.86
CA TYR E 366 59.34 37.70 16.80
C TYR E 366 59.73 38.78 17.79
N ARG E 367 60.88 38.63 18.40
CA ARG E 367 61.38 39.62 19.36
C ARG E 367 62.77 40.04 18.91
N HIS E 368 62.86 41.15 18.18
CA HIS E 368 64.16 41.76 17.90
C HIS E 368 64.70 42.29 19.23
N LEU E 369 65.65 41.55 19.83
CA LEU E 369 65.99 41.78 21.24
C LEU E 369 66.67 43.13 21.48
N GLU E 370 67.42 43.64 20.50
CA GLU E 370 68.08 44.94 20.67
C GLU E 370 67.08 46.10 20.62
N TYR E 371 66.13 46.08 19.67
CA TYR E 371 65.08 47.10 19.74
C TYR E 371 64.30 46.99 21.04
N GLU E 372 64.15 45.76 21.53
CA GLU E 372 63.46 45.50 22.81
C GLU E 372 64.21 46.12 23.99
N ALA E 373 65.53 45.98 24.03
CA ALA E 373 66.27 46.64 25.10
C ALA E 373 66.03 48.14 25.10
N ALA E 374 65.81 48.73 23.92
CA ALA E 374 65.81 50.18 23.75
C ALA E 374 64.41 50.83 23.75
N THR E 375 63.34 50.07 23.96
CA THR E 375 61.99 50.61 23.85
C THR E 375 61.14 50.10 25.01
N ASP E 376 59.94 50.69 25.13
CA ASP E 376 58.88 50.09 25.93
C ASP E 376 57.92 49.32 25.02
N ARG E 377 56.89 48.71 25.62
CA ARG E 377 56.06 47.82 24.83
C ARG E 377 55.04 48.58 23.97
N TYR E 378 54.95 49.89 24.13
CA TYR E 378 54.20 50.70 23.16
C TYR E 378 54.88 50.71 21.79
N SER E 379 56.22 50.87 21.76
CA SER E 379 56.90 51.31 20.55
C SER E 379 56.62 50.38 19.37
N PRO E 380 56.41 50.93 18.18
CA PRO E 380 56.06 50.10 17.04
C PRO E 380 57.22 49.31 16.48
N TYR E 381 58.39 49.36 17.11
CA TYR E 381 59.47 48.47 16.74
C TYR E 381 59.18 47.04 17.19
N ARG E 382 58.39 46.90 18.25
CA ARG E 382 57.92 45.63 18.78
C ARG E 382 56.78 45.03 17.98
N LYS E 383 56.33 45.70 16.91
CA LYS E 383 55.13 45.28 16.20
C LYS E 383 55.39 45.07 14.73
N MET E 384 56.65 44.95 14.30
CA MET E 384 56.92 44.82 12.87
C MET E 384 57.01 43.38 12.38
N LEU E 385 57.11 42.38 13.26
CA LEU E 385 57.19 41.01 12.76
C LEU E 385 56.34 40.10 13.65
N ALA E 386 55.16 39.74 13.15
CA ALA E 386 54.27 38.75 13.76
C ALA E 386 53.30 38.30 12.68
N ALA E 387 52.71 37.12 12.87
CA ALA E 387 51.65 36.73 11.94
C ALA E 387 50.69 35.80 12.65
N LEU E 388 49.49 35.65 12.08
CA LEU E 388 48.66 34.59 12.60
C LEU E 388 47.76 34.05 11.50
N TRP E 389 47.38 32.78 11.65
CA TRP E 389 46.53 32.10 10.68
C TRP E 389 45.10 32.04 11.22
N ARG E 390 44.12 32.27 10.34
CA ARG E 390 42.72 32.26 10.76
C ARG E 390 41.92 31.33 9.89
N GLU E 391 40.96 30.64 10.52
CA GLU E 391 40.16 29.63 9.85
C GLU E 391 39.43 30.23 8.66
N SER E 392 39.31 29.45 7.63
CA SER E 392 38.45 29.98 6.58
C SER E 392 36.98 29.66 6.85
N PRO E 393 36.07 30.59 6.56
CA PRO E 393 34.64 30.29 6.71
C PRO E 393 34.06 29.41 5.60
N VAL E 394 34.79 29.09 4.53
CA VAL E 394 34.11 28.43 3.42
C VAL E 394 33.90 26.94 3.67
N PRO E 395 34.76 26.17 4.36
CA PRO E 395 34.48 24.73 4.48
C PRO E 395 33.16 24.41 5.18
N ALA E 396 32.73 25.22 6.16
CA ALA E 396 31.49 24.97 6.90
C ALA E 396 30.24 25.35 6.11
N LEU E 397 30.36 25.70 4.84
CA LEU E 397 29.20 26.07 4.05
C LEU E 397 28.48 24.81 3.59
N ARG E 398 27.17 24.72 3.85
CA ARG E 398 26.33 23.62 3.41
C ARG E 398 25.85 23.88 1.96
N ASP E 399 25.06 22.97 1.42
CA ASP E 399 24.70 23.04 0.00
C ASP E 399 23.82 24.26 -0.27
N GLY E 400 24.19 25.06 -1.28
CA GLY E 400 23.45 26.26 -1.60
C GLY E 400 23.75 27.49 -0.76
N GLU E 401 24.75 27.45 0.11
CA GLU E 401 25.01 28.54 1.05
C GLU E 401 26.13 29.44 0.53
N SER E 402 26.07 30.73 0.87
CA SER E 402 27.02 31.73 0.39
C SER E 402 27.36 32.70 1.51
N LEU E 403 28.42 33.48 1.27
CA LEU E 403 29.06 34.31 2.29
C LEU E 403 29.10 35.76 1.85
N THR E 404 28.83 36.68 2.78
CA THR E 404 29.06 38.10 2.55
C THR E 404 29.53 38.79 3.83
N THR E 405 30.45 39.73 3.68
CA THR E 405 30.71 40.64 4.78
C THR E 405 29.47 41.46 5.09
N MET E 406 29.18 41.61 6.39
CA MET E 406 28.01 42.37 6.80
C MET E 406 28.07 43.79 6.27
N ALA E 407 29.28 44.28 5.99
CA ALA E 407 29.45 45.57 5.35
C ALA E 407 28.53 45.71 4.15
N ALA E 408 28.27 44.62 3.43
CA ALA E 408 27.56 44.74 2.17
C ALA E 408 26.10 45.11 2.34
N LEU E 409 25.53 44.94 3.53
CA LEU E 409 24.12 45.28 3.67
C LEU E 409 23.87 46.76 3.41
N VAL E 410 24.85 47.61 3.70
CA VAL E 410 24.71 49.05 3.53
C VAL E 410 25.52 49.57 2.35
N HIS E 411 25.97 48.68 1.47
CA HIS E 411 26.54 49.11 0.20
C HIS E 411 25.43 49.45 -0.78
N VAL E 412 25.47 50.63 -1.38
CA VAL E 412 24.40 51.04 -2.28
C VAL E 412 24.92 51.07 -3.71
N ASP E 413 24.06 50.68 -4.64
CA ASP E 413 24.32 50.47 -6.04
C ASP E 413 24.35 51.80 -6.82
N HIS E 414 25.01 51.79 -7.98
CA HIS E 414 24.87 52.93 -8.88
C HIS E 414 23.42 53.07 -9.38
N GLU E 415 22.59 52.03 -9.22
CA GLU E 415 21.15 52.15 -9.45
C GLU E 415 20.38 52.39 -8.16
N GLY E 416 21.06 52.61 -7.04
CA GLY E 416 20.38 52.94 -5.80
C GLY E 416 19.91 51.76 -4.97
N ARG E 417 20.09 50.52 -5.43
CA ARG E 417 19.65 49.34 -4.69
C ARG E 417 20.74 48.90 -3.74
N SER E 418 20.41 48.74 -2.47
CA SER E 418 21.39 48.23 -1.53
C SER E 418 21.48 46.71 -1.67
N VAL E 419 22.65 46.16 -1.38
CA VAL E 419 22.78 44.71 -1.36
C VAL E 419 21.74 44.12 -0.43
N ALA E 420 21.52 44.75 0.72
CA ALA E 420 20.46 44.29 1.61
C ALA E 420 19.12 44.27 0.87
N GLY E 421 18.81 45.34 0.15
CA GLY E 421 17.58 45.37 -0.62
C GLY E 421 17.49 44.24 -1.61
N GLU E 422 18.55 43.98 -2.36
CA GLU E 422 18.45 42.93 -3.37
C GLU E 422 18.23 41.57 -2.71
N LEU E 423 18.82 41.34 -1.54
CA LEU E 423 18.59 40.07 -0.85
C LEU E 423 17.14 39.96 -0.37
N ILE E 424 16.60 41.02 0.24
CA ILE E 424 15.18 41.03 0.62
C ILE E 424 14.30 40.73 -0.58
N ALA E 425 14.60 41.37 -1.73
CA ALA E 425 13.82 41.12 -2.93
C ALA E 425 13.91 39.65 -3.36
N ARG E 426 15.11 39.08 -3.30
CA ARG E 426 15.30 37.72 -3.79
C ARG E 426 14.70 36.69 -2.84
N SER E 427 14.64 37.02 -1.55
CA SER E 427 14.10 36.05 -0.59
C SER E 427 12.60 35.88 -0.72
N GLY E 428 11.91 36.84 -1.34
CA GLY E 428 10.46 36.82 -1.39
C GLY E 428 9.79 37.09 -0.07
N LEU E 429 10.53 37.29 1.01
CA LEU E 429 9.92 37.51 2.31
C LEU E 429 9.42 38.92 2.43
N ALA E 430 8.43 39.11 3.29
CA ALA E 430 8.13 40.42 3.81
C ALA E 430 9.42 41.07 4.29
N PRO E 431 9.69 42.32 3.93
CA PRO E 431 10.88 42.99 4.49
C PRO E 431 11.00 42.81 5.99
N THR E 432 9.96 43.11 6.76
CA THR E 432 10.01 42.91 8.20
C THR E 432 10.39 41.47 8.58
N ALA E 433 10.15 40.47 7.71
CA ALA E 433 10.46 39.08 8.07
C ALA E 433 11.92 38.74 7.75
N TRP E 434 12.40 39.13 6.57
CA TRP E 434 13.81 38.96 6.25
C TRP E 434 14.68 39.63 7.28
N LEU E 435 14.25 40.80 7.76
CA LEU E 435 15.02 41.48 8.78
C LEU E 435 15.01 40.70 10.09
N ARG E 436 13.93 39.98 10.38
CA ARG E 436 13.85 39.24 11.65
C ARG E 436 14.88 38.11 11.67
N HIS E 437 15.09 37.46 10.54
CA HIS E 437 16.12 36.42 10.47
C HIS E 437 17.48 37.02 10.68
N TYR E 438 17.78 38.11 9.97
CA TYR E 438 19.05 38.81 10.14
C TYR E 438 19.29 39.14 11.61
N LEU E 439 18.25 39.64 12.29
CA LEU E 439 18.42 40.07 13.68
C LEU E 439 18.60 38.89 14.62
N ARG E 440 17.88 37.79 14.39
CA ARG E 440 18.09 36.62 15.22
C ARG E 440 19.50 36.10 15.03
N ALA E 441 20.03 36.19 13.80
CA ALA E 441 21.30 35.57 13.49
C ALA E 441 22.48 36.39 13.99
N TYR E 442 22.34 37.71 14.02
CA TYR E 442 23.45 38.61 14.29
C TYR E 442 23.32 39.37 15.59
N TYR E 443 22.11 39.81 15.92
CA TYR E 443 21.84 40.72 17.02
C TYR E 443 21.45 40.00 18.30
N THR E 444 20.56 38.99 18.20
CA THR E 444 20.25 38.17 19.37
C THR E 444 21.49 37.66 20.10
N PRO E 445 22.51 37.11 19.44
CA PRO E 445 23.66 36.61 20.20
C PRO E 445 24.32 37.71 21.03
N LEU E 446 24.39 38.93 20.49
CA LEU E 446 25.07 40.01 21.20
C LEU E 446 24.33 40.37 22.49
N LEU E 447 23.00 40.34 22.44
CA LEU E 447 22.19 40.55 23.64
C LEU E 447 22.44 39.45 24.68
N HIS E 448 22.55 38.20 24.24
CA HIS E 448 22.80 37.12 25.20
C HIS E 448 24.24 37.13 25.69
N SER E 449 25.21 37.43 24.81
CA SER E 449 26.60 37.62 25.23
C SER E 449 26.72 38.71 26.30
N PHE E 450 25.98 39.80 26.12
CA PHE E 450 26.01 40.90 27.09
C PHE E 450 25.39 40.49 28.41
N TYR E 451 24.15 40.01 28.38
CA TYR E 451 23.36 39.85 29.61
C TYR E 451 23.80 38.63 30.40
N ALA E 452 24.12 37.53 29.70
CA ALA E 452 24.47 36.31 30.39
C ALA E 452 25.96 36.25 30.76
N TYR E 453 26.84 36.85 29.93
CA TYR E 453 28.29 36.66 30.04
C TYR E 453 29.11 37.94 30.22
N ASP E 454 28.50 39.13 30.23
CA ASP E 454 29.24 40.38 30.36
C ASP E 454 30.21 40.60 29.20
N LEU E 455 29.84 40.13 28.03
CA LEU E 455 30.78 39.97 26.92
C LEU E 455 30.41 40.93 25.80
N ALA E 456 31.36 41.80 25.43
CA ALA E 456 31.14 42.83 24.43
C ALA E 456 32.14 42.69 23.29
N PHE E 457 31.65 42.71 22.06
CA PHE E 457 32.49 42.63 20.88
C PHE E 457 32.70 44.01 20.28
N MET E 458 33.39 44.02 19.13
CA MET E 458 33.39 45.13 18.18
C MET E 458 32.66 44.64 16.92
N PRO E 459 31.32 44.45 16.99
CA PRO E 459 30.63 43.72 15.92
C PRO E 459 30.26 44.55 14.70
N HIS E 460 31.14 45.45 14.24
CA HIS E 460 30.85 46.32 13.11
C HIS E 460 30.88 45.51 11.80
N GLY E 461 30.87 46.22 10.67
CA GLY E 461 30.62 45.59 9.39
C GLY E 461 31.78 44.78 8.85
N GLU E 462 33.01 45.25 9.07
CA GLU E 462 34.16 44.47 8.61
C GLU E 462 34.39 43.20 9.46
N ASN E 463 34.01 43.23 10.74
CA ASN E 463 34.30 42.14 11.69
C ASN E 463 33.25 41.04 11.68
N THR E 464 32.28 41.11 10.78
CA THR E 464 31.17 40.17 10.72
C THR E 464 31.04 39.63 9.31
N ILE E 465 30.71 38.35 9.22
CA ILE E 465 30.40 37.70 7.95
C ILE E 465 29.05 37.03 8.09
N LEU E 466 28.23 37.10 7.04
CA LEU E 466 26.91 36.51 7.06
C LEU E 466 26.86 35.34 6.11
N VAL E 467 26.17 34.28 6.53
CA VAL E 467 25.90 33.11 5.71
C VAL E 467 24.51 33.26 5.13
N LEU E 468 24.39 33.10 3.81
CA LEU E 468 23.15 33.33 3.09
C LEU E 468 22.72 32.06 2.36
N LYS E 469 21.42 31.77 2.38
CA LYS E 469 20.81 30.73 1.57
C LYS E 469 19.48 31.24 1.08
N ASP E 470 19.30 31.25 -0.25
CA ASP E 470 18.08 31.79 -0.86
C ASP E 470 17.82 33.21 -0.34
N GLY E 471 18.90 34.01 -0.31
CA GLY E 471 18.81 35.41 0.07
C GLY E 471 18.31 35.70 1.47
N VAL E 472 18.36 34.71 2.36
CA VAL E 472 17.96 34.90 3.75
C VAL E 472 19.19 34.64 4.64
N VAL E 473 19.42 35.54 5.60
CA VAL E 473 20.53 35.40 6.53
C VAL E 473 20.31 34.19 7.43
N GLN E 474 21.23 33.22 7.37
CA GLN E 474 21.12 31.99 8.14
C GLN E 474 21.78 32.12 9.52
N ARG E 475 23.04 32.54 9.53
CA ARG E 475 23.82 32.69 10.76
C ARG E 475 24.93 33.73 10.52
N ALA E 476 25.45 34.25 11.63
CA ALA E 476 26.56 35.19 11.60
C ALA E 476 27.85 34.47 11.96
N VAL E 477 28.96 35.00 11.43
CA VAL E 477 30.32 34.53 11.71
C VAL E 477 31.16 35.72 12.14
N TYR E 478 31.66 35.69 13.37
CA TYR E 478 32.45 36.78 13.93
C TYR E 478 33.93 36.51 13.71
N LYS E 479 34.71 37.56 13.43
CA LYS E 479 36.15 37.42 13.22
C LYS E 479 36.88 38.52 14.00
N ASP E 480 38.21 38.41 14.02
CA ASP E 480 39.09 39.31 14.79
C ASP E 480 38.59 39.45 16.22
N ILE E 481 38.32 38.30 16.83
CA ILE E 481 37.76 38.27 18.17
C ILE E 481 38.82 38.65 19.21
N ALA E 482 40.07 38.22 19.02
CA ALA E 482 41.04 38.30 20.11
C ALA E 482 41.38 39.75 20.47
N GLU E 483 41.37 40.66 19.48
CA GLU E 483 41.79 42.05 19.68
C GLU E 483 40.67 42.96 20.16
N GLU E 484 39.42 42.51 20.12
CA GLU E 484 38.27 43.36 20.36
C GLU E 484 37.39 42.90 21.51
N ILE E 485 37.53 41.65 21.94
CA ILE E 485 36.66 41.10 22.97
C ILE E 485 36.93 41.82 24.30
N VAL E 486 35.87 42.06 25.07
CA VAL E 486 35.98 42.65 26.40
C VAL E 486 35.03 41.89 27.34
N VAL E 487 35.52 41.53 28.53
CA VAL E 487 34.68 40.94 29.58
C VAL E 487 34.50 41.96 30.69
N MET E 488 33.29 42.52 30.79
CA MET E 488 33.00 43.60 31.74
C MET E 488 32.70 43.05 33.13
N ASP E 489 33.70 42.35 33.69
CA ASP E 489 33.72 41.82 35.06
C ASP E 489 35.14 41.54 35.49
N PRO E 490 35.80 42.46 36.21
CA PRO E 490 37.21 42.23 36.56
C PRO E 490 37.43 41.06 37.48
N ASP E 491 36.45 40.71 38.31
CA ASP E 491 36.53 39.54 39.16
C ASP E 491 36.02 38.26 38.47
N ALA E 492 35.87 38.28 37.14
CA ALA E 492 35.41 37.11 36.40
C ALA E 492 36.48 36.02 36.36
N VAL E 493 36.05 34.76 36.52
CA VAL E 493 36.97 33.63 36.57
C VAL E 493 37.16 33.06 35.17
N LEU E 494 38.42 32.94 34.74
CA LEU E 494 38.73 32.62 33.35
C LEU E 494 40.03 31.84 33.31
N PRO E 495 40.28 31.09 32.23
CA PRO E 495 41.61 30.48 32.03
C PRO E 495 42.67 31.56 31.99
N PRO E 496 43.94 31.24 32.29
CA PRO E 496 44.92 32.32 32.47
C PRO E 496 45.13 33.16 31.23
N GLU E 497 45.17 32.54 30.05
CA GLU E 497 45.42 33.28 28.82
C GLU E 497 44.34 34.30 28.54
N VAL E 498 43.14 34.13 29.13
CA VAL E 498 42.00 34.97 28.82
C VAL E 498 41.75 36.05 29.89
N ARG E 499 42.39 35.96 31.06
CA ARG E 499 42.25 37.02 32.04
C ARG E 499 42.66 38.40 31.49
N ARG E 500 43.42 38.42 30.39
CA ARG E 500 43.87 39.65 29.75
C ARG E 500 42.74 40.51 29.23
N VAL E 501 41.55 39.96 28.99
CA VAL E 501 40.51 40.72 28.31
C VAL E 501 39.49 41.30 29.27
N ARG E 502 39.57 41.00 30.55
CA ARG E 502 38.68 41.63 31.51
C ARG E 502 38.96 43.13 31.56
N ALA E 503 37.94 43.90 31.93
CA ALA E 503 38.07 45.35 31.94
C ALA E 503 37.13 45.94 32.99
N GLU E 504 37.44 47.16 33.41
CA GLU E 504 36.60 47.92 34.34
C GLU E 504 35.84 48.97 33.53
N VAL E 505 34.52 48.79 33.42
CA VAL E 505 33.67 49.71 32.69
C VAL E 505 32.65 50.25 33.68
N PRO E 506 32.46 51.57 33.77
CA PRO E 506 31.39 52.10 34.64
C PRO E 506 30.05 51.55 34.20
N GLU E 507 29.20 51.31 35.20
CA GLU E 507 27.92 50.68 34.92
C GLU E 507 27.08 51.47 33.93
N ASP E 508 27.26 52.80 33.87
CA ASP E 508 26.45 53.64 32.99
C ASP E 508 26.87 53.58 31.53
N MET E 509 28.06 53.04 31.22
CA MET E 509 28.52 52.93 29.84
C MET E 509 28.51 51.51 29.31
N LYS E 510 28.17 50.52 30.14
CA LYS E 510 28.25 49.13 29.73
C LYS E 510 27.33 48.85 28.54
N LEU E 511 26.10 49.36 28.60
CA LEU E 511 25.16 49.08 27.54
C LEU E 511 25.52 49.76 26.22
N LEU E 512 26.56 50.60 26.19
CA LEU E 512 26.93 51.18 24.90
C LEU E 512 27.58 50.15 23.97
N SER E 513 27.89 48.96 24.46
CA SER E 513 28.29 47.89 23.55
C SER E 513 27.21 47.63 22.52
N ILE E 514 25.95 47.80 22.92
CA ILE E 514 24.82 47.65 22.03
C ILE E 514 24.39 48.99 21.44
N PHE E 515 24.15 49.99 22.30
CA PHE E 515 23.60 51.27 21.85
C PHE E 515 24.52 51.96 20.86
N THR E 516 25.79 52.11 21.22
CA THR E 516 26.72 52.79 20.32
C THR E 516 27.09 51.90 19.14
N ASP E 517 27.69 50.74 19.41
CA ASP E 517 28.36 50.00 18.35
C ASP E 517 27.37 49.34 17.40
N VAL E 518 26.24 48.86 17.91
CA VAL E 518 25.23 48.23 17.05
C VAL E 518 24.24 49.24 16.51
N PHE E 519 23.52 49.94 17.39
CA PHE E 519 22.46 50.84 16.94
C PHE E 519 23.04 52.06 16.21
N ASP E 520 23.79 52.90 16.93
CA ASP E 520 24.19 54.21 16.39
C ASP E 520 25.19 54.07 15.24
N CYS E 521 25.96 52.98 15.20
CA CYS E 521 27.07 52.81 14.27
C CYS E 521 26.79 51.84 13.14
N PHE E 522 25.66 51.14 13.15
CA PHE E 522 25.32 50.28 12.03
C PHE E 522 23.82 50.31 11.74
N PHE E 523 22.98 50.09 12.75
CA PHE E 523 21.55 50.09 12.47
C PHE E 523 21.09 51.44 11.94
N ARG E 524 21.62 52.53 12.50
CA ARG E 524 21.23 53.86 12.04
C ARG E 524 21.30 53.96 10.51
N PHE E 525 22.35 53.41 9.92
CA PHE E 525 22.51 53.47 8.47
C PHE E 525 21.62 52.45 7.76
N LEU E 526 21.59 51.21 8.27
CA LEU E 526 20.76 50.17 7.67
C LEU E 526 19.29 50.59 7.62
N ALA E 527 18.77 51.15 8.71
CA ALA E 527 17.36 51.52 8.72
C ALA E 527 17.13 52.72 7.79
N ALA E 528 18.00 53.73 7.89
CA ALA E 528 17.87 54.87 7.01
C ALA E 528 17.95 54.47 5.53
N GLY E 529 18.85 53.54 5.19
CA GLY E 529 18.99 53.15 3.79
C GLY E 529 17.78 52.41 3.28
N LEU E 530 17.26 51.48 4.08
CA LEU E 530 16.10 50.70 3.70
C LEU E 530 14.83 51.56 3.62
N ALA E 531 14.77 52.67 4.34
CA ALA E 531 13.65 53.59 4.18
C ALA E 531 13.77 54.41 2.90
N THR E 532 14.95 54.98 2.64
CA THR E 532 15.15 55.74 1.40
C THR E 532 14.97 54.85 0.18
N GLU E 533 15.28 53.57 0.29
CA GLU E 533 15.08 52.65 -0.82
C GLU E 533 13.60 52.24 -0.99
N GLU E 534 12.70 52.74 -0.13
CA GLU E 534 11.28 52.42 -0.17
C GLU E 534 11.03 50.91 -0.02
N VAL E 535 11.85 50.27 0.82
CA VAL E 535 11.72 48.86 1.14
C VAL E 535 11.13 48.62 2.53
N LEU E 536 11.46 49.45 3.52
CA LEU E 536 11.02 49.26 4.90
C LEU E 536 11.05 50.59 5.63
N ALA E 537 9.91 51.01 6.19
CA ALA E 537 9.87 52.26 6.94
C ALA E 537 10.59 52.11 8.28
N GLU E 538 11.16 53.22 8.76
CA GLU E 538 11.95 53.18 10.00
C GLU E 538 11.17 52.51 11.11
N ASP E 539 9.94 52.95 11.34
CA ASP E 539 9.14 52.40 12.43
C ASP E 539 9.02 50.89 12.32
N ASP E 540 8.82 50.37 11.11
CA ASP E 540 8.77 48.92 10.92
C ASP E 540 10.10 48.28 11.30
N PHE E 541 11.22 48.88 10.85
CA PHE E 541 12.55 48.37 11.20
C PHE E 541 12.72 48.27 12.72
N TRP E 542 12.54 49.39 13.41
CA TRP E 542 12.86 49.44 14.84
C TRP E 542 11.88 48.60 15.65
N ARG E 543 10.59 48.62 15.29
CA ARG E 543 9.63 47.77 15.97
C ARG E 543 10.05 46.30 15.89
N THR E 544 10.61 45.90 14.76
CA THR E 544 11.13 44.54 14.63
C THR E 544 12.26 44.31 15.63
N VAL E 545 13.19 45.26 15.73
CA VAL E 545 14.27 45.16 16.70
C VAL E 545 13.72 45.01 18.11
N ALA E 546 12.75 45.84 18.47
CA ALA E 546 12.09 45.71 19.77
C ALA E 546 11.46 44.32 19.92
N GLU E 547 10.81 43.83 18.87
CA GLU E 547 10.16 42.52 18.94
C GLU E 547 11.17 41.41 19.16
N VAL E 548 12.31 41.46 18.46
CA VAL E 548 13.30 40.40 18.66
C VAL E 548 13.94 40.52 20.04
N THR E 549 14.06 41.75 20.55
CA THR E 549 14.64 41.94 21.88
C THR E 549 13.73 41.38 22.98
N ARG E 550 12.41 41.56 22.85
CA ARG E 550 11.47 40.96 23.80
C ARG E 550 11.34 39.46 23.61
N GLU E 551 11.40 39.02 22.35
CA GLU E 551 11.49 37.60 22.04
C GLU E 551 12.57 36.95 22.87
N TYR E 552 13.76 37.57 22.90
CA TYR E 552 14.87 37.05 23.68
C TYR E 552 14.57 37.12 25.19
N GLN E 553 14.27 38.32 25.68
CA GLN E 553 14.15 38.54 27.12
C GLN E 553 13.03 37.72 27.74
N GLU E 554 11.98 37.40 26.98
CA GLU E 554 10.82 36.72 27.55
C GLU E 554 11.08 35.25 27.76
N ALA E 555 12.08 34.68 27.07
CA ALA E 555 12.43 33.28 27.22
C ALA E 555 13.53 33.04 28.25
N HIS E 556 13.94 34.10 28.97
CA HIS E 556 15.01 34.02 29.97
C HIS E 556 14.67 34.90 31.16
N PRO E 557 13.65 34.54 31.93
CA PRO E 557 13.35 35.30 33.16
C PRO E 557 14.36 35.08 34.28
N GLU E 558 15.36 34.22 34.09
CA GLU E 558 16.40 34.09 35.09
C GLU E 558 17.25 35.35 35.19
N LEU E 559 17.31 36.16 34.12
CA LEU E 559 18.15 37.34 34.08
C LEU E 559 17.37 38.65 34.19
N ASP E 560 16.16 38.63 34.76
CA ASP E 560 15.34 39.84 34.85
C ASP E 560 16.07 40.96 35.59
N ASP E 561 16.90 40.63 36.56
CA ASP E 561 17.74 41.61 37.22
C ASP E 561 18.52 42.42 36.20
N ARG E 562 19.18 41.73 35.27
CA ARG E 562 20.02 42.43 34.30
C ARG E 562 19.22 43.15 33.23
N PHE E 563 18.02 42.66 32.87
CA PHE E 563 17.24 43.38 31.85
C PHE E 563 16.73 44.71 32.38
N ARG E 564 16.32 44.75 33.65
CA ARG E 564 15.86 46.00 34.26
C ARG E 564 17.02 46.89 34.70
N GLN E 565 18.17 46.30 35.02
CA GLN E 565 19.36 47.08 35.38
C GLN E 565 20.03 47.72 34.17
N TYR E 566 19.89 47.13 32.98
CA TYR E 566 20.44 47.68 31.74
C TYR E 566 19.31 47.74 30.73
N ASP E 567 18.47 48.77 30.86
CA ASP E 567 17.24 48.91 30.10
C ASP E 567 17.55 49.27 28.65
N LEU E 568 17.40 48.30 27.76
CA LEU E 568 17.53 48.54 26.33
C LEU E 568 16.38 49.38 25.79
N PHE E 569 15.38 49.65 26.60
CA PHE E 569 14.24 50.46 26.20
C PHE E 569 14.20 51.81 26.92
N ALA E 570 15.28 52.20 27.60
CA ALA E 570 15.35 53.50 28.22
C ALA E 570 15.16 54.59 27.16
N PRO E 571 14.55 55.72 27.51
CA PRO E 571 14.11 56.64 26.46
C PRO E 571 15.27 57.33 25.76
N GLU E 572 16.42 57.48 26.40
CA GLU E 572 17.59 58.05 25.76
C GLU E 572 18.84 57.25 26.14
N PHE E 573 19.90 57.47 25.37
CA PHE E 573 21.23 57.05 25.77
C PHE E 573 22.23 58.02 25.17
N ALA E 574 23.49 57.87 25.60
CA ALA E 574 24.54 58.83 25.27
C ALA E 574 24.90 58.79 23.79
N LEU E 575 25.07 59.99 23.21
CA LEU E 575 25.65 60.10 21.87
C LEU E 575 27.16 59.98 22.00
N SER E 576 27.72 58.91 21.45
CA SER E 576 29.16 58.67 21.49
C SER E 576 29.71 58.95 20.10
N CYS E 577 30.64 59.90 20.03
CA CYS E 577 31.10 60.49 18.77
C CYS E 577 32.39 59.83 18.31
N LEU E 578 32.36 59.22 17.13
CA LEU E 578 33.54 58.51 16.63
C LEU E 578 34.58 59.47 16.02
N ASN E 579 34.16 60.35 15.09
CA ASN E 579 35.12 61.25 14.47
C ASN E 579 35.81 62.12 15.52
N ARG E 580 35.11 62.46 16.61
CA ARG E 580 35.76 63.24 17.66
C ARG E 580 36.94 62.50 18.28
N LEU E 581 36.86 61.16 18.35
CA LEU E 581 37.98 60.35 18.84
C LEU E 581 39.16 60.43 17.88
N GLN E 582 38.90 60.30 16.58
CA GLN E 582 40.00 60.34 15.61
C GLN E 582 40.73 61.67 15.64
N LEU E 583 40.02 62.78 15.81
CA LEU E 583 40.65 64.10 15.78
C LEU E 583 41.22 64.55 17.13
N ARG E 584 41.39 63.63 18.08
CA ARG E 584 41.88 63.97 19.42
C ARG E 584 43.41 63.92 19.46
N ASP E 585 43.97 62.84 20.04
CA ASP E 585 45.44 62.62 20.13
C ASP E 585 46.24 63.87 20.50
N SER E 596 40.52 51.38 29.08
CA SER E 596 39.42 51.98 29.83
C SER E 596 38.39 52.62 28.90
N ALA E 597 37.74 53.68 29.39
CA ALA E 597 36.76 54.46 28.62
C ALA E 597 37.44 55.41 27.63
N ALA E 598 37.47 56.72 27.95
CA ALA E 598 38.13 57.78 27.14
C ALA E 598 37.37 58.09 25.84
N LEU E 599 36.03 58.04 25.91
CA LEU E 599 35.13 58.31 24.79
C LEU E 599 34.78 59.81 24.72
N GLN E 600 34.01 60.17 23.69
CA GLN E 600 33.57 61.55 23.48
C GLN E 600 32.05 61.54 23.52
N LEU E 601 31.52 61.57 24.73
CA LEU E 601 30.09 61.62 24.97
C LEU E 601 29.66 63.09 24.94
N VAL E 602 28.79 63.44 23.98
CA VAL E 602 28.35 64.82 23.76
C VAL E 602 26.82 64.81 23.62
N GLY E 603 26.12 64.86 24.75
CA GLY E 603 24.66 64.83 24.70
C GLY E 603 24.11 63.42 24.61
N THR E 604 22.81 63.33 24.27
CA THR E 604 22.11 62.04 24.23
C THR E 604 21.22 61.95 22.99
N LEU E 605 20.88 60.70 22.65
CA LEU E 605 20.08 60.37 21.47
C LEU E 605 18.71 59.84 21.88
N ARG E 606 17.69 60.12 21.08
CA ARG E 606 16.35 59.58 21.30
C ARG E 606 16.37 58.10 20.91
N ASN E 607 16.19 57.23 21.90
CA ASN E 607 16.29 55.78 21.66
C ASN E 607 15.15 55.28 20.81
N PRO E 608 15.41 54.72 19.62
CA PRO E 608 14.32 54.28 18.75
C PRO E 608 13.49 53.16 19.35
N LEU E 609 13.98 52.48 20.39
CA LEU E 609 13.18 51.51 21.14
C LEU E 609 12.39 52.19 22.26
N ALA E 610 11.70 53.30 21.96
CA ALA E 610 10.98 54.02 23.02
C ALA E 610 9.74 53.24 23.48
N GLY E 611 8.83 52.93 22.56
CA GLY E 611 7.73 52.02 22.83
C GLY E 611 8.15 50.59 22.50
#